data_7B6S
#
_entry.id   7B6S
#
_cell.length_a   130.494
_cell.length_b   130.494
_cell.length_c   222.435
_cell.angle_alpha   90.000
_cell.angle_beta   90.000
_cell.angle_gamma   120.000
#
_symmetry.space_group_name_H-M   'P 31'
#
loop_
_entity.id
_entity.type
_entity.pdbx_description
1 polymer 'Capsid protein VP1'
2 branched 2-acetamido-2-deoxy-alpha-D-galactopyranose-(1-3)-2-acetamido-2-deoxy-beta-D-galactopyranose-(1-3)-alpha-D-galactopyranose-(1-4)-beta-D-galactopyranose
3 branched 2-acetamido-2-deoxy-alpha-D-galactopyranose-(1-3)-2-acetamido-2-deoxy-beta-D-galactopyranose-(1-3)-alpha-D-galactopyranose-(1-4)-beta-D-galactopyranose-(1-4)-beta-D-glucopyranose
4 non-polymer (4S)-2-METHYL-2,4-PENTANEDIOL
5 non-polymer 'MAGNESIUM ION'
6 non-polymer 1,2-ETHANEDIOL
7 non-polymer DI(HYDROXYETHYL)ETHER
8 non-polymer 'TRIETHYLENE GLYCOL'
9 water water
#
_entity_poly.entity_id   1
_entity_poly.type   'polypeptide(L)'
_entity_poly.pdbx_seq_one_letter_code
;GSHMGGIEVLAVRTGPDSITEIEAYLNPRMGQPQNEDFYGFSDNVTVSDDFGSDAPPWKQFPCYSTARISLPMLNQDMTS
DTILMWEAISCRTEVMGVNMLTNVHSAQKRVYENDREGTGIGVEGMGYHMFAIGGEPLELQFMVFNHRATYPAEATVIKN
PGASSQVFDPNLKGTLTADGVFPVEAWGPDPFKNENTRYFGQYTGGTQTPPVLTFTNTQTTILLDENGVGPLCKGDGLFL
SCADIVGFFTQHNKKMSFRGLPRYFRVTLRKRVVKN
;
_entity_poly.pdbx_strand_id   AAA,BBB,CCC,DDD,EEE,FFF,GGG,HHH,III,JJJ
#
loop_
_chem_comp.id
_chem_comp.type
_chem_comp.name
_chem_comp.formula
A2G D-saccharide, alpha linking 2-acetamido-2-deoxy-alpha-D-galactopyranose 'C8 H15 N O6'
BGC D-saccharide, beta linking beta-D-glucopyranose 'C6 H12 O6'
EDO non-polymer 1,2-ETHANEDIOL 'C2 H6 O2'
GAL D-saccharide, beta linking beta-D-galactopyranose 'C6 H12 O6'
GLA D-saccharide, alpha linking alpha-D-galactopyranose 'C6 H12 O6'
MG non-polymer 'MAGNESIUM ION' 'Mg 2'
MPD non-polymer (4S)-2-METHYL-2,4-PENTANEDIOL 'C6 H14 O2'
NGA D-saccharide, beta linking 2-acetamido-2-deoxy-beta-D-galactopyranose 'C8 H15 N O6'
PEG non-polymer DI(HYDROXYETHYL)ETHER 'C4 H10 O3'
PGE non-polymer 'TRIETHYLENE GLYCOL' 'C6 H14 O4'
#
# COMPACT_ATOMS: atom_id res chain seq x y z
N ILE A 7 10.00 33.15 -13.05
CA ILE A 7 9.54 32.15 -14.09
C ILE A 7 8.31 31.41 -13.56
N GLU A 8 7.27 31.26 -14.38
CA GLU A 8 6.06 30.45 -14.05
C GLU A 8 6.21 29.06 -14.69
N VAL A 9 6.32 28.00 -13.89
CA VAL A 9 6.63 26.62 -14.35
C VAL A 9 5.35 25.85 -14.64
N LEU A 10 5.23 25.26 -15.83
CA LEU A 10 4.05 24.45 -16.23
C LEU A 10 4.45 22.96 -16.39
N ALA A 11 3.97 22.30 -17.44
CA ALA A 11 4.02 20.82 -17.61
C ALA A 11 5.43 20.37 -18.01
N VAL A 12 5.74 19.11 -17.70
CA VAL A 12 6.93 18.35 -18.15
C VAL A 12 6.57 17.64 -19.46
N ARG A 13 7.49 17.57 -20.43
CA ARG A 13 7.29 16.75 -21.66
C ARG A 13 7.88 15.35 -21.43
N THR A 14 7.19 14.29 -21.86
CA THR A 14 7.65 12.86 -21.70
C THR A 14 7.94 12.21 -23.06
N ASP A 17 12.20 12.04 -27.35
CA ASP A 17 12.81 13.35 -27.73
C ASP A 17 12.88 14.32 -26.52
N SER A 18 12.30 13.97 -25.37
CA SER A 18 11.99 14.91 -24.26
C SER A 18 13.22 15.06 -23.33
N ILE A 19 14.08 14.04 -23.32
CA ILE A 19 15.19 13.88 -22.34
C ILE A 19 16.51 13.97 -23.07
N THR A 20 17.52 14.60 -22.46
CA THR A 20 18.89 14.61 -22.99
C THR A 20 19.87 14.46 -21.83
N GLU A 21 21.13 14.14 -22.14
CA GLU A 21 22.19 13.99 -21.13
C GLU A 21 23.50 14.60 -21.66
N ILE A 22 24.14 15.39 -20.80
CA ILE A 22 25.48 15.96 -21.08
C ILE A 22 26.48 15.32 -20.12
N GLU A 23 27.71 15.14 -20.57
CA GLU A 23 28.86 14.75 -19.72
C GLU A 23 29.88 15.87 -19.83
N ALA A 24 30.60 16.16 -18.74
CA ALA A 24 31.63 17.20 -18.73
C ALA A 24 32.64 16.90 -17.64
N TYR A 25 33.85 17.44 -17.81
CA TYR A 25 34.90 17.46 -16.76
C TYR A 25 35.19 18.92 -16.41
N LEU A 26 35.50 19.15 -15.14
CA LEU A 26 36.13 20.41 -14.67
C LEU A 26 37.49 20.04 -14.08
N ASN A 27 38.56 20.55 -14.69
CA ASN A 27 39.94 20.38 -14.17
C ASN A 27 40.16 21.34 -13.00
N PRO A 28 40.98 20.93 -12.02
CA PRO A 28 41.23 21.76 -10.83
C PRO A 28 42.05 23.00 -11.16
N ARG A 29 41.89 24.02 -10.32
CA ARG A 29 42.58 25.33 -10.44
C ARG A 29 43.30 25.59 -9.12
N MET A 30 44.31 24.78 -8.82
CA MET A 30 45.05 24.80 -7.52
C MET A 30 46.13 25.89 -7.53
N GLY A 31 46.53 26.43 -8.69
CA GLY A 31 47.34 27.67 -8.69
C GLY A 31 48.44 27.64 -9.74
N GLN A 32 49.14 26.51 -9.87
CA GLN A 32 50.23 26.35 -10.87
C GLN A 32 49.64 26.34 -12.28
N PRO A 33 50.36 26.95 -13.26
CA PRO A 33 49.87 27.00 -14.65
C PRO A 33 49.55 25.65 -15.30
N GLN A 34 48.50 25.70 -16.12
CA GLN A 34 48.02 24.68 -17.08
C GLN A 34 49.15 24.23 -18.01
N ASN A 35 49.21 22.93 -18.28
CA ASN A 35 50.17 22.29 -19.23
C ASN A 35 51.59 22.80 -18.94
N GLU A 36 51.92 22.96 -17.66
CA GLU A 36 53.32 23.05 -17.17
C GLU A 36 53.48 21.96 -16.09
N ASP A 37 54.68 21.74 -15.56
CA ASP A 37 55.03 20.44 -14.93
C ASP A 37 54.24 20.25 -13.62
N PHE A 38 53.73 21.33 -13.03
CA PHE A 38 53.08 21.31 -11.70
C PHE A 38 51.57 21.50 -11.86
N TYR A 39 51.01 21.18 -13.04
CA TYR A 39 49.55 21.23 -13.32
C TYR A 39 48.81 20.28 -12.35
N GLY A 40 47.83 20.80 -11.62
CA GLY A 40 47.04 20.06 -10.58
C GLY A 40 47.51 20.37 -9.17
N PHE A 41 48.60 21.15 -9.03
CA PHE A 41 49.23 21.58 -7.74
C PHE A 41 49.13 23.10 -7.60
N SER A 42 49.09 23.60 -6.36
CA SER A 42 49.54 24.98 -6.06
C SER A 42 51.08 24.99 -6.11
N ASP A 43 51.61 26.21 -6.09
CA ASP A 43 53.04 26.47 -5.80
C ASP A 43 53.17 26.31 -4.28
N ASN A 44 54.40 26.16 -3.84
CA ASN A 44 54.73 25.91 -2.41
C ASN A 44 54.17 27.05 -1.58
N VAL A 45 53.42 26.70 -0.53
CA VAL A 45 52.71 27.70 0.32
C VAL A 45 53.67 28.42 1.26
N THR A 46 53.56 29.76 1.30
CA THR A 46 54.22 30.66 2.25
C THR A 46 53.20 31.18 3.23
N VAL A 47 53.66 31.60 4.41
CA VAL A 47 52.79 31.99 5.55
C VAL A 47 53.27 33.33 6.10
N SER A 48 52.33 34.22 6.39
CA SER A 48 52.59 35.57 6.91
C SER A 48 52.93 35.48 8.40
N ASP A 49 53.48 36.55 8.96
CA ASP A 49 53.85 36.61 10.41
C ASP A 49 52.70 37.21 11.20
N ASP A 50 51.79 37.94 10.56
CA ASP A 50 50.66 38.66 11.19
C ASP A 50 49.62 38.97 10.11
N PHE A 51 48.39 39.25 10.51
CA PHE A 51 47.26 39.46 9.55
C PHE A 51 47.51 40.74 8.72
N GLY A 52 48.17 41.73 9.32
CA GLY A 52 48.45 43.05 8.71
C GLY A 52 49.32 42.94 7.47
N SER A 53 50.29 42.03 7.45
CA SER A 53 51.30 41.86 6.36
C SER A 53 51.06 40.54 5.62
N ASP A 54 49.81 40.19 5.39
CA ASP A 54 49.39 38.89 4.79
C ASP A 54 49.10 39.19 3.34
N ALA A 55 49.86 38.62 2.43
CA ALA A 55 49.69 38.93 0.98
C ALA A 55 49.99 37.65 0.22
N PRO A 56 49.06 36.68 0.12
CA PRO A 56 49.45 35.39 -0.46
C PRO A 56 49.76 35.54 -1.95
N PRO A 57 50.96 35.14 -2.40
CA PRO A 57 51.32 35.24 -3.81
C PRO A 57 50.38 34.41 -4.70
N TRP A 58 50.11 34.93 -5.90
CA TRP A 58 49.37 34.21 -6.97
C TRP A 58 50.11 32.89 -7.19
N LYS A 59 49.34 31.85 -7.46
CA LYS A 59 49.75 30.42 -7.66
C LYS A 59 49.73 29.63 -6.34
N GLN A 60 49.74 30.25 -5.16
CA GLN A 60 49.95 29.52 -3.87
C GLN A 60 48.62 29.22 -3.17
N PHE A 61 47.48 29.42 -3.84
CA PHE A 61 46.14 29.12 -3.28
C PHE A 61 45.19 28.69 -4.40
N PRO A 62 44.25 27.77 -4.09
CA PRO A 62 43.28 27.29 -5.07
C PRO A 62 42.12 28.26 -5.35
N CYS A 63 41.57 28.10 -6.55
CA CYS A 63 40.44 28.89 -7.09
C CYS A 63 39.35 27.92 -7.58
N TYR A 64 38.12 28.40 -7.61
CA TYR A 64 36.94 27.62 -8.08
C TYR A 64 37.08 27.38 -9.59
N SER A 65 36.73 26.16 -10.00
CA SER A 65 36.47 25.74 -11.40
C SER A 65 34.99 26.00 -11.74
N THR A 66 34.73 26.57 -12.92
CA THR A 66 33.35 26.77 -13.44
C THR A 66 33.39 26.66 -14.98
N ALA A 67 32.32 26.13 -15.56
CA ALA A 67 32.07 26.10 -17.03
C ALA A 67 30.56 26.31 -17.26
N ARG A 68 30.20 26.94 -18.39
CA ARG A 68 28.81 26.99 -18.93
C ARG A 68 28.73 26.02 -20.11
N ILE A 69 27.84 25.02 -20.04
CA ILE A 69 27.73 23.97 -21.10
C ILE A 69 26.58 24.40 -22.02
N SER A 70 26.82 24.40 -23.33
CA SER A 70 25.79 24.67 -24.36
C SER A 70 24.94 23.42 -24.56
N LEU A 71 23.62 23.57 -24.45
CA LEU A 71 22.64 22.45 -24.52
C LEU A 71 22.06 22.35 -25.93
N PRO A 72 21.47 21.20 -26.32
CA PRO A 72 20.91 21.05 -27.67
C PRO A 72 19.66 21.90 -27.88
N MET A 73 19.34 22.14 -29.16
CA MET A 73 18.19 23.00 -29.56
C MET A 73 16.89 22.43 -28.97
N LEU A 74 15.93 23.29 -28.66
CA LEU A 74 14.72 22.88 -27.93
C LEU A 74 13.51 22.67 -28.86
N ASN A 75 13.54 23.11 -30.12
CA ASN A 75 12.35 22.94 -30.99
C ASN A 75 11.12 23.59 -30.32
N GLN A 76 11.10 24.92 -30.24
CA GLN A 76 9.99 25.71 -29.64
C GLN A 76 8.71 25.62 -30.49
N ASP A 77 7.54 25.72 -29.86
CA ASP A 77 6.23 25.94 -30.54
C ASP A 77 6.15 27.42 -30.93
N MET A 78 6.26 27.70 -32.22
CA MET A 78 6.33 29.10 -32.77
C MET A 78 5.14 29.95 -32.30
N THR A 79 3.93 29.39 -32.16
CA THR A 79 2.70 30.17 -31.91
C THR A 79 2.34 30.21 -30.43
N SER A 80 3.00 29.40 -29.59
CA SER A 80 2.63 29.27 -28.15
C SER A 80 3.10 30.52 -27.40
N ASP A 81 2.33 30.94 -26.40
CA ASP A 81 2.67 32.02 -25.44
C ASP A 81 3.76 31.53 -24.48
N THR A 82 3.99 30.22 -24.39
CA THR A 82 4.98 29.57 -23.48
C THR A 82 6.32 29.29 -24.17
N ILE A 83 7.36 28.96 -23.41
CA ILE A 83 8.68 28.53 -23.97
C ILE A 83 9.09 27.21 -23.29
N LEU A 84 9.89 26.43 -23.99
CA LEU A 84 10.54 25.23 -23.42
C LEU A 84 11.88 25.64 -22.82
N MET A 85 12.19 25.13 -21.63
CA MET A 85 13.55 25.20 -21.02
C MET A 85 14.02 23.78 -20.71
N TRP A 86 15.34 23.54 -20.78
CA TRP A 86 15.96 22.30 -20.24
C TRP A 86 15.88 22.39 -18.71
N GLU A 87 15.41 21.34 -18.06
CA GLU A 87 15.36 21.24 -16.58
C GLU A 87 16.31 20.11 -16.16
N ALA A 88 17.33 20.40 -15.35
CA ALA A 88 18.25 19.33 -14.89
C ALA A 88 17.53 18.53 -13.79
N ILE A 89 17.35 17.22 -13.98
CA ILE A 89 16.51 16.38 -13.06
C ILE A 89 17.38 15.49 -12.18
N SER A 90 18.57 15.13 -12.63
CA SER A 90 19.49 14.23 -11.89
C SER A 90 20.92 14.43 -12.38
N CYS A 91 21.89 13.97 -11.59
CA CYS A 91 23.30 13.93 -12.04
C CYS A 91 24.00 12.69 -11.48
N ARG A 92 25.10 12.37 -12.12
CA ARG A 92 26.23 11.70 -11.45
C ARG A 92 27.37 12.70 -11.40
N THR A 93 28.15 12.61 -10.34
CA THR A 93 29.42 13.35 -10.23
C THR A 93 30.41 12.44 -9.54
N GLU A 94 31.66 12.50 -9.98
CA GLU A 94 32.73 11.65 -9.45
C GLU A 94 34.05 12.43 -9.47
N VAL A 95 34.78 12.37 -8.37
CA VAL A 95 36.16 12.88 -8.41
C VAL A 95 36.94 11.83 -9.16
N MET A 96 37.60 12.19 -10.25
CA MET A 96 38.43 11.25 -11.02
C MET A 96 39.90 11.31 -10.54
N GLY A 97 40.66 10.25 -10.82
CA GLY A 97 42.12 10.18 -10.56
C GLY A 97 42.47 9.81 -9.12
N VAL A 98 41.49 9.36 -8.34
CA VAL A 98 41.71 8.87 -6.94
C VAL A 98 42.82 7.81 -6.95
N ASN A 99 42.86 7.01 -8.00
CA ASN A 99 43.91 5.98 -8.25
C ASN A 99 45.31 6.59 -8.04
N MET A 100 45.52 7.86 -8.38
CA MET A 100 46.88 8.45 -8.41
C MET A 100 47.41 8.59 -6.97
N LEU A 101 46.54 8.54 -5.96
CA LEU A 101 46.96 8.87 -4.57
C LEU A 101 47.63 7.64 -3.95
N THR A 102 47.66 6.50 -4.66
CA THR A 102 48.40 5.28 -4.30
C THR A 102 49.89 5.48 -4.60
N ASN A 103 50.28 6.66 -5.09
CA ASN A 103 51.69 6.99 -5.42
C ASN A 103 52.39 7.48 -4.16
N VAL A 104 53.37 6.70 -3.68
CA VAL A 104 54.18 7.11 -2.50
C VAL A 104 55.67 7.06 -2.87
N HIS A 105 56.02 7.38 -4.12
CA HIS A 105 57.43 7.33 -4.59
C HIS A 105 57.88 8.68 -5.19
N SER A 106 56.99 9.63 -5.51
CA SER A 106 57.32 10.84 -6.32
C SER A 106 57.70 12.05 -5.44
N ALA A 107 58.98 12.22 -5.10
CA ALA A 107 59.60 13.41 -4.46
C ALA A 107 58.86 13.82 -3.17
N GLN A 108 58.43 12.82 -2.39
CA GLN A 108 57.67 12.99 -1.14
C GLN A 108 58.56 12.80 0.10
N LYS A 109 58.40 13.67 1.09
CA LYS A 109 58.97 13.43 2.44
C LYS A 109 58.65 11.99 2.84
N ARG A 110 59.64 11.28 3.37
CA ARG A 110 59.54 9.86 3.76
CA ARG A 110 59.51 9.85 3.75
C ARG A 110 58.94 9.76 5.17
N VAL A 111 58.32 8.63 5.48
CA VAL A 111 57.67 8.35 6.81
C VAL A 111 58.75 8.50 7.90
N TYR A 112 59.96 7.99 7.62
CA TYR A 112 61.11 7.96 8.57
C TYR A 112 62.28 8.75 7.97
N GLU A 113 62.14 10.08 7.88
CA GLU A 113 63.14 10.96 7.19
C GLU A 113 64.49 10.93 7.93
N ASN A 114 64.49 10.77 9.25
CA ASN A 114 65.72 10.69 10.09
C ASN A 114 66.55 9.45 9.72
N ASP A 115 65.91 8.44 9.16
CA ASP A 115 66.56 7.17 8.75
C ASP A 115 66.64 7.10 7.22
N ARG A 116 66.26 8.18 6.53
CA ARG A 116 66.08 8.24 5.05
C ARG A 116 65.37 6.96 4.60
N GLU A 117 64.18 6.68 5.13
CA GLU A 117 63.53 5.36 4.93
C GLU A 117 61.99 5.43 5.00
N GLY A 118 61.39 4.38 4.43
CA GLY A 118 59.92 4.15 4.34
C GLY A 118 59.33 4.69 3.03
N THR A 119 58.03 4.56 2.84
CA THR A 119 57.34 5.22 1.70
C THR A 119 57.36 6.74 1.87
N GLY A 120 57.04 7.47 0.80
CA GLY A 120 56.56 8.85 0.92
C GLY A 120 55.33 8.91 1.84
N ILE A 121 55.01 10.07 2.39
CA ILE A 121 53.84 10.22 3.29
C ILE A 121 52.59 10.40 2.41
N GLY A 122 52.77 10.60 1.09
CA GLY A 122 51.64 10.75 0.15
C GLY A 122 50.86 12.03 0.39
N VAL A 123 49.63 12.13 -0.13
CA VAL A 123 48.81 13.35 0.03
C VAL A 123 48.08 13.23 1.37
N GLU A 124 48.17 14.23 2.23
CA GLU A 124 47.38 14.25 3.48
C GLU A 124 47.05 15.69 3.82
N GLY A 125 46.13 15.86 4.73
CA GLY A 125 45.70 17.19 5.18
C GLY A 125 44.30 17.47 4.67
N MET A 126 43.97 18.74 4.52
CA MET A 126 42.55 19.14 4.38
C MET A 126 42.00 18.65 3.05
N GLY A 127 40.74 18.25 3.10
CA GLY A 127 39.89 17.90 1.95
C GLY A 127 38.78 18.92 1.85
N TYR A 128 38.68 19.61 0.72
CA TYR A 128 37.52 20.50 0.45
C TYR A 128 36.89 20.06 -0.86
N HIS A 129 35.67 19.54 -0.84
CA HIS A 129 34.98 18.93 -2.01
C HIS A 129 33.57 19.53 -2.08
N MET A 130 33.34 20.33 -3.11
CA MET A 130 32.03 20.98 -3.35
C MET A 130 31.76 20.94 -4.86
N PHE A 131 30.49 20.79 -5.22
CA PHE A 131 30.04 20.91 -6.63
C PHE A 131 28.68 21.60 -6.64
N ALA A 132 28.36 22.23 -7.76
CA ALA A 132 27.12 23.00 -7.98
C ALA A 132 26.66 22.78 -9.41
N ILE A 133 25.37 22.53 -9.56
CA ILE A 133 24.70 22.37 -10.89
C ILE A 133 23.49 23.31 -10.87
N GLY A 134 23.45 24.28 -11.81
CA GLY A 134 22.36 25.28 -11.90
C GLY A 134 22.09 25.76 -13.32
N GLY A 135 21.01 26.54 -13.48
CA GLY A 135 20.60 27.15 -14.76
C GLY A 135 21.02 28.60 -14.84
N GLU A 136 21.87 29.05 -13.91
CA GLU A 136 22.59 30.35 -13.98
C GLU A 136 23.85 30.25 -13.13
N PRO A 137 24.81 31.22 -13.22
CA PRO A 137 26.02 31.13 -12.40
C PRO A 137 25.73 30.99 -10.90
N LEU A 138 26.62 30.25 -10.23
CA LEU A 138 26.59 30.03 -8.77
C LEU A 138 26.66 31.39 -8.08
N GLU A 139 25.79 31.64 -7.11
CA GLU A 139 25.76 32.94 -6.39
C GLU A 139 26.62 32.76 -5.14
N LEU A 140 27.54 33.69 -4.90
CA LEU A 140 28.59 33.53 -3.85
C LEU A 140 28.44 34.57 -2.76
N GLN A 141 28.86 34.18 -1.55
CA GLN A 141 29.01 35.06 -0.36
C GLN A 141 30.52 35.25 -0.18
N PHE A 142 30.99 36.49 -0.11
CA PHE A 142 32.43 36.76 0.16
C PHE A 142 32.63 36.53 1.65
N MET A 143 33.65 35.77 2.03
CA MET A 143 33.97 35.55 3.46
C MET A 143 35.40 34.99 3.56
N VAL A 144 36.19 35.66 4.39
CA VAL A 144 37.66 35.42 4.50
C VAL A 144 38.02 35.18 5.96
N PHE A 145 39.10 34.44 6.19
CA PHE A 145 39.67 34.15 7.52
C PHE A 145 40.22 35.44 8.11
N ASN A 146 40.92 36.21 7.25
CA ASN A 146 41.56 37.50 7.61
C ASN A 146 41.22 38.57 6.56
N HIS A 147 40.48 39.60 6.93
CA HIS A 147 40.01 40.67 6.00
C HIS A 147 41.18 41.53 5.49
N ARG A 148 42.32 41.55 6.18
CA ARG A 148 43.46 42.43 5.82
C ARG A 148 44.37 41.70 4.83
N ALA A 149 44.08 40.44 4.48
CA ALA A 149 44.78 39.72 3.40
C ALA A 149 44.70 40.56 2.13
N THR A 150 45.85 40.85 1.52
CA THR A 150 45.92 41.48 0.17
C THR A 150 46.03 40.37 -0.88
N TYR A 151 44.96 40.15 -1.62
CA TYR A 151 44.92 39.15 -2.71
C TYR A 151 45.61 39.79 -3.91
N PRO A 152 46.23 38.97 -4.79
CA PRO A 152 46.90 39.48 -5.97
C PRO A 152 45.90 39.98 -7.04
N ALA A 153 46.39 40.84 -7.94
CA ALA A 153 45.56 41.45 -9.02
C ALA A 153 44.93 40.36 -9.90
N GLU A 154 45.61 39.23 -10.10
CA GLU A 154 45.14 38.06 -10.89
C GLU A 154 43.81 37.51 -10.31
N ALA A 155 43.56 37.66 -9.02
CA ALA A 155 42.42 37.02 -8.32
C ALA A 155 41.23 37.96 -8.38
N THR A 156 40.01 37.42 -8.42
CA THR A 156 38.75 38.20 -8.23
C THR A 156 38.31 38.09 -6.78
N VAL A 157 38.30 39.23 -6.09
CA VAL A 157 37.91 39.41 -4.66
C VAL A 157 37.22 40.78 -4.57
N ILE A 158 36.53 41.02 -3.46
CA ILE A 158 36.16 42.37 -2.98
C ILE A 158 37.39 42.94 -2.25
N LYS A 159 37.91 44.06 -2.74
CA LYS A 159 39.09 44.73 -2.14
C LYS A 159 38.68 45.47 -0.88
N ASN A 160 39.61 45.54 0.09
CA ASN A 160 39.40 46.24 1.39
C ASN A 160 38.00 45.91 1.91
N PRO A 161 37.65 44.60 2.04
CA PRO A 161 36.30 44.19 2.42
C PRO A 161 35.90 44.57 3.85
N GLY A 162 36.87 44.90 4.70
CA GLY A 162 36.62 45.35 6.08
C GLY A 162 36.36 44.17 7.02
N ALA A 163 36.31 44.44 8.33
CA ALA A 163 36.28 43.44 9.42
C ALA A 163 35.07 42.52 9.26
N SER A 164 33.90 43.07 8.92
CA SER A 164 32.61 42.34 8.80
C SER A 164 32.71 41.15 7.84
N SER A 165 33.67 41.18 6.92
CA SER A 165 33.96 40.14 5.90
C SER A 165 34.58 38.88 6.55
N GLN A 166 34.93 38.93 7.83
CA GLN A 166 35.44 37.74 8.60
C GLN A 166 34.26 36.86 9.05
N VAL A 167 33.06 37.41 9.03
CA VAL A 167 31.78 36.70 9.30
C VAL A 167 30.82 37.10 8.16
N PHE A 168 29.51 37.05 8.39
CA PHE A 168 28.49 37.30 7.34
C PHE A 168 28.19 38.80 7.24
N ASP A 169 28.39 39.34 6.04
CA ASP A 169 28.04 40.74 5.70
C ASP A 169 27.18 40.69 4.44
N PRO A 170 25.90 41.10 4.52
CA PRO A 170 24.95 40.96 3.40
C PRO A 170 25.30 41.83 2.17
N ASN A 171 26.17 42.80 2.35
CA ASN A 171 26.72 43.64 1.26
C ASN A 171 27.73 42.89 0.40
N LEU A 172 28.35 41.80 0.89
CA LEU A 172 29.55 41.25 0.21
C LEU A 172 29.15 40.03 -0.62
N LYS A 173 28.58 40.30 -1.80
CA LYS A 173 28.07 39.28 -2.73
C LYS A 173 28.94 39.22 -3.98
N GLY A 174 28.84 38.10 -4.70
CA GLY A 174 29.41 37.94 -6.04
C GLY A 174 28.72 36.81 -6.76
N THR A 175 29.10 36.58 -8.02
CA THR A 175 28.64 35.39 -8.78
C THR A 175 29.84 34.80 -9.49
N LEU A 176 29.87 33.47 -9.62
CA LEU A 176 31.03 32.73 -10.18
C LEU A 176 30.95 32.76 -11.71
N THR A 177 31.59 33.76 -12.31
CA THR A 177 31.49 34.08 -13.75
C THR A 177 32.76 33.75 -14.50
N ALA A 178 33.86 33.39 -13.83
CA ALA A 178 35.12 33.01 -14.51
C ALA A 178 35.78 31.83 -13.78
N ASP A 179 36.39 30.96 -14.56
CA ASP A 179 37.12 29.76 -14.10
C ASP A 179 38.49 30.21 -13.56
N GLY A 180 38.90 29.67 -12.40
CA GLY A 180 40.30 29.72 -11.98
C GLY A 180 40.75 31.03 -11.38
N VAL A 181 39.87 31.93 -10.94
CA VAL A 181 40.29 33.28 -10.45
C VAL A 181 39.59 33.67 -9.14
N PHE A 182 38.50 33.02 -8.75
CA PHE A 182 37.79 33.29 -7.49
C PHE A 182 38.45 32.41 -6.42
N PRO A 183 39.17 32.96 -5.42
CA PRO A 183 39.86 32.11 -4.43
C PRO A 183 38.85 31.29 -3.62
N VAL A 184 39.10 30.00 -3.45
CA VAL A 184 38.25 29.12 -2.61
C VAL A 184 38.15 29.73 -1.21
N GLU A 185 39.26 30.29 -0.69
CA GLU A 185 39.33 30.78 0.71
C GLU A 185 38.62 32.13 0.88
N ALA A 186 38.02 32.69 -0.17
CA ALA A 186 37.39 34.03 -0.07
C ALA A 186 35.92 34.00 -0.47
N TRP A 187 35.47 32.96 -1.14
CA TRP A 187 34.09 32.85 -1.67
C TRP A 187 33.49 31.49 -1.30
N GLY A 188 32.23 31.47 -0.89
CA GLY A 188 31.44 30.24 -0.72
C GLY A 188 30.04 30.44 -1.29
N PRO A 189 29.28 29.33 -1.49
CA PRO A 189 27.89 29.40 -1.92
C PRO A 189 27.04 30.27 -0.99
N ASP A 190 26.17 31.08 -1.59
CA ASP A 190 25.29 32.02 -0.85
C ASP A 190 23.96 31.34 -0.61
N PRO A 191 23.61 31.00 0.66
CA PRO A 191 22.36 30.29 0.92
C PRO A 191 21.12 31.20 0.83
N PHE A 192 21.32 32.50 0.83
CA PHE A 192 20.24 33.50 0.58
C PHE A 192 19.83 33.54 -0.89
N LYS A 193 20.60 32.97 -1.80
CA LYS A 193 20.24 32.98 -3.24
C LYS A 193 20.26 31.53 -3.73
N ASN A 194 20.71 31.30 -4.96
CA ASN A 194 20.85 29.96 -5.57
C ASN A 194 19.51 29.24 -5.53
N GLU A 195 18.38 29.93 -5.74
CA GLU A 195 17.06 29.24 -5.89
C GLU A 195 17.11 28.27 -7.07
N ASN A 196 17.97 28.53 -8.06
CA ASN A 196 17.98 27.82 -9.35
C ASN A 196 19.30 27.03 -9.51
N THR A 197 19.98 26.77 -8.38
CA THR A 197 21.23 25.95 -8.31
C THR A 197 21.10 24.96 -7.13
N ARG A 198 21.59 23.74 -7.29
CA ARG A 198 21.81 22.80 -6.17
C ARG A 198 23.32 22.77 -5.89
N TYR A 199 23.74 23.00 -4.65
CA TYR A 199 25.18 22.89 -4.27
C TYR A 199 25.34 21.92 -3.09
N PHE A 200 26.53 21.30 -3.02
CA PHE A 200 26.88 20.26 -2.02
C PHE A 200 28.37 20.42 -1.71
N GLY A 201 28.72 20.46 -0.44
CA GLY A 201 30.12 20.68 0.01
C GLY A 201 30.45 19.88 1.24
N GLN A 202 31.71 19.41 1.30
CA GLN A 202 32.30 18.81 2.53
C GLN A 202 33.73 19.34 2.73
N TYR A 203 33.99 19.77 3.95
CA TYR A 203 35.33 20.16 4.46
C TYR A 203 35.73 19.23 5.60
N THR A 204 36.92 18.64 5.48
CA THR A 204 37.61 17.86 6.53
C THR A 204 38.95 18.55 6.70
N GLY A 205 39.24 19.10 7.87
CA GLY A 205 40.43 19.92 8.07
C GLY A 205 41.66 19.08 8.40
N GLY A 206 42.67 19.79 8.92
CA GLY A 206 43.94 19.22 9.43
C GLY A 206 45.02 19.28 8.35
N THR A 207 46.24 18.88 8.71
CA THR A 207 47.39 18.82 7.75
C THR A 207 47.91 17.37 7.67
N GLN A 208 47.57 16.51 8.63
CA GLN A 208 48.00 15.08 8.65
C GLN A 208 46.78 14.17 8.43
N THR A 209 45.60 14.74 8.18
CA THR A 209 44.35 13.99 8.02
C THR A 209 44.44 13.13 6.76
N PRO A 210 44.07 11.84 6.84
CA PRO A 210 44.03 11.00 5.67
C PRO A 210 42.87 11.37 4.75
N PRO A 211 43.14 11.54 3.45
CA PRO A 211 42.08 11.69 2.45
C PRO A 211 41.17 10.45 2.43
N VAL A 212 39.84 10.67 2.36
CA VAL A 212 38.83 9.60 2.14
C VAL A 212 38.02 9.98 0.91
N LEU A 213 38.03 9.13 -0.11
CA LEU A 213 37.36 9.45 -1.39
C LEU A 213 36.73 8.16 -1.89
N THR A 214 35.49 8.22 -2.36
CA THR A 214 34.81 7.05 -2.92
C THR A 214 34.52 7.36 -4.40
N PHE A 215 34.39 6.33 -5.21
CA PHE A 215 34.08 6.47 -6.64
C PHE A 215 33.22 5.27 -7.06
N THR A 216 32.17 5.54 -7.86
CA THR A 216 31.32 4.47 -8.46
C THR A 216 30.51 5.10 -9.61
N ASN A 217 30.08 4.27 -10.56
CA ASN A 217 29.20 4.74 -11.66
C ASN A 217 27.74 4.39 -11.35
N THR A 218 27.42 4.03 -10.11
CA THR A 218 26.10 3.44 -9.75
C THR A 218 25.29 4.47 -8.95
N GLN A 219 25.81 5.69 -8.78
CA GLN A 219 25.21 6.70 -7.89
C GLN A 219 24.58 7.82 -8.71
N THR A 220 23.28 8.05 -8.49
CA THR A 220 22.53 9.19 -9.05
C THR A 220 21.99 10.08 -7.92
N THR A 221 22.13 11.39 -8.08
CA THR A 221 21.51 12.38 -7.19
C THR A 221 20.39 13.07 -7.97
N ILE A 222 19.19 13.14 -7.39
CA ILE A 222 18.02 13.85 -7.96
C ILE A 222 18.19 15.35 -7.67
N LEU A 223 17.87 16.22 -8.64
CA LEU A 223 18.08 17.69 -8.52
C LEU A 223 16.76 18.45 -8.36
N LEU A 224 15.63 17.73 -8.35
CA LEU A 224 14.28 18.30 -8.13
C LEU A 224 14.22 18.94 -6.75
N ASP A 225 13.59 20.12 -6.66
CA ASP A 225 13.32 20.79 -5.37
C ASP A 225 12.05 20.18 -4.78
N GLU A 226 11.62 20.71 -3.64
CA GLU A 226 10.40 20.31 -2.88
C GLU A 226 9.13 20.39 -3.75
N ASN A 227 9.14 21.09 -4.89
CA ASN A 227 7.98 21.24 -5.81
C ASN A 227 8.09 20.33 -7.04
N GLY A 228 9.12 19.48 -7.11
CA GLY A 228 9.35 18.61 -8.29
C GLY A 228 9.98 19.38 -9.43
N VAL A 229 10.65 20.51 -9.16
CA VAL A 229 11.27 21.33 -10.25
C VAL A 229 12.79 21.30 -10.07
N GLY A 230 13.49 20.94 -11.14
CA GLY A 230 14.95 20.98 -11.21
C GLY A 230 15.46 22.35 -11.67
N PRO A 231 16.77 22.61 -11.57
CA PRO A 231 17.35 23.84 -12.14
C PRO A 231 16.89 24.05 -13.60
N LEU A 232 16.47 25.29 -13.91
CA LEU A 232 15.97 25.70 -15.24
C LEU A 232 17.07 26.48 -15.98
N CYS A 233 17.51 25.97 -17.12
CA CYS A 233 18.69 26.48 -17.88
C CYS A 233 18.37 27.74 -18.70
N LYS A 234 18.55 28.89 -18.08
CA LYS A 234 18.43 30.23 -18.70
C LYS A 234 19.48 30.39 -19.81
N GLY A 235 19.08 31.02 -20.92
CA GLY A 235 19.85 31.11 -22.18
C GLY A 235 20.28 29.75 -22.66
N ASP A 236 19.61 28.68 -22.21
CA ASP A 236 19.89 27.27 -22.65
C ASP A 236 21.33 26.91 -22.27
N GLY A 237 21.78 27.44 -21.13
CA GLY A 237 23.08 27.16 -20.52
C GLY A 237 22.92 26.31 -19.27
N LEU A 238 23.78 25.29 -19.10
CA LEU A 238 23.92 24.51 -17.85
C LEU A 238 25.25 24.92 -17.17
N PHE A 239 25.20 25.28 -15.89
CA PHE A 239 26.32 25.91 -15.15
C PHE A 239 26.85 24.92 -14.12
N LEU A 240 28.11 24.54 -14.29
CA LEU A 240 28.79 23.53 -13.45
C LEU A 240 29.91 24.25 -12.72
N SER A 241 30.02 24.04 -11.41
CA SER A 241 31.06 24.65 -10.54
C SER A 241 31.60 23.55 -9.59
N CYS A 242 32.85 23.64 -9.17
CA CYS A 242 33.42 22.68 -8.20
C CYS A 242 34.76 23.20 -7.66
N ALA A 243 35.14 22.65 -6.51
CA ALA A 243 36.53 22.67 -5.99
C ALA A 243 36.75 21.33 -5.29
N ASP A 244 37.90 20.71 -5.55
CA ASP A 244 38.29 19.36 -5.07
C ASP A 244 39.76 19.37 -4.62
N ILE A 245 39.97 20.04 -3.49
CA ILE A 245 41.25 20.00 -2.74
C ILE A 245 41.32 18.61 -2.11
N VAL A 246 42.29 17.80 -2.49
CA VAL A 246 42.45 16.43 -1.93
C VAL A 246 43.28 16.52 -0.64
N GLY A 247 44.23 17.44 -0.60
CA GLY A 247 45.17 17.63 0.52
C GLY A 247 46.46 18.24 0.04
N PHE A 248 47.52 18.02 0.80
CA PHE A 248 48.83 18.62 0.53
C PHE A 248 49.84 17.57 0.09
N PHE A 249 50.75 18.04 -0.75
CA PHE A 249 51.96 17.33 -1.20
C PHE A 249 53.14 17.92 -0.41
N THR A 250 53.90 17.06 0.28
CA THR A 250 55.08 17.47 1.11
C THR A 250 56.37 16.93 0.47
N GLN A 251 57.26 17.87 0.12
CA GLN A 251 58.61 17.61 -0.41
C GLN A 251 59.56 17.21 0.73
N HIS A 252 60.66 16.55 0.39
CA HIS A 252 61.76 16.21 1.36
C HIS A 252 62.14 17.46 2.16
N ASN A 253 62.20 18.65 1.54
CA ASN A 253 62.58 19.89 2.26
C ASN A 253 61.37 20.47 3.01
N LYS A 254 60.24 19.75 3.02
CA LYS A 254 59.05 20.08 3.86
C LYS A 254 58.25 21.23 3.25
N LYS A 255 58.57 21.63 2.01
CA LYS A 255 57.72 22.58 1.26
C LYS A 255 56.39 21.85 0.98
N MET A 256 55.28 22.56 1.11
CA MET A 256 53.90 21.97 0.99
C MET A 256 53.10 22.75 -0.04
N SER A 257 52.41 21.98 -0.89
CA SER A 257 51.52 22.52 -1.96
C SER A 257 50.17 21.79 -1.93
N PHE A 258 49.11 22.52 -2.29
CA PHE A 258 47.76 21.96 -2.52
C PHE A 258 47.86 20.96 -3.66
N ARG A 259 47.22 19.80 -3.54
CA ARG A 259 46.95 18.93 -4.70
C ARG A 259 45.43 18.83 -4.92
N GLY A 260 44.98 18.93 -6.19
CA GLY A 260 43.56 18.86 -6.57
C GLY A 260 43.32 17.74 -7.56
N LEU A 261 42.05 17.38 -7.77
CA LEU A 261 41.66 16.34 -8.75
C LEU A 261 40.49 16.89 -9.59
N PRO A 262 40.37 16.44 -10.86
CA PRO A 262 39.27 16.87 -11.71
C PRO A 262 37.98 16.19 -11.28
N ARG A 263 36.84 16.82 -11.60
CA ARG A 263 35.49 16.26 -11.33
C ARG A 263 34.73 16.00 -12.65
N TYR A 264 34.17 14.81 -12.71
CA TYR A 264 33.22 14.32 -13.74
C TYR A 264 31.79 14.71 -13.37
N PHE A 265 31.02 15.12 -14.38
CA PHE A 265 29.56 15.39 -14.29
C PHE A 265 28.82 14.70 -15.44
N ARG A 266 27.78 13.96 -15.08
CA ARG A 266 26.67 13.59 -16.02
C ARG A 266 25.41 14.26 -15.51
N VAL A 267 24.70 15.02 -16.37
CA VAL A 267 23.43 15.70 -16.00
C VAL A 267 22.34 15.29 -16.99
N THR A 268 21.27 14.71 -16.47
CA THR A 268 20.05 14.34 -17.24
C THR A 268 19.12 15.55 -17.24
N LEU A 269 18.73 16.01 -18.42
CA LEU A 269 17.80 17.15 -18.53
C LEU A 269 16.51 16.70 -19.25
N ARG A 270 15.43 17.41 -18.98
CA ARG A 270 14.14 17.15 -19.68
C ARG A 270 13.59 18.51 -20.09
N LYS A 271 12.73 18.51 -21.10
CA LYS A 271 11.99 19.69 -21.55
C LYS A 271 10.92 20.04 -20.52
N ARG A 272 10.96 21.27 -20.05
CA ARG A 272 9.89 21.86 -19.21
C ARG A 272 9.25 23.03 -19.97
N VAL A 273 7.93 23.16 -19.83
CA VAL A 273 7.16 24.32 -20.35
C VAL A 273 7.09 25.38 -19.26
N VAL A 274 7.32 26.64 -19.63
CA VAL A 274 7.23 27.80 -18.70
C VAL A 274 6.55 28.97 -19.43
N LYS A 275 6.11 29.95 -18.64
CA LYS A 275 5.24 31.09 -19.06
C LYS A 275 5.96 32.40 -18.72
N ILE B 7 23.46 -2.91 -29.31
CA ILE B 7 22.77 -3.95 -28.47
C ILE B 7 21.41 -3.39 -27.99
N GLU B 8 20.34 -3.65 -28.74
CA GLU B 8 18.93 -3.40 -28.32
C GLU B 8 18.48 -4.59 -27.46
N VAL B 9 17.93 -4.31 -26.27
CA VAL B 9 17.59 -5.35 -25.26
C VAL B 9 16.10 -5.63 -25.32
N LEU B 10 15.73 -6.92 -25.33
CA LEU B 10 14.32 -7.38 -25.33
C LEU B 10 14.03 -8.07 -23.99
N ALA B 11 13.37 -9.22 -24.01
CA ALA B 11 12.84 -9.84 -22.78
C ALA B 11 13.92 -10.70 -22.10
N VAL B 12 13.82 -10.79 -20.76
CA VAL B 12 14.49 -11.81 -19.89
C VAL B 12 13.97 -13.18 -20.35
N ARG B 13 14.64 -14.27 -19.95
CA ARG B 13 14.16 -15.67 -20.16
C ARG B 13 14.02 -16.39 -18.81
N ASP B 17 17.10 -23.75 -16.29
CA ASP B 17 17.79 -23.49 -17.59
C ASP B 17 18.34 -22.05 -17.64
N SER B 18 17.58 -21.04 -17.19
CA SER B 18 17.77 -19.60 -17.56
C SER B 18 18.80 -18.87 -16.65
N ILE B 19 19.04 -19.35 -15.43
CA ILE B 19 19.92 -18.68 -14.41
C ILE B 19 21.16 -19.55 -14.13
N THR B 20 22.34 -18.92 -14.11
CA THR B 20 23.62 -19.58 -13.74
C THR B 20 24.32 -18.70 -12.70
N GLU B 21 25.24 -19.30 -11.93
CA GLU B 21 26.02 -18.59 -10.89
C GLU B 21 27.49 -18.99 -11.07
N ILE B 22 28.42 -18.03 -11.05
CA ILE B 22 29.88 -18.29 -11.09
C ILE B 22 30.52 -17.78 -9.79
N GLU B 23 31.58 -18.45 -9.35
CA GLU B 23 32.48 -17.94 -8.27
C GLU B 23 33.90 -17.85 -8.83
N ALA B 24 34.66 -16.88 -8.35
CA ALA B 24 36.05 -16.64 -8.78
C ALA B 24 36.79 -15.89 -7.67
N TYR B 25 38.13 -15.96 -7.73
CA TYR B 25 39.05 -15.17 -6.88
C TYR B 25 40.01 -14.44 -7.80
N LEU B 26 40.34 -13.22 -7.41
CA LEU B 26 41.49 -12.48 -7.98
C LEU B 26 42.52 -12.28 -6.89
N ASN B 27 43.68 -12.90 -7.06
CA ASN B 27 44.85 -12.63 -6.21
C ASN B 27 45.37 -11.25 -6.48
N PRO B 28 45.91 -10.62 -5.43
CA PRO B 28 46.48 -9.28 -5.54
C PRO B 28 47.77 -9.30 -6.36
N ARG B 29 48.12 -8.17 -6.97
CA ARG B 29 49.34 -7.96 -7.78
C ARG B 29 50.09 -6.77 -7.19
N MET B 30 50.61 -6.93 -5.97
CA MET B 30 51.23 -5.85 -5.17
C MET B 30 52.67 -5.60 -5.64
N GLY B 31 53.30 -6.57 -6.31
CA GLY B 31 54.56 -6.33 -7.04
C GLY B 31 55.52 -7.51 -6.96
N GLN B 32 55.69 -8.13 -5.80
CA GLN B 32 56.60 -9.31 -5.66
C GLN B 32 56.04 -10.45 -6.50
N PRO B 33 56.91 -11.27 -7.13
CA PRO B 33 56.48 -12.42 -7.93
C PRO B 33 55.65 -13.45 -7.17
N GLN B 34 54.69 -14.08 -7.86
CA GLN B 34 53.87 -15.16 -7.27
C GLN B 34 54.78 -16.36 -7.02
N ASN B 35 54.37 -17.23 -6.11
CA ASN B 35 55.06 -18.52 -5.83
C ASN B 35 56.41 -18.29 -5.16
N GLU B 36 56.74 -17.05 -4.77
CA GLU B 36 58.01 -16.69 -4.09
C GLU B 36 57.63 -16.12 -2.71
N ASP B 37 58.61 -15.91 -1.81
CA ASP B 37 58.35 -15.80 -0.35
C ASP B 37 57.57 -14.51 0.00
N PHE B 38 57.55 -13.52 -0.88
CA PHE B 38 56.92 -12.20 -0.61
C PHE B 38 55.64 -12.03 -1.41
N TYR B 39 55.04 -13.13 -1.87
CA TYR B 39 53.78 -13.11 -2.65
C TYR B 39 52.72 -12.41 -1.80
N GLY B 40 52.13 -11.33 -2.33
CA GLY B 40 51.10 -10.57 -1.62
C GLY B 40 51.63 -9.23 -1.19
N PHE B 41 52.94 -9.04 -1.26
CA PHE B 41 53.64 -7.80 -0.90
C PHE B 41 54.22 -7.19 -2.19
N SER B 42 54.45 -5.89 -2.14
CA SER B 42 55.38 -5.17 -3.03
C SER B 42 56.78 -5.39 -2.45
N ASP B 43 57.80 -5.08 -3.24
CA ASP B 43 59.17 -4.90 -2.74
C ASP B 43 59.19 -3.58 -1.98
N ASN B 44 60.21 -3.39 -1.16
CA ASN B 44 60.47 -2.19 -0.35
C ASN B 44 60.46 -0.94 -1.24
N VAL B 45 59.66 0.04 -0.85
CA VAL B 45 59.40 1.26 -1.66
C VAL B 45 60.58 2.20 -1.50
N THR B 46 61.18 2.60 -2.64
CA THR B 46 62.13 3.73 -2.73
C THR B 46 61.41 4.96 -3.29
N VAL B 47 61.94 6.14 -2.95
CA VAL B 47 61.35 7.50 -3.14
C VAL B 47 62.36 8.34 -3.92
N SER B 48 61.91 9.06 -4.95
CA SER B 48 62.76 9.93 -5.80
C SER B 48 63.00 11.25 -5.06
N ASP B 49 64.00 12.03 -5.48
CA ASP B 49 64.32 13.36 -4.91
C ASP B 49 63.61 14.49 -5.65
N ASP B 50 63.11 14.24 -6.86
CA ASP B 50 62.39 15.27 -7.66
C ASP B 50 61.54 14.55 -8.73
N PHE B 51 60.55 15.26 -9.29
CA PHE B 51 59.65 14.68 -10.31
C PHE B 51 60.44 14.36 -11.59
N GLY B 52 61.48 15.15 -11.89
CA GLY B 52 62.33 14.95 -13.09
C GLY B 52 62.96 13.56 -13.12
N SER B 53 63.56 13.11 -12.02
CA SER B 53 64.36 11.86 -11.95
C SER B 53 63.54 10.68 -11.41
N ASP B 54 62.22 10.78 -11.45
CA ASP B 54 61.30 9.82 -10.79
C ASP B 54 61.14 8.58 -11.68
N ALA B 55 61.59 7.43 -11.19
CA ALA B 55 61.56 6.16 -11.96
C ALA B 55 61.31 4.99 -11.02
N PRO B 56 60.02 4.69 -10.67
CA PRO B 56 59.73 3.59 -9.76
C PRO B 56 60.15 2.24 -10.32
N PRO B 57 61.05 1.47 -9.64
CA PRO B 57 61.39 0.13 -10.10
C PRO B 57 60.20 -0.80 -10.07
N TRP B 58 60.14 -1.68 -11.07
CA TRP B 58 59.23 -2.84 -11.10
C TRP B 58 59.30 -3.61 -9.77
N LYS B 59 58.14 -4.06 -9.27
CA LYS B 59 57.90 -4.80 -7.99
C LYS B 59 57.61 -3.84 -6.83
N GLN B 60 57.85 -2.52 -6.97
CA GLN B 60 57.71 -1.55 -5.86
C GLN B 60 56.35 -0.84 -5.88
N PHE B 61 55.41 -1.24 -6.75
CA PHE B 61 54.04 -0.62 -6.85
C PHE B 61 53.01 -1.64 -7.29
N PRO B 62 51.76 -1.49 -6.79
CA PRO B 62 50.69 -2.41 -7.15
C PRO B 62 50.12 -2.13 -8.55
N CYS B 63 49.65 -3.20 -9.16
CA CYS B 63 48.84 -3.20 -10.40
C CYS B 63 47.45 -3.80 -10.17
N TYR B 64 46.52 -3.43 -11.04
CA TYR B 64 45.14 -3.95 -11.06
C TYR B 64 45.18 -5.44 -11.33
N SER B 65 44.34 -6.19 -10.64
CA SER B 65 44.04 -7.60 -10.95
C SER B 65 42.86 -7.66 -11.94
N THR B 66 42.86 -8.62 -12.85
CA THR B 66 41.72 -8.80 -13.79
C THR B 66 41.71 -10.22 -14.34
N ALA B 67 40.50 -10.76 -14.55
CA ALA B 67 40.25 -12.07 -15.18
C ALA B 67 39.00 -11.98 -16.05
N ARG B 68 38.97 -12.79 -17.11
CA ARG B 68 37.77 -13.08 -17.93
C ARG B 68 37.27 -14.49 -17.58
N ILE B 69 36.04 -14.58 -17.07
CA ILE B 69 35.41 -15.90 -16.79
C ILE B 69 34.66 -16.34 -18.05
N SER B 70 34.89 -17.58 -18.51
CA SER B 70 34.09 -18.22 -19.59
C SER B 70 32.75 -18.71 -19.05
N LEU B 71 31.64 -18.29 -19.65
CA LEU B 71 30.26 -18.67 -19.23
C LEU B 71 29.78 -19.82 -20.13
N PRO B 72 28.78 -20.64 -19.74
CA PRO B 72 28.20 -21.62 -20.65
C PRO B 72 27.89 -20.97 -22.01
N MET B 73 28.42 -21.52 -23.09
CA MET B 73 28.17 -21.00 -24.45
C MET B 73 26.66 -21.04 -24.73
N LEU B 74 26.16 -19.99 -25.39
CA LEU B 74 24.74 -19.87 -25.78
C LEU B 74 24.70 -19.86 -27.31
N ASN B 75 23.50 -19.87 -27.90
CA ASN B 75 23.29 -19.69 -29.36
C ASN B 75 24.30 -20.54 -30.14
N THR B 82 17.52 -11.89 -32.90
CA THR B 82 17.04 -12.72 -31.74
C THR B 82 18.20 -13.59 -31.22
N ILE B 83 19.11 -12.97 -30.45
CA ILE B 83 20.31 -13.63 -29.83
C ILE B 83 20.13 -13.64 -28.30
N LEU B 84 20.57 -14.71 -27.63
CA LEU B 84 20.64 -14.77 -26.14
C LEU B 84 21.98 -14.17 -25.68
N MET B 85 21.97 -13.51 -24.50
CA MET B 85 23.20 -13.01 -23.83
C MET B 85 23.07 -13.29 -22.33
N TRP B 86 24.20 -13.58 -21.68
CA TRP B 86 24.27 -13.65 -20.21
C TRP B 86 24.25 -12.22 -19.66
N GLU B 87 23.33 -11.97 -18.73
CA GLU B 87 23.14 -10.65 -18.09
C GLU B 87 23.51 -10.82 -16.62
N ALA B 88 24.52 -10.11 -16.16
CA ALA B 88 24.89 -10.12 -14.73
C ALA B 88 23.84 -9.33 -13.94
N ILE B 89 23.15 -9.93 -12.97
CA ILE B 89 22.03 -9.27 -12.23
C ILE B 89 22.42 -8.95 -10.78
N SER B 90 23.34 -9.69 -10.19
CA SER B 90 23.76 -9.47 -8.78
C SER B 90 25.10 -10.16 -8.48
N CYS B 91 25.66 -9.81 -7.35
CA CYS B 91 26.98 -10.30 -6.93
C CYS B 91 27.10 -10.25 -5.41
N ARG B 92 28.00 -11.08 -4.89
CA ARG B 92 28.62 -10.98 -3.56
C ARG B 92 30.10 -10.76 -3.84
N THR B 93 30.72 -9.87 -3.09
CA THR B 93 32.19 -9.71 -3.15
C THR B 93 32.70 -9.60 -1.72
N GLU B 94 33.91 -10.07 -1.53
CA GLU B 94 34.50 -10.12 -0.17
C GLU B 94 36.02 -10.09 -0.28
N VAL B 95 36.65 -9.22 0.50
CA VAL B 95 38.11 -9.26 0.72
C VAL B 95 38.35 -10.47 1.63
N MET B 96 39.14 -11.44 1.17
CA MET B 96 39.42 -12.67 1.96
C MET B 96 40.73 -12.49 2.73
N GLY B 97 40.89 -13.18 3.86
CA GLY B 97 42.16 -13.23 4.60
C GLY B 97 42.33 -12.03 5.53
N VAL B 98 41.26 -11.29 5.80
CA VAL B 98 41.28 -10.16 6.79
C VAL B 98 41.85 -10.68 8.11
N ASN B 99 41.54 -11.93 8.47
CA ASN B 99 42.05 -12.64 9.68
C ASN B 99 43.56 -12.48 9.87
N MET B 100 44.34 -12.38 8.78
CA MET B 100 45.82 -12.44 8.83
C MET B 100 46.39 -11.19 9.52
N LEU B 101 45.59 -10.11 9.55
CA LEU B 101 46.03 -8.79 10.02
C LEU B 101 46.07 -8.76 11.55
N THR B 102 45.66 -9.85 12.22
CA THR B 102 45.79 -10.03 13.70
C THR B 102 47.23 -10.50 14.00
N ASN B 103 48.08 -10.68 12.97
CA ASN B 103 49.51 -11.04 13.13
C ASN B 103 50.29 -9.79 13.50
N VAL B 104 50.80 -9.71 14.75
CA VAL B 104 51.72 -8.63 15.18
C VAL B 104 53.04 -9.22 15.69
N HIS B 105 53.46 -10.38 15.18
CA HIS B 105 54.76 -11.03 15.54
C HIS B 105 55.75 -11.17 14.36
N SER B 106 55.30 -11.06 13.10
CA SER B 106 56.14 -11.46 11.94
C SER B 106 57.02 -10.31 11.45
N ALA B 107 58.21 -10.17 12.04
CA ALA B 107 59.30 -9.29 11.51
C ALA B 107 58.82 -7.84 11.34
N GLN B 108 58.05 -7.31 12.30
CA GLN B 108 57.46 -5.96 12.26
C GLN B 108 58.20 -5.00 13.19
N LYS B 109 58.37 -3.75 12.77
CA LYS B 109 58.77 -2.65 13.67
C LYS B 109 57.88 -2.74 14.92
N ARG B 110 58.49 -2.63 16.11
CA ARG B 110 57.72 -2.75 17.37
CA ARG B 110 57.81 -2.73 17.42
C ARG B 110 57.20 -1.38 17.79
N VAL B 111 56.12 -1.40 18.58
CA VAL B 111 55.42 -0.19 19.09
C VAL B 111 56.45 0.63 19.90
N TYR B 112 57.31 -0.04 20.64
CA TYR B 112 58.30 0.62 21.53
C TYR B 112 59.70 0.20 21.12
N GLU B 113 60.10 0.59 19.89
CA GLU B 113 61.36 0.15 19.24
C GLU B 113 62.59 0.57 20.07
N ASN B 114 62.54 1.74 20.70
CA ASN B 114 63.64 2.26 21.55
C ASN B 114 63.87 1.30 22.72
N ASP B 115 62.82 0.58 23.16
CA ASP B 115 62.90 -0.37 24.30
C ASP B 115 62.94 -1.82 23.79
N ARG B 116 63.08 -2.04 22.48
CA ARG B 116 62.87 -3.37 21.82
C ARG B 116 61.69 -4.10 22.49
N GLU B 117 60.53 -3.44 22.60
CA GLU B 117 59.38 -4.07 23.32
C GLU B 117 58.07 -3.72 22.61
N GLY B 118 57.01 -4.45 22.91
CA GLY B 118 55.67 -4.23 22.38
C GLY B 118 55.36 -5.23 21.29
N THR B 119 54.12 -5.21 20.81
CA THR B 119 53.74 -5.98 19.60
C THR B 119 54.43 -5.35 18.40
N GLY B 120 54.40 -6.03 17.26
CA GLY B 120 54.59 -5.37 15.96
C GLY B 120 53.52 -4.29 15.73
N ILE B 121 53.82 -3.29 14.91
CA ILE B 121 52.84 -2.21 14.56
C ILE B 121 51.79 -2.73 13.57
N GLY B 122 51.99 -3.94 13.04
CA GLY B 122 51.09 -4.57 12.06
C GLY B 122 50.99 -3.75 10.79
N VAL B 123 49.98 -4.04 9.96
CA VAL B 123 49.79 -3.34 8.66
C VAL B 123 49.03 -2.04 8.94
N GLU B 124 49.56 -0.91 8.46
CA GLU B 124 48.97 0.42 8.71
C GLU B 124 49.08 1.23 7.44
N GLY B 125 48.20 2.24 7.30
CA GLY B 125 48.30 3.23 6.22
C GLY B 125 47.22 3.05 5.17
N MET B 126 47.49 3.53 3.96
CA MET B 126 46.42 3.74 2.95
C MET B 126 45.72 2.42 2.65
N GLY B 127 44.40 2.47 2.55
CA GLY B 127 43.56 1.41 1.96
C GLY B 127 43.08 1.86 0.58
N TYR B 128 43.18 1.01 -0.43
CA TYR B 128 42.55 1.30 -1.74
C TYR B 128 41.84 0.03 -2.16
N HIS B 129 40.52 0.08 -2.13
CA HIS B 129 39.65 -1.10 -2.38
C HIS B 129 38.73 -0.71 -3.52
N MET B 130 38.84 -1.42 -4.64
CA MET B 130 37.95 -1.21 -5.81
C MET B 130 37.66 -2.56 -6.46
N PHE B 131 36.43 -2.75 -6.95
CA PHE B 131 36.08 -3.90 -7.80
C PHE B 131 35.17 -3.42 -8.94
N ALA B 132 35.19 -4.19 -10.02
CA ALA B 132 34.39 -3.91 -11.23
C ALA B 132 33.86 -5.24 -11.74
N ILE B 133 32.61 -5.23 -12.17
CA ILE B 133 31.99 -6.41 -12.83
C ILE B 133 31.34 -5.92 -14.13
N GLY B 134 31.76 -6.46 -15.29
CA GLY B 134 31.27 -5.97 -16.60
C GLY B 134 31.24 -7.03 -17.67
N GLY B 135 30.64 -6.69 -18.81
CA GLY B 135 30.45 -7.61 -19.94
C GLY B 135 31.48 -7.35 -21.01
N GLU B 136 32.58 -6.69 -20.63
CA GLU B 136 33.73 -6.29 -21.49
C GLU B 136 34.79 -5.66 -20.60
N PRO B 137 36.06 -5.55 -21.06
CA PRO B 137 37.13 -5.05 -20.20
C PRO B 137 36.79 -3.68 -19.59
N LEU B 138 37.18 -3.47 -18.33
CA LEU B 138 37.01 -2.18 -17.63
C LEU B 138 37.67 -1.09 -18.48
N GLU B 139 36.98 0.03 -18.67
CA GLU B 139 37.53 1.18 -19.41
C GLU B 139 38.19 2.12 -18.40
N LEU B 140 39.40 2.56 -18.73
CA LEU B 140 40.33 3.29 -17.84
C LEU B 140 40.61 4.68 -18.38
N GLN B 141 40.82 5.60 -17.43
CA GLN B 141 41.34 6.94 -17.70
C GLN B 141 42.77 6.97 -17.14
N PHE B 142 43.72 7.48 -17.91
CA PHE B 142 45.13 7.53 -17.45
C PHE B 142 45.29 8.82 -16.68
N MET B 143 45.76 8.69 -15.44
CA MET B 143 46.01 9.87 -14.61
C MET B 143 47.08 9.54 -13.57
N VAL B 144 48.06 10.42 -13.46
CA VAL B 144 49.30 10.17 -12.66
C VAL B 144 49.52 11.34 -11.75
N PHE B 145 50.18 11.10 -10.62
CA PHE B 145 50.59 12.14 -9.66
C PHE B 145 51.59 13.07 -10.34
N ASN B 146 52.58 12.47 -11.00
CA ASN B 146 53.74 13.14 -11.63
C ASN B 146 53.89 12.63 -13.06
N HIS B 147 53.73 13.48 -14.07
CA HIS B 147 53.74 13.01 -15.50
C HIS B 147 55.17 12.61 -15.91
N ARG B 148 56.19 13.11 -15.23
CA ARG B 148 57.60 12.88 -15.64
C ARG B 148 58.07 11.55 -15.08
N ALA B 149 57.25 10.86 -14.28
CA ALA B 149 57.53 9.47 -13.84
C ALA B 149 57.80 8.60 -15.07
N THR B 150 58.94 7.90 -15.08
CA THR B 150 59.28 6.83 -16.05
C THR B 150 58.92 5.50 -15.41
N TYR B 151 57.83 4.88 -15.89
CA TYR B 151 57.35 3.54 -15.49
C TYR B 151 58.23 2.51 -16.18
N PRO B 152 58.41 1.34 -15.53
CA PRO B 152 59.29 0.32 -16.08
C PRO B 152 58.64 -0.41 -17.25
N ALA B 153 59.47 -1.11 -18.03
CA ALA B 153 59.12 -1.88 -19.26
C ALA B 153 58.00 -2.87 -18.99
N GLU B 154 58.03 -3.54 -17.82
CA GLU B 154 57.03 -4.58 -17.43
C GLU B 154 55.61 -3.99 -17.34
N ALA B 155 55.47 -2.69 -17.06
CA ALA B 155 54.17 -2.06 -16.78
C ALA B 155 53.53 -1.51 -18.07
N THR B 156 52.21 -1.59 -18.18
CA THR B 156 51.44 -0.98 -19.31
C THR B 156 51.06 0.45 -18.90
N VAL B 157 51.61 1.46 -19.57
CA VAL B 157 51.30 2.91 -19.33
C VAL B 157 51.18 3.60 -20.68
N ILE B 158 50.74 4.86 -20.68
CA ILE B 158 50.96 5.78 -21.84
C ILE B 158 52.33 6.45 -21.65
N LYS B 159 53.27 6.19 -22.55
CA LYS B 159 54.64 6.76 -22.46
C LYS B 159 54.55 8.27 -22.70
N ASN B 160 55.40 9.06 -22.03
CA ASN B 160 55.58 10.54 -22.20
C ASN B 160 54.21 11.20 -22.29
N PRO B 161 53.33 11.03 -21.27
CA PRO B 161 51.93 11.42 -21.39
C PRO B 161 51.71 12.94 -21.38
N GLY B 162 52.67 13.72 -20.88
CA GLY B 162 52.59 15.19 -20.81
C GLY B 162 51.93 15.69 -19.52
N ALA B 163 52.06 17.00 -19.28
CA ALA B 163 51.60 17.75 -18.08
C ALA B 163 50.09 17.56 -17.83
N SER B 164 49.26 17.49 -18.87
CA SER B 164 47.78 17.35 -18.76
C SER B 164 47.38 16.00 -18.13
N SER B 165 48.26 15.01 -18.15
CA SER B 165 48.03 13.68 -17.53
C SER B 165 47.97 13.76 -16.00
N GLN B 166 48.40 14.87 -15.40
CA GLN B 166 48.36 15.11 -13.92
C GLN B 166 46.91 15.39 -13.51
N VAL B 167 46.06 15.75 -14.49
CA VAL B 167 44.59 16.00 -14.30
C VAL B 167 43.88 15.27 -15.44
N PHE B 168 42.65 15.65 -15.81
CA PHE B 168 41.89 14.93 -16.85
C PHE B 168 42.29 15.47 -18.24
N ASP B 169 42.72 14.57 -19.10
CA ASP B 169 42.99 14.82 -20.55
C ASP B 169 42.23 13.74 -21.31
N PRO B 170 41.24 14.12 -22.16
CA PRO B 170 40.35 13.14 -22.78
C PRO B 170 41.01 12.23 -23.83
N ASN B 171 42.21 12.57 -24.28
CA ASN B 171 43.01 11.73 -25.20
C ASN B 171 43.58 10.50 -24.48
N LEU B 172 43.69 10.49 -23.15
CA LEU B 172 44.54 9.48 -22.44
C LEU B 172 43.69 8.34 -21.86
N LYS B 173 43.42 7.35 -22.70
CA LYS B 173 42.39 6.32 -22.47
C LYS B 173 43.08 4.96 -22.56
N GLY B 174 42.48 3.93 -21.97
CA GLY B 174 42.90 2.55 -22.11
C GLY B 174 41.83 1.63 -21.63
N THR B 175 42.06 0.33 -21.70
CA THR B 175 41.11 -0.71 -21.22
C THR B 175 41.94 -1.76 -20.49
N LEU B 176 41.36 -2.34 -19.44
CA LEU B 176 42.09 -3.26 -18.53
C LEU B 176 42.13 -4.65 -19.17
N THR B 177 43.11 -4.86 -20.05
CA THR B 177 43.21 -6.06 -20.93
C THR B 177 44.16 -7.11 -20.35
N ALA B 178 44.96 -6.78 -19.32
CA ALA B 178 45.95 -7.74 -18.76
C ALA B 178 46.03 -7.64 -17.23
N ASP B 179 46.12 -8.81 -16.56
CA ASP B 179 46.32 -8.97 -15.10
C ASP B 179 47.74 -8.52 -14.72
N GLY B 180 47.88 -7.67 -13.70
CA GLY B 180 49.14 -7.50 -12.97
C GLY B 180 50.14 -6.61 -13.68
N VAL B 181 49.72 -5.73 -14.60
CA VAL B 181 50.71 -4.86 -15.31
C VAL B 181 50.21 -3.42 -15.45
N PHE B 182 48.94 -3.12 -15.20
CA PHE B 182 48.42 -1.73 -15.22
C PHE B 182 48.62 -1.17 -13.81
N PRO B 183 49.53 -0.20 -13.61
CA PRO B 183 49.78 0.35 -12.27
C PRO B 183 48.51 1.06 -11.76
N VAL B 184 48.13 0.73 -10.52
CA VAL B 184 47.00 1.40 -9.82
C VAL B 184 47.22 2.91 -9.88
N GLU B 185 48.44 3.40 -9.64
CA GLU B 185 48.73 4.85 -9.50
C GLU B 185 48.71 5.56 -10.86
N ALA B 186 48.50 4.85 -11.98
CA ALA B 186 48.51 5.38 -13.37
C ALA B 186 47.14 5.25 -14.06
N TRP B 187 46.24 4.43 -13.51
CA TRP B 187 44.94 4.12 -14.17
C TRP B 187 43.81 4.11 -13.14
N GLY B 188 42.69 4.79 -13.47
CA GLY B 188 41.40 4.61 -12.79
C GLY B 188 40.24 4.36 -13.74
N PRO B 189 39.07 3.99 -13.19
CA PRO B 189 37.86 3.78 -13.97
C PRO B 189 37.47 5.08 -14.67
N ASP B 190 37.07 4.97 -15.93
CA ASP B 190 36.61 6.10 -16.78
C ASP B 190 35.11 6.28 -16.56
N PRO B 191 34.65 7.36 -15.88
CA PRO B 191 33.21 7.63 -15.79
C PRO B 191 32.54 8.02 -17.13
N PHE B 192 33.29 8.39 -18.17
CA PHE B 192 32.73 8.78 -19.49
C PHE B 192 32.34 7.51 -20.28
N LYS B 193 32.84 6.34 -19.87
CA LYS B 193 32.52 5.07 -20.56
C LYS B 193 31.97 4.11 -19.50
N ASN B 194 32.23 2.82 -19.61
CA ASN B 194 31.79 1.81 -18.61
C ASN B 194 30.26 1.77 -18.53
N GLU B 195 29.54 1.88 -19.65
CA GLU B 195 28.05 1.73 -19.68
C GLU B 195 27.66 0.29 -19.35
N ASN B 196 28.56 -0.65 -19.59
CA ASN B 196 28.27 -2.10 -19.51
C ASN B 196 29.10 -2.74 -18.39
N THR B 197 29.59 -1.91 -17.46
CA THR B 197 30.39 -2.28 -16.26
C THR B 197 29.87 -1.52 -15.04
N ARG B 198 29.76 -2.19 -13.90
CA ARG B 198 29.54 -1.52 -12.59
C ARG B 198 30.89 -1.54 -11.86
N TYR B 199 31.39 -0.38 -11.43
CA TYR B 199 32.62 -0.28 -10.59
C TYR B 199 32.27 0.42 -9.29
N PHE B 200 33.07 0.13 -8.26
CA PHE B 200 32.90 0.64 -6.89
C PHE B 200 34.29 0.75 -6.25
N GLY B 201 34.59 1.87 -5.61
CA GLY B 201 35.92 2.02 -5.00
C GLY B 201 35.94 2.95 -3.82
N GLN B 202 36.89 2.70 -2.91
CA GLN B 202 37.14 3.61 -1.78
C GLN B 202 38.64 3.72 -1.54
N TYR B 203 39.08 4.93 -1.29
CA TYR B 203 40.47 5.28 -0.93
C TYR B 203 40.43 5.95 0.45
N THR B 204 41.32 5.48 1.33
CA THR B 204 41.63 6.08 2.65
C THR B 204 43.14 6.17 2.73
N GLY B 205 43.68 7.38 2.76
CA GLY B 205 45.13 7.59 2.58
C GLY B 205 45.87 7.52 3.90
N GLY B 206 47.06 8.11 3.93
CA GLY B 206 47.94 8.11 5.11
C GLY B 206 48.85 6.89 5.09
N THR B 207 49.86 6.92 5.96
CA THR B 207 50.86 5.86 6.15
C THR B 207 50.76 5.24 7.56
N GLN B 208 50.10 5.88 8.53
CA GLN B 208 49.87 5.25 9.87
C GLN B 208 48.37 5.09 10.13
N THR B 209 47.53 5.19 9.12
CA THR B 209 46.05 5.03 9.24
C THR B 209 45.68 3.61 9.61
N PRO B 210 44.73 3.37 10.54
CA PRO B 210 44.27 2.01 10.84
C PRO B 210 43.43 1.43 9.70
N PRO B 211 43.76 0.23 9.17
CA PRO B 211 42.86 -0.43 8.24
C PRO B 211 41.52 -0.78 8.91
N VAL B 212 40.45 -0.68 8.11
CA VAL B 212 39.08 -1.06 8.54
C VAL B 212 38.49 -1.93 7.45
N LEU B 213 38.27 -3.21 7.75
CA LEU B 213 37.78 -4.19 6.77
C LEU B 213 36.62 -4.96 7.39
N THR B 214 35.55 -5.19 6.63
CA THR B 214 34.38 -5.98 7.07
C THR B 214 34.25 -7.19 6.15
N PHE B 215 33.70 -8.28 6.64
CA PHE B 215 33.42 -9.47 5.81
C PHE B 215 32.12 -10.08 6.33
N THR B 216 31.31 -10.55 5.39
CA THR B 216 30.07 -11.30 5.67
C THR B 216 29.71 -12.09 4.41
N ASN B 217 28.96 -13.16 4.56
CA ASN B 217 28.36 -13.89 3.41
C ASN B 217 26.89 -13.47 3.25
N THR B 218 26.45 -12.40 3.93
CA THR B 218 25.01 -12.04 3.94
C THR B 218 24.69 -10.87 3.02
N GLN B 219 25.65 -10.31 2.27
CA GLN B 219 25.45 -9.03 1.56
C GLN B 219 25.41 -9.32 0.06
N THR B 220 24.34 -8.94 -0.63
CA THR B 220 24.22 -9.06 -2.11
C THR B 220 23.98 -7.69 -2.72
N THR B 221 24.74 -7.35 -3.76
CA THR B 221 24.66 -6.08 -4.51
C THR B 221 23.99 -6.33 -5.86
N ILE B 222 22.93 -5.57 -6.18
CA ILE B 222 22.16 -5.72 -7.45
C ILE B 222 22.91 -4.96 -8.54
N LEU B 223 23.14 -5.57 -9.71
CA LEU B 223 23.92 -4.95 -10.82
C LEU B 223 23.05 -4.32 -11.92
N LEU B 224 21.72 -4.32 -11.76
CA LEU B 224 20.77 -3.71 -12.74
C LEU B 224 20.96 -2.18 -12.79
N ASP B 225 20.98 -1.60 -13.99
CA ASP B 225 20.96 -0.13 -14.23
C ASP B 225 19.54 0.39 -14.04
N GLU B 226 19.35 1.71 -14.17
CA GLU B 226 18.05 2.42 -14.02
C GLU B 226 16.97 1.75 -14.90
N ASN B 227 17.35 1.21 -16.05
CA ASN B 227 16.43 0.58 -17.03
C ASN B 227 16.16 -0.90 -16.69
N GLY B 228 16.71 -1.42 -15.58
CA GLY B 228 16.54 -2.83 -15.17
C GLY B 228 17.46 -3.77 -15.92
N VAL B 229 18.50 -3.24 -16.58
CA VAL B 229 19.47 -4.03 -17.39
C VAL B 229 20.81 -4.16 -16.62
N GLY B 230 21.25 -5.41 -16.44
CA GLY B 230 22.58 -5.77 -15.90
C GLY B 230 23.64 -5.73 -16.99
N PRO B 231 24.94 -5.80 -16.64
CA PRO B 231 25.99 -6.00 -17.63
C PRO B 231 25.66 -7.16 -18.58
N LEU B 232 25.84 -6.95 -19.89
CA LEU B 232 25.56 -7.99 -20.92
C LEU B 232 26.92 -8.49 -21.42
N CYS B 233 27.17 -9.78 -21.24
CA CYS B 233 28.51 -10.39 -21.40
C CYS B 233 28.81 -10.67 -22.89
N LYS B 234 29.53 -9.74 -23.53
CA LYS B 234 29.90 -9.82 -24.96
C LYS B 234 30.85 -11.00 -25.15
N GLY B 235 30.49 -11.93 -26.03
CA GLY B 235 31.34 -13.09 -26.34
C GLY B 235 31.29 -14.12 -25.24
N ASP B 236 30.22 -14.11 -24.42
CA ASP B 236 29.96 -15.09 -23.34
C ASP B 236 31.11 -15.00 -22.30
N GLY B 237 31.68 -13.81 -22.12
CA GLY B 237 32.77 -13.52 -21.16
C GLY B 237 32.31 -12.53 -20.09
N LEU B 238 32.54 -12.87 -18.81
CA LEU B 238 32.31 -11.99 -17.62
C LEU B 238 33.65 -11.39 -17.17
N PHE B 239 33.74 -10.06 -17.06
CA PHE B 239 35.00 -9.34 -16.76
C PHE B 239 34.97 -8.92 -15.27
N LEU B 240 35.93 -9.41 -14.50
CA LEU B 240 36.13 -9.11 -13.06
C LEU B 240 37.43 -8.34 -12.91
N SER B 241 37.40 -7.20 -12.21
CA SER B 241 38.62 -6.41 -11.92
C SER B 241 38.64 -5.97 -10.45
N CYS B 242 39.83 -5.82 -9.86
CA CYS B 242 39.97 -5.28 -8.49
C CYS B 242 41.40 -4.81 -8.20
N ALA B 243 41.51 -4.00 -7.16
CA ALA B 243 42.74 -3.73 -6.39
C ALA B 243 42.34 -3.66 -4.92
N ASP B 244 43.14 -4.28 -4.05
CA ASP B 244 42.85 -4.34 -2.59
C ASP B 244 44.16 -4.16 -1.81
N ILE B 245 44.64 -2.93 -1.83
CA ILE B 245 45.75 -2.40 -1.00
C ILE B 245 45.23 -2.21 0.41
N VAL B 246 45.78 -3.00 1.34
CA VAL B 246 45.25 -2.99 2.73
C VAL B 246 46.05 -1.96 3.53
N GLY B 247 47.32 -1.79 3.21
CA GLY B 247 48.19 -0.81 3.89
C GLY B 247 49.62 -1.21 3.66
N PHE B 248 50.50 -0.82 4.56
CA PHE B 248 51.96 -1.04 4.44
C PHE B 248 52.45 -1.99 5.55
N PHE B 249 53.43 -2.80 5.18
CA PHE B 249 54.22 -3.66 6.11
C PHE B 249 55.52 -2.93 6.40
N THR B 250 55.83 -2.70 7.68
CA THR B 250 57.03 -1.94 8.11
C THR B 250 57.99 -2.87 8.85
N GLN B 251 59.22 -2.92 8.35
CA GLN B 251 60.28 -3.78 8.92
C GLN B 251 60.86 -3.05 10.14
N HIS B 252 61.63 -3.79 10.95
CA HIS B 252 62.49 -3.22 12.02
C HIS B 252 63.37 -2.10 11.49
N ASN B 253 63.95 -2.28 10.29
CA ASN B 253 64.84 -1.24 9.68
C ASN B 253 64.01 -0.16 8.96
N LYS B 254 62.68 -0.22 9.09
CA LYS B 254 61.72 0.82 8.64
C LYS B 254 61.52 0.85 7.13
N LYS B 255 61.95 -0.19 6.42
CA LYS B 255 61.59 -0.42 5.00
C LYS B 255 60.10 -0.78 4.94
N MET B 256 59.40 -0.19 3.99
CA MET B 256 57.92 -0.34 3.89
C MET B 256 57.58 -0.90 2.51
N SER B 257 56.66 -1.85 2.50
CA SER B 257 56.09 -2.50 1.30
C SER B 257 54.57 -2.38 1.36
N PHE B 258 53.91 -2.42 0.21
CA PHE B 258 52.45 -2.62 0.13
C PHE B 258 52.14 -4.06 0.55
N ARG B 259 50.99 -4.25 1.20
CA ARG B 259 50.39 -5.57 1.43
C ARG B 259 48.96 -5.57 0.87
N GLY B 260 48.61 -6.64 0.15
CA GLY B 260 47.32 -6.77 -0.54
C GLY B 260 46.63 -8.01 -0.10
N LEU B 261 45.34 -8.14 -0.41
CA LEU B 261 44.55 -9.33 -0.05
C LEU B 261 43.76 -9.75 -1.29
N PRO B 262 43.45 -11.06 -1.43
CA PRO B 262 42.65 -11.55 -2.55
C PRO B 262 41.17 -11.21 -2.38
N ARG B 263 40.46 -11.12 -3.50
CA ARG B 263 39.02 -10.79 -3.52
C ARG B 263 38.24 -11.99 -4.04
N TYR B 264 37.14 -12.30 -3.37
CA TYR B 264 36.12 -13.28 -3.80
C TYR B 264 35.07 -12.55 -4.63
N PHE B 265 34.58 -13.21 -5.70
CA PHE B 265 33.38 -12.77 -6.47
C PHE B 265 32.40 -13.92 -6.63
N ARG B 266 31.12 -13.66 -6.31
CA ARG B 266 29.98 -14.50 -6.73
C ARG B 266 29.16 -13.64 -7.66
N VAL B 267 28.90 -14.13 -8.88
CA VAL B 267 28.00 -13.41 -9.83
C VAL B 267 26.88 -14.37 -10.25
N THR B 268 25.64 -13.89 -10.16
CA THR B 268 24.40 -14.55 -10.66
C THR B 268 24.07 -13.96 -12.03
N LEU B 269 23.83 -14.80 -13.03
CA LEU B 269 23.53 -14.31 -14.42
C LEU B 269 22.28 -15.01 -14.92
N ARG B 270 21.47 -14.30 -15.71
CA ARG B 270 20.26 -14.84 -16.39
C ARG B 270 20.40 -14.60 -17.90
N LYS B 271 19.73 -15.41 -18.72
CA LYS B 271 19.72 -15.25 -20.20
C LYS B 271 18.82 -14.07 -20.58
N ARG B 272 19.32 -13.19 -21.45
CA ARG B 272 18.57 -12.00 -21.94
C ARG B 272 18.55 -12.05 -23.48
N VAL B 273 17.36 -11.95 -24.07
CA VAL B 273 17.23 -11.84 -25.55
C VAL B 273 17.67 -10.44 -25.98
N VAL B 274 18.52 -10.35 -27.00
CA VAL B 274 18.90 -9.07 -27.67
C VAL B 274 18.74 -9.26 -29.18
N LYS B 275 18.76 -8.17 -29.94
CA LYS B 275 18.60 -8.16 -31.43
C LYS B 275 19.95 -8.44 -32.12
N GLY C 6 22.89 -30.04 -0.90
CA GLY C 6 21.78 -30.82 -1.51
C GLY C 6 20.87 -31.43 -0.46
N ILE C 7 20.08 -30.59 0.23
CA ILE C 7 18.93 -30.99 1.09
C ILE C 7 17.66 -30.35 0.50
N GLU C 8 16.64 -31.14 0.17
CA GLU C 8 15.33 -30.64 -0.33
C GLU C 8 14.55 -30.06 0.85
N VAL C 9 14.29 -28.74 0.83
CA VAL C 9 13.61 -28.02 1.94
C VAL C 9 12.11 -27.90 1.58
N LEU C 10 11.24 -28.44 2.44
CA LEU C 10 9.76 -28.32 2.29
C LEU C 10 9.23 -27.28 3.30
N ALA C 11 8.16 -27.60 4.02
CA ALA C 11 7.30 -26.61 4.71
C ALA C 11 7.77 -26.40 6.16
N VAL C 12 7.57 -25.18 6.65
CA VAL C 12 7.71 -24.78 8.09
C VAL C 12 6.58 -25.41 8.91
N ARG C 13 6.86 -25.81 10.15
CA ARG C 13 5.89 -26.53 11.04
C ARG C 13 5.22 -25.59 12.05
N THR C 14 4.15 -26.11 12.69
CA THR C 14 3.58 -25.61 13.98
C THR C 14 2.66 -26.70 14.55
N ASP C 17 4.90 -25.47 20.22
CA ASP C 17 5.61 -26.78 20.17
C ASP C 17 6.78 -26.74 19.16
N SER C 18 6.72 -25.86 18.16
CA SER C 18 7.55 -25.92 16.92
C SER C 18 8.69 -24.89 16.94
N ILE C 19 8.76 -24.07 17.99
CA ILE C 19 9.76 -22.98 18.16
C ILE C 19 10.55 -23.28 19.43
N THR C 20 11.85 -23.01 19.43
CA THR C 20 12.71 -23.17 20.63
C THR C 20 13.74 -22.04 20.63
N GLU C 21 14.24 -21.70 21.80
CA GLU C 21 15.26 -20.64 21.98
C GLU C 21 16.43 -21.24 22.74
N ILE C 22 17.66 -21.00 22.29
CA ILE C 22 18.85 -21.32 23.13
C ILE C 22 19.61 -20.03 23.43
N GLU C 23 20.30 -20.05 24.57
CA GLU C 23 21.30 -19.03 24.97
C GLU C 23 22.63 -19.73 25.29
N ALA C 24 23.74 -19.11 24.90
CA ALA C 24 25.09 -19.67 25.13
C ALA C 24 26.08 -18.53 25.25
N TYR C 25 27.20 -18.80 25.90
CA TYR C 25 28.37 -17.89 25.96
C TYR C 25 29.55 -18.64 25.39
N LEU C 26 30.38 -17.94 24.63
CA LEU C 26 31.74 -18.39 24.26
C LEU C 26 32.74 -17.47 24.97
N ASN C 27 33.56 -18.08 25.78
CA ASN C 27 34.71 -17.42 26.44
C ASN C 27 35.80 -17.28 25.38
N PRO C 28 36.55 -16.16 25.43
CA PRO C 28 37.61 -15.90 24.46
C PRO C 28 38.78 -16.84 24.73
N ARG C 29 39.61 -16.99 23.71
CA ARG C 29 40.78 -17.91 23.70
C ARG C 29 41.96 -17.12 23.19
N MET C 30 42.40 -16.17 24.01
CA MET C 30 43.46 -15.20 23.65
C MET C 30 44.86 -15.79 23.91
N GLY C 31 44.94 -16.92 24.63
CA GLY C 31 46.21 -17.68 24.77
C GLY C 31 46.50 -18.13 26.18
N GLN C 32 46.34 -17.27 27.19
CA GLN C 32 46.68 -17.66 28.57
C GLN C 32 45.67 -18.70 29.05
N PRO C 33 46.12 -19.66 29.89
CA PRO C 33 45.26 -20.77 30.30
C PRO C 33 44.08 -20.33 31.20
N GLN C 34 42.97 -21.04 31.02
CA GLN C 34 41.71 -20.95 31.79
C GLN C 34 41.98 -21.13 33.28
N ASN C 35 41.27 -20.37 34.11
CA ASN C 35 41.21 -20.57 35.58
C ASN C 35 42.56 -20.19 36.21
N GLU C 36 43.41 -19.43 35.51
CA GLU C 36 44.69 -18.91 36.02
C GLU C 36 44.67 -17.38 35.85
N ASP C 37 45.65 -16.68 36.42
CA ASP C 37 45.53 -15.24 36.74
C ASP C 37 45.41 -14.42 35.45
N PHE C 38 45.82 -14.93 34.27
CA PHE C 38 45.85 -14.14 32.99
C PHE C 38 44.76 -14.57 32.02
N TYR C 39 43.71 -15.22 32.52
CA TYR C 39 42.58 -15.71 31.68
C TYR C 39 41.87 -14.49 31.09
N GLY C 40 41.69 -14.51 29.75
CA GLY C 40 41.14 -13.40 28.95
C GLY C 40 42.24 -12.69 28.18
N PHE C 41 43.49 -12.95 28.51
CA PHE C 41 44.68 -12.30 27.89
C PHE C 41 45.50 -13.34 27.15
N SER C 42 46.31 -12.89 26.19
CA SER C 42 47.48 -13.63 25.68
C SER C 42 48.63 -13.43 26.66
N ASP C 43 49.67 -14.26 26.54
CA ASP C 43 50.98 -13.91 27.11
C ASP C 43 51.55 -12.74 26.31
N ASN C 44 52.58 -12.11 26.86
CA ASN C 44 53.31 -10.95 26.31
C ASN C 44 53.88 -11.31 24.94
N VAL C 45 53.59 -10.46 23.95
CA VAL C 45 53.91 -10.77 22.52
C VAL C 45 55.38 -10.46 22.27
N THR C 46 56.10 -11.45 21.72
CA THR C 46 57.46 -11.31 21.16
C THR C 46 57.38 -11.20 19.63
N VAL C 47 58.37 -10.57 19.02
CA VAL C 47 58.36 -10.27 17.56
C VAL C 47 59.66 -10.80 16.96
N SER C 48 59.52 -11.55 15.87
CA SER C 48 60.66 -12.17 15.14
C SER C 48 61.42 -11.11 14.37
N ASP C 49 62.66 -11.42 13.99
CA ASP C 49 63.56 -10.48 13.28
C ASP C 49 63.29 -10.59 11.79
N ASP C 50 62.78 -11.73 11.33
CA ASP C 50 62.63 -11.99 9.88
C ASP C 50 61.64 -13.14 9.68
N PHE C 51 61.05 -13.21 8.49
CA PHE C 51 59.99 -14.19 8.13
C PHE C 51 60.56 -15.61 8.25
N GLY C 52 61.85 -15.72 7.96
CA GLY C 52 62.63 -16.99 7.96
C GLY C 52 62.71 -17.64 9.34
N SER C 53 62.72 -16.84 10.41
CA SER C 53 62.92 -17.31 11.81
C SER C 53 61.82 -16.75 12.71
N ASP C 54 60.60 -17.20 12.45
CA ASP C 54 59.33 -16.59 12.92
C ASP C 54 58.53 -17.71 13.55
N ALA C 55 58.61 -17.87 14.86
CA ALA C 55 57.97 -19.00 15.57
C ALA C 55 57.17 -18.42 16.71
N PRO C 56 55.88 -18.02 16.52
CA PRO C 56 55.10 -17.43 17.61
C PRO C 56 54.83 -18.50 18.68
N PRO C 57 55.30 -18.32 19.92
CA PRO C 57 55.04 -19.29 20.99
C PRO C 57 53.58 -19.48 21.34
N TRP C 58 53.22 -20.72 21.67
CA TRP C 58 51.89 -21.00 22.26
C TRP C 58 51.61 -20.01 23.40
N LYS C 59 50.37 -19.52 23.44
CA LYS C 59 49.87 -18.56 24.46
C LYS C 59 50.05 -17.11 23.99
N GLN C 60 50.85 -16.83 22.97
CA GLN C 60 51.07 -15.40 22.56
C GLN C 60 50.15 -14.92 21.44
N PHE C 61 49.22 -15.75 20.96
CA PHE C 61 48.27 -15.36 19.89
C PHE C 61 46.91 -15.99 20.13
N PRO C 62 45.84 -15.29 19.67
CA PRO C 62 44.48 -15.73 19.87
C PRO C 62 44.05 -16.81 18.88
N CYS C 63 43.14 -17.64 19.34
CA CYS C 63 42.47 -18.67 18.52
C CYS C 63 40.96 -18.44 18.53
N TYR C 64 40.25 -19.04 17.58
CA TYR C 64 38.78 -18.91 17.51
C TYR C 64 38.20 -19.72 18.65
N SER C 65 37.08 -19.21 19.16
CA SER C 65 36.17 -19.91 20.09
C SER C 65 35.10 -20.60 19.24
N THR C 66 34.64 -21.77 19.67
CA THR C 66 33.57 -22.52 19.00
C THR C 66 32.91 -23.48 20.01
N ALA C 67 31.65 -23.79 19.77
CA ALA C 67 30.82 -24.72 20.55
C ALA C 67 29.71 -25.30 19.67
N ARG C 68 29.37 -26.55 19.92
CA ARG C 68 28.19 -27.21 19.35
C ARG C 68 27.13 -27.30 20.44
N ILE C 69 25.96 -26.70 20.23
CA ILE C 69 24.81 -26.74 21.20
C ILE C 69 23.91 -27.91 20.78
N SER C 70 23.62 -28.81 21.71
CA SER C 70 22.70 -29.95 21.48
C SER C 70 21.27 -29.43 21.56
N LEU C 71 20.54 -29.55 20.46
CA LEU C 71 19.11 -29.14 20.35
C LEU C 71 18.23 -30.30 20.78
N PRO C 72 16.92 -30.09 21.11
CA PRO C 72 16.02 -31.22 21.35
C PRO C 72 15.94 -32.17 20.16
N MET C 73 15.76 -33.48 20.43
CA MET C 73 15.76 -34.53 19.36
C MET C 73 14.42 -34.47 18.61
N LEU C 74 14.46 -34.73 17.30
CA LEU C 74 13.27 -34.60 16.42
C LEU C 74 13.02 -35.95 15.73
N THR C 82 10.43 -37.64 4.63
CA THR C 82 10.13 -36.37 5.35
C THR C 82 10.69 -36.42 6.78
N ILE C 83 11.83 -35.76 7.01
CA ILE C 83 12.47 -35.59 8.35
C ILE C 83 12.25 -34.14 8.81
N LEU C 84 12.23 -33.90 10.13
CA LEU C 84 12.25 -32.52 10.71
C LEU C 84 13.68 -32.13 11.08
N MET C 85 14.05 -30.85 10.86
CA MET C 85 15.31 -30.25 11.35
C MET C 85 15.02 -28.91 12.03
N TRP C 86 15.79 -28.57 13.06
CA TRP C 86 15.86 -27.20 13.63
C TRP C 86 16.48 -26.26 12.59
N GLU C 87 15.77 -25.16 12.31
CA GLU C 87 16.13 -24.08 11.38
C GLU C 87 16.30 -22.79 12.19
N ALA C 88 17.51 -22.25 12.21
CA ALA C 88 17.87 -20.99 12.91
C ALA C 88 17.31 -19.81 12.11
N ILE C 89 16.39 -19.05 12.68
CA ILE C 89 15.67 -17.96 11.94
C ILE C 89 16.17 -16.59 12.41
N SER C 90 16.65 -16.45 13.65
CA SER C 90 17.11 -15.14 14.17
C SER C 90 18.13 -15.34 15.28
N CYS C 91 18.86 -14.28 15.61
CA CYS C 91 19.76 -14.29 16.77
C CYS C 91 19.86 -12.88 17.37
N ARG C 92 20.24 -12.83 18.64
CA ARG C 92 20.88 -11.68 19.29
C ARG C 92 22.31 -12.13 19.60
N THR C 93 23.26 -11.25 19.47
CA THR C 93 24.62 -11.51 19.96
C THR C 93 25.10 -10.23 20.63
N GLU C 94 25.94 -10.39 21.64
CA GLU C 94 26.48 -9.27 22.43
C GLU C 94 27.89 -9.63 22.89
N VAL C 95 28.79 -8.69 22.76
CA VAL C 95 30.09 -8.74 23.49
C VAL C 95 29.82 -8.29 24.93
N MET C 96 30.11 -9.15 25.89
CA MET C 96 29.88 -8.87 27.34
C MET C 96 31.17 -8.36 27.97
N GLY C 97 31.03 -7.74 29.14
CA GLY C 97 32.15 -7.20 29.92
C GLY C 97 32.81 -5.97 29.28
N VAL C 98 32.19 -5.32 28.30
CA VAL C 98 32.65 -3.98 27.77
C VAL C 98 32.94 -3.05 28.98
N ASN C 99 32.15 -3.13 30.05
CA ASN C 99 32.28 -2.30 31.28
C ASN C 99 33.70 -2.37 31.86
N MET C 100 34.41 -3.50 31.70
CA MET C 100 35.72 -3.69 32.37
C MET C 100 36.76 -2.76 31.76
N LEU C 101 36.51 -2.28 30.54
CA LEU C 101 37.49 -1.45 29.80
C LEU C 101 37.54 -0.01 30.35
N THR C 102 36.71 0.31 31.35
CA THR C 102 36.79 1.57 32.13
C THR C 102 37.87 1.48 33.21
N ASN C 103 38.52 0.32 33.40
CA ASN C 103 39.70 0.14 34.29
C ASN C 103 40.97 0.78 33.66
N VAL C 104 41.48 1.83 34.30
CA VAL C 104 42.78 2.47 33.95
C VAL C 104 43.70 2.53 35.17
N HIS C 105 43.57 1.57 36.11
CA HIS C 105 44.45 1.47 37.31
C HIS C 105 45.20 0.12 37.41
N SER C 106 44.85 -0.92 36.66
CA SER C 106 45.42 -2.29 36.85
C SER C 106 46.74 -2.44 36.08
N ALA C 107 47.87 -2.08 36.68
CA ALA C 107 49.24 -2.42 36.20
C ALA C 107 49.51 -1.95 34.76
N GLN C 108 48.97 -0.79 34.39
CA GLN C 108 49.03 -0.26 32.99
C GLN C 108 50.09 0.83 32.86
N LYS C 109 50.82 0.82 31.75
CA LYS C 109 51.63 1.97 31.37
C LYS C 109 50.79 3.24 31.53
N ARG C 110 51.37 4.24 32.13
CA ARG C 110 50.65 5.51 32.38
CA ARG C 110 50.71 5.55 32.42
C ARG C 110 50.79 6.45 31.19
N VAL C 111 49.86 7.40 31.09
CA VAL C 111 49.79 8.35 29.96
C VAL C 111 51.09 9.14 29.94
N TYR C 112 51.56 9.57 31.12
CA TYR C 112 52.80 10.39 31.29
C TYR C 112 53.86 9.58 32.05
N GLU C 113 54.33 8.50 31.44
CA GLU C 113 55.30 7.55 32.06
C GLU C 113 56.52 8.31 32.59
N ASN C 114 57.02 9.30 31.85
CA ASN C 114 58.21 10.12 32.20
C ASN C 114 57.95 10.95 33.46
N ASP C 115 56.70 11.11 33.86
CA ASP C 115 56.33 11.90 35.04
C ASP C 115 55.74 10.98 36.11
N ARG C 116 55.69 9.65 35.87
CA ARG C 116 54.99 8.62 36.71
C ARG C 116 53.57 9.09 37.05
N GLU C 117 52.89 9.70 36.08
CA GLU C 117 51.59 10.33 36.33
C GLU C 117 50.60 9.96 35.22
N GLY C 118 49.33 10.22 35.53
CA GLY C 118 48.19 10.07 34.62
C GLY C 118 47.51 8.75 34.88
N THR C 119 46.42 8.48 34.19
CA THR C 119 45.77 7.16 34.20
C THR C 119 46.68 6.13 33.53
N GLY C 120 46.30 4.86 33.65
CA GLY C 120 46.69 3.87 32.65
C GLY C 120 46.21 4.26 31.25
N ILE C 121 46.94 3.78 30.22
CA ILE C 121 46.57 4.01 28.79
C ILE C 121 45.39 3.12 28.41
N GLY C 122 45.04 2.16 29.27
CA GLY C 122 43.87 1.30 29.02
C GLY C 122 44.15 0.28 27.92
N VAL C 123 43.13 -0.35 27.39
CA VAL C 123 43.20 -1.28 26.22
C VAL C 123 43.08 -0.43 24.96
N GLU C 124 44.06 -0.57 24.07
CA GLU C 124 44.00 0.12 22.75
C GLU C 124 44.67 -0.74 21.70
N GLY C 125 44.43 -0.40 20.43
CA GLY C 125 44.94 -1.16 19.27
C GLY C 125 43.86 -1.94 18.55
N MET C 126 44.24 -3.02 17.86
CA MET C 126 43.38 -3.67 16.87
C MET C 126 42.13 -4.29 17.53
N GLY C 127 41.02 -4.14 16.85
CA GLY C 127 39.76 -4.80 17.19
C GLY C 127 39.51 -5.82 16.11
N TYR C 128 39.21 -7.05 16.49
CA TYR C 128 38.83 -8.09 15.51
C TYR C 128 37.62 -8.77 16.10
N HIS C 129 36.45 -8.54 15.50
CA HIS C 129 35.13 -9.00 16.01
C HIS C 129 34.42 -9.77 14.90
N MET C 130 34.14 -11.05 15.15
CA MET C 130 33.50 -11.95 14.18
C MET C 130 32.69 -12.99 14.93
N PHE C 131 31.61 -13.43 14.32
CA PHE C 131 30.74 -14.49 14.87
C PHE C 131 30.13 -15.21 13.68
N ALA C 132 29.85 -16.50 13.87
CA ALA C 132 29.19 -17.36 12.86
C ALA C 132 28.17 -18.22 13.59
N ILE C 133 27.03 -18.42 12.95
CA ILE C 133 25.94 -19.29 13.46
C ILE C 133 25.52 -20.20 12.29
N GLY C 134 25.57 -21.52 12.48
CA GLY C 134 25.45 -22.48 11.37
C GLY C 134 24.85 -23.80 11.80
N GLY C 135 24.41 -24.58 10.81
CA GLY C 135 23.92 -25.97 11.00
C GLY C 135 25.04 -27.00 10.87
N GLU C 136 26.29 -26.55 10.77
CA GLU C 136 27.48 -27.41 10.67
C GLU C 136 28.71 -26.57 10.98
N PRO C 137 29.90 -27.19 11.28
CA PRO C 137 31.08 -26.41 11.60
C PRO C 137 31.37 -25.30 10.59
N LEU C 138 31.89 -24.17 11.05
CA LEU C 138 32.28 -23.08 10.12
C LEU C 138 33.36 -23.60 9.17
N GLU C 139 33.22 -23.30 7.88
CA GLU C 139 34.20 -23.70 6.83
C GLU C 139 35.24 -22.59 6.66
N LEU C 140 36.50 -22.98 6.66
CA LEU C 140 37.65 -22.05 6.83
C LEU C 140 38.53 -22.07 5.59
N GLN C 141 39.10 -20.91 5.30
CA GLN C 141 40.20 -20.70 4.31
C GLN C 141 41.46 -20.37 5.11
N PHE C 142 42.52 -21.15 4.87
CA PHE C 142 43.84 -20.91 5.50
C PHE C 142 44.52 -19.76 4.76
N MET C 143 44.94 -18.74 5.49
CA MET C 143 45.70 -17.61 4.89
C MET C 143 46.46 -16.91 6.01
N VAL C 144 47.73 -16.59 5.75
CA VAL C 144 48.70 -16.09 6.76
C VAL C 144 49.45 -14.92 6.15
N PHE C 145 49.89 -14.02 7.02
CA PHE C 145 50.76 -12.89 6.68
C PHE C 145 52.08 -13.41 6.12
N ASN C 146 52.63 -14.47 6.73
CA ASN C 146 53.99 -15.01 6.43
C ASN C 146 53.89 -16.55 6.42
N HIS C 147 54.02 -17.19 5.25
CA HIS C 147 53.88 -18.67 5.12
C HIS C 147 55.00 -19.41 5.87
N ARG C 148 56.15 -18.78 6.09
CA ARG C 148 57.35 -19.42 6.74
C ARG C 148 57.22 -19.39 8.26
N ALA C 149 56.14 -18.83 8.81
CA ALA C 149 55.85 -18.93 10.27
C ALA C 149 55.72 -20.41 10.66
N THR C 150 56.44 -20.81 11.72
CA THR C 150 56.31 -22.09 12.45
C THR C 150 55.35 -21.91 13.64
N TYR C 151 54.13 -22.43 13.50
CA TYR C 151 53.11 -22.43 14.57
C TYR C 151 53.44 -23.53 15.56
N PRO C 152 53.07 -23.34 16.85
CA PRO C 152 53.39 -24.31 17.89
C PRO C 152 52.57 -25.59 17.75
N ALA C 153 52.96 -26.64 18.48
CA ALA C 153 52.34 -27.98 18.42
C ALA C 153 50.87 -27.93 18.83
N GLU C 154 50.53 -27.07 19.81
CA GLU C 154 49.15 -26.92 20.36
C GLU C 154 48.18 -26.41 19.30
N ALA C 155 48.66 -25.69 18.28
CA ALA C 155 47.81 -25.00 17.29
C ALA C 155 47.50 -25.94 16.14
N THR C 156 46.31 -25.83 15.57
CA THR C 156 45.85 -26.55 14.36
C THR C 156 46.07 -25.63 13.15
N VAL C 157 46.99 -26.02 12.28
CA VAL C 157 47.38 -25.21 11.10
C VAL C 157 47.62 -26.19 9.97
N ILE C 158 47.63 -25.71 8.74
CA ILE C 158 48.22 -26.46 7.60
C ILE C 158 49.74 -26.27 7.66
N LYS C 159 50.51 -27.35 7.81
CA LYS C 159 51.99 -27.24 7.92
C LYS C 159 52.61 -27.05 6.53
N ASN C 160 53.73 -26.33 6.47
CA ASN C 160 54.48 -26.02 5.21
C ASN C 160 53.49 -25.60 4.13
N PRO C 161 52.67 -24.54 4.38
CA PRO C 161 51.54 -24.25 3.51
C PRO C 161 51.90 -23.71 2.12
N GLY C 162 53.10 -23.14 1.97
CA GLY C 162 53.63 -22.62 0.70
C GLY C 162 53.39 -21.12 0.53
N ALA C 163 54.12 -20.48 -0.38
CA ALA C 163 54.07 -19.02 -0.62
C ALA C 163 52.64 -18.59 -0.99
N SER C 164 51.89 -19.48 -1.66
CA SER C 164 50.50 -19.29 -2.12
C SER C 164 49.56 -19.01 -0.93
N SER C 165 49.94 -19.41 0.30
CA SER C 165 49.07 -19.30 1.51
C SER C 165 49.10 -17.87 2.06
N GLN C 166 49.94 -17.00 1.50
CA GLN C 166 49.96 -15.55 1.81
C GLN C 166 48.81 -14.84 1.09
N VAL C 167 48.25 -15.45 0.05
CA VAL C 167 47.08 -14.92 -0.72
C VAL C 167 46.13 -16.10 -0.85
N PHE C 168 45.24 -16.15 -1.83
CA PHE C 168 44.25 -17.23 -1.90
C PHE C 168 44.85 -18.43 -2.64
N ASP C 169 44.78 -19.61 -2.03
CA ASP C 169 45.15 -20.92 -2.68
C ASP C 169 43.98 -21.86 -2.42
N PRO C 170 43.28 -22.31 -3.49
CA PRO C 170 42.07 -23.11 -3.35
C PRO C 170 42.22 -24.46 -2.66
N ASN C 171 43.44 -24.97 -2.48
CA ASN C 171 43.68 -26.29 -1.82
C ASN C 171 43.70 -26.14 -0.29
N LEU C 172 43.80 -24.93 0.26
CA LEU C 172 44.14 -24.74 1.70
C LEU C 172 42.85 -24.46 2.48
N LYS C 173 42.14 -25.54 2.80
CA LYS C 173 40.76 -25.54 3.33
C LYS C 173 40.78 -26.14 4.74
N GLY C 174 39.74 -25.87 5.51
CA GLY C 174 39.58 -26.45 6.86
C GLY C 174 38.19 -26.19 7.36
N THR C 175 37.84 -26.82 8.48
CA THR C 175 36.57 -26.56 9.20
C THR C 175 36.92 -26.33 10.67
N LEU C 176 36.20 -25.42 11.32
CA LEU C 176 36.44 -25.04 12.73
C LEU C 176 35.85 -26.13 13.63
N THR C 177 36.65 -27.14 13.98
CA THR C 177 36.12 -28.36 14.67
C THR C 177 36.58 -28.46 16.12
N ALA C 178 37.37 -27.50 16.61
CA ALA C 178 37.89 -27.51 18.00
C ALA C 178 38.00 -26.07 18.53
N ASP C 179 37.61 -25.89 19.79
CA ASP C 179 37.71 -24.63 20.55
C ASP C 179 39.19 -24.33 20.86
N GLY C 180 39.59 -23.07 20.70
CA GLY C 180 40.83 -22.53 21.29
C GLY C 180 42.12 -23.05 20.66
N VAL C 181 42.15 -23.52 19.40
CA VAL C 181 43.42 -24.06 18.81
C VAL C 181 43.60 -23.68 17.32
N PHE C 182 42.56 -23.15 16.67
CA PHE C 182 42.68 -22.56 15.32
C PHE C 182 43.12 -21.11 15.47
N PRO C 183 44.36 -20.75 15.13
CA PRO C 183 44.80 -19.36 15.25
C PRO C 183 44.01 -18.42 14.32
N VAL C 184 43.59 -17.28 14.87
CA VAL C 184 42.85 -16.24 14.12
C VAL C 184 43.74 -15.78 12.96
N GLU C 185 45.05 -15.65 13.18
CA GLU C 185 45.95 -15.05 12.15
C GLU C 185 46.21 -16.04 11.01
N ALA C 186 45.73 -17.28 11.09
CA ALA C 186 45.98 -18.35 10.10
C ALA C 186 44.70 -18.76 9.37
N TRP C 187 43.53 -18.52 9.95
CA TRP C 187 42.26 -19.03 9.38
C TRP C 187 41.19 -17.94 9.34
N GLY C 188 40.36 -17.94 8.31
CA GLY C 188 39.20 -17.03 8.18
C GLY C 188 38.04 -17.73 7.49
N PRO C 189 36.80 -17.15 7.56
CA PRO C 189 35.65 -17.69 6.85
C PRO C 189 35.91 -17.86 5.35
N ASP C 190 35.51 -19.02 4.85
CA ASP C 190 35.59 -19.40 3.42
C ASP C 190 34.31 -18.96 2.72
N PRO C 191 34.35 -17.89 1.88
CA PRO C 191 33.15 -17.43 1.17
C PRO C 191 32.72 -18.35 0.01
N PHE C 192 33.61 -19.26 -0.40
CA PHE C 192 33.34 -20.30 -1.43
C PHE C 192 32.45 -21.39 -0.83
N LYS C 193 32.42 -21.51 0.50
CA LYS C 193 31.52 -22.50 1.17
C LYS C 193 30.54 -21.76 2.10
N ASN C 194 30.16 -22.38 3.21
CA ASN C 194 29.34 -21.80 4.30
C ASN C 194 27.94 -21.49 3.76
N GLU C 195 27.40 -22.38 2.92
CA GLU C 195 26.00 -22.26 2.45
C GLU C 195 25.04 -22.43 3.63
N ASN C 196 25.46 -23.16 4.65
CA ASN C 196 24.61 -23.52 5.81
C ASN C 196 25.02 -22.71 7.05
N THR C 197 25.70 -21.58 6.88
CA THR C 197 26.23 -20.73 7.99
C THR C 197 26.13 -19.26 7.62
N ARG C 198 25.78 -18.40 8.57
CA ARG C 198 25.88 -16.94 8.42
C ARG C 198 27.08 -16.47 9.22
N TYR C 199 27.99 -15.74 8.60
CA TYR C 199 29.15 -15.15 9.32
C TYR C 199 29.18 -13.64 9.11
N PHE C 200 29.69 -12.96 10.13
CA PHE C 200 29.89 -11.48 10.14
C PHE C 200 31.19 -11.16 10.86
N GLY C 201 31.93 -10.22 10.30
CA GLY C 201 33.17 -9.74 10.93
C GLY C 201 33.52 -8.31 10.63
N GLN C 202 34.34 -7.72 11.51
CA GLN C 202 34.97 -6.43 11.31
C GLN C 202 36.38 -6.45 11.93
N TYR C 203 37.32 -5.91 11.19
CA TYR C 203 38.71 -5.66 11.63
C TYR C 203 38.95 -4.15 11.63
N THR C 204 39.46 -3.64 12.74
CA THR C 204 40.03 -2.28 12.84
C THR C 204 41.48 -2.45 13.32
N GLY C 205 42.46 -1.98 12.53
CA GLY C 205 43.89 -2.22 12.80
C GLY C 205 44.47 -1.21 13.76
N GLY C 206 45.81 -1.18 13.82
CA GLY C 206 46.59 -0.25 14.63
C GLY C 206 46.92 -0.85 16.00
N THR C 207 47.82 -0.20 16.72
CA THR C 207 48.20 -0.61 18.10
C THR C 207 47.77 0.44 19.14
N GLN C 208 47.52 1.67 18.70
CA GLN C 208 47.01 2.76 19.60
C GLN C 208 45.60 3.21 19.17
N THR C 209 44.96 2.47 18.28
CA THR C 209 43.56 2.76 17.90
C THR C 209 42.62 2.63 19.10
N PRO C 210 41.69 3.58 19.33
CA PRO C 210 40.67 3.39 20.36
C PRO C 210 39.70 2.25 20.08
N PRO C 211 39.43 1.33 21.02
CA PRO C 211 38.39 0.34 20.83
C PRO C 211 37.05 1.07 20.81
N VAL C 212 36.15 0.63 19.94
CA VAL C 212 34.74 1.10 19.79
C VAL C 212 33.80 -0.10 19.93
N LEU C 213 33.00 -0.16 21.00
CA LEU C 213 32.14 -1.35 21.26
C LEU C 213 30.76 -0.86 21.70
N THR C 214 29.71 -1.46 21.14
CA THR C 214 28.31 -1.14 21.49
C THR C 214 27.69 -2.39 22.08
N PHE C 215 26.68 -2.22 22.92
CA PHE C 215 25.96 -3.38 23.52
C PHE C 215 24.52 -2.95 23.78
N THR C 216 23.58 -3.83 23.48
CA THR C 216 22.14 -3.58 23.71
C THR C 216 21.44 -4.93 23.70
N ASN C 217 20.31 -5.05 24.39
CA ASN C 217 19.52 -6.30 24.31
C ASN C 217 18.36 -6.10 23.32
N THR C 218 18.40 -5.09 22.45
CA THR C 218 17.25 -4.68 21.61
C THR C 218 17.51 -5.04 20.13
N GLN C 219 18.62 -5.68 19.78
CA GLN C 219 18.94 -5.88 18.33
C GLN C 219 18.76 -7.36 17.98
N THR C 220 18.01 -7.62 16.91
CA THR C 220 17.78 -8.98 16.33
C THR C 220 18.28 -8.98 14.88
N THR C 221 19.05 -10.02 14.53
CA THR C 221 19.53 -10.29 13.16
C THR C 221 18.76 -11.49 12.62
N ILE C 222 18.10 -11.32 11.48
CA ILE C 222 17.38 -12.41 10.77
C ILE C 222 18.47 -13.23 10.08
N LEU C 223 18.37 -14.57 10.19
CA LEU C 223 19.38 -15.51 9.67
C LEU C 223 18.87 -16.21 8.41
N LEU C 224 17.62 -15.94 7.98
CA LEU C 224 17.04 -16.51 6.74
C LEU C 224 17.86 -16.00 5.56
N ASP C 225 18.11 -16.86 4.54
CA ASP C 225 18.80 -16.47 3.29
C ASP C 225 17.79 -15.88 2.29
N GLU C 226 18.24 -15.64 1.06
CA GLU C 226 17.48 -14.99 -0.04
C GLU C 226 16.26 -15.83 -0.44
N ASN C 227 16.16 -17.09 0.04
CA ASN C 227 15.05 -18.02 -0.26
C ASN C 227 14.13 -18.19 0.95
N GLY C 228 14.39 -17.49 2.05
CA GLY C 228 13.62 -17.63 3.30
C GLY C 228 14.02 -18.86 4.09
N VAL C 229 15.25 -19.37 3.93
CA VAL C 229 15.75 -20.57 4.68
C VAL C 229 16.91 -20.13 5.60
N GLY C 230 16.79 -20.45 6.88
CA GLY C 230 17.87 -20.32 7.88
C GLY C 230 18.79 -21.53 7.89
N PRO C 231 19.96 -21.46 8.59
CA PRO C 231 20.80 -22.64 8.82
C PRO C 231 19.99 -23.83 9.34
N LEU C 232 20.22 -25.00 8.75
CA LEU C 232 19.50 -26.25 9.10
C LEU C 232 20.47 -27.12 9.90
N CYS C 233 20.07 -27.45 11.13
CA CYS C 233 20.98 -27.98 12.18
C CYS C 233 21.20 -29.48 11.98
N LYS C 234 22.27 -29.84 11.28
CA LYS C 234 22.61 -31.25 10.95
C LYS C 234 22.93 -31.98 12.26
N GLY C 235 22.38 -33.18 12.42
CA GLY C 235 22.50 -33.97 13.66
C GLY C 235 21.88 -33.26 14.85
N ASP C 236 20.94 -32.34 14.61
CA ASP C 236 20.27 -31.58 15.70
C ASP C 236 21.33 -30.85 16.54
N GLY C 237 22.42 -30.38 15.91
CA GLY C 237 23.41 -29.49 16.54
C GLY C 237 23.42 -28.09 15.95
N LEU C 238 23.56 -27.07 16.81
CA LEU C 238 23.76 -25.65 16.41
C LEU C 238 25.23 -25.28 16.60
N PHE C 239 25.86 -24.72 15.56
CA PHE C 239 27.30 -24.38 15.58
C PHE C 239 27.50 -22.86 15.77
N LEU C 240 28.16 -22.53 16.88
CA LEU C 240 28.48 -21.15 17.32
C LEU C 240 29.99 -20.98 17.28
N SER C 241 30.45 -19.90 16.66
CA SER C 241 31.89 -19.56 16.51
C SER C 241 32.09 -18.05 16.70
N CYS C 242 33.21 -17.65 17.29
CA CYS C 242 33.54 -16.20 17.35
C CYS C 242 35.00 -15.99 17.65
N ALA C 243 35.39 -14.74 17.51
CA ALA C 243 36.63 -14.15 18.04
C ALA C 243 36.34 -12.68 18.32
N ASP C 244 36.75 -12.24 19.51
CA ASP C 244 36.55 -10.87 20.03
C ASP C 244 37.85 -10.37 20.64
N ILE C 245 38.77 -9.96 19.78
CA ILE C 245 40.02 -9.27 20.21
C ILE C 245 39.60 -7.83 20.44
N VAL C 246 39.80 -7.30 21.62
CA VAL C 246 39.37 -5.90 21.92
C VAL C 246 40.55 -4.98 21.67
N GLY C 247 41.78 -5.46 21.82
CA GLY C 247 42.97 -4.61 21.80
C GLY C 247 44.12 -5.19 22.59
N PHE C 248 45.12 -4.35 22.88
CA PHE C 248 46.31 -4.72 23.66
C PHE C 248 46.28 -4.07 25.04
N PHE C 249 46.70 -4.86 26.03
CA PHE C 249 47.08 -4.43 27.39
C PHE C 249 48.58 -4.19 27.38
N THR C 250 49.00 -3.00 27.84
CA THR C 250 50.40 -2.55 27.89
C THR C 250 50.86 -2.34 29.35
N GLN C 251 51.86 -3.12 29.78
CA GLN C 251 52.49 -3.04 31.14
C GLN C 251 53.37 -1.81 31.21
N HIS C 252 53.79 -1.50 32.43
CA HIS C 252 54.71 -0.37 32.70
C HIS C 252 56.00 -0.60 31.91
N ASN C 253 56.42 -1.85 31.73
CA ASN C 253 57.71 -2.15 31.06
C ASN C 253 57.50 -2.26 29.54
N LYS C 254 56.33 -1.89 29.02
CA LYS C 254 55.99 -1.78 27.57
C LYS C 254 55.73 -3.14 26.94
N LYS C 255 55.68 -4.23 27.73
CA LYS C 255 55.23 -5.56 27.25
C LYS C 255 53.72 -5.51 26.94
N MET C 256 53.31 -6.10 25.82
CA MET C 256 51.91 -6.00 25.34
C MET C 256 51.33 -7.39 25.16
N SER C 257 50.05 -7.53 25.50
CA SER C 257 49.24 -8.75 25.37
C SER C 257 47.92 -8.42 24.70
N PHE C 258 47.37 -9.37 23.95
CA PHE C 258 45.95 -9.35 23.53
C PHE C 258 45.05 -9.39 24.77
N ARG C 259 43.95 -8.65 24.74
CA ARG C 259 42.79 -8.83 25.67
C ARG C 259 41.56 -9.17 24.83
N GLY C 260 40.80 -10.17 25.27
CA GLY C 260 39.54 -10.53 24.60
C GLY C 260 38.36 -10.47 25.54
N LEU C 261 37.15 -10.53 24.99
CA LEU C 261 35.92 -10.59 25.78
C LEU C 261 35.02 -11.73 25.32
N PRO C 262 34.15 -12.18 26.25
CA PRO C 262 33.21 -13.26 26.00
C PRO C 262 32.06 -12.70 25.16
N ARG C 263 31.44 -13.60 24.38
CA ARG C 263 30.33 -13.27 23.48
C ARG C 263 29.09 -14.08 23.90
N TYR C 264 27.98 -13.36 23.98
CA TYR C 264 26.60 -13.91 24.19
C TYR C 264 25.89 -14.22 22.86
N PHE C 265 25.18 -15.34 22.83
CA PHE C 265 24.36 -15.79 21.68
C PHE C 265 22.97 -16.15 22.21
N ARG C 266 21.94 -15.59 21.60
CA ARG C 266 20.56 -16.12 21.73
C ARG C 266 20.12 -16.52 20.34
N VAL C 267 19.65 -17.75 20.16
CA VAL C 267 19.22 -18.18 18.81
C VAL C 267 17.81 -18.75 18.92
N THR C 268 16.95 -18.29 18.02
CA THR C 268 15.55 -18.76 17.88
C THR C 268 15.53 -19.72 16.70
N LEU C 269 14.98 -20.92 16.92
CA LEU C 269 14.92 -21.96 15.86
C LEU C 269 13.49 -22.49 15.76
N ARG C 270 13.11 -22.95 14.56
CA ARG C 270 11.77 -23.52 14.26
C ARG C 270 11.95 -24.87 13.56
N LYS C 271 10.92 -25.71 13.60
CA LYS C 271 10.89 -27.02 12.90
C LYS C 271 10.63 -26.78 11.41
N ARG C 272 11.51 -27.32 10.56
CA ARG C 272 11.38 -27.32 9.08
C ARG C 272 11.29 -28.77 8.62
N VAL C 273 10.31 -29.06 7.75
CA VAL C 273 10.20 -30.38 7.05
C VAL C 273 11.20 -30.34 5.89
N VAL C 274 12.01 -31.38 5.75
CA VAL C 274 13.05 -31.54 4.69
C VAL C 274 12.93 -32.93 4.05
N LYS C 275 13.50 -33.07 2.84
CA LYS C 275 13.66 -34.35 2.09
C LYS C 275 15.14 -34.69 2.01
N ILE D 7 3.93 -13.23 34.50
CA ILE D 7 2.92 -12.20 34.10
C ILE D 7 2.34 -12.59 32.74
N GLU D 8 1.04 -12.92 32.68
CA GLU D 8 0.28 -13.06 31.40
C GLU D 8 -0.17 -11.65 31.03
N VAL D 9 0.22 -11.18 29.84
CA VAL D 9 -0.05 -9.80 29.36
C VAL D 9 -1.32 -9.82 28.52
N LEU D 10 -2.24 -8.86 28.73
CA LEU D 10 -3.54 -8.76 28.02
C LEU D 10 -3.61 -7.40 27.32
N ALA D 11 -4.78 -6.75 27.32
CA ALA D 11 -5.08 -5.60 26.44
C ALA D 11 -4.37 -4.34 26.93
N VAL D 12 -3.90 -3.55 25.97
CA VAL D 12 -3.54 -2.11 26.16
C VAL D 12 -4.82 -1.32 26.45
N ARG D 13 -4.78 -0.33 27.36
CA ARG D 13 -5.85 0.69 27.52
C ARG D 13 -5.50 1.94 26.70
N THR D 14 -6.46 2.43 25.89
CA THR D 14 -6.30 3.71 25.14
C THR D 14 -7.27 4.74 25.75
N GLY D 15 -7.23 5.97 25.24
CA GLY D 15 -8.02 7.11 25.74
C GLY D 15 -7.15 8.17 26.42
N PRO D 16 -7.76 9.19 27.07
CA PRO D 16 -7.01 10.32 27.64
C PRO D 16 -6.78 10.25 29.16
N ASP D 17 -6.85 9.05 29.74
CA ASP D 17 -6.48 8.75 31.15
C ASP D 17 -5.36 7.70 31.19
N SER D 18 -5.02 7.12 30.04
CA SER D 18 -4.36 5.80 29.93
C SER D 18 -2.84 5.96 29.78
N ILE D 19 -2.39 7.21 29.60
CA ILE D 19 -1.01 7.57 29.17
C ILE D 19 -0.45 8.54 30.21
N THR D 20 0.79 8.35 30.67
CA THR D 20 1.45 9.35 31.53
C THR D 20 2.91 9.51 31.07
N GLU D 21 3.53 10.57 31.53
CA GLU D 21 4.92 10.90 31.16
C GLU D 21 5.66 11.25 32.44
N ILE D 22 6.83 10.67 32.67
CA ILE D 22 7.71 11.08 33.78
C ILE D 22 9.00 11.66 33.19
N GLU D 23 9.58 12.62 33.89
CA GLU D 23 10.90 13.19 33.54
C GLU D 23 11.77 13.00 34.77
N ALA D 24 13.02 12.59 34.58
CA ALA D 24 13.95 12.45 35.71
C ALA D 24 15.37 12.77 35.23
N TYR D 25 16.23 13.09 36.16
CA TYR D 25 17.69 13.18 35.94
C TYR D 25 18.39 12.17 36.83
N LEU D 26 19.50 11.61 36.35
CA LEU D 26 20.51 10.91 37.17
C LEU D 26 21.83 11.66 37.08
N ASN D 27 22.27 12.18 38.22
CA ASN D 27 23.63 12.75 38.35
C ASN D 27 24.68 11.64 38.30
N PRO D 28 25.87 11.95 37.77
CA PRO D 28 26.94 10.95 37.75
C PRO D 28 27.54 10.68 39.12
N ARG D 29 28.17 9.50 39.24
CA ARG D 29 28.88 9.04 40.43
C ARG D 29 30.29 8.64 40.01
N MET D 30 31.12 9.62 39.65
CA MET D 30 32.51 9.40 39.13
C MET D 30 33.49 9.17 40.28
N GLY D 31 33.11 9.54 41.52
CA GLY D 31 33.86 9.12 42.72
C GLY D 31 33.95 10.19 43.78
N GLN D 32 34.18 11.45 43.42
CA GLN D 32 34.29 12.56 44.40
C GLN D 32 32.90 12.80 44.99
N PRO D 33 32.83 13.15 46.30
CA PRO D 33 31.56 13.30 47.01
C PRO D 33 30.74 14.49 46.50
N GLN D 34 29.43 14.31 46.54
CA GLN D 34 28.43 15.36 46.30
C GLN D 34 28.67 16.58 47.20
N ASN D 35 28.29 17.75 46.71
CA ASN D 35 28.21 19.01 47.51
C ASN D 35 29.62 19.50 47.87
N GLU D 36 30.65 18.97 47.21
CA GLU D 36 32.07 19.37 47.45
C GLU D 36 32.69 19.79 46.12
N ASP D 37 33.89 20.32 46.15
CA ASP D 37 34.38 21.14 45.00
C ASP D 37 34.62 20.29 43.74
N PHE D 38 34.70 18.95 43.85
CA PHE D 38 35.08 18.05 42.72
C PHE D 38 33.90 17.16 42.29
N TYR D 39 32.67 17.52 42.70
CA TYR D 39 31.42 16.83 42.32
C TYR D 39 31.32 16.74 40.78
N GLY D 40 31.12 15.54 40.24
CA GLY D 40 31.19 15.30 38.77
C GLY D 40 32.52 14.72 38.29
N PHE D 41 33.54 14.72 39.13
CA PHE D 41 34.89 14.20 38.81
C PHE D 41 35.13 12.96 39.65
N SER D 42 36.08 12.12 39.24
CA SER D 42 36.78 11.18 40.13
C SER D 42 37.87 11.97 40.86
N ASP D 43 38.47 11.35 41.86
CA ASP D 43 39.73 11.82 42.45
C ASP D 43 40.83 11.40 41.47
N ASN D 44 42.03 11.95 41.62
CA ASN D 44 43.15 11.66 40.67
C ASN D 44 43.48 10.17 40.69
N VAL D 45 43.57 9.59 39.50
CA VAL D 45 43.75 8.12 39.32
C VAL D 45 45.19 7.71 39.63
N THR D 46 45.34 6.73 40.52
CA THR D 46 46.64 6.08 40.84
C THR D 46 46.66 4.71 40.19
N VAL D 47 47.85 4.20 39.86
CA VAL D 47 47.98 2.97 39.03
C VAL D 47 48.89 2.00 39.77
N SER D 48 48.49 0.74 39.82
CA SER D 48 49.23 -0.34 40.49
C SER D 48 50.42 -0.76 39.63
N ASP D 49 51.35 -1.46 40.25
CA ASP D 49 52.59 -1.91 39.58
C ASP D 49 52.38 -3.33 39.04
N ASP D 50 51.34 -4.01 39.52
CA ASP D 50 51.13 -5.44 39.28
C ASP D 50 49.70 -5.79 39.68
N PHE D 51 49.12 -6.82 39.05
CA PHE D 51 47.69 -7.23 39.28
C PHE D 51 47.53 -7.73 40.71
N GLY D 52 48.61 -8.27 41.28
CA GLY D 52 48.63 -8.83 42.65
C GLY D 52 48.56 -7.78 43.74
N SER D 53 49.04 -6.55 43.50
CA SER D 53 49.07 -5.46 44.49
C SER D 53 48.10 -4.35 44.07
N ASP D 54 47.00 -4.73 43.45
CA ASP D 54 46.07 -3.76 42.79
C ASP D 54 44.92 -3.50 43.77
N ALA D 55 44.82 -2.28 44.27
CA ALA D 55 43.80 -1.87 45.29
C ALA D 55 43.37 -0.43 45.02
N PRO D 56 42.46 -0.21 44.05
CA PRO D 56 42.09 1.17 43.71
C PRO D 56 41.40 1.87 44.88
N PRO D 57 41.91 3.02 45.37
CA PRO D 57 41.22 3.74 46.46
C PRO D 57 39.81 4.19 46.06
N TRP D 58 38.89 4.15 47.03
CA TRP D 58 37.57 4.79 46.94
C TRP D 58 37.77 6.23 46.46
N LYS D 59 36.91 6.65 45.55
CA LYS D 59 36.80 7.99 44.91
C LYS D 59 37.50 7.99 43.54
N GLN D 60 38.33 6.99 43.22
CA GLN D 60 39.21 7.05 42.02
C GLN D 60 38.60 6.32 40.84
N PHE D 61 37.37 5.82 40.95
CA PHE D 61 36.73 5.05 39.85
C PHE D 61 35.24 5.33 39.88
N PRO D 62 34.62 5.40 38.70
CA PRO D 62 33.20 5.66 38.62
C PRO D 62 32.35 4.45 39.05
N CYS D 63 31.13 4.75 39.48
CA CYS D 63 30.09 3.75 39.77
C CYS D 63 28.81 4.08 38.99
N TYR D 64 27.91 3.13 38.93
CA TYR D 64 26.62 3.28 38.19
C TYR D 64 25.69 4.20 38.97
N SER D 65 24.91 4.97 38.24
CA SER D 65 23.82 5.82 38.75
C SER D 65 22.55 5.02 38.61
N THR D 66 21.66 5.09 39.61
CA THR D 66 20.36 4.40 39.59
C THR D 66 19.34 5.10 40.48
N ALA D 67 18.07 5.07 40.06
CA ALA D 67 16.92 5.49 40.89
C ALA D 67 15.66 4.70 40.48
N ARG D 68 14.82 4.42 41.47
CA ARG D 68 13.42 3.99 41.27
C ARG D 68 12.48 5.20 41.32
N ILE D 69 11.66 5.37 40.28
CA ILE D 69 10.68 6.49 40.15
C ILE D 69 9.31 5.93 40.55
N SER D 70 8.70 6.51 41.56
CA SER D 70 7.30 6.20 41.99
C SER D 70 6.33 6.78 40.97
N LEU D 71 5.44 5.95 40.42
CA LEU D 71 4.58 6.33 39.29
C LEU D 71 3.20 6.78 39.78
N PRO D 72 2.41 7.47 38.94
CA PRO D 72 1.07 7.88 39.37
C PRO D 72 0.16 6.72 39.80
N MET D 73 -0.87 7.03 40.59
CA MET D 73 -1.92 6.06 40.99
C MET D 73 -2.58 5.52 39.72
N LEU D 74 -2.66 4.19 39.61
CA LEU D 74 -3.55 3.51 38.63
C LEU D 74 -4.94 3.41 39.27
N ASN D 75 -6.00 3.73 38.54
CA ASN D 75 -7.38 3.51 39.04
C ASN D 75 -7.71 2.03 38.81
N GLN D 76 -7.29 1.15 39.73
CA GLN D 76 -7.54 -0.32 39.65
C GLN D 76 -9.04 -0.58 39.73
N ASP D 77 -9.52 -1.57 38.98
CA ASP D 77 -10.91 -2.10 39.05
C ASP D 77 -10.96 -3.01 40.28
N MET D 78 -11.68 -2.59 41.32
CA MET D 78 -11.76 -3.29 42.65
C MET D 78 -12.24 -4.74 42.48
N THR D 79 -13.13 -5.03 41.52
CA THR D 79 -13.75 -6.39 41.41
C THR D 79 -13.12 -7.25 40.31
N SER D 80 -12.15 -6.75 39.54
CA SER D 80 -11.57 -7.53 38.41
C SER D 80 -10.52 -8.51 38.94
N ASP D 81 -10.38 -9.66 38.27
CA ASP D 81 -9.32 -10.69 38.48
C ASP D 81 -8.04 -10.29 37.72
N THR D 82 -8.02 -9.13 37.08
CA THR D 82 -6.81 -8.55 36.43
C THR D 82 -6.26 -7.40 37.28
N ILE D 83 -5.00 -7.00 37.06
CA ILE D 83 -4.50 -5.68 37.55
C ILE D 83 -3.96 -4.91 36.35
N LEU D 84 -3.98 -3.58 36.48
CA LEU D 84 -3.27 -2.68 35.55
C LEU D 84 -1.82 -2.55 36.03
N MET D 85 -0.90 -2.41 35.07
CA MET D 85 0.50 -2.00 35.33
C MET D 85 0.80 -0.85 34.39
N TRP D 86 1.75 -0.02 34.78
CA TRP D 86 2.35 0.97 33.84
C TRP D 86 3.33 0.20 32.96
N GLU D 87 3.22 0.42 31.64
CA GLU D 87 4.05 -0.14 30.55
C GLU D 87 4.79 1.03 29.88
N ALA D 88 6.10 1.08 30.06
CA ALA D 88 6.98 2.07 29.42
C ALA D 88 7.07 1.73 27.93
N ILE D 89 6.61 2.63 27.06
CA ILE D 89 6.49 2.35 25.60
C ILE D 89 7.55 3.12 24.78
N SER D 90 8.03 4.26 25.25
CA SER D 90 8.99 5.16 24.54
C SER D 90 9.77 5.99 25.55
N CYS D 91 10.93 6.50 25.14
CA CYS D 91 11.73 7.43 25.98
C CYS D 91 12.42 8.45 25.09
N ARG D 92 12.84 9.54 25.72
CA ARG D 92 13.88 10.45 25.22
C ARG D 92 14.94 10.41 26.29
N THR D 93 16.20 10.39 25.89
CA THR D 93 17.28 10.49 26.88
C THR D 93 18.30 11.41 26.27
N GLU D 94 18.90 12.24 27.10
CA GLU D 94 19.91 13.22 26.62
C GLU D 94 20.99 13.33 27.66
N VAL D 95 22.26 13.31 27.23
CA VAL D 95 23.36 13.68 28.15
C VAL D 95 23.30 15.20 28.29
N MET D 96 23.13 15.73 29.49
CA MET D 96 23.02 17.18 29.73
C MET D 96 24.41 17.76 29.99
N GLY D 97 24.57 19.06 29.71
CA GLY D 97 25.80 19.79 30.09
C GLY D 97 26.95 19.61 29.14
N VAL D 98 26.69 19.07 27.95
CA VAL D 98 27.70 18.93 26.87
C VAL D 98 28.34 20.32 26.63
N ASN D 99 27.55 21.40 26.74
CA ASN D 99 28.06 22.79 26.62
C ASN D 99 29.34 23.02 27.47
N MET D 100 29.45 22.40 28.65
CA MET D 100 30.56 22.72 29.59
C MET D 100 31.90 22.32 28.97
N LEU D 101 31.91 21.38 28.03
CA LEU D 101 33.17 20.81 27.50
C LEU D 101 33.81 21.83 26.54
N THR D 102 33.19 23.01 26.31
CA THR D 102 33.86 24.09 25.50
C THR D 102 34.79 24.92 26.39
N ASN D 103 34.94 24.52 27.67
CA ASN D 103 35.83 25.13 28.69
C ASN D 103 37.25 24.57 28.50
N VAL D 104 38.17 25.38 27.97
CA VAL D 104 39.61 25.01 27.86
C VAL D 104 40.42 26.03 28.67
N HIS D 105 39.88 26.60 29.77
CA HIS D 105 40.65 27.52 30.65
C HIS D 105 40.83 27.00 32.08
N SER D 106 40.01 26.07 32.54
CA SER D 106 40.00 25.73 33.99
C SER D 106 41.10 24.71 34.38
N ALA D 107 42.30 25.20 34.74
CA ALA D 107 43.35 24.42 35.45
C ALA D 107 43.79 23.18 34.64
N GLN D 108 43.89 23.29 33.32
CA GLN D 108 44.08 22.17 32.39
C GLN D 108 45.51 22.23 31.86
N LYS D 109 46.13 21.07 31.74
CA LYS D 109 47.40 20.93 30.99
C LYS D 109 47.25 21.64 29.65
N ARG D 110 48.26 22.41 29.25
CA ARG D 110 48.10 23.23 28.02
C ARG D 110 48.59 22.44 26.82
N VAL D 111 48.14 22.83 25.63
CA VAL D 111 48.52 22.18 24.34
C VAL D 111 50.05 22.27 24.20
N TYR D 112 50.62 23.43 24.52
CA TYR D 112 52.07 23.77 24.35
C TYR D 112 52.65 24.01 25.75
N GLU D 113 52.66 22.95 26.55
CA GLU D 113 53.05 23.06 27.99
C GLU D 113 54.52 23.52 28.09
N ASN D 114 55.39 23.06 27.19
CA ASN D 114 56.82 23.44 27.21
C ASN D 114 56.97 24.95 27.00
N ASP D 115 56.00 25.60 26.36
CA ASP D 115 56.01 27.04 26.00
C ASP D 115 55.08 27.81 26.95
N ARG D 116 54.48 27.12 27.93
CA ARG D 116 53.39 27.66 28.78
C ARG D 116 52.36 28.39 27.90
N GLU D 117 51.97 27.78 26.78
CA GLU D 117 51.06 28.46 25.83
C GLU D 117 49.95 27.53 25.35
N GLY D 118 48.93 28.17 24.78
CA GLY D 118 47.87 27.45 24.07
C GLY D 118 46.71 27.24 24.99
N THR D 119 45.60 26.75 24.46
CA THR D 119 44.41 26.40 25.29
C THR D 119 44.74 25.22 26.21
N GLY D 120 43.95 25.01 27.24
CA GLY D 120 43.88 23.70 27.89
C GLY D 120 43.57 22.62 26.87
N ILE D 121 43.98 21.39 27.14
CA ILE D 121 43.66 20.23 26.24
C ILE D 121 42.19 19.80 26.40
N GLY D 122 41.48 20.31 27.41
CA GLY D 122 40.08 20.02 27.67
C GLY D 122 39.92 18.58 28.13
N VAL D 123 38.67 18.11 28.14
CA VAL D 123 38.38 16.70 28.47
C VAL D 123 38.69 15.83 27.24
N GLU D 124 39.48 14.76 27.44
CA GLU D 124 39.85 13.82 26.36
C GLU D 124 39.86 12.40 26.90
N GLY D 125 39.75 11.42 26.03
CA GLY D 125 39.96 10.02 26.41
C GLY D 125 38.66 9.24 26.35
N MET D 126 38.52 8.21 27.16
CA MET D 126 37.46 7.22 26.95
C MET D 126 36.07 7.84 27.23
N GLY D 127 35.12 7.45 26.41
CA GLY D 127 33.68 7.67 26.57
C GLY D 127 32.99 6.34 26.87
N TYR D 128 32.25 6.28 27.97
CA TYR D 128 31.40 5.10 28.30
C TYR D 128 30.02 5.66 28.63
N HIS D 129 29.06 5.36 27.78
CA HIS D 129 27.69 5.95 27.83
C HIS D 129 26.69 4.81 27.74
N MET D 130 25.98 4.57 28.84
CA MET D 130 24.97 3.49 28.87
C MET D 130 23.78 3.98 29.68
N PHE D 131 22.60 3.58 29.26
CA PHE D 131 21.36 3.78 30.05
C PHE D 131 20.53 2.51 29.94
N ALA D 132 19.68 2.33 30.93
CA ALA D 132 18.70 1.21 31.04
C ALA D 132 17.38 1.80 31.57
N ILE D 133 16.27 1.40 30.96
CA ILE D 133 14.87 1.67 31.42
C ILE D 133 14.19 0.30 31.64
N GLY D 134 13.78 0.01 32.89
CA GLY D 134 13.10 -1.27 33.18
C GLY D 134 12.00 -1.15 34.22
N GLY D 135 11.30 -2.26 34.43
CA GLY D 135 10.20 -2.39 35.42
C GLY D 135 10.65 -3.11 36.66
N GLU D 136 11.96 -3.37 36.78
CA GLU D 136 12.65 -3.90 37.98
C GLU D 136 14.13 -3.50 37.89
N PRO D 137 14.92 -3.66 38.97
CA PRO D 137 16.35 -3.33 38.92
C PRO D 137 17.08 -4.04 37.77
N LEU D 138 18.08 -3.34 37.21
CA LEU D 138 18.95 -3.83 36.12
C LEU D 138 19.70 -5.08 36.60
N GLU D 139 19.65 -6.17 35.84
CA GLU D 139 20.31 -7.43 36.23
C GLU D 139 21.75 -7.39 35.68
N LEU D 140 22.73 -7.65 36.53
CA LEU D 140 24.16 -7.40 36.23
C LEU D 140 24.91 -8.74 36.09
N GLN D 141 25.90 -8.74 35.20
CA GLN D 141 27.02 -9.71 35.18
C GLN D 141 28.26 -9.05 35.77
N PHE D 142 28.87 -9.70 36.77
CA PHE D 142 30.17 -9.27 37.33
C PHE D 142 31.25 -9.67 36.32
N MET D 143 32.13 -8.73 36.00
CA MET D 143 33.27 -9.01 35.10
C MET D 143 34.30 -7.90 35.28
N VAL D 144 35.56 -8.29 35.46
CA VAL D 144 36.65 -7.35 35.85
C VAL D 144 37.85 -7.59 34.92
N PHE D 145 38.62 -6.56 34.69
CA PHE D 145 39.90 -6.63 33.94
C PHE D 145 40.90 -7.53 34.69
N ASN D 146 40.93 -7.44 36.02
CA ASN D 146 41.93 -8.09 36.90
C ASN D 146 41.17 -8.60 38.15
N HIS D 147 41.04 -9.92 38.30
CA HIS D 147 40.25 -10.56 39.40
C HIS D 147 40.90 -10.30 40.75
N ARG D 148 42.19 -10.07 40.76
CA ARG D 148 42.96 -9.91 42.01
C ARG D 148 42.80 -8.48 42.55
N ALA D 149 42.13 -7.56 41.82
CA ALA D 149 41.84 -6.17 42.31
C ALA D 149 41.09 -6.24 43.66
N THR D 150 41.57 -5.53 44.68
CA THR D 150 40.86 -5.43 45.97
C THR D 150 40.08 -4.11 45.94
N TYR D 151 38.76 -4.18 45.86
CA TYR D 151 37.87 -2.99 45.83
C TYR D 151 37.63 -2.55 47.28
N PRO D 152 37.43 -1.23 47.50
CA PRO D 152 37.32 -0.69 48.85
C PRO D 152 36.00 -1.12 49.50
N ALA D 153 35.96 -1.04 50.83
CA ALA D 153 34.76 -1.35 51.65
C ALA D 153 33.53 -0.59 51.12
N GLU D 154 33.71 0.67 50.68
CA GLU D 154 32.61 1.58 50.21
C GLU D 154 31.91 1.01 48.96
N ALA D 155 32.59 0.17 48.16
CA ALA D 155 32.08 -0.35 46.85
C ALA D 155 31.34 -1.67 47.07
N THR D 156 30.32 -1.95 46.25
CA THR D 156 29.64 -3.27 46.18
C THR D 156 30.19 -4.06 45.00
N VAL D 157 30.83 -5.18 45.31
CA VAL D 157 31.50 -6.13 44.37
C VAL D 157 31.35 -7.54 44.93
N ILE D 158 31.67 -8.55 44.11
CA ILE D 158 31.87 -9.95 44.57
C ILE D 158 33.33 -10.08 45.04
N LYS D 159 33.53 -10.26 46.35
CA LYS D 159 34.87 -10.38 46.97
C LYS D 159 35.51 -11.68 46.49
N ASN D 160 36.82 -11.68 46.28
CA ASN D 160 37.63 -12.87 45.89
C ASN D 160 36.94 -13.61 44.76
N PRO D 161 36.68 -12.94 43.61
CA PRO D 161 35.80 -13.53 42.59
C PRO D 161 36.42 -14.64 41.74
N GLY D 162 37.76 -14.76 41.76
CA GLY D 162 38.47 -15.88 41.10
C GLY D 162 38.80 -15.55 39.64
N ALA D 163 39.75 -16.29 39.04
CA ALA D 163 40.28 -16.06 37.68
C ALA D 163 39.17 -16.03 36.63
N SER D 164 38.07 -16.75 36.82
CA SER D 164 36.94 -16.88 35.86
C SER D 164 36.19 -15.55 35.66
N SER D 165 36.33 -14.62 36.60
CA SER D 165 35.63 -13.29 36.61
C SER D 165 36.27 -12.30 35.63
N GLN D 166 37.39 -12.70 35.00
CA GLN D 166 38.09 -11.95 33.93
C GLN D 166 37.39 -12.20 32.60
N VAL D 167 36.52 -13.21 32.51
CA VAL D 167 35.66 -13.47 31.32
C VAL D 167 34.27 -13.83 31.86
N PHE D 168 33.47 -14.60 31.15
CA PHE D 168 32.09 -14.93 31.61
C PHE D 168 32.15 -16.14 32.53
N ASP D 169 31.55 -15.98 33.71
CA ASP D 169 31.28 -17.06 34.71
C ASP D 169 29.82 -16.93 35.12
N PRO D 170 28.98 -17.96 34.84
CA PRO D 170 27.55 -17.89 35.13
C PRO D 170 27.17 -17.85 36.62
N ASN D 171 28.12 -18.02 37.54
CA ASN D 171 27.83 -17.88 38.99
C ASN D 171 27.86 -16.41 39.42
N LEU D 172 28.47 -15.51 38.65
CA LEU D 172 28.81 -14.16 39.20
C LEU D 172 27.77 -13.13 38.74
N LYS D 173 26.64 -13.12 39.45
CA LYS D 173 25.46 -12.30 39.11
C LYS D 173 25.23 -11.22 40.16
N GLY D 174 24.54 -10.15 39.76
CA GLY D 174 24.11 -9.08 40.67
C GLY D 174 22.92 -8.33 40.11
N THR D 175 22.35 -7.44 40.92
CA THR D 175 21.24 -6.54 40.50
C THR D 175 21.63 -5.15 40.98
N LEU D 176 21.32 -4.13 40.19
CA LEU D 176 21.76 -2.74 40.50
C LEU D 176 20.76 -2.17 41.51
N THR D 177 21.03 -2.35 42.80
CA THR D 177 20.09 -2.07 43.92
C THR D 177 20.40 -0.75 44.63
N ALA D 178 21.56 -0.13 44.39
CA ALA D 178 22.01 1.11 45.08
C ALA D 178 22.77 2.01 44.09
N ASP D 179 22.55 3.31 44.26
CA ASP D 179 23.19 4.41 43.51
C ASP D 179 24.63 4.57 43.98
N GLY D 180 25.53 4.82 43.04
CA GLY D 180 26.89 5.30 43.36
C GLY D 180 27.81 4.29 44.03
N VAL D 181 27.60 2.96 43.98
CA VAL D 181 28.51 2.03 44.74
C VAL D 181 28.86 0.76 43.96
N PHE D 182 28.22 0.51 42.83
CA PHE D 182 28.54 -0.61 41.93
C PHE D 182 29.60 -0.07 40.94
N PRO D 183 30.88 -0.51 40.98
CA PRO D 183 31.86 0.04 40.02
C PRO D 183 31.47 -0.27 38.57
N VAL D 184 31.59 0.72 37.69
CA VAL D 184 31.37 0.49 36.24
C VAL D 184 32.34 -0.59 35.78
N GLU D 185 33.61 -0.56 36.23
CA GLU D 185 34.65 -1.51 35.75
C GLU D 185 34.47 -2.91 36.32
N ALA D 186 33.46 -3.19 37.18
CA ALA D 186 33.28 -4.54 37.76
C ALA D 186 31.91 -5.14 37.42
N TRP D 187 30.96 -4.34 36.92
CA TRP D 187 29.58 -4.78 36.56
C TRP D 187 29.13 -4.24 35.21
N GLY D 188 28.39 -5.05 34.49
CA GLY D 188 27.81 -4.75 33.19
C GLY D 188 26.45 -5.43 33.07
N PRO D 189 25.63 -5.03 32.10
CA PRO D 189 24.31 -5.63 31.94
C PRO D 189 24.41 -7.12 31.57
N ASP D 190 23.53 -7.93 32.17
CA ASP D 190 23.49 -9.39 31.95
C ASP D 190 22.53 -9.71 30.80
N PRO D 191 23.02 -10.11 29.61
CA PRO D 191 22.12 -10.39 28.49
C PRO D 191 21.37 -11.72 28.63
N PHE D 192 21.73 -12.56 29.59
CA PHE D 192 20.96 -13.77 29.93
C PHE D 192 19.69 -13.40 30.70
N LYS D 193 19.56 -12.17 31.24
CA LYS D 193 18.32 -11.73 31.94
C LYS D 193 17.79 -10.45 31.29
N ASN D 194 17.34 -9.49 32.10
CA ASN D 194 16.83 -8.19 31.62
C ASN D 194 15.72 -8.40 30.58
N GLU D 195 14.82 -9.37 30.83
CA GLU D 195 13.63 -9.59 29.96
C GLU D 195 12.65 -8.41 30.10
N ASN D 196 12.69 -7.68 31.22
CA ASN D 196 11.76 -6.57 31.55
C ASN D 196 12.50 -5.21 31.64
N THR D 197 13.70 -5.12 31.06
CA THR D 197 14.54 -3.91 30.99
C THR D 197 15.10 -3.77 29.55
N ARG D 198 15.22 -2.56 29.05
CA ARG D 198 15.93 -2.29 27.77
C ARG D 198 17.23 -1.57 28.15
N TYR D 199 18.39 -2.06 27.72
CA TYR D 199 19.64 -1.30 27.94
C TYR D 199 20.35 -1.03 26.61
N PHE D 200 21.19 0.00 26.62
CA PHE D 200 21.91 0.56 25.43
C PHE D 200 23.24 1.09 25.96
N GLY D 201 24.36 0.74 25.32
CA GLY D 201 25.69 1.19 25.77
C GLY D 201 26.62 1.40 24.59
N GLN D 202 27.52 2.34 24.75
CA GLN D 202 28.64 2.53 23.80
C GLN D 202 29.92 2.83 24.59
N TYR D 203 30.98 2.12 24.25
CA TYR D 203 32.35 2.40 24.71
C TYR D 203 33.20 2.90 23.53
N THR D 204 33.88 4.03 23.72
CA THR D 204 35.05 4.45 22.90
C THR D 204 36.22 4.67 23.83
N GLY D 205 37.29 3.91 23.61
CA GLY D 205 38.44 3.97 24.52
C GLY D 205 39.45 5.03 24.20
N GLY D 206 40.65 4.89 24.78
CA GLY D 206 41.70 5.88 24.59
C GLY D 206 41.88 6.81 25.79
N THR D 207 42.93 7.62 25.76
CA THR D 207 43.19 8.61 26.83
C THR D 207 43.26 10.01 26.18
N GLN D 208 43.48 10.07 24.88
CA GLN D 208 43.56 11.32 24.05
C GLN D 208 42.46 11.37 22.97
N THR D 209 41.51 10.44 22.97
CA THR D 209 40.37 10.35 22.01
C THR D 209 39.47 11.57 22.18
N PRO D 210 39.04 12.25 21.11
CA PRO D 210 38.13 13.38 21.26
C PRO D 210 36.74 12.91 21.66
N PRO D 211 36.09 13.46 22.71
CA PRO D 211 34.71 13.07 22.99
C PRO D 211 33.81 13.51 21.83
N VAL D 212 32.82 12.69 21.49
CA VAL D 212 31.76 13.00 20.49
C VAL D 212 30.39 12.80 21.17
N LEU D 213 29.63 13.88 21.33
CA LEU D 213 28.29 13.82 21.96
C LEU D 213 27.29 14.64 21.15
N THR D 214 26.06 14.14 21.01
CA THR D 214 24.95 14.86 20.33
C THR D 214 23.88 15.13 21.37
N PHE D 215 23.05 16.13 21.15
CA PHE D 215 21.87 16.44 21.99
C PHE D 215 20.80 17.01 21.06
N THR D 216 19.57 16.66 21.35
CA THR D 216 18.36 17.17 20.63
C THR D 216 17.15 16.77 21.44
N ASN D 217 16.05 17.51 21.31
CA ASN D 217 14.81 17.15 22.00
C ASN D 217 13.83 16.56 20.96
N THR D 218 14.30 16.09 19.80
CA THR D 218 13.47 15.60 18.67
C THR D 218 13.58 14.07 18.51
N GLN D 219 14.38 13.40 19.34
CA GLN D 219 14.68 11.95 19.16
C GLN D 219 13.90 11.13 20.20
N THR D 220 13.22 10.08 19.76
CA THR D 220 12.41 9.18 20.63
C THR D 220 12.79 7.73 20.33
N THR D 221 12.99 6.92 21.36
CA THR D 221 13.30 5.48 21.25
C THR D 221 12.08 4.67 21.71
N ILE D 222 11.51 3.84 20.84
CA ILE D 222 10.41 2.90 21.18
C ILE D 222 10.98 1.79 22.07
N LEU D 223 10.29 1.47 23.17
CA LEU D 223 10.76 0.49 24.19
C LEU D 223 9.99 -0.84 24.07
N LEU D 224 9.10 -0.98 23.10
CA LEU D 224 8.35 -2.25 22.86
C LEU D 224 9.30 -3.35 22.38
N ASP D 225 9.16 -4.56 22.94
CA ASP D 225 9.89 -5.78 22.49
C ASP D 225 9.19 -6.32 21.24
N GLU D 226 9.55 -7.53 20.82
CA GLU D 226 9.08 -8.18 19.57
C GLU D 226 7.57 -8.52 19.67
N ASN D 227 7.02 -8.69 20.87
CA ASN D 227 5.56 -8.94 21.09
C ASN D 227 4.77 -7.64 21.27
N GLY D 228 5.42 -6.49 21.10
CA GLY D 228 4.79 -5.17 21.24
C GLY D 228 4.51 -4.82 22.70
N VAL D 229 5.30 -5.39 23.62
CA VAL D 229 5.22 -5.19 25.10
C VAL D 229 6.45 -4.40 25.58
N GLY D 230 6.20 -3.30 26.27
CA GLY D 230 7.23 -2.48 26.90
C GLY D 230 7.54 -2.99 28.30
N PRO D 231 8.60 -2.49 28.96
CA PRO D 231 8.83 -2.80 30.37
C PRO D 231 7.56 -2.57 31.21
N LEU D 232 7.27 -3.56 32.06
CA LEU D 232 6.10 -3.58 32.98
C LEU D 232 6.58 -3.28 34.39
N CYS D 233 6.16 -2.15 34.94
CA CYS D 233 6.67 -1.56 36.18
C CYS D 233 6.08 -2.30 37.38
N LYS D 234 6.87 -3.19 37.95
CA LYS D 234 6.51 -4.02 39.13
C LYS D 234 6.55 -3.14 40.39
N GLY D 235 5.56 -3.34 41.27
CA GLY D 235 5.30 -2.46 42.42
C GLY D 235 5.10 -1.01 42.01
N ASP D 236 4.67 -0.76 40.77
CA ASP D 236 4.46 0.59 40.17
C ASP D 236 5.74 1.46 40.32
N GLY D 237 6.90 0.84 40.17
CA GLY D 237 8.22 1.51 40.04
C GLY D 237 8.78 1.44 38.64
N LEU D 238 9.33 2.57 38.16
CA LEU D 238 10.19 2.65 36.95
C LEU D 238 11.66 2.75 37.39
N PHE D 239 12.53 1.89 36.84
CA PHE D 239 13.95 1.74 37.24
C PHE D 239 14.79 2.35 36.12
N LEU D 240 15.53 3.41 36.46
CA LEU D 240 16.40 4.15 35.51
C LEU D 240 17.83 3.89 35.97
N SER D 241 18.73 3.55 35.05
CA SER D 241 20.17 3.32 35.38
C SER D 241 21.03 3.97 34.30
N CYS D 242 22.20 4.49 34.65
CA CYS D 242 23.15 4.97 33.62
C CYS D 242 24.58 5.06 34.15
N ALA D 243 25.51 5.17 33.19
CA ALA D 243 26.88 5.69 33.41
C ALA D 243 27.21 6.59 32.23
N ASP D 244 27.82 7.75 32.47
CA ASP D 244 28.16 8.69 31.39
C ASP D 244 29.54 9.26 31.66
N ILE D 245 30.55 8.43 31.41
CA ILE D 245 31.97 8.88 31.49
C ILE D 245 32.22 9.63 30.19
N VAL D 246 32.59 10.92 30.26
CA VAL D 246 32.86 11.76 29.06
CA VAL D 246 32.83 11.66 28.98
C VAL D 246 34.32 11.62 28.63
N GLY D 247 35.21 11.46 29.62
CA GLY D 247 36.66 11.26 29.39
C GLY D 247 37.41 11.69 30.61
N PHE D 248 38.65 12.13 30.41
CA PHE D 248 39.54 12.55 31.51
C PHE D 248 39.82 14.05 31.52
N PHE D 249 39.89 14.57 32.73
CA PHE D 249 40.44 15.91 33.03
C PHE D 249 41.92 15.75 33.45
N THR D 250 42.84 16.44 32.78
CA THR D 250 44.31 16.42 33.03
C THR D 250 44.78 17.80 33.57
N GLN D 251 45.37 17.79 34.76
CA GLN D 251 45.96 18.97 35.46
C GLN D 251 47.34 19.28 34.85
N HIS D 252 47.85 20.46 35.13
CA HIS D 252 49.20 20.90 34.70
C HIS D 252 50.26 19.89 35.17
N ASN D 253 50.07 19.24 36.33
CA ASN D 253 51.07 18.28 36.91
C ASN D 253 50.79 16.88 36.37
N LYS D 254 49.89 16.75 35.38
CA LYS D 254 49.59 15.50 34.62
C LYS D 254 48.74 14.51 35.41
N LYS D 255 48.23 14.88 36.57
CA LYS D 255 47.22 14.09 37.32
C LYS D 255 45.91 14.07 36.52
N MET D 256 45.32 12.90 36.39
CA MET D 256 44.12 12.68 35.55
C MET D 256 42.97 12.15 36.41
N SER D 257 41.77 12.68 36.17
CA SER D 257 40.50 12.29 36.82
C SER D 257 39.45 12.03 35.75
N PHE D 258 38.52 11.11 36.03
CA PHE D 258 37.29 10.91 35.26
C PHE D 258 36.40 12.16 35.40
N ARG D 259 35.75 12.54 34.32
CA ARG D 259 34.67 13.54 34.29
C ARG D 259 33.43 12.87 33.77
N GLY D 260 32.31 13.08 34.47
CA GLY D 260 30.99 12.59 34.06
C GLY D 260 30.00 13.70 33.83
N LEU D 261 28.91 13.38 33.14
CA LEU D 261 27.79 14.33 32.91
C LEU D 261 26.52 13.66 33.39
N PRO D 262 25.52 14.44 33.84
CA PRO D 262 24.19 13.93 34.18
C PRO D 262 23.37 13.53 32.94
N ARG D 263 22.38 12.66 33.16
CA ARG D 263 21.51 12.19 32.07
C ARG D 263 20.06 12.52 32.36
N TYR D 264 19.37 13.00 31.34
CA TYR D 264 17.93 13.29 31.36
C TYR D 264 17.20 12.08 30.81
N PHE D 265 16.05 11.78 31.41
CA PHE D 265 15.08 10.76 30.94
C PHE D 265 13.66 11.38 30.88
N ARG D 266 13.02 11.22 29.74
CA ARG D 266 11.54 11.34 29.60
C ARG D 266 11.02 9.96 29.22
N VAL D 267 10.11 9.39 30.01
CA VAL D 267 9.51 8.05 29.71
C VAL D 267 7.98 8.21 29.58
N THR D 268 7.43 7.78 28.45
CA THR D 268 5.96 7.65 28.24
C THR D 268 5.55 6.25 28.68
N LEU D 269 4.54 6.18 29.55
CA LEU D 269 3.98 4.91 30.03
C LEU D 269 2.48 4.87 29.70
N ARG D 270 1.94 3.67 29.55
CA ARG D 270 0.51 3.44 29.27
C ARG D 270 0.03 2.32 30.18
N LYS D 271 -1.29 2.25 30.36
CA LYS D 271 -1.97 1.24 31.17
C LYS D 271 -2.10 -0.03 30.33
N ARG D 272 -1.52 -1.11 30.84
CA ARG D 272 -1.59 -2.47 30.25
C ARG D 272 -2.34 -3.32 31.27
N VAL D 273 -3.30 -4.13 30.83
CA VAL D 273 -3.99 -5.10 31.72
C VAL D 273 -3.11 -6.35 31.78
N VAL D 274 -2.93 -6.93 32.96
CA VAL D 274 -2.26 -8.26 33.16
C VAL D 274 -3.10 -9.12 34.12
N LYS D 275 -2.88 -10.45 34.06
CA LYS D 275 -3.53 -11.48 34.91
C LYS D 275 -2.88 -11.48 36.30
N ILE E 7 -1.71 26.37 25.54
CA ILE E 7 -2.29 26.72 24.19
C ILE E 7 -3.05 25.48 23.69
N GLU E 8 -4.38 25.59 23.49
CA GLU E 8 -5.18 24.56 22.78
C GLU E 8 -5.04 24.82 21.28
N VAL E 9 -4.61 23.81 20.52
CA VAL E 9 -4.31 23.97 19.07
C VAL E 9 -5.52 23.45 18.28
N LEU E 10 -6.02 24.25 17.35
CA LEU E 10 -7.17 23.87 16.49
C LEU E 10 -6.64 23.63 15.07
N ALA E 11 -7.40 23.93 14.03
CA ALA E 11 -7.10 23.50 12.66
C ALA E 11 -5.98 24.35 12.05
N VAL E 12 -5.27 23.79 11.07
CA VAL E 12 -4.38 24.54 10.15
C VAL E 12 -5.26 25.40 9.25
N ARG E 13 -4.96 26.70 9.13
CA ARG E 13 -5.62 27.62 8.18
C ARG E 13 -4.88 27.51 6.83
N THR E 14 -5.57 27.07 5.79
CA THR E 14 -5.02 26.79 4.42
C THR E 14 -5.41 27.92 3.46
N ASP E 17 -1.31 32.96 0.83
CA ASP E 17 -1.54 33.94 1.93
C ASP E 17 -1.28 33.32 3.33
N SER E 18 -1.52 32.02 3.51
CA SER E 18 -1.46 31.34 4.84
C SER E 18 -0.04 30.80 5.14
N ILE E 19 0.86 30.85 4.16
CA ILE E 19 2.27 30.36 4.26
C ILE E 19 3.21 31.56 4.13
N THR E 20 4.17 31.69 5.05
CA THR E 20 5.27 32.69 4.93
C THR E 20 6.63 32.01 5.17
N GLU E 21 7.68 32.67 4.71
CA GLU E 21 9.08 32.17 4.79
C GLU E 21 9.95 33.34 5.24
N ILE E 22 10.80 33.11 6.24
CA ILE E 22 11.81 34.12 6.67
C ILE E 22 13.19 33.49 6.47
N GLU E 23 14.16 34.32 6.08
CA GLU E 23 15.60 34.01 6.09
C GLU E 23 16.28 34.96 7.08
N ALA E 24 17.28 34.45 7.81
CA ALA E 24 18.03 35.23 8.81
C ALA E 24 19.44 34.66 8.90
N TYR E 25 20.37 35.48 9.36
CA TYR E 25 21.74 35.01 9.72
C TYR E 25 21.98 35.36 11.18
N LEU E 26 22.74 34.53 11.89
CA LEU E 26 23.32 34.91 13.20
C LEU E 26 24.83 34.86 13.04
N ASN E 27 25.48 36.01 13.28
CA ASN E 27 26.96 36.06 13.31
C ASN E 27 27.41 35.42 14.61
N PRO E 28 28.61 34.81 14.59
CA PRO E 28 29.18 34.20 15.79
C PRO E 28 29.57 35.25 16.83
N ARG E 29 29.59 34.84 18.11
CA ARG E 29 30.01 35.71 19.24
C ARG E 29 31.13 35.00 19.99
N MET E 30 32.29 34.87 19.36
CA MET E 30 33.45 34.12 19.90
C MET E 30 34.20 34.94 20.94
N GLY E 31 33.94 36.26 21.06
CA GLY E 31 34.53 37.12 22.10
C GLY E 31 35.07 38.45 21.60
N GLN E 32 35.75 38.50 20.44
CA GLN E 32 36.42 39.75 19.99
C GLN E 32 35.32 40.70 19.49
N PRO E 33 35.47 42.03 19.60
CA PRO E 33 34.35 42.92 19.25
C PRO E 33 34.08 42.96 17.73
N GLN E 34 32.82 43.21 17.36
CA GLN E 34 32.44 43.34 15.93
C GLN E 34 33.08 44.58 15.34
N ASN E 35 33.26 44.59 14.01
CA ASN E 35 33.78 45.74 13.24
C ASN E 35 35.25 46.02 13.60
N GLU E 36 35.94 45.08 14.27
CA GLU E 36 37.41 45.20 14.52
C GLU E 36 38.13 43.99 13.92
N ASP E 37 39.46 44.05 13.88
CA ASP E 37 40.29 43.17 13.03
C ASP E 37 40.13 41.68 13.39
N PHE E 38 39.65 41.36 14.59
CA PHE E 38 39.60 39.95 15.09
C PHE E 38 38.15 39.46 15.25
N TYR E 39 37.19 40.19 14.68
CA TYR E 39 35.77 39.77 14.62
C TYR E 39 35.70 38.34 14.09
N GLY E 40 35.03 37.44 14.83
CA GLY E 40 34.84 36.03 14.45
C GLY E 40 35.76 35.12 15.25
N PHE E 41 36.72 35.72 15.97
CA PHE E 41 37.70 35.02 16.83
C PHE E 41 37.40 35.39 18.27
N SER E 42 37.86 34.55 19.18
CA SER E 42 38.11 35.00 20.57
C SER E 42 39.47 35.67 20.65
N ASP E 43 39.72 36.35 21.76
CA ASP E 43 41.08 36.75 22.16
C ASP E 43 41.80 35.49 22.60
N ASN E 44 43.13 35.56 22.68
CA ASN E 44 44.00 34.40 22.95
C ASN E 44 43.65 33.84 24.33
N VAL E 45 43.58 32.53 24.45
CA VAL E 45 43.03 31.85 25.67
C VAL E 45 44.17 31.72 26.68
N THR E 46 43.93 32.17 27.90
CA THR E 46 44.83 31.99 29.07
C THR E 46 44.19 30.88 29.90
N VAL E 47 45.00 30.13 30.64
CA VAL E 47 44.52 28.97 31.45
C VAL E 47 44.91 29.23 32.89
N SER E 48 43.98 29.04 33.84
CA SER E 48 44.24 29.09 35.29
C SER E 48 45.14 27.93 35.74
N ASP E 49 45.74 28.11 36.92
CA ASP E 49 46.59 27.10 37.58
C ASP E 49 45.75 26.16 38.44
N ASP E 50 44.57 26.58 38.88
CA ASP E 50 43.74 25.77 39.80
C ASP E 50 42.31 26.30 39.74
N PHE E 51 41.33 25.48 40.11
CA PHE E 51 39.87 25.83 40.06
C PHE E 51 39.56 27.03 40.97
N GLY E 52 40.35 27.21 42.03
CA GLY E 52 40.12 28.25 43.06
C GLY E 52 40.48 29.66 42.59
N SER E 53 41.32 29.79 41.57
CA SER E 53 41.76 31.09 40.97
C SER E 53 41.55 31.07 39.46
N ASP E 54 40.30 30.94 39.09
CA ASP E 54 39.89 30.66 37.69
C ASP E 54 38.92 31.78 37.31
N ALA E 55 39.41 32.75 36.53
CA ALA E 55 38.64 33.95 36.15
C ALA E 55 38.91 34.18 34.66
N PRO E 56 38.14 33.52 33.77
CA PRO E 56 38.38 33.64 32.34
C PRO E 56 38.02 35.04 31.87
N PRO E 57 38.98 35.80 31.32
CA PRO E 57 38.72 37.19 30.97
C PRO E 57 37.70 37.33 29.84
N TRP E 58 36.97 38.45 29.83
CA TRP E 58 36.02 38.76 28.75
C TRP E 58 36.78 38.74 27.42
N LYS E 59 36.14 38.30 26.35
CA LYS E 59 36.69 38.18 24.98
C LYS E 59 37.37 36.81 24.80
N GLN E 60 37.62 36.01 25.84
CA GLN E 60 38.49 34.80 25.69
C GLN E 60 37.64 33.52 25.53
N PHE E 61 36.32 33.64 25.56
CA PHE E 61 35.39 32.50 25.50
C PHE E 61 34.17 32.88 24.66
N PRO E 62 33.61 31.89 23.94
CA PRO E 62 32.40 32.11 23.15
C PRO E 62 31.10 32.18 23.96
N CYS E 63 30.14 32.92 23.39
CA CYS E 63 28.76 33.04 23.90
C CYS E 63 27.79 32.65 22.77
N TYR E 64 26.57 32.28 23.16
CA TYR E 64 25.44 31.99 22.25
C TYR E 64 25.03 33.25 21.47
N SER E 65 24.73 33.03 20.20
CA SER E 65 24.00 33.99 19.33
C SER E 65 22.50 33.74 19.50
N THR E 66 21.71 34.81 19.46
CA THR E 66 20.24 34.68 19.46
C THR E 66 19.64 35.91 18.77
N ALA E 67 18.51 35.74 18.12
CA ALA E 67 17.73 36.88 17.57
C ALA E 67 16.26 36.48 17.59
N ARG E 68 15.41 37.48 17.82
CA ARG E 68 13.95 37.38 17.63
C ARG E 68 13.60 38.00 16.29
N ILE E 69 12.93 37.24 15.42
CA ILE E 69 12.50 37.72 14.07
C ILE E 69 11.03 38.18 14.21
N SER E 70 10.72 39.43 13.83
CA SER E 70 9.31 39.94 13.78
C SER E 70 8.62 39.35 12.55
N LEU E 71 7.47 38.71 12.75
CA LEU E 71 6.66 38.04 11.70
C LEU E 71 5.49 38.93 11.27
N PRO E 72 4.87 38.73 10.07
CA PRO E 72 3.66 39.46 9.72
C PRO E 72 2.60 39.46 10.82
N MET E 73 1.98 40.62 11.09
CA MET E 73 1.02 40.72 12.22
C MET E 73 -0.26 39.96 11.86
N LEU E 74 -0.81 39.24 12.82
CA LEU E 74 -2.08 38.49 12.69
C LEU E 74 -3.09 39.06 13.69
N ASN E 75 -4.37 38.73 13.55
CA ASN E 75 -5.45 39.14 14.49
C ASN E 75 -5.47 40.67 14.64
N ASP E 81 -12.11 34.74 21.33
CA ASP E 81 -12.72 33.64 20.53
C ASP E 81 -11.61 32.65 20.15
N THR E 82 -10.96 32.86 19.01
CA THR E 82 -9.83 32.02 18.50
C THR E 82 -8.82 32.91 17.76
N ILE E 83 -7.54 32.81 18.16
CA ILE E 83 -6.41 33.59 17.59
C ILE E 83 -5.81 32.80 16.43
N LEU E 84 -5.16 33.49 15.49
CA LEU E 84 -4.18 32.87 14.56
C LEU E 84 -2.77 33.06 15.15
N MET E 85 -1.95 32.02 15.06
CA MET E 85 -0.50 32.07 15.43
C MET E 85 0.28 31.54 14.22
N TRP E 86 1.49 32.07 14.00
CA TRP E 86 2.42 31.50 13.00
C TRP E 86 2.97 30.18 13.57
N GLU E 87 2.98 29.13 12.78
CA GLU E 87 3.47 27.78 13.19
C GLU E 87 4.71 27.43 12.35
N ALA E 88 5.88 27.28 12.97
CA ALA E 88 7.10 26.87 12.24
C ALA E 88 6.98 25.38 11.88
N ILE E 89 6.95 25.06 10.61
CA ILE E 89 6.73 23.65 10.16
C ILE E 89 8.03 23.05 9.63
N SER E 90 8.94 23.85 9.07
CA SER E 90 10.22 23.32 8.53
C SER E 90 11.31 24.39 8.53
N CYS E 91 12.57 23.94 8.46
CA CYS E 91 13.69 24.88 8.34
C CYS E 91 14.79 24.31 7.44
N ARG E 92 15.59 25.21 6.87
CA ARG E 92 16.93 24.89 6.34
C ARG E 92 17.90 25.66 7.22
N THR E 93 19.05 25.07 7.50
CA THR E 93 20.13 25.80 8.21
C THR E 93 21.46 25.36 7.61
N GLU E 94 22.39 26.31 7.54
CA GLU E 94 23.71 26.05 6.93
C GLU E 94 24.76 26.83 7.70
N VAL E 95 25.89 26.19 7.94
CA VAL E 95 27.05 26.96 8.45
C VAL E 95 27.70 27.62 7.22
N MET E 96 27.74 28.94 7.17
CA MET E 96 28.28 29.70 6.01
C MET E 96 29.79 29.92 6.19
N GLY E 97 30.51 30.13 5.09
CA GLY E 97 31.92 30.53 5.09
C GLY E 97 32.85 29.38 5.46
N VAL E 98 32.44 28.14 5.21
CA VAL E 98 33.26 26.92 5.39
C VAL E 98 34.48 27.05 4.48
N ASN E 99 34.27 27.63 3.28
CA ASN E 99 35.34 27.94 2.29
C ASN E 99 36.55 28.66 2.95
N MET E 100 36.38 29.46 3.98
CA MET E 100 37.48 30.29 4.57
C MET E 100 38.55 29.38 5.21
N LEU E 101 38.20 28.14 5.53
CA LEU E 101 39.07 27.22 6.30
C LEU E 101 40.12 26.59 5.40
N THR E 102 40.06 26.86 4.08
CA THR E 102 41.09 26.46 3.09
C THR E 102 42.28 27.44 3.16
N ASN E 103 42.22 28.45 4.01
CA ASN E 103 43.30 29.44 4.24
C ASN E 103 44.32 28.82 5.21
N VAL E 104 45.51 28.54 4.71
CA VAL E 104 46.67 28.06 5.54
C VAL E 104 47.87 29.00 5.38
N HIS E 105 47.66 30.31 5.14
CA HIS E 105 48.72 31.34 4.96
C HIS E 105 48.64 32.48 5.97
N SER E 106 47.53 32.71 6.67
CA SER E 106 47.30 33.91 7.53
C SER E 106 47.82 33.68 8.96
N ALA E 107 49.11 33.94 9.18
CA ALA E 107 49.73 34.17 10.51
C ALA E 107 49.52 32.95 11.42
N GLN E 108 49.65 31.76 10.83
CA GLN E 108 49.39 30.46 11.46
C GLN E 108 50.72 29.78 11.76
N LYS E 109 50.83 29.16 12.94
CA LYS E 109 51.90 28.16 13.21
C LYS E 109 52.07 27.20 12.03
N ARG E 110 53.31 26.97 11.60
CA ARG E 110 53.59 26.13 10.41
CA ARG E 110 53.62 26.14 10.40
C ARG E 110 53.65 24.67 10.84
N VAL E 111 53.42 23.77 9.90
CA VAL E 111 53.44 22.31 10.12
C VAL E 111 54.84 21.91 10.56
N TYR E 112 55.89 22.49 9.95
CA TYR E 112 57.29 22.23 10.34
C TYR E 112 57.91 23.52 10.89
N GLU E 113 57.42 23.98 12.04
CA GLU E 113 57.89 25.22 12.71
C GLU E 113 59.41 25.18 12.85
N ASN E 114 60.01 24.03 13.14
CA ASN E 114 61.46 23.89 13.45
C ASN E 114 62.28 24.11 12.17
N ASP E 115 61.63 24.04 11.01
CA ASP E 115 62.25 24.26 9.68
C ASP E 115 61.77 25.59 9.06
N ARG E 116 60.88 26.32 9.73
CA ARG E 116 60.21 27.53 9.18
C ARG E 116 59.62 27.16 7.81
N GLU E 117 59.03 25.97 7.68
CA GLU E 117 58.48 25.45 6.39
C GLU E 117 57.09 24.87 6.58
N GLY E 118 56.42 24.66 5.45
CA GLY E 118 55.11 24.00 5.35
C GLY E 118 53.99 24.99 5.38
N THR E 119 52.76 24.51 5.18
CA THR E 119 51.56 25.37 5.35
C THR E 119 51.37 25.72 6.82
N GLY E 120 50.54 26.73 7.08
CA GLY E 120 49.81 26.86 8.35
C GLY E 120 49.15 25.53 8.71
N ILE E 121 48.96 25.32 10.02
CA ILE E 121 48.28 24.07 10.46
C ILE E 121 46.77 24.27 10.29
N GLY E 122 46.33 25.52 10.12
CA GLY E 122 44.91 25.83 9.89
C GLY E 122 44.12 25.81 11.17
N VAL E 123 42.80 25.74 11.02
CA VAL E 123 41.90 25.69 12.20
C VAL E 123 41.77 24.22 12.60
N GLU E 124 41.90 23.93 13.87
CA GLU E 124 41.88 22.55 14.37
C GLU E 124 41.27 22.57 15.76
N GLY E 125 40.76 21.43 16.19
CA GLY E 125 40.30 21.25 17.58
C GLY E 125 38.80 21.13 17.64
N MET E 126 38.23 21.49 18.78
CA MET E 126 36.83 21.20 19.14
C MET E 126 35.87 21.89 18.16
N GLY E 127 34.85 21.15 17.81
CA GLY E 127 33.67 21.64 17.06
C GLY E 127 32.51 21.62 18.01
N TYR E 128 31.85 22.75 18.23
CA TYR E 128 30.56 22.78 18.96
C TYR E 128 29.55 23.49 18.07
N HIS E 129 28.57 22.74 17.57
CA HIS E 129 27.58 23.21 16.57
C HIS E 129 26.20 22.93 17.16
N MET E 130 25.45 23.97 17.44
CA MET E 130 24.03 23.80 17.84
C MET E 130 23.18 24.90 17.22
N PHE E 131 21.91 24.60 17.03
CA PHE E 131 20.91 25.64 16.67
C PHE E 131 19.58 25.26 17.30
N ALA E 132 18.73 26.27 17.49
CA ALA E 132 17.38 26.09 18.03
C ALA E 132 16.47 27.09 17.32
N ILE E 133 15.23 26.66 17.17
CA ILE E 133 14.12 27.40 16.51
C ILE E 133 12.90 27.14 17.37
N GLY E 134 12.27 28.21 17.88
CA GLY E 134 11.09 28.10 18.75
C GLY E 134 10.23 29.35 18.69
N GLY E 135 9.05 29.27 19.30
CA GLY E 135 8.10 30.39 19.40
C GLY E 135 8.27 31.17 20.69
N GLU E 136 9.40 30.99 21.36
CA GLU E 136 9.77 31.76 22.56
C GLU E 136 11.25 31.54 22.81
N PRO E 137 11.91 32.34 23.67
CA PRO E 137 13.34 32.14 23.93
C PRO E 137 13.72 30.72 24.34
N LEU E 138 14.94 30.31 23.98
CA LEU E 138 15.50 28.96 24.33
C LEU E 138 15.59 28.88 25.85
N GLU E 139 15.06 27.80 26.44
CA GLU E 139 15.16 27.54 27.90
C GLU E 139 16.51 26.87 28.21
N LEU E 140 17.24 27.41 29.18
CA LEU E 140 18.63 27.01 29.49
C LEU E 140 18.74 26.30 30.85
N GLN E 141 19.66 25.37 30.91
CA GLN E 141 20.14 24.75 32.15
C GLN E 141 21.55 25.27 32.37
N PHE E 142 21.80 25.83 33.54
CA PHE E 142 23.14 26.28 33.97
C PHE E 142 23.97 25.04 34.34
N MET E 143 25.14 24.90 33.73
CA MET E 143 26.09 23.82 34.14
C MET E 143 27.51 24.18 33.71
N VAL E 144 28.47 24.01 34.63
CA VAL E 144 29.86 24.47 34.39
C VAL E 144 30.82 23.33 34.70
N PHE E 145 31.97 23.36 34.05
CA PHE E 145 33.07 22.43 34.37
C PHE E 145 33.55 22.62 35.82
N ASN E 146 33.80 23.88 36.19
CA ASN E 146 34.26 24.33 37.52
C ASN E 146 33.30 25.38 38.09
N HIS E 147 32.58 25.07 39.16
CA HIS E 147 31.60 26.02 39.78
C HIS E 147 32.32 27.27 40.36
N ARG E 148 33.60 27.18 40.68
CA ARG E 148 34.36 28.29 41.32
C ARG E 148 34.90 29.28 40.27
N ALA E 149 34.72 29.01 38.99
CA ALA E 149 35.03 29.98 37.91
C ALA E 149 34.31 31.31 38.20
N THR E 150 35.04 32.41 38.18
CA THR E 150 34.46 33.77 38.28
C THR E 150 34.33 34.33 36.86
N TYR E 151 33.11 34.42 36.34
CA TYR E 151 32.83 34.93 34.98
C TYR E 151 32.86 36.46 35.03
N PRO E 152 33.24 37.12 33.91
CA PRO E 152 33.42 38.58 33.92
C PRO E 152 32.06 39.30 33.92
N ALA E 153 32.08 40.59 34.29
CA ALA E 153 30.87 41.42 34.44
C ALA E 153 30.02 41.39 33.16
N GLU E 154 30.66 41.35 31.99
CA GLU E 154 29.99 41.37 30.66
C GLU E 154 29.07 40.13 30.50
N ALA E 155 29.41 38.99 31.12
CA ALA E 155 28.74 37.67 30.94
C ALA E 155 27.46 37.60 31.76
N THR E 156 26.44 36.93 31.24
CA THR E 156 25.24 36.56 32.02
C THR E 156 25.44 35.14 32.54
N VAL E 157 25.54 34.98 33.86
CA VAL E 157 25.72 33.65 34.53
C VAL E 157 24.90 33.67 35.81
N ILE E 158 24.71 32.51 36.42
CA ILE E 158 24.36 32.43 37.86
C ILE E 158 25.65 32.57 38.68
N LYS E 159 25.74 33.61 39.53
CA LYS E 159 26.94 33.84 40.37
C LYS E 159 26.92 32.91 41.59
N ASN E 160 28.11 32.51 42.04
CA ASN E 160 28.35 31.61 43.21
C ASN E 160 27.37 30.45 43.10
N PRO E 161 27.35 29.72 41.97
CA PRO E 161 26.29 28.72 41.72
C PRO E 161 26.35 27.45 42.57
N GLY E 162 27.46 27.18 43.25
CA GLY E 162 27.59 26.02 44.16
C GLY E 162 28.13 24.79 43.43
N ALA E 163 28.60 23.81 44.20
CA ALA E 163 29.26 22.56 43.72
C ALA E 163 28.30 21.81 42.79
N SER E 164 26.99 21.95 43.04
CA SER E 164 25.85 21.29 42.35
C SER E 164 25.78 21.65 40.86
N SER E 165 26.26 22.86 40.52
CA SER E 165 26.28 23.42 39.15
C SER E 165 27.29 22.67 38.28
N GLN E 166 28.14 21.82 38.86
CA GLN E 166 29.10 21.00 38.08
C GLN E 166 28.34 19.79 37.50
N VAL E 167 27.16 19.47 38.02
CA VAL E 167 26.26 18.45 37.39
C VAL E 167 24.86 19.06 37.33
N PHE E 168 23.78 18.27 37.42
CA PHE E 168 22.42 18.83 37.25
C PHE E 168 21.87 19.27 38.60
N ASP E 169 21.45 20.55 38.66
CA ASP E 169 20.76 21.16 39.81
C ASP E 169 19.47 21.77 39.26
N PRO E 170 18.31 21.27 39.69
CA PRO E 170 17.03 21.75 39.15
C PRO E 170 16.75 23.23 39.42
N ASN E 171 17.50 23.87 40.33
CA ASN E 171 17.32 25.30 40.67
C ASN E 171 17.97 26.20 39.62
N LEU E 172 18.94 25.69 38.85
CA LEU E 172 19.84 26.56 38.05
C LEU E 172 19.32 26.66 36.61
N LYS E 173 18.34 27.54 36.42
CA LYS E 173 17.60 27.74 35.15
C LYS E 173 17.86 29.14 34.62
N GLY E 174 17.74 29.32 33.32
CA GLY E 174 17.82 30.62 32.61
C GLY E 174 17.06 30.57 31.31
N THR E 175 16.92 31.69 30.63
CA THR E 175 16.40 31.70 29.25
C THR E 175 17.37 32.54 28.44
N LEU E 176 17.45 32.24 27.15
CA LEU E 176 18.43 32.92 26.28
C LEU E 176 17.81 34.23 25.76
N THR E 177 17.98 35.30 26.52
CA THR E 177 17.27 36.56 26.26
C THR E 177 18.19 37.63 25.69
N ALA E 178 19.48 37.34 25.47
CA ALA E 178 20.42 38.33 24.91
C ALA E 178 21.50 37.64 24.09
N ASP E 179 21.80 38.25 22.95
CA ASP E 179 22.90 37.86 22.03
C ASP E 179 24.28 38.15 22.68
N GLY E 180 25.25 37.25 22.46
CA GLY E 180 26.69 37.50 22.73
C GLY E 180 27.09 37.64 24.19
N VAL E 181 26.31 37.13 25.17
CA VAL E 181 26.67 37.36 26.60
C VAL E 181 26.39 36.13 27.48
N PHE E 182 25.65 35.13 27.02
CA PHE E 182 25.48 33.83 27.73
C PHE E 182 26.63 32.89 27.35
N PRO E 183 27.57 32.57 28.27
CA PRO E 183 28.76 31.78 27.89
C PRO E 183 28.31 30.35 27.50
N VAL E 184 28.80 29.89 26.36
CA VAL E 184 28.53 28.51 25.88
C VAL E 184 28.95 27.53 26.99
N GLU E 185 30.09 27.77 27.64
CA GLU E 185 30.66 26.85 28.65
C GLU E 185 29.82 26.83 29.94
N ALA E 186 28.78 27.66 30.07
CA ALA E 186 28.03 27.77 31.34
C ALA E 186 26.57 27.46 31.14
N TRP E 187 26.08 27.43 29.92
CA TRP E 187 24.66 27.21 29.64
C TRP E 187 24.47 26.19 28.50
N GLY E 188 23.50 25.29 28.67
CA GLY E 188 23.01 24.39 27.61
C GLY E 188 21.49 24.33 27.54
N PRO E 189 20.93 23.74 26.47
CA PRO E 189 19.49 23.57 26.37
C PRO E 189 18.96 22.70 27.52
N ASP E 190 17.80 23.11 28.04
CA ASP E 190 17.08 22.41 29.13
C ASP E 190 16.12 21.41 28.51
N PRO E 191 16.39 20.09 28.63
CA PRO E 191 15.45 19.09 28.12
C PRO E 191 14.17 18.97 28.98
N PHE E 192 14.14 19.54 30.18
CA PHE E 192 12.93 19.56 31.06
C PHE E 192 11.92 20.59 30.56
N LYS E 193 12.33 21.49 29.67
CA LYS E 193 11.46 22.57 29.13
C LYS E 193 11.54 22.52 27.60
N ASN E 194 11.45 23.67 26.90
CA ASN E 194 11.63 23.76 25.43
C ASN E 194 10.55 22.92 24.72
N GLU E 195 9.29 22.95 25.19
CA GLU E 195 8.20 22.18 24.52
C GLU E 195 7.79 22.90 23.24
N ASN E 196 8.17 24.17 23.09
CA ASN E 196 7.80 25.07 21.98
C ASN E 196 9.07 25.47 21.20
N THR E 197 10.15 24.67 21.33
CA THR E 197 11.46 24.87 20.65
C THR E 197 12.01 23.50 20.24
N ARG E 198 12.60 23.44 19.06
CA ARG E 198 13.41 22.29 18.60
C ARG E 198 14.87 22.71 18.66
N TYR E 199 15.71 21.92 19.33
CA TYR E 199 17.17 22.16 19.35
C TYR E 199 17.88 20.88 18.92
N PHE E 200 19.06 21.09 18.37
CA PHE E 200 19.97 20.09 17.80
C PHE E 200 21.39 20.55 18.11
N GLY E 201 22.26 19.62 18.46
CA GLY E 201 23.65 20.00 18.76
C GLY E 201 24.60 18.83 18.64
N GLN E 202 25.85 19.13 18.33
CA GLN E 202 26.93 18.12 18.30
C GLN E 202 28.20 18.77 18.86
N TYR E 203 28.89 18.05 19.73
CA TYR E 203 30.22 18.42 20.26
C TYR E 203 31.23 17.38 19.79
N THR E 204 32.34 17.81 19.18
CA THR E 204 33.55 16.96 18.95
C THR E 204 34.70 17.66 19.67
N GLY E 205 35.32 17.01 20.65
CA GLY E 205 36.32 17.63 21.53
C GLY E 205 37.72 17.66 20.93
N GLY E 206 38.70 18.02 21.77
CA GLY E 206 40.13 17.97 21.43
C GLY E 206 40.62 19.30 20.89
N THR E 207 41.94 19.43 20.68
CA THR E 207 42.59 20.71 20.33
C THR E 207 43.30 20.58 18.98
N GLN E 208 43.56 19.36 18.54
CA GLN E 208 44.15 19.08 17.20
C GLN E 208 43.21 18.24 16.33
N THR E 209 41.98 17.99 16.76
CA THR E 209 40.95 17.29 15.96
C THR E 209 40.71 17.99 14.63
N PRO E 210 40.60 17.25 13.51
CA PRO E 210 40.19 17.83 12.24
C PRO E 210 38.74 18.31 12.25
N PRO E 211 38.43 19.57 11.92
CA PRO E 211 37.04 19.98 11.75
C PRO E 211 36.40 19.26 10.55
N VAL E 212 35.13 18.88 10.70
CA VAL E 212 34.31 18.22 9.63
C VAL E 212 33.04 19.04 9.50
N LEU E 213 32.86 19.75 8.39
CA LEU E 213 31.65 20.55 8.15
C LEU E 213 31.09 20.23 6.77
N THR E 214 29.78 20.19 6.65
CA THR E 214 29.08 19.92 5.36
C THR E 214 28.19 21.13 5.10
N PHE E 215 27.80 21.36 3.84
CA PHE E 215 26.88 22.46 3.46
C PHE E 215 26.20 22.05 2.16
N THR E 216 24.91 22.37 2.07
CA THR E 216 24.07 22.10 0.89
C THR E 216 22.82 22.93 1.05
N ASN E 217 22.19 23.31 -0.05
CA ASN E 217 20.90 24.03 0.02
C ASN E 217 19.77 23.02 -0.21
N THR E 218 20.03 21.71 -0.10
CA THR E 218 19.10 20.61 -0.47
C THR E 218 18.50 19.90 0.75
N GLN E 219 18.82 20.32 1.99
CA GLN E 219 18.28 19.64 3.21
C GLN E 219 17.22 20.51 3.90
N THR E 220 16.07 19.94 4.18
CA THR E 220 14.98 20.57 4.98
C THR E 220 14.71 19.69 6.19
N THR E 221 14.65 20.29 7.38
CA THR E 221 14.27 19.58 8.63
C THR E 221 12.82 19.94 8.94
N ILE E 222 12.00 18.94 9.24
CA ILE E 222 10.57 19.12 9.65
C ILE E 222 10.58 19.46 11.14
N LEU E 223 9.83 20.49 11.56
CA LEU E 223 9.82 20.97 12.97
C LEU E 223 8.56 20.53 13.71
N LEU E 224 7.66 19.76 13.07
CA LEU E 224 6.39 19.29 13.70
C LEU E 224 6.75 18.27 14.77
N ASP E 225 6.09 18.31 15.93
CA ASP E 225 6.25 17.31 17.01
C ASP E 225 5.47 16.03 16.70
N GLU E 226 5.42 15.10 17.64
CA GLU E 226 4.70 13.80 17.46
C GLU E 226 3.21 14.04 17.16
N ASN E 227 2.66 15.19 17.55
CA ASN E 227 1.21 15.54 17.39
C ASN E 227 0.98 16.38 16.14
N GLY E 228 1.99 16.55 15.29
CA GLY E 228 1.89 17.31 14.02
C GLY E 228 1.90 18.82 14.27
N VAL E 229 2.43 19.27 15.42
CA VAL E 229 2.43 20.71 15.82
C VAL E 229 3.85 21.27 15.79
N GLY E 230 4.07 22.35 15.05
CA GLY E 230 5.35 23.06 15.03
C GLY E 230 5.43 24.06 16.19
N PRO E 231 6.61 24.68 16.39
CA PRO E 231 6.72 25.84 17.26
C PRO E 231 5.70 26.95 16.92
N LEU E 232 4.96 27.38 17.94
CA LEU E 232 3.88 28.41 17.86
C LEU E 232 4.43 29.74 18.37
N CYS E 233 4.53 30.74 17.49
CA CYS E 233 5.29 31.99 17.72
C CYS E 233 4.49 32.94 18.62
N LYS E 234 4.77 32.92 19.92
CA LYS E 234 4.13 33.80 20.92
C LYS E 234 4.46 35.24 20.58
N GLY E 235 3.47 36.13 20.67
CA GLY E 235 3.62 37.56 20.35
C GLY E 235 4.15 37.80 18.95
N ASP E 236 3.89 36.88 18.00
CA ASP E 236 4.31 36.95 16.57
C ASP E 236 5.82 37.07 16.42
N GLY E 237 6.59 36.46 17.32
CA GLY E 237 8.06 36.43 17.23
C GLY E 237 8.60 35.02 17.02
N LEU E 238 9.59 34.88 16.14
CA LEU E 238 10.33 33.62 15.87
C LEU E 238 11.72 33.74 16.52
N PHE E 239 12.08 32.80 17.39
CA PHE E 239 13.36 32.84 18.16
C PHE E 239 14.36 31.84 17.55
N LEU E 240 15.47 32.38 17.07
CA LEU E 240 16.61 31.63 16.48
C LEU E 240 17.82 31.78 17.41
N SER E 241 18.52 30.69 17.66
CA SER E 241 19.67 30.58 18.58
C SER E 241 20.72 29.66 17.97
N CYS E 242 22.00 29.92 18.20
CA CYS E 242 23.04 28.97 17.76
C CYS E 242 24.37 29.28 18.44
N ALA E 243 25.26 28.31 18.32
CA ALA E 243 26.71 28.47 18.58
C ALA E 243 27.41 27.57 17.57
N ASP E 244 28.43 28.10 16.89
CA ASP E 244 29.20 27.40 15.84
C ASP E 244 30.69 27.65 16.02
N ILE E 245 31.25 27.04 17.06
CA ILE E 245 32.72 26.93 17.27
C ILE E 245 33.25 25.95 16.23
N VAL E 246 34.15 26.41 15.36
CA VAL E 246 34.77 25.55 14.34
C VAL E 246 36.07 24.92 14.88
N GLY E 247 36.76 25.56 15.81
CA GLY E 247 38.04 25.03 16.33
C GLY E 247 38.94 26.17 16.76
N PHE E 248 40.26 25.94 16.84
CA PHE E 248 41.20 26.98 17.31
C PHE E 248 42.12 27.43 16.18
N PHE E 249 42.43 28.71 16.22
CA PHE E 249 43.47 29.36 15.38
C PHE E 249 44.73 29.43 16.23
N THR E 250 45.86 28.93 15.72
CA THR E 250 47.15 28.90 16.47
C THR E 250 48.16 29.84 15.78
N GLN E 251 48.64 30.87 16.50
CA GLN E 251 49.70 31.81 16.04
C GLN E 251 51.05 31.11 16.04
N HIS E 252 52.04 31.76 15.43
CA HIS E 252 53.44 31.31 15.41
C HIS E 252 53.95 31.14 16.86
N ASN E 253 53.56 32.02 17.77
CA ASN E 253 54.04 31.98 19.18
C ASN E 253 53.17 31.02 20.02
N LYS E 254 52.24 30.32 19.37
CA LYS E 254 51.43 29.19 19.94
C LYS E 254 50.23 29.67 20.75
N LYS E 255 49.95 30.97 20.74
CA LYS E 255 48.68 31.50 21.27
C LYS E 255 47.55 30.98 20.40
N MET E 256 46.47 30.60 21.07
CA MET E 256 45.34 29.90 20.44
C MET E 256 44.09 30.68 20.77
N SER E 257 43.20 30.80 19.79
CA SER E 257 41.91 31.51 19.94
C SER E 257 40.82 30.68 19.29
N PHE E 258 39.59 30.74 19.83
CA PHE E 258 38.38 30.22 19.15
C PHE E 258 38.16 30.95 17.82
N ARG E 259 37.83 30.20 16.75
CA ARG E 259 37.26 30.72 15.49
C ARG E 259 35.82 30.21 15.33
N GLY E 260 34.90 31.11 15.02
CA GLY E 260 33.48 30.78 14.79
C GLY E 260 33.04 31.08 13.37
N LEU E 261 31.89 30.57 12.98
CA LEU E 261 31.26 30.88 11.67
C LEU E 261 29.81 31.25 11.84
N PRO E 262 29.30 32.09 10.92
CA PRO E 262 27.90 32.50 10.97
C PRO E 262 27.00 31.39 10.46
N ARG E 263 25.76 31.45 10.88
CA ARG E 263 24.73 30.47 10.54
C ARG E 263 23.54 31.16 9.85
N TYR E 264 23.13 30.52 8.76
CA TYR E 264 21.93 30.82 7.93
C TYR E 264 20.75 30.02 8.44
N PHE E 265 19.59 30.67 8.50
CA PHE E 265 18.31 29.99 8.81
C PHE E 265 17.30 30.39 7.72
N ARG E 266 16.59 29.41 7.20
CA ARG E 266 15.30 29.61 6.49
C ARG E 266 14.21 28.87 7.27
N VAL E 267 13.13 29.55 7.63
CA VAL E 267 12.01 28.89 8.35
C VAL E 267 10.73 29.14 7.54
N THR E 268 9.97 28.06 7.37
CA THR E 268 8.61 28.08 6.76
C THR E 268 7.58 28.00 7.88
N LEU E 269 6.62 28.91 7.82
CA LEU E 269 5.54 29.02 8.82
C LEU E 269 4.18 29.12 8.11
N ARG E 270 3.16 28.63 8.79
CA ARG E 270 1.75 28.59 8.33
C ARG E 270 0.88 29.12 9.47
N LYS E 271 -0.30 29.63 9.12
CA LYS E 271 -1.25 30.16 10.13
C LYS E 271 -1.95 28.96 10.78
N ARG E 272 -2.06 28.99 12.10
CA ARG E 272 -2.72 27.91 12.89
C ARG E 272 -3.71 28.59 13.84
N VAL E 273 -4.91 28.03 13.91
CA VAL E 273 -5.99 28.49 14.83
C VAL E 273 -5.69 27.99 16.23
N VAL E 274 -5.76 28.86 17.24
CA VAL E 274 -5.60 28.45 18.67
C VAL E 274 -6.80 28.93 19.50
N LYS E 275 -7.17 28.17 20.54
CA LYS E 275 -8.22 28.53 21.53
C LYS E 275 -7.71 29.70 22.38
N GLY F 6 -3.15 1.31 -37.54
CA GLY F 6 -1.72 0.91 -37.38
C GLY F 6 -0.84 2.07 -36.94
N ILE F 7 -1.38 2.93 -36.07
CA ILE F 7 -0.71 4.15 -35.50
C ILE F 7 0.32 3.72 -34.45
N GLU F 8 1.52 4.30 -34.50
CA GLU F 8 2.55 4.15 -33.45
C GLU F 8 2.30 5.22 -32.36
N VAL F 9 1.80 4.79 -31.21
CA VAL F 9 1.38 5.73 -30.14
C VAL F 9 2.58 6.02 -29.26
N LEU F 10 2.86 7.30 -29.01
CA LEU F 10 4.02 7.80 -28.22
C LEU F 10 3.49 8.41 -26.92
N ALA F 11 4.09 9.50 -26.44
CA ALA F 11 3.82 10.06 -25.10
C ALA F 11 2.47 10.81 -25.03
N VAL F 12 1.79 10.69 -23.88
CA VAL F 12 0.72 11.61 -23.44
C VAL F 12 1.28 13.00 -23.16
N ARG F 13 0.62 14.04 -23.67
CA ARG F 13 0.91 15.45 -23.30
C ARG F 13 0.14 15.77 -22.03
N THR F 14 0.77 16.44 -21.08
CA THR F 14 0.12 16.86 -19.82
C THR F 14 0.12 18.38 -19.82
N GLY F 15 -0.50 18.99 -18.84
CA GLY F 15 -0.51 20.47 -18.85
C GLY F 15 -1.91 21.05 -18.90
N PRO F 16 -2.00 22.37 -18.64
CA PRO F 16 -3.29 23.08 -18.58
C PRO F 16 -4.03 23.09 -19.91
N ASP F 17 -3.30 23.04 -21.03
CA ASP F 17 -3.90 23.14 -22.38
C ASP F 17 -3.94 21.76 -23.06
N SER F 18 -3.77 20.67 -22.32
CA SER F 18 -3.60 19.33 -22.94
C SER F 18 -4.95 18.59 -23.00
N ILE F 19 -6.00 19.16 -22.39
CA ILE F 19 -7.35 18.51 -22.29
C ILE F 19 -8.41 19.44 -22.89
N THR F 20 -9.33 18.84 -23.63
CA THR F 20 -10.53 19.50 -24.16
C THR F 20 -11.75 18.62 -23.85
N GLU F 21 -12.93 19.21 -23.81
CA GLU F 21 -14.20 18.47 -23.63
C GLU F 21 -15.14 18.86 -24.74
N ILE F 22 -15.86 17.89 -25.29
CA ILE F 22 -16.98 18.18 -26.22
C ILE F 22 -18.28 17.70 -25.58
N GLU F 23 -19.36 18.41 -25.89
CA GLU F 23 -20.72 17.97 -25.58
C GLU F 23 -21.51 17.94 -26.88
N ALA F 24 -22.33 16.90 -27.03
CA ALA F 24 -23.12 16.63 -28.25
C ALA F 24 -24.41 15.91 -27.86
N TYR F 25 -25.44 16.07 -28.68
CA TYR F 25 -26.67 15.27 -28.58
C TYR F 25 -26.82 14.48 -29.88
N LEU F 26 -27.40 13.31 -29.79
CA LEU F 26 -27.92 12.58 -30.97
C LEU F 26 -29.40 12.36 -30.79
N ASN F 27 -30.18 12.96 -31.68
CA ASN F 27 -31.64 12.78 -31.77
C ASN F 27 -31.89 11.39 -32.31
N PRO F 28 -32.96 10.73 -31.84
CA PRO F 28 -33.31 9.37 -32.29
C PRO F 28 -33.82 9.35 -33.75
N ARG F 29 -33.67 8.21 -34.42
CA ARG F 29 -34.12 8.05 -35.83
C ARG F 29 -35.11 6.88 -35.92
N MET F 30 -36.31 7.03 -35.33
CA MET F 30 -37.28 5.93 -35.13
C MET F 30 -38.15 5.70 -36.38
N GLY F 31 -38.13 6.65 -37.33
CA GLY F 31 -38.69 6.45 -38.68
C GLY F 31 -39.46 7.65 -39.21
N GLN F 32 -40.28 8.27 -38.37
CA GLN F 32 -41.10 9.43 -38.81
C GLN F 32 -40.18 10.63 -39.05
N PRO F 33 -40.51 11.46 -40.06
CA PRO F 33 -39.63 12.57 -40.46
C PRO F 33 -39.53 13.65 -39.38
N GLN F 34 -38.34 14.25 -39.29
CA GLN F 34 -37.97 15.45 -38.50
C GLN F 34 -39.02 16.55 -38.69
N ASN F 35 -39.33 17.26 -37.61
CA ASN F 35 -40.03 18.56 -37.67
C ASN F 35 -41.46 18.36 -38.19
N GLU F 36 -41.95 17.12 -38.13
CA GLU F 36 -43.38 16.81 -38.33
C GLU F 36 -43.89 16.17 -37.03
N ASP F 37 -45.20 16.01 -36.93
CA ASP F 37 -45.90 15.83 -35.65
C ASP F 37 -45.52 14.51 -34.95
N PHE F 38 -44.91 13.53 -35.65
CA PHE F 38 -44.55 12.19 -35.10
C PHE F 38 -43.05 12.02 -34.90
N TYR F 39 -42.27 13.10 -34.92
CA TYR F 39 -40.80 13.09 -34.70
C TYR F 39 -40.50 12.43 -33.34
N GLY F 40 -39.61 11.43 -33.30
CA GLY F 40 -39.40 10.63 -32.07
C GLY F 40 -40.04 9.26 -32.17
N PHE F 41 -40.99 9.07 -33.08
CA PHE F 41 -41.75 7.81 -33.22
C PHE F 41 -41.39 7.18 -34.57
N SER F 42 -41.58 5.87 -34.69
CA SER F 42 -41.77 5.25 -36.03
C SER F 42 -43.22 5.51 -36.44
N ASP F 43 -43.52 5.19 -37.69
CA ASP F 43 -44.91 5.06 -38.17
C ASP F 43 -45.43 3.73 -37.63
N ASN F 44 -46.74 3.55 -37.69
CA ASN F 44 -47.41 2.34 -37.18
C ASN F 44 -46.85 1.10 -37.91
N VAL F 45 -46.49 0.07 -37.13
CA VAL F 45 -45.75 -1.12 -37.66
C VAL F 45 -46.73 -2.07 -38.31
N THR F 46 -46.44 -2.46 -39.55
CA THR F 46 -47.18 -3.53 -40.25
C THR F 46 -46.35 -4.80 -40.20
N VAL F 47 -47.02 -5.95 -40.28
CA VAL F 47 -46.37 -7.26 -40.10
C VAL F 47 -46.73 -8.12 -41.32
N SER F 48 -45.73 -8.77 -41.89
CA SER F 48 -45.83 -9.64 -43.09
C SER F 48 -46.48 -10.97 -42.71
N ASP F 49 -46.98 -11.67 -43.72
CA ASP F 49 -47.65 -12.98 -43.57
C ASP F 49 -46.61 -14.11 -43.62
N ASP F 50 -45.44 -13.89 -44.23
CA ASP F 50 -44.37 -14.89 -44.40
C ASP F 50 -43.05 -14.16 -44.64
N PHE F 51 -41.92 -14.84 -44.49
CA PHE F 51 -40.55 -14.33 -44.74
C PHE F 51 -40.36 -13.96 -46.23
N GLY F 52 -41.05 -14.64 -47.16
CA GLY F 52 -40.93 -14.40 -48.62
C GLY F 52 -41.54 -13.09 -49.08
N SER F 53 -42.62 -12.64 -48.45
CA SER F 53 -43.36 -11.41 -48.82
C SER F 53 -43.11 -10.27 -47.81
N ASP F 54 -41.97 -10.26 -47.15
CA ASP F 54 -41.63 -9.32 -46.05
C ASP F 54 -40.96 -8.06 -46.64
N ALA F 55 -41.62 -6.92 -46.55
CA ALA F 55 -41.13 -5.66 -47.15
C ALA F 55 -41.50 -4.52 -46.21
N PRO F 56 -40.73 -4.29 -45.12
CA PRO F 56 -41.10 -3.24 -44.18
C PRO F 56 -41.04 -1.86 -44.83
N PRO F 57 -42.13 -1.08 -44.84
CA PRO F 57 -42.09 0.26 -45.45
C PRO F 57 -41.22 1.25 -44.68
N TRP F 58 -40.57 2.14 -45.41
CA TRP F 58 -39.80 3.24 -44.80
C TRP F 58 -40.70 3.95 -43.78
N LYS F 59 -40.08 4.35 -42.67
CA LYS F 59 -40.66 5.06 -41.49
C LYS F 59 -41.13 4.05 -40.44
N GLN F 60 -41.20 2.75 -40.73
CA GLN F 60 -41.84 1.78 -39.81
C GLN F 60 -40.78 1.07 -38.94
N PHE F 61 -39.49 1.38 -39.10
CA PHE F 61 -38.40 0.79 -38.31
C PHE F 61 -37.31 1.80 -37.99
N PRO F 62 -36.68 1.64 -36.82
CA PRO F 62 -35.61 2.53 -36.40
C PRO F 62 -34.26 2.26 -37.07
N CYS F 63 -33.45 3.31 -37.15
CA CYS F 63 -32.08 3.31 -37.69
C CYS F 63 -31.14 3.90 -36.65
N TYR F 64 -29.83 3.63 -36.78
CA TYR F 64 -28.79 4.15 -35.89
C TYR F 64 -28.71 5.66 -36.07
N SER F 65 -28.44 6.33 -34.97
CA SER F 65 -27.97 7.74 -34.94
C SER F 65 -26.44 7.75 -34.97
N THR F 66 -25.85 8.69 -35.70
CA THR F 66 -24.37 8.89 -35.72
C THR F 66 -24.07 10.35 -36.08
N ALA F 67 -22.92 10.83 -35.60
CA ALA F 67 -22.33 12.16 -35.94
C ALA F 67 -20.81 12.06 -35.89
N ARG F 68 -20.14 12.77 -36.80
CA ARG F 68 -18.71 13.13 -36.68
C ARG F 68 -18.62 14.51 -36.03
N ILE F 69 -17.99 14.60 -34.86
CA ILE F 69 -17.66 15.90 -34.20
C ILE F 69 -16.27 16.34 -34.67
N SER F 70 -16.22 17.54 -35.24
CA SER F 70 -14.98 18.25 -35.60
C SER F 70 -14.33 18.74 -34.30
N LEU F 71 -13.10 18.33 -34.06
CA LEU F 71 -12.29 18.68 -32.86
C LEU F 71 -11.31 19.77 -33.27
N PRO F 72 -10.74 20.56 -32.31
CA PRO F 72 -9.73 21.56 -32.64
C PRO F 72 -8.60 20.92 -33.45
N MET F 73 -8.18 21.59 -34.51
CA MET F 73 -7.06 21.12 -35.34
C MET F 73 -5.74 21.56 -34.69
N LEU F 74 -5.12 20.64 -33.98
CA LEU F 74 -4.07 20.98 -32.99
C LEU F 74 -2.67 20.97 -33.61
N ASN F 75 -2.52 20.61 -34.89
CA ASN F 75 -1.19 20.58 -35.58
C ASN F 75 -1.06 21.69 -36.64
N GLN F 76 -0.07 22.56 -36.49
CA GLN F 76 0.21 23.61 -37.50
C GLN F 76 0.82 22.97 -38.74
N ASP F 77 1.54 21.85 -38.59
CA ASP F 77 2.27 21.18 -39.68
C ASP F 77 1.94 19.69 -39.65
N MET F 78 1.27 19.18 -40.69
CA MET F 78 0.80 17.77 -40.66
C MET F 78 1.88 16.87 -41.26
N THR F 79 3.06 17.41 -41.60
CA THR F 79 4.14 16.64 -42.27
C THR F 79 5.30 16.35 -41.31
N SER F 80 5.26 16.81 -40.07
CA SER F 80 6.39 16.58 -39.12
C SER F 80 6.47 15.07 -38.85
N ASP F 81 7.58 14.63 -38.23
CA ASP F 81 7.91 13.20 -37.98
C ASP F 81 6.90 12.66 -36.96
N THR F 82 6.43 13.53 -36.07
CA THR F 82 5.35 13.20 -35.09
C THR F 82 4.28 14.28 -35.14
N ILE F 83 3.05 13.90 -34.79
CA ILE F 83 1.92 14.84 -34.67
C ILE F 83 1.16 14.50 -33.39
N LEU F 84 0.29 15.42 -33.01
CA LEU F 84 -0.64 15.24 -31.88
C LEU F 84 -1.96 14.72 -32.44
N MET F 85 -2.60 13.84 -31.70
CA MET F 85 -3.99 13.37 -31.96
C MET F 85 -4.75 13.51 -30.64
N TRP F 86 -6.02 13.87 -30.75
CA TRP F 86 -6.96 13.83 -29.61
C TRP F 86 -7.24 12.37 -29.27
N GLU F 87 -7.10 12.03 -28.00
CA GLU F 87 -7.31 10.69 -27.42
C GLU F 87 -8.51 10.83 -26.46
N ALA F 88 -9.64 10.17 -26.74
CA ALA F 88 -10.83 10.15 -25.85
C ALA F 88 -10.49 9.28 -24.63
N ILE F 89 -10.44 9.88 -23.44
CA ILE F 89 -10.02 9.16 -22.20
C ILE F 89 -11.22 8.78 -21.34
N SER F 90 -12.32 9.54 -21.39
CA SER F 90 -13.53 9.24 -20.60
C SER F 90 -14.73 9.90 -21.25
N CYS F 91 -15.91 9.51 -20.80
CA CYS F 91 -17.20 10.09 -21.26
C CYS F 91 -18.23 10.03 -20.14
N ARG F 92 -19.20 10.93 -20.22
CA ARG F 92 -20.51 10.80 -19.57
C ARG F 92 -21.49 10.64 -20.73
N THR F 93 -22.50 9.82 -20.53
CA THR F 93 -23.58 9.67 -21.50
C THR F 93 -24.87 9.52 -20.74
N GLU F 94 -25.93 10.12 -21.28
CA GLU F 94 -27.26 10.05 -20.63
C GLU F 94 -28.35 10.01 -21.70
N VAL F 95 -29.34 9.16 -21.52
CA VAL F 95 -30.62 9.23 -22.26
C VAL F 95 -31.40 10.42 -21.68
N MET F 96 -31.76 11.38 -22.52
CA MET F 96 -32.50 12.58 -22.09
C MET F 96 -34.00 12.35 -22.32
N GLY F 97 -34.85 13.08 -21.62
CA GLY F 97 -36.29 13.07 -21.86
C GLY F 97 -36.98 11.90 -21.18
N VAL F 98 -36.30 11.22 -20.26
CA VAL F 98 -36.92 10.05 -19.55
C VAL F 98 -38.20 10.53 -18.89
N ASN F 99 -38.19 11.76 -18.39
CA ASN F 99 -39.36 12.45 -17.79
C ASN F 99 -40.62 12.26 -18.64
N MET F 100 -40.51 12.34 -19.97
CA MET F 100 -41.70 12.31 -20.86
C MET F 100 -42.51 11.04 -20.66
N LEU F 101 -41.89 9.96 -20.20
CA LEU F 101 -42.54 8.63 -20.10
C LEU F 101 -43.51 8.58 -18.91
N THR F 102 -43.57 9.62 -18.08
CA THR F 102 -44.63 9.74 -17.02
C THR F 102 -45.97 10.19 -17.62
N ASN F 103 -46.04 10.46 -18.93
CA ASN F 103 -47.29 10.82 -19.66
C ASN F 103 -48.08 9.55 -19.93
N VAL F 104 -49.27 9.42 -19.33
CA VAL F 104 -50.20 8.29 -19.58
C VAL F 104 -51.57 8.86 -19.96
N HIS F 105 -51.59 10.02 -20.60
CA HIS F 105 -52.86 10.68 -21.05
C HIS F 105 -52.93 10.82 -22.59
N SER F 106 -51.82 10.75 -23.31
CA SER F 106 -51.79 11.20 -24.73
C SER F 106 -52.16 10.06 -25.69
N ALA F 107 -53.45 9.90 -25.99
CA ALA F 107 -53.99 9.06 -27.09
C ALA F 107 -53.49 7.62 -26.96
N GLN F 108 -53.46 7.09 -25.73
CA GLN F 108 -52.91 5.74 -25.45
C GLN F 108 -54.05 4.79 -25.13
N LYS F 109 -53.97 3.55 -25.60
CA LYS F 109 -54.85 2.45 -25.15
C LYS F 109 -54.91 2.46 -23.63
N ARG F 110 -56.11 2.35 -23.06
CA ARG F 110 -56.29 2.45 -21.58
CA ARG F 110 -56.39 2.43 -21.60
C ARG F 110 -56.08 1.08 -20.93
N VAL F 111 -55.68 1.08 -19.66
CA VAL F 111 -55.43 -0.16 -18.88
C VAL F 111 -56.71 -1.02 -18.89
N TYR F 112 -57.89 -0.40 -18.77
CA TYR F 112 -59.21 -1.11 -18.74
C TYR F 112 -60.05 -0.67 -19.96
N GLU F 113 -59.63 -1.07 -21.17
CA GLU F 113 -60.28 -0.55 -22.41
C GLU F 113 -61.77 -0.96 -22.47
N ASN F 114 -62.13 -2.17 -22.00
CA ASN F 114 -63.52 -2.68 -21.96
C ASN F 114 -64.42 -1.73 -21.15
N ASP F 115 -63.84 -1.09 -20.13
CA ASP F 115 -64.55 -0.16 -19.21
C ASP F 115 -64.32 1.27 -19.64
N ARG F 116 -63.56 1.52 -20.72
CA ARG F 116 -63.07 2.87 -21.12
C ARG F 116 -62.53 3.60 -19.89
N GLU F 117 -61.66 2.95 -19.12
CA GLU F 117 -61.20 3.50 -17.83
C GLU F 117 -59.73 3.17 -17.62
N GLY F 118 -59.13 3.94 -16.71
CA GLY F 118 -57.74 3.80 -16.26
C GLY F 118 -56.84 4.75 -17.01
N THR F 119 -55.57 4.75 -16.66
CA THR F 119 -54.53 5.50 -17.39
C THR F 119 -54.33 4.86 -18.77
N GLY F 120 -53.67 5.58 -19.67
CA GLY F 120 -52.92 4.96 -20.77
C GLY F 120 -51.92 3.92 -20.23
N ILE F 121 -51.59 2.95 -21.05
CA ILE F 121 -50.61 1.87 -20.69
C ILE F 121 -49.18 2.44 -20.81
N GLY F 122 -49.04 3.63 -21.38
CA GLY F 122 -47.74 4.30 -21.55
C GLY F 122 -46.87 3.58 -22.56
N VAL F 123 -45.57 3.84 -22.55
CA VAL F 123 -44.62 3.13 -23.46
C VAL F 123 -44.23 1.82 -22.77
N GLU F 124 -44.37 0.72 -23.49
CA GLU F 124 -43.87 -0.57 -22.96
C GLU F 124 -43.35 -1.41 -24.11
N GLY F 125 -42.54 -2.41 -23.77
CA GLY F 125 -42.07 -3.40 -24.73
C GLY F 125 -40.58 -3.25 -24.82
N MET F 126 -40.02 -3.57 -25.96
CA MET F 126 -38.55 -3.77 -26.02
C MET F 126 -37.80 -2.46 -25.78
N GLY F 127 -36.69 -2.55 -25.08
CA GLY F 127 -35.69 -1.50 -24.90
C GLY F 127 -34.42 -1.95 -25.62
N TYR F 128 -33.91 -1.16 -26.57
CA TYR F 128 -32.56 -1.38 -27.13
C TYR F 128 -31.76 -0.10 -26.95
N HIS F 129 -30.73 -0.15 -26.11
CA HIS F 129 -29.87 1.00 -25.77
C HIS F 129 -28.42 0.66 -26.07
N MET F 130 -27.83 1.41 -26.97
CA MET F 130 -26.41 1.19 -27.29
C MET F 130 -25.80 2.54 -27.62
N PHE F 131 -24.53 2.70 -27.29
CA PHE F 131 -23.71 3.85 -27.73
C PHE F 131 -22.29 3.38 -28.03
N ALA F 132 -21.63 4.15 -28.88
CA ALA F 132 -20.22 3.92 -29.25
C ALA F 132 -19.51 5.27 -29.35
N ILE F 133 -18.26 5.26 -28.97
CA ILE F 133 -17.38 6.44 -29.06
C ILE F 133 -16.08 5.97 -29.68
N GLY F 134 -15.62 6.64 -30.73
CA GLY F 134 -14.34 6.25 -31.34
C GLY F 134 -13.75 7.27 -32.26
N GLY F 135 -12.58 6.93 -32.79
CA GLY F 135 -11.74 7.86 -33.58
C GLY F 135 -11.99 7.70 -35.07
N GLU F 136 -13.00 6.92 -35.41
CA GLU F 136 -13.36 6.54 -36.78
C GLU F 136 -14.76 5.95 -36.68
N PRO F 137 -15.43 5.78 -37.84
CA PRO F 137 -16.78 5.24 -37.85
C PRO F 137 -16.88 3.86 -37.19
N LEU F 138 -18.00 3.61 -36.52
CA LEU F 138 -18.31 2.29 -35.93
C LEU F 138 -18.30 1.22 -37.05
N GLU F 139 -17.55 0.15 -36.83
CA GLU F 139 -17.49 -1.02 -37.73
C GLU F 139 -18.67 -1.94 -37.44
N LEU F 140 -19.43 -2.29 -38.49
CA LEU F 140 -20.71 -3.03 -38.35
C LEU F 140 -20.59 -4.45 -38.93
N GLN F 141 -21.28 -5.40 -38.29
CA GLN F 141 -21.64 -6.71 -38.90
C GLN F 141 -23.10 -6.62 -39.36
N PHE F 142 -23.37 -6.96 -40.62
CA PHE F 142 -24.72 -7.13 -41.18
C PHE F 142 -25.28 -8.44 -40.65
N MET F 143 -26.46 -8.39 -40.02
CA MET F 143 -27.17 -9.58 -39.51
C MET F 143 -28.66 -9.25 -39.32
N VAL F 144 -29.51 -10.06 -39.96
CA VAL F 144 -30.98 -9.88 -40.05
C VAL F 144 -31.68 -11.14 -39.54
N PHE F 145 -32.90 -10.91 -39.07
CA PHE F 145 -33.79 -11.96 -38.54
C PHE F 145 -34.27 -12.83 -39.70
N ASN F 146 -34.57 -12.19 -40.84
CA ASN F 146 -35.10 -12.83 -42.07
C ASN F 146 -34.35 -12.24 -43.28
N HIS F 147 -33.51 -13.03 -43.94
CA HIS F 147 -32.69 -12.57 -45.09
C HIS F 147 -33.54 -12.11 -46.29
N ARG F 148 -34.77 -12.61 -46.43
CA ARG F 148 -35.66 -12.33 -47.60
C ARG F 148 -36.40 -11.00 -47.40
N ALA F 149 -36.21 -10.30 -46.29
CA ALA F 149 -36.77 -8.94 -46.10
C ALA F 149 -36.28 -8.04 -47.26
N THR F 150 -37.19 -7.32 -47.91
CA THR F 150 -36.89 -6.24 -48.87
C THR F 150 -36.93 -4.90 -48.13
N TYR F 151 -35.76 -4.32 -47.84
CA TYR F 151 -35.63 -3.01 -47.19
C TYR F 151 -35.89 -1.93 -48.23
N PRO F 152 -36.51 -0.81 -47.81
CA PRO F 152 -36.86 0.26 -48.72
C PRO F 152 -35.63 1.02 -49.21
N ALA F 153 -35.77 1.74 -50.32
CA ALA F 153 -34.66 2.42 -51.02
C ALA F 153 -33.96 3.40 -50.06
N GLU F 154 -34.70 4.01 -49.14
CA GLU F 154 -34.15 5.02 -48.20
C GLU F 154 -33.11 4.42 -47.26
N ALA F 155 -33.18 3.11 -46.97
CA ALA F 155 -32.32 2.42 -45.98
C ALA F 155 -31.02 2.00 -46.67
N THR F 156 -29.93 1.99 -45.92
CA THR F 156 -28.64 1.38 -46.31
C THR F 156 -28.55 -0.03 -45.72
N VAL F 157 -28.56 -1.04 -46.59
CA VAL F 157 -28.41 -2.48 -46.24
C VAL F 157 -27.58 -3.19 -47.31
N ILE F 158 -27.15 -4.40 -47.01
CA ILE F 158 -26.62 -5.33 -48.04
C ILE F 158 -27.82 -5.95 -48.78
N LYS F 159 -27.92 -5.70 -50.08
CA LYS F 159 -29.03 -6.19 -50.93
C LYS F 159 -28.87 -7.70 -51.15
N ASN F 160 -29.97 -8.45 -51.22
CA ASN F 160 -29.97 -9.94 -51.43
C ASN F 160 -28.80 -10.56 -50.66
N PRO F 161 -28.78 -10.42 -49.31
CA PRO F 161 -27.64 -10.85 -48.50
C PRO F 161 -27.47 -12.37 -48.34
N GLY F 162 -28.53 -13.15 -48.62
CA GLY F 162 -28.48 -14.63 -48.56
C GLY F 162 -28.81 -15.17 -47.17
N ALA F 163 -29.12 -16.45 -47.10
CA ALA F 163 -29.46 -17.19 -45.86
C ALA F 163 -28.39 -17.02 -44.78
N SER F 164 -27.10 -16.95 -45.15
CA SER F 164 -25.94 -16.87 -44.24
C SER F 164 -26.03 -15.59 -43.39
N SER F 165 -26.71 -14.54 -43.86
CA SER F 165 -26.86 -13.25 -43.15
C SER F 165 -27.81 -13.38 -41.96
N GLN F 166 -28.43 -14.56 -41.75
CA GLN F 166 -29.34 -14.79 -40.60
C GLN F 166 -28.47 -15.13 -39.40
N VAL F 167 -27.18 -15.46 -39.64
CA VAL F 167 -26.17 -15.73 -38.60
C VAL F 167 -24.90 -15.02 -39.06
N PHE F 168 -23.71 -15.47 -38.68
CA PHE F 168 -22.47 -14.71 -38.99
C PHE F 168 -21.95 -15.18 -40.34
N ASP F 169 -21.68 -14.21 -41.20
CA ASP F 169 -21.04 -14.37 -42.53
C ASP F 169 -19.92 -13.34 -42.60
N PRO F 170 -18.67 -13.79 -42.61
CA PRO F 170 -17.54 -12.88 -42.53
C PRO F 170 -17.48 -11.90 -43.71
N ASN F 171 -18.25 -12.11 -44.79
CA ASN F 171 -18.22 -11.23 -45.98
C ASN F 171 -19.09 -9.98 -45.74
N LEU F 172 -19.97 -9.98 -44.72
CA LEU F 172 -21.07 -9.00 -44.64
C LEU F 172 -20.72 -7.91 -43.61
N LYS F 173 -19.79 -7.04 -44.00
CA LYS F 173 -19.25 -5.94 -43.15
C LYS F 173 -19.75 -4.61 -43.70
N GLY F 174 -19.73 -3.60 -42.83
CA GLY F 174 -19.98 -2.20 -43.20
C GLY F 174 -19.43 -1.28 -42.12
N THR F 175 -19.62 0.02 -42.31
CA THR F 175 -19.25 1.07 -41.32
C THR F 175 -20.45 2.01 -41.25
N LEU F 176 -20.66 2.59 -40.08
CA LEU F 176 -21.81 3.47 -39.78
C LEU F 176 -21.41 4.86 -40.25
N THR F 177 -21.67 5.14 -41.54
CA THR F 177 -21.13 6.33 -42.25
C THR F 177 -22.21 7.41 -42.39
N ALA F 178 -23.45 7.16 -41.99
CA ALA F 178 -24.56 8.12 -42.20
C ALA F 178 -25.60 7.98 -41.10
N ASP F 179 -26.18 9.10 -40.74
CA ASP F 179 -27.24 9.18 -39.70
C ASP F 179 -28.61 8.74 -40.25
N GLY F 180 -29.36 7.98 -39.48
CA GLY F 180 -30.79 7.77 -39.74
C GLY F 180 -31.12 6.83 -40.90
N VAL F 181 -30.18 6.03 -41.40
CA VAL F 181 -30.44 5.18 -42.60
C VAL F 181 -30.01 3.72 -42.42
N PHE F 182 -29.14 3.37 -41.48
CA PHE F 182 -28.71 1.97 -41.23
C PHE F 182 -29.73 1.35 -40.27
N PRO F 183 -30.59 0.41 -40.71
CA PRO F 183 -31.64 -0.13 -39.84
C PRO F 183 -31.00 -0.81 -38.62
N VAL F 184 -31.56 -0.56 -37.43
CA VAL F 184 -31.06 -1.22 -36.19
C VAL F 184 -31.17 -2.73 -36.43
N GLU F 185 -32.28 -3.22 -36.97
CA GLU F 185 -32.52 -4.67 -37.12
C GLU F 185 -31.65 -5.34 -38.19
N ALA F 186 -30.80 -4.61 -38.89
CA ALA F 186 -29.96 -5.14 -39.98
C ALA F 186 -28.47 -5.06 -39.66
N TRP F 187 -28.05 -4.21 -38.71
CA TRP F 187 -26.61 -3.99 -38.44
C TRP F 187 -26.34 -3.98 -36.94
N GLY F 188 -25.19 -4.53 -36.54
CA GLY F 188 -24.70 -4.47 -35.16
C GLY F 188 -23.21 -4.24 -35.12
N PRO F 189 -22.66 -3.94 -33.93
CA PRO F 189 -21.23 -3.74 -33.81
C PRO F 189 -20.46 -5.03 -34.11
N ASP F 190 -19.38 -4.89 -34.86
CA ASP F 190 -18.47 -5.97 -35.30
C ASP F 190 -17.37 -6.14 -34.26
N PRO F 191 -17.41 -7.21 -33.41
CA PRO F 191 -16.36 -7.47 -32.42
C PRO F 191 -15.01 -7.88 -33.03
N PHE F 192 -14.99 -8.20 -34.33
CA PHE F 192 -13.76 -8.60 -35.04
C PHE F 192 -12.96 -7.34 -35.34
N LYS F 193 -13.63 -6.18 -35.35
CA LYS F 193 -12.92 -4.90 -35.60
C LYS F 193 -13.09 -3.95 -34.40
N ASN F 194 -13.29 -2.65 -34.67
CA ASN F 194 -13.50 -1.59 -33.65
C ASN F 194 -12.37 -1.56 -32.63
N GLU F 195 -11.11 -1.66 -33.07
CA GLU F 195 -9.94 -1.53 -32.18
C GLU F 195 -9.86 -0.09 -31.68
N ASN F 196 -10.40 0.85 -32.45
CA ASN F 196 -10.25 2.30 -32.14
C ASN F 196 -11.61 2.87 -31.72
N THR F 197 -12.54 2.03 -31.25
CA THR F 197 -13.89 2.45 -30.79
C THR F 197 -14.26 1.65 -29.53
N ARG F 198 -14.95 2.25 -28.58
CA ARG F 198 -15.58 1.49 -27.46
C ARG F 198 -17.09 1.50 -27.69
N TYR F 199 -17.74 0.34 -27.62
CA TYR F 199 -19.21 0.27 -27.77
C TYR F 199 -19.77 -0.55 -26.59
N PHE F 200 -21.01 -0.23 -26.25
CA PHE F 200 -21.77 -0.75 -25.10
C PHE F 200 -23.21 -0.87 -25.52
N GLY F 201 -23.87 -1.98 -25.18
CA GLY F 201 -25.30 -2.07 -25.51
C GLY F 201 -26.04 -3.03 -24.61
N GLN F 202 -27.36 -2.87 -24.57
CA GLN F 202 -28.26 -3.83 -23.90
C GLN F 202 -29.62 -3.88 -24.64
N TYR F 203 -30.10 -5.08 -24.81
CA TYR F 203 -31.44 -5.39 -25.33
C TYR F 203 -32.25 -6.02 -24.19
N THR F 204 -33.47 -5.54 -24.00
CA THR F 204 -34.53 -6.20 -23.19
C THR F 204 -35.77 -6.32 -24.05
N GLY F 205 -36.18 -7.53 -24.35
CA GLY F 205 -37.26 -7.76 -25.32
C GLY F 205 -38.64 -7.76 -24.68
N GLY F 206 -39.61 -8.39 -25.33
CA GLY F 206 -41.04 -8.38 -24.97
C GLY F 206 -41.76 -7.19 -25.60
N THR F 207 -43.10 -7.21 -25.57
CA THR F 207 -43.93 -6.07 -26.05
C THR F 207 -44.73 -5.41 -24.92
N GLN F 208 -44.79 -6.06 -23.76
CA GLN F 208 -45.35 -5.52 -22.47
C GLN F 208 -44.28 -5.32 -21.39
N THR F 209 -42.99 -5.39 -21.71
CA THR F 209 -41.90 -5.17 -20.73
C THR F 209 -41.89 -3.71 -20.28
N PRO F 210 -41.78 -3.40 -18.98
CA PRO F 210 -41.64 -2.02 -18.54
C PRO F 210 -40.28 -1.47 -18.93
N PRO F 211 -40.17 -0.27 -19.51
CA PRO F 211 -38.86 0.36 -19.69
C PRO F 211 -38.22 0.64 -18.33
N VAL F 212 -36.92 0.48 -18.24
CA VAL F 212 -36.06 0.82 -17.07
C VAL F 212 -34.97 1.74 -17.61
N LEU F 213 -34.89 2.96 -17.08
CA LEU F 213 -33.91 3.97 -17.54
C LEU F 213 -33.39 4.75 -16.33
N THR F 214 -32.08 4.89 -16.22
CA THR F 214 -31.44 5.72 -15.16
C THR F 214 -30.79 6.92 -15.85
N PHE F 215 -30.69 8.04 -15.13
CA PHE F 215 -30.00 9.26 -15.61
C PHE F 215 -29.33 9.93 -14.38
N THR F 216 -28.12 10.43 -14.59
CA THR F 216 -27.30 11.20 -13.61
C THR F 216 -26.21 11.94 -14.36
N ASN F 217 -25.76 13.07 -13.81
CA ASN F 217 -24.60 13.84 -14.35
C ASN F 217 -23.32 13.44 -13.58
N THR F 218 -23.33 12.36 -12.76
CA THR F 218 -22.23 12.02 -11.82
C THR F 218 -21.48 10.76 -12.26
N GLN F 219 -21.83 10.13 -13.40
CA GLN F 219 -21.25 8.84 -13.82
C GLN F 219 -20.33 9.06 -15.02
N THR F 220 -19.09 8.57 -14.90
CA THR F 220 -18.01 8.66 -15.92
C THR F 220 -17.60 7.23 -16.31
N THR F 221 -17.48 6.97 -17.62
CA THR F 221 -16.91 5.70 -18.15
C THR F 221 -15.52 5.98 -18.67
N ILE F 222 -14.51 5.27 -18.19
CA ILE F 222 -13.12 5.36 -18.73
C ILE F 222 -13.07 4.64 -20.09
N LEU F 223 -12.39 5.21 -21.07
CA LEU F 223 -12.36 4.71 -22.46
C LEU F 223 -10.97 4.15 -22.83
N LEU F 224 -10.04 4.16 -21.89
CA LEU F 224 -8.69 3.56 -22.09
C LEU F 224 -8.81 2.05 -22.28
N ASP F 225 -8.01 1.51 -23.20
CA ASP F 225 -7.87 0.04 -23.42
C ASP F 225 -6.86 -0.54 -22.42
N GLU F 226 -6.61 -1.84 -22.52
CA GLU F 226 -5.66 -2.64 -21.68
C GLU F 226 -4.24 -2.03 -21.73
N ASN F 227 -3.93 -1.25 -22.76
CA ASN F 227 -2.60 -0.62 -22.93
C ASN F 227 -2.60 0.83 -22.43
N GLY F 228 -3.70 1.32 -21.84
CA GLY F 228 -3.82 2.72 -21.40
C GLY F 228 -4.06 3.66 -22.58
N VAL F 229 -4.57 3.17 -23.72
CA VAL F 229 -4.83 4.05 -24.93
C VAL F 229 -6.33 4.16 -25.20
N GLY F 230 -6.84 5.41 -25.20
CA GLY F 230 -8.23 5.70 -25.59
C GLY F 230 -8.36 5.76 -27.11
N PRO F 231 -9.58 5.76 -27.67
CA PRO F 231 -9.75 6.01 -29.11
C PRO F 231 -8.98 7.24 -29.61
N LEU F 232 -8.33 7.10 -30.76
CA LEU F 232 -7.47 8.18 -31.33
C LEU F 232 -8.21 8.74 -32.56
N CYS F 233 -8.48 10.05 -32.54
CA CYS F 233 -9.41 10.74 -33.47
C CYS F 233 -8.67 11.10 -34.78
N LYS F 234 -8.71 10.17 -35.74
CA LYS F 234 -8.09 10.28 -37.10
C LYS F 234 -8.63 11.51 -37.81
N GLY F 235 -7.75 12.37 -38.34
CA GLY F 235 -8.19 13.59 -39.06
C GLY F 235 -9.01 14.51 -38.18
N ASP F 236 -8.76 14.48 -36.86
CA ASP F 236 -9.41 15.34 -35.84
C ASP F 236 -10.94 15.20 -35.88
N GLY F 237 -11.43 13.97 -36.08
CA GLY F 237 -12.86 13.61 -36.04
C GLY F 237 -13.16 12.66 -34.88
N LEU F 238 -14.19 12.97 -34.10
CA LEU F 238 -14.75 12.07 -33.03
C LEU F 238 -16.09 11.49 -33.49
N PHE F 239 -16.22 10.16 -33.55
CA PHE F 239 -17.46 9.50 -34.01
C PHE F 239 -18.29 9.08 -32.80
N LEU F 240 -19.51 9.59 -32.74
CA LEU F 240 -20.50 9.21 -31.71
C LEU F 240 -21.65 8.48 -32.41
N SER F 241 -22.12 7.36 -31.85
CA SER F 241 -23.17 6.52 -32.45
C SER F 241 -24.09 6.07 -31.34
N CYS F 242 -25.36 5.83 -31.64
CA CYS F 242 -26.32 5.27 -30.65
C CYS F 242 -27.64 4.80 -31.27
N ALA F 243 -28.40 4.05 -30.50
CA ALA F 243 -29.82 3.75 -30.76
C ALA F 243 -30.45 3.67 -29.39
N ASP F 244 -31.59 4.30 -29.17
CA ASP F 244 -32.27 4.30 -27.85
C ASP F 244 -33.75 4.06 -28.09
N ILE F 245 -34.07 2.82 -28.40
CA ILE F 245 -35.48 2.41 -28.55
C ILE F 245 -35.97 2.22 -27.11
N VAL F 246 -37.00 2.96 -26.73
CA VAL F 246 -37.56 2.89 -25.36
C VAL F 246 -38.64 1.82 -25.22
N GLY F 247 -39.37 1.59 -26.31
CA GLY F 247 -40.55 0.71 -26.32
C GLY F 247 -41.51 1.14 -27.37
N PHE F 248 -42.76 0.70 -27.25
CA PHE F 248 -43.85 0.93 -28.22
C PHE F 248 -44.93 1.80 -27.58
N PHE F 249 -45.39 2.77 -28.37
CA PHE F 249 -46.65 3.52 -28.15
C PHE F 249 -47.79 2.73 -28.80
N THR F 250 -48.85 2.43 -28.03
CA THR F 250 -50.08 1.73 -28.44
C THR F 250 -51.29 2.67 -28.44
N GLN F 251 -51.86 2.93 -29.62
CA GLN F 251 -53.09 3.75 -29.84
C GLN F 251 -54.33 2.98 -29.34
N HIS F 252 -55.46 3.69 -29.21
CA HIS F 252 -56.75 3.06 -28.82
C HIS F 252 -57.14 1.96 -29.78
N ASN F 253 -56.81 2.07 -31.08
CA ASN F 253 -57.17 1.07 -32.11
C ASN F 253 -56.05 0.03 -32.25
N LYS F 254 -55.12 0.00 -31.29
CA LYS F 254 -54.11 -1.07 -31.09
C LYS F 254 -52.98 -0.98 -32.09
N LYS F 255 -52.90 0.10 -32.86
CA LYS F 255 -51.71 0.36 -33.70
C LYS F 255 -50.53 0.72 -32.79
N MET F 256 -49.35 0.24 -33.15
CA MET F 256 -48.15 0.31 -32.30
C MET F 256 -46.97 0.91 -33.09
N SER F 257 -46.19 1.78 -32.45
CA SER F 257 -45.06 2.54 -33.06
C SER F 257 -43.88 2.47 -32.11
N PHE F 258 -42.66 2.47 -32.64
CA PHE F 258 -41.44 2.64 -31.83
C PHE F 258 -41.42 4.06 -31.28
N ARG F 259 -41.04 4.22 -30.01
CA ARG F 259 -40.67 5.53 -29.40
C ARG F 259 -39.19 5.50 -29.02
N GLY F 260 -38.45 6.54 -29.41
CA GLY F 260 -37.02 6.72 -29.06
C GLY F 260 -36.80 8.00 -28.28
N LEU F 261 -35.61 8.14 -27.73
CA LEU F 261 -35.18 9.32 -26.92
C LEU F 261 -33.80 9.71 -27.39
N PRO F 262 -33.48 11.02 -27.26
CA PRO F 262 -32.17 11.51 -27.62
C PRO F 262 -31.16 11.12 -26.56
N ARG F 263 -29.92 11.08 -26.97
CA ARG F 263 -28.77 10.81 -26.09
C ARG F 263 -27.79 11.99 -26.04
N TYR F 264 -27.34 12.26 -24.83
CA TYR F 264 -26.28 13.23 -24.48
C TYR F 264 -24.94 12.50 -24.41
N PHE F 265 -23.91 13.14 -24.94
CA PHE F 265 -22.48 12.73 -24.81
C PHE F 265 -21.66 13.91 -24.28
N ARG F 266 -20.81 13.65 -23.29
CA ARG F 266 -19.69 14.53 -22.94
C ARG F 266 -18.46 13.66 -23.09
N VAL F 267 -17.50 14.08 -23.89
CA VAL F 267 -16.26 13.29 -24.08
C VAL F 267 -15.08 14.19 -23.67
N THR F 268 -14.24 13.66 -22.78
CA THR F 268 -12.96 14.29 -22.36
C THR F 268 -11.83 13.73 -23.22
N LEU F 269 -11.04 14.62 -23.86
CA LEU F 269 -9.92 14.20 -24.73
C LEU F 269 -8.65 14.92 -24.30
N ARG F 270 -7.54 14.22 -24.47
CA ARG F 270 -6.17 14.70 -24.19
C ARG F 270 -5.32 14.58 -25.46
N LYS F 271 -4.23 15.33 -25.48
CA LYS F 271 -3.28 15.38 -26.61
C LYS F 271 -2.32 14.22 -26.47
N ARG F 272 -2.27 13.39 -27.49
CA ARG F 272 -1.34 12.22 -27.55
C ARG F 272 -0.36 12.43 -28.69
N VAL F 273 0.94 12.24 -28.45
CA VAL F 273 1.95 12.25 -29.55
C VAL F 273 1.87 10.89 -30.25
N VAL F 274 1.93 10.88 -31.59
CA VAL F 274 1.94 9.66 -32.41
C VAL F 274 2.98 9.86 -33.52
N LYS F 275 3.54 8.77 -34.04
CA LYS F 275 4.51 8.78 -35.17
C LYS F 275 3.75 9.08 -36.45
N ASN F 276 4.36 9.86 -37.34
CA ASN F 276 3.69 10.40 -38.55
C ASN F 276 4.55 10.13 -39.79
N ILE G 7 -16.62 30.49 -11.34
CA ILE G 7 -16.10 30.78 -9.97
C ILE G 7 -14.66 30.24 -9.88
N GLU G 8 -13.68 31.06 -9.47
CA GLU G 8 -12.29 30.63 -9.16
C GLU G 8 -12.24 30.08 -7.72
N VAL G 9 -12.02 28.77 -7.56
CA VAL G 9 -12.13 28.06 -6.26
C VAL G 9 -10.76 27.98 -5.56
N LEU G 10 -10.64 28.52 -4.34
CA LEU G 10 -9.37 28.44 -3.56
C LEU G 10 -9.48 27.34 -2.48
N ALA G 11 -8.99 27.58 -1.26
CA ALA G 11 -8.79 26.53 -0.24
C ALA G 11 -10.09 26.24 0.52
N VAL G 12 -10.23 25.01 1.00
CA VAL G 12 -11.31 24.64 1.96
C VAL G 12 -10.92 25.26 3.30
N ARG G 13 -11.75 26.13 3.88
CA ARG G 13 -11.43 26.78 5.19
C ARG G 13 -11.96 25.89 6.31
N THR G 14 -11.06 25.20 7.02
CA THR G 14 -11.42 24.18 8.05
C THR G 14 -11.38 24.79 9.46
N ASP G 17 -16.66 24.95 13.54
CA ASP G 17 -16.78 26.28 12.88
C ASP G 17 -17.06 26.13 11.36
N SER G 18 -16.37 25.20 10.68
CA SER G 18 -16.24 25.18 9.20
C SER G 18 -17.24 24.23 8.51
N ILE G 19 -17.93 23.37 9.27
CA ILE G 19 -18.92 22.38 8.75
C ILE G 19 -20.33 22.72 9.27
N THR G 20 -21.33 22.55 8.42
CA THR G 20 -22.74 22.66 8.82
C THR G 20 -23.52 21.54 8.14
N GLU G 21 -24.67 21.20 8.73
CA GLU G 21 -25.52 20.13 8.18
C GLU G 21 -26.96 20.63 8.20
N ILE G 22 -27.71 20.41 7.11
CA ILE G 22 -29.15 20.78 7.04
C ILE G 22 -29.96 19.53 6.75
N GLU G 23 -31.19 19.48 7.26
CA GLU G 23 -32.15 18.41 6.95
C GLU G 23 -33.39 19.10 6.40
N ALA G 24 -34.06 18.50 5.44
CA ALA G 24 -35.25 19.08 4.81
C ALA G 24 -36.09 17.96 4.24
N TYR G 25 -37.36 18.24 4.05
CA TYR G 25 -38.29 17.33 3.34
C TYR G 25 -38.90 18.12 2.19
N LEU G 26 -39.26 17.39 1.15
CA LEU G 26 -40.05 17.88 0.01
C LEU G 26 -41.25 16.97 -0.13
N ASN G 27 -42.43 17.56 0.05
CA ASN G 27 -43.70 16.87 -0.15
C ASN G 27 -43.92 16.73 -1.64
N PRO G 28 -44.53 15.61 -2.07
CA PRO G 28 -44.83 15.39 -3.49
C PRO G 28 -45.92 16.33 -3.98
N ARG G 29 -45.83 16.70 -5.25
CA ARG G 29 -46.87 17.49 -5.95
C ARG G 29 -47.51 16.65 -7.08
N MET G 30 -48.33 15.66 -6.70
CA MET G 30 -48.98 14.68 -7.61
C MET G 30 -50.25 15.26 -8.29
N GLY G 31 -50.86 16.32 -7.76
CA GLY G 31 -51.90 17.07 -8.48
C GLY G 31 -53.03 17.51 -7.57
N GLN G 32 -53.51 16.66 -6.68
CA GLN G 32 -54.57 17.02 -5.69
C GLN G 32 -54.06 18.10 -4.72
N PRO G 33 -54.92 19.06 -4.32
CA PRO G 33 -54.50 20.12 -3.41
C PRO G 33 -54.06 19.67 -2.00
N GLN G 34 -53.09 20.39 -1.45
CA GLN G 34 -52.59 20.17 -0.07
C GLN G 34 -53.74 20.31 0.93
N ASN G 35 -53.68 19.56 2.02
CA ASN G 35 -54.55 19.76 3.20
C ASN G 35 -56.01 19.51 2.82
N GLU G 36 -56.24 18.69 1.78
CA GLU G 36 -57.57 18.15 1.44
C GLU G 36 -57.42 16.62 1.33
N ASP G 37 -58.52 15.88 1.27
CA ASP G 37 -58.51 14.42 1.54
C ASP G 37 -57.69 13.60 0.55
N PHE G 38 -57.27 14.17 -0.59
CA PHE G 38 -56.53 13.39 -1.62
C PHE G 38 -55.08 13.86 -1.72
N TYR G 39 -54.59 14.58 -0.72
CA TYR G 39 -53.17 15.04 -0.68
C TYR G 39 -52.24 13.82 -0.83
N GLY G 40 -51.28 13.88 -1.78
CA GLY G 40 -50.36 12.78 -2.10
C GLY G 40 -50.76 12.05 -3.38
N PHE G 41 -51.98 12.28 -3.85
CA PHE G 41 -52.53 11.67 -5.09
C PHE G 41 -52.65 12.71 -6.20
N SER G 42 -52.78 12.21 -7.42
CA SER G 42 -53.39 12.98 -8.52
C SER G 42 -54.91 12.73 -8.48
N ASP G 43 -55.64 13.57 -9.17
CA ASP G 43 -57.05 13.30 -9.54
C ASP G 43 -57.01 12.15 -10.55
N ASN G 44 -58.14 11.53 -10.80
CA ASN G 44 -58.33 10.37 -11.69
C ASN G 44 -57.94 10.75 -13.12
N VAL G 45 -57.14 9.90 -13.76
CA VAL G 45 -56.46 10.27 -15.03
C VAL G 45 -57.44 10.02 -16.18
N THR G 46 -57.66 11.04 -17.02
CA THR G 46 -58.41 10.93 -18.29
C THR G 46 -57.40 10.88 -19.44
N VAL G 47 -57.82 10.28 -20.55
CA VAL G 47 -56.92 9.95 -21.69
C VAL G 47 -57.56 10.51 -22.94
N SER G 48 -56.80 11.23 -23.77
CA SER G 48 -57.29 11.81 -25.05
C SER G 48 -57.47 10.72 -26.10
N ASP G 49 -58.19 11.05 -27.18
CA ASP G 49 -58.45 10.14 -28.33
C ASP G 49 -57.34 10.31 -29.37
N ASP G 50 -56.69 11.47 -29.42
CA ASP G 50 -55.61 11.77 -30.39
C ASP G 50 -54.74 12.90 -29.86
N PHE G 51 -53.54 13.02 -30.42
CA PHE G 51 -52.49 14.01 -30.07
C PHE G 51 -53.00 15.44 -30.31
N GLY G 52 -53.87 15.63 -31.29
CA GLY G 52 -54.33 16.98 -31.73
C GLY G 52 -55.41 17.55 -30.81
N SER G 53 -55.99 16.69 -29.96
CA SER G 53 -57.06 17.04 -28.98
C SER G 53 -56.70 16.48 -27.61
N ASP G 54 -55.56 16.95 -27.06
CA ASP G 54 -54.89 16.36 -25.87
C ASP G 54 -54.65 17.49 -24.86
N ALA G 55 -55.53 17.60 -23.87
CA ALA G 55 -55.50 18.69 -22.88
C ALA G 55 -55.57 18.07 -21.49
N PRO G 56 -54.46 17.60 -20.89
CA PRO G 56 -54.55 16.98 -19.55
C PRO G 56 -55.02 17.99 -18.51
N PRO G 57 -56.19 17.79 -17.87
CA PRO G 57 -56.67 18.74 -16.88
C PRO G 57 -55.70 18.88 -15.70
N TRP G 58 -55.60 20.10 -15.16
CA TRP G 58 -54.86 20.40 -13.91
C TRP G 58 -55.33 19.42 -12.84
N LYS G 59 -54.39 18.94 -12.03
CA LYS G 59 -54.56 17.96 -10.92
C LYS G 59 -54.38 16.51 -11.42
N GLN G 60 -54.36 16.24 -12.73
CA GLN G 60 -54.33 14.86 -13.26
C GLN G 60 -52.89 14.41 -13.56
N PHE G 61 -51.90 15.27 -13.31
CA PHE G 61 -50.48 14.93 -13.58
C PHE G 61 -49.57 15.52 -12.52
N PRO G 62 -48.43 14.83 -12.25
CA PRO G 62 -47.45 15.29 -11.28
C PRO G 62 -46.57 16.43 -11.79
N CYS G 63 -46.07 17.20 -10.82
CA CYS G 63 -45.12 18.30 -11.03
C CYS G 63 -43.93 18.05 -10.12
N TYR G 64 -42.81 18.66 -10.47
CA TYR G 64 -41.57 18.67 -9.67
C TYR G 64 -41.82 19.40 -8.35
N SER G 65 -41.20 18.87 -7.30
CA SER G 65 -41.00 19.53 -5.98
C SER G 65 -39.67 20.25 -5.95
N THR G 66 -39.64 21.45 -5.35
CA THR G 66 -38.39 22.20 -5.23
C THR G 66 -38.46 23.15 -4.04
N ALA G 67 -37.32 23.40 -3.44
CA ALA G 67 -37.15 24.41 -2.38
C ALA G 67 -35.74 24.97 -2.34
N ARG G 68 -35.63 26.21 -1.85
CA ARG G 68 -34.35 26.84 -1.52
C ARG G 68 -34.20 26.87 0.00
N ILE G 69 -33.13 26.29 0.54
CA ILE G 69 -32.81 26.31 1.99
C ILE G 69 -31.83 27.47 2.25
N SER G 70 -32.24 28.43 3.08
CA SER G 70 -31.33 29.48 3.63
C SER G 70 -30.26 28.81 4.49
N LEU G 71 -29.00 29.00 4.14
CA LEU G 71 -27.85 28.53 4.96
C LEU G 71 -27.38 29.67 5.86
N PRO G 72 -26.57 29.44 6.93
CA PRO G 72 -26.03 30.55 7.70
C PRO G 72 -25.31 31.58 6.82
N MET G 73 -25.62 32.88 7.01
CA MET G 73 -24.95 33.98 6.26
C MET G 73 -23.44 33.91 6.54
N LEU G 74 -22.61 34.24 5.56
CA LEU G 74 -21.15 33.95 5.68
C LEU G 74 -20.33 35.25 5.76
N ASN G 75 -20.36 36.07 4.71
CA ASN G 75 -19.47 37.25 4.60
C ASN G 75 -20.27 38.53 4.93
N THR G 82 -11.38 37.89 -2.19
CA THR G 82 -11.94 36.54 -1.91
C THR G 82 -13.21 36.65 -1.05
N ILE G 83 -14.02 35.59 -1.02
CA ILE G 83 -15.17 35.44 -0.08
C ILE G 83 -15.31 33.96 0.29
N LEU G 84 -16.18 33.65 1.25
CA LEU G 84 -16.49 32.26 1.64
C LEU G 84 -17.80 31.85 0.97
N MET G 85 -17.89 30.60 0.53
CA MET G 85 -19.17 29.99 0.08
C MET G 85 -19.33 28.65 0.77
N TRP G 86 -20.58 28.30 1.09
CA TRP G 86 -20.95 26.93 1.49
C TRP G 86 -20.83 26.00 0.29
N GLU G 87 -20.11 24.90 0.48
CA GLU G 87 -19.85 23.82 -0.49
C GLU G 87 -20.54 22.56 0.04
N ALA G 88 -21.52 22.01 -0.69
CA ALA G 88 -22.18 20.72 -0.37
C ALA G 88 -21.19 19.59 -0.68
N ILE G 89 -20.83 18.75 0.30
CA ILE G 89 -19.77 17.71 0.08
C ILE G 89 -20.40 16.31 0.10
N SER G 90 -21.51 16.11 0.79
CA SER G 90 -22.15 14.79 0.84
C SER G 90 -23.64 14.96 1.12
N CYS G 91 -24.40 13.92 0.86
CA CYS G 91 -25.82 13.91 1.27
C CYS G 91 -26.29 12.52 1.66
N ARG G 92 -27.44 12.51 2.30
CA ARG G 92 -28.30 11.34 2.43
C ARG G 92 -29.65 11.74 1.84
N THR G 93 -30.33 10.81 1.22
CA THR G 93 -31.71 11.06 0.75
C THR G 93 -32.51 9.78 0.95
N GLU G 94 -33.82 9.89 1.16
CA GLU G 94 -34.69 8.72 1.45
C GLU G 94 -36.09 9.05 0.97
N VAL G 95 -36.76 8.12 0.29
CA VAL G 95 -38.22 8.23 0.06
C VAL G 95 -38.87 7.76 1.36
N MET G 96 -39.59 8.63 2.03
CA MET G 96 -40.26 8.30 3.32
C MET G 96 -41.65 7.77 3.05
N GLY G 97 -42.17 6.98 4.02
CA GLY G 97 -43.54 6.51 3.98
C GLY G 97 -43.70 5.32 3.04
N VAL G 98 -42.62 4.63 2.69
CA VAL G 98 -42.70 3.34 1.93
C VAL G 98 -43.63 2.37 2.67
N ASN G 99 -43.57 2.37 4.00
CA ASN G 99 -44.47 1.59 4.90
C ASN G 99 -45.95 1.62 4.43
N MET G 100 -46.48 2.76 3.98
CA MET G 100 -47.93 2.92 3.71
C MET G 100 -48.39 2.00 2.58
N LEU G 101 -47.47 1.55 1.72
CA LEU G 101 -47.80 0.73 0.53
C LEU G 101 -48.17 -0.70 0.94
N THR G 102 -48.11 -1.04 2.24
CA THR G 102 -48.59 -2.36 2.73
C THR G 102 -50.11 -2.28 2.95
N ASN G 103 -50.73 -1.12 2.69
CA ASN G 103 -52.21 -0.93 2.75
C ASN G 103 -52.86 -1.58 1.53
N VAL G 104 -53.63 -2.66 1.75
CA VAL G 104 -54.43 -3.28 0.67
C VAL G 104 -55.91 -3.30 1.09
N HIS G 105 -56.36 -2.31 1.87
CA HIS G 105 -57.77 -2.24 2.37
C HIS G 105 -58.52 -0.94 1.97
N SER G 106 -57.83 0.17 1.67
CA SER G 106 -58.44 1.50 1.42
C SER G 106 -58.97 1.64 -0.02
N ALA G 107 -60.23 1.26 -0.26
CA ALA G 107 -61.02 1.63 -1.45
C ALA G 107 -60.33 1.25 -2.77
N GLN G 108 -59.75 0.06 -2.82
CA GLN G 108 -58.88 -0.43 -3.94
C GLN G 108 -59.64 -1.52 -4.70
N LYS G 109 -59.54 -1.49 -6.04
CA LYS G 109 -59.96 -2.63 -6.88
C LYS G 109 -59.43 -3.90 -6.22
N ARG G 110 -60.26 -4.95 -6.09
CA ARG G 110 -59.84 -6.21 -5.45
CA ARG G 110 -59.88 -6.24 -5.45
C ARG G 110 -59.15 -7.11 -6.49
N VAL G 111 -58.37 -8.06 -6.01
CA VAL G 111 -57.63 -9.02 -6.86
C VAL G 111 -58.65 -9.88 -7.60
N TYR G 112 -59.74 -10.29 -6.95
CA TYR G 112 -60.81 -11.11 -7.61
C TYR G 112 -62.10 -10.29 -7.66
N GLU G 113 -62.10 -9.20 -8.44
CA GLU G 113 -63.26 -8.26 -8.50
C GLU G 113 -64.51 -9.03 -8.91
N ASN G 114 -64.38 -10.06 -9.76
CA ASN G 114 -65.54 -10.88 -10.24
C ASN G 114 -66.20 -11.61 -9.06
N ASP G 115 -65.43 -11.89 -8.00
CA ASP G 115 -65.88 -12.68 -6.82
C ASP G 115 -66.08 -11.73 -5.64
N ARG G 116 -65.85 -10.42 -5.83
CA ARG G 116 -65.81 -9.43 -4.72
C ARG G 116 -64.92 -9.97 -3.58
N GLU G 117 -63.77 -10.56 -3.91
CA GLU G 117 -62.88 -11.17 -2.90
C GLU G 117 -61.42 -10.81 -3.17
N GLY G 118 -60.63 -10.96 -2.10
CA GLY G 118 -59.16 -10.80 -2.12
C GLY G 118 -58.78 -9.46 -1.57
N THR G 119 -57.48 -9.22 -1.41
CA THR G 119 -56.95 -7.91 -0.98
C THR G 119 -57.24 -6.91 -2.09
N GLY G 120 -57.15 -5.62 -1.77
CA GLY G 120 -56.98 -4.64 -2.84
C GLY G 120 -55.73 -4.96 -3.65
N ILE G 121 -55.64 -4.49 -4.88
CA ILE G 121 -54.41 -4.73 -5.69
C ILE G 121 -53.26 -3.83 -5.21
N GLY G 122 -53.53 -2.82 -4.37
CA GLY G 122 -52.51 -1.89 -3.85
C GLY G 122 -51.97 -0.98 -4.94
N VAL G 123 -50.85 -0.33 -4.67
CA VAL G 123 -50.22 0.62 -5.64
C VAL G 123 -49.37 -0.20 -6.59
N GLU G 124 -49.55 0.01 -7.90
CA GLU G 124 -48.81 -0.71 -8.96
C GLU G 124 -48.55 0.23 -10.12
N GLY G 125 -47.55 -0.09 -10.94
CA GLY G 125 -47.18 0.68 -12.14
C GLY G 125 -45.90 1.49 -11.95
N MET G 126 -45.79 2.59 -12.69
CA MET G 126 -44.49 3.24 -12.98
C MET G 126 -43.92 3.85 -11.71
N GLY G 127 -42.63 3.67 -11.52
CA GLY G 127 -41.87 4.46 -10.53
C GLY G 127 -41.07 5.51 -11.27
N TYR G 128 -41.19 6.78 -10.91
CA TYR G 128 -40.22 7.81 -11.35
C TYR G 128 -39.66 8.49 -10.10
N HIS G 129 -38.36 8.33 -9.86
CA HIS G 129 -37.67 8.82 -8.66
C HIS G 129 -36.46 9.61 -9.12
N MET G 130 -36.44 10.89 -8.81
CA MET G 130 -35.30 11.76 -9.14
C MET G 130 -35.12 12.76 -8.02
N PHE G 131 -33.88 13.10 -7.74
CA PHE G 131 -33.53 14.21 -6.83
C PHE G 131 -32.30 14.93 -7.36
N ALA G 132 -32.22 16.21 -7.01
CA ALA G 132 -31.08 17.07 -7.35
C ALA G 132 -30.77 17.98 -6.16
N ILE G 133 -29.49 18.19 -5.94
CA ILE G 133 -28.91 19.08 -4.89
C ILE G 133 -27.94 20.00 -5.60
N GLY G 134 -28.10 21.32 -5.43
CA GLY G 134 -27.31 22.31 -6.17
C GLY G 134 -27.13 23.63 -5.43
N GLY G 135 -26.25 24.45 -5.99
CA GLY G 135 -25.92 25.81 -5.49
C GLY G 135 -26.71 26.88 -6.20
N GLU G 136 -27.63 26.46 -7.08
CA GLU G 136 -28.51 27.32 -7.89
C GLU G 136 -29.64 26.44 -8.42
N PRO G 137 -30.75 27.03 -8.90
CA PRO G 137 -31.87 26.25 -9.39
C PRO G 137 -31.47 25.26 -10.48
N LEU G 138 -32.14 24.11 -10.42
CA LEU G 138 -31.95 23.01 -11.39
C LEU G 138 -32.26 23.55 -12.78
N GLU G 139 -31.35 23.33 -13.72
CA GLU G 139 -31.51 23.74 -15.13
C GLU G 139 -32.18 22.57 -15.87
N LEU G 140 -33.26 22.91 -16.57
CA LEU G 140 -34.19 21.94 -17.19
C LEU G 140 -34.06 21.96 -18.70
N GLN G 141 -34.29 20.79 -19.27
CA GLN G 141 -34.57 20.64 -20.72
C GLN G 141 -36.05 20.33 -20.88
N PHE G 142 -36.72 21.08 -21.75
CA PHE G 142 -38.14 20.86 -22.06
C PHE G 142 -38.21 19.70 -23.06
N MET G 143 -39.05 18.70 -22.80
CA MET G 143 -39.25 17.54 -23.71
C MET G 143 -40.53 16.84 -23.31
N VAL G 144 -41.37 16.57 -24.32
CA VAL G 144 -42.74 16.04 -24.16
C VAL G 144 -42.92 14.87 -25.09
N PHE G 145 -43.82 13.99 -24.69
CA PHE G 145 -44.25 12.83 -25.48
C PHE G 145 -45.02 13.29 -26.72
N ASN G 146 -45.89 14.30 -26.55
CA ASN G 146 -46.73 14.86 -27.63
C ASN G 146 -46.72 16.39 -27.57
N HIS G 147 -46.10 17.01 -28.57
CA HIS G 147 -45.87 18.48 -28.59
C HIS G 147 -47.20 19.21 -28.69
N ARG G 148 -48.23 18.58 -29.21
CA ARG G 148 -49.53 19.26 -29.43
C ARG G 148 -50.36 19.28 -28.16
N ALA G 149 -49.92 18.64 -27.07
CA ALA G 149 -50.62 18.69 -25.76
C ALA G 149 -50.84 20.17 -25.33
N THR G 150 -52.06 20.52 -24.92
CA THR G 150 -52.37 21.84 -24.29
C THR G 150 -52.36 21.67 -22.77
N TYR G 151 -51.30 22.16 -22.11
CA TYR G 151 -51.11 22.14 -20.63
C TYR G 151 -51.96 23.24 -20.02
N PRO G 152 -52.55 23.02 -18.82
CA PRO G 152 -53.44 24.01 -18.23
C PRO G 152 -52.72 25.27 -17.74
N ALA G 153 -53.51 26.32 -17.50
CA ALA G 153 -53.03 27.65 -17.10
C ALA G 153 -52.08 27.55 -15.89
N GLU G 154 -52.36 26.65 -14.95
CA GLU G 154 -51.62 26.48 -13.68
C GLU G 154 -50.19 25.98 -13.90
N ALA G 155 -49.91 25.27 -14.99
CA ALA G 155 -48.59 24.62 -15.26
C ALA G 155 -47.65 25.65 -15.91
N THR G 156 -46.35 25.54 -15.63
CA THR G 156 -45.28 26.29 -16.33
C THR G 156 -44.75 25.37 -17.41
N VAL G 157 -44.93 25.75 -18.67
CA VAL G 157 -44.46 24.98 -19.86
C VAL G 157 -44.00 26.00 -20.90
N ILE G 158 -43.29 25.55 -21.92
CA ILE G 158 -43.08 26.34 -23.17
C ILE G 158 -44.33 26.11 -24.02
N LYS G 159 -45.12 27.15 -24.31
CA LYS G 159 -46.32 27.04 -25.17
C LYS G 159 -45.88 26.90 -26.61
N ASN G 160 -46.65 26.16 -27.41
CA ASN G 160 -46.45 25.97 -28.86
C ASN G 160 -45.01 25.54 -29.11
N PRO G 161 -44.51 24.50 -28.39
CA PRO G 161 -43.08 24.18 -28.46
C PRO G 161 -42.60 23.61 -29.80
N GLY G 162 -43.49 23.01 -30.59
CA GLY G 162 -43.14 22.49 -31.93
C GLY G 162 -42.72 21.03 -31.89
N ALA G 163 -42.77 20.38 -33.04
CA ALA G 163 -42.42 18.96 -33.27
C ALA G 163 -41.06 18.63 -32.63
N SER G 164 -40.09 19.53 -32.71
CA SER G 164 -38.70 19.27 -32.23
C SER G 164 -38.68 18.99 -30.72
N SER G 165 -39.72 19.39 -29.96
CA SER G 165 -39.81 19.28 -28.48
C SER G 165 -40.11 17.84 -28.10
N GLN G 166 -40.41 16.98 -29.06
CA GLN G 166 -40.66 15.54 -28.83
C GLN G 166 -39.32 14.82 -28.71
N VAL G 167 -38.22 15.48 -29.12
CA VAL G 167 -36.81 15.05 -28.93
C VAL G 167 -36.03 16.25 -28.38
N PHE G 168 -34.72 16.28 -28.59
CA PHE G 168 -33.85 17.35 -28.09
C PHE G 168 -33.86 18.52 -29.08
N ASP G 169 -34.21 19.69 -28.54
CA ASP G 169 -34.12 20.99 -29.23
C ASP G 169 -33.35 21.93 -28.31
N PRO G 170 -32.14 22.38 -28.70
CA PRO G 170 -31.30 23.24 -27.87
C PRO G 170 -31.93 24.59 -27.51
N ASN G 171 -32.99 25.00 -28.19
CA ASN G 171 -33.67 26.28 -27.86
C ASN G 171 -34.51 26.14 -26.58
N LEU G 172 -34.92 24.94 -26.19
CA LEU G 172 -36.09 24.73 -25.28
C LEU G 172 -35.61 24.50 -23.85
N LYS G 173 -35.21 25.58 -23.20
CA LYS G 173 -34.57 25.59 -21.86
C LYS G 173 -35.52 26.16 -20.81
N GLY G 174 -35.26 25.82 -19.56
CA GLY G 174 -35.96 26.36 -18.38
C GLY G 174 -35.12 26.15 -17.13
N THR G 175 -35.53 26.77 -16.02
CA THR G 175 -34.92 26.47 -14.70
C THR G 175 -36.09 26.25 -13.74
N LEU G 176 -35.91 25.32 -12.81
CA LEU G 176 -36.96 24.95 -11.83
C LEU G 176 -37.02 26.03 -10.74
N THR G 177 -37.87 27.05 -10.93
CA THR G 177 -37.91 28.26 -10.08
C THR G 177 -39.16 28.21 -9.20
N ALA G 178 -39.98 27.18 -9.28
CA ALA G 178 -41.26 27.14 -8.54
C ALA G 178 -41.68 25.70 -8.23
N ASP G 179 -42.21 25.50 -7.03
CA ASP G 179 -42.69 24.19 -6.51
C ASP G 179 -44.05 23.89 -7.10
N GLY G 180 -44.29 22.66 -7.59
CA GLY G 180 -45.66 22.18 -7.81
C GLY G 180 -46.29 22.57 -9.13
N VAL G 181 -45.53 23.12 -10.08
CA VAL G 181 -46.12 23.72 -11.29
C VAL G 181 -45.39 23.29 -12.56
N PHE G 182 -44.17 22.78 -12.50
CA PHE G 182 -43.43 22.33 -13.70
C PHE G 182 -43.81 20.87 -13.95
N PRO G 183 -44.62 20.51 -14.98
CA PRO G 183 -45.00 19.10 -15.13
C PRO G 183 -43.77 18.19 -15.27
N VAL G 184 -43.79 17.06 -14.59
CA VAL G 184 -42.72 16.03 -14.71
C VAL G 184 -42.68 15.58 -16.19
N GLU G 185 -43.84 15.36 -16.81
CA GLU G 185 -43.87 14.85 -18.20
C GLU G 185 -43.40 15.89 -19.24
N ALA G 186 -43.06 17.12 -18.86
CA ALA G 186 -42.65 18.18 -19.80
C ALA G 186 -41.21 18.60 -19.56
N TRP G 187 -40.63 18.30 -18.41
CA TRP G 187 -39.30 18.84 -18.08
C TRP G 187 -38.39 17.76 -17.53
N GLY G 188 -37.13 17.83 -17.88
CA GLY G 188 -36.09 16.93 -17.33
C GLY G 188 -34.84 17.71 -17.02
N PRO G 189 -33.90 17.16 -16.24
CA PRO G 189 -32.61 17.81 -16.04
C PRO G 189 -31.83 17.94 -17.35
N ASP G 190 -31.29 19.12 -17.56
CA ASP G 190 -30.46 19.45 -18.76
C ASP G 190 -29.01 19.04 -18.50
N PRO G 191 -28.47 18.00 -19.17
CA PRO G 191 -27.08 17.59 -18.96
C PRO G 191 -26.03 18.51 -19.61
N PHE G 192 -26.48 19.46 -20.42
CA PHE G 192 -25.62 20.49 -21.04
C PHE G 192 -25.31 21.60 -20.05
N LYS G 193 -26.01 21.61 -18.91
CA LYS G 193 -25.79 22.63 -17.84
C LYS G 193 -25.61 21.86 -16.53
N ASN G 194 -26.09 22.44 -15.42
CA ASN G 194 -26.03 21.78 -14.09
C ASN G 194 -24.58 21.46 -13.73
N GLU G 195 -23.59 22.32 -14.06
CA GLU G 195 -22.20 22.16 -13.57
C GLU G 195 -22.16 22.37 -12.05
N ASN G 196 -23.17 23.05 -11.49
CA ASN G 196 -23.20 23.41 -10.04
C ASN G 196 -24.30 22.66 -9.30
N THR G 197 -24.83 21.57 -9.88
CA THR G 197 -25.89 20.72 -9.29
C THR G 197 -25.54 19.26 -9.55
N ARG G 198 -25.83 18.37 -8.61
CA ARG G 198 -25.80 16.89 -8.84
C ARG G 198 -27.23 16.36 -8.96
N TYR G 199 -27.54 15.61 -10.01
CA TYR G 199 -28.89 14.99 -10.15
C TYR G 199 -28.74 13.48 -10.45
N PHE G 200 -29.76 12.75 -10.03
CA PHE G 200 -29.86 11.26 -10.07
C PHE G 200 -31.31 10.92 -10.34
N GLY G 201 -31.58 10.08 -11.33
CA GLY G 201 -32.95 9.65 -11.62
C GLY G 201 -33.04 8.19 -12.00
N GLN G 202 -34.18 7.57 -11.71
CA GLN G 202 -34.50 6.19 -12.18
C GLN G 202 -35.99 6.13 -12.60
N TYR G 203 -36.26 5.46 -13.70
CA TYR G 203 -37.63 5.31 -14.23
C TYR G 203 -37.87 3.81 -14.47
N THR G 204 -38.95 3.27 -13.92
CA THR G 204 -39.47 1.94 -14.28
C THR G 204 -40.88 2.16 -14.77
N GLY G 205 -41.19 1.72 -15.97
CA GLY G 205 -42.50 2.09 -16.57
C GLY G 205 -43.60 1.12 -16.25
N GLY G 206 -44.69 1.22 -17.02
CA GLY G 206 -45.82 0.29 -16.93
C GLY G 206 -46.90 0.75 -15.98
N THR G 207 -47.96 -0.04 -15.89
CA THR G 207 -49.18 0.30 -15.14
C THR G 207 -49.55 -0.77 -14.10
N GLN G 208 -49.02 -1.99 -14.24
CA GLN G 208 -49.23 -3.09 -13.27
C GLN G 208 -47.88 -3.54 -12.70
N THR G 209 -46.79 -2.85 -13.01
CA THR G 209 -45.42 -3.16 -12.53
C THR G 209 -45.39 -3.20 -11.00
N PRO G 210 -44.68 -4.16 -10.37
CA PRO G 210 -44.47 -4.11 -8.92
C PRO G 210 -43.57 -2.93 -8.56
N PRO G 211 -43.99 -2.01 -7.68
CA PRO G 211 -43.11 -0.98 -7.16
C PRO G 211 -41.98 -1.64 -6.35
N VAL G 212 -40.75 -1.16 -6.52
CA VAL G 212 -39.59 -1.63 -5.71
C VAL G 212 -38.97 -0.41 -5.02
N LEU G 213 -38.98 -0.38 -3.70
CA LEU G 213 -38.39 0.76 -2.96
C LEU G 213 -37.55 0.22 -1.80
N THR G 214 -36.38 0.82 -1.61
CA THR G 214 -35.49 0.49 -0.48
C THR G 214 -35.43 1.71 0.43
N PHE G 215 -35.02 1.50 1.68
CA PHE G 215 -34.78 2.62 2.61
C PHE G 215 -33.77 2.15 3.65
N THR G 216 -32.92 3.08 4.02
CA THR G 216 -31.86 2.86 5.03
C THR G 216 -31.34 4.21 5.45
N ASN G 217 -30.78 4.32 6.66
CA ASN G 217 -30.09 5.54 7.10
C ASN G 217 -28.56 5.34 7.00
N THR G 218 -28.08 4.33 6.24
CA THR G 218 -26.65 3.92 6.20
C THR G 218 -25.96 4.39 4.92
N GLN G 219 -26.67 5.10 4.04
CA GLN G 219 -26.19 5.43 2.67
C GLN G 219 -25.88 6.92 2.59
N THR G 220 -24.61 7.25 2.34
CA THR G 220 -24.16 8.65 2.17
C THR G 220 -23.55 8.78 0.76
N THR G 221 -24.00 9.77 -0.01
CA THR G 221 -23.46 10.04 -1.37
C THR G 221 -22.58 11.29 -1.33
N ILE G 222 -21.36 11.17 -1.83
CA ILE G 222 -20.35 12.25 -1.93
C ILE G 222 -20.77 13.13 -3.11
N LEU G 223 -20.80 14.46 -2.93
CA LEU G 223 -21.28 15.41 -3.98
C LEU G 223 -20.11 16.10 -4.70
N LEU G 224 -18.89 15.74 -4.36
CA LEU G 224 -17.67 16.34 -4.97
C LEU G 224 -17.55 15.90 -6.42
N ASP G 225 -17.16 16.82 -7.31
CA ASP G 225 -16.87 16.52 -8.73
C ASP G 225 -15.44 15.95 -8.83
N GLU G 226 -14.98 15.73 -10.06
CA GLU G 226 -13.67 15.09 -10.36
C GLU G 226 -12.49 15.97 -9.90
N ASN G 227 -12.73 17.26 -9.66
CA ASN G 227 -11.70 18.20 -9.15
C ASN G 227 -11.82 18.35 -7.64
N GLY G 228 -12.64 17.53 -6.96
CA GLY G 228 -12.82 17.59 -5.51
C GLY G 228 -13.60 18.82 -5.07
N VAL G 229 -14.52 19.30 -5.90
CA VAL G 229 -15.36 20.49 -5.60
C VAL G 229 -16.84 20.09 -5.57
N GLY G 230 -17.52 20.42 -4.49
CA GLY G 230 -18.96 20.20 -4.31
C GLY G 230 -19.76 21.35 -4.91
N PRO G 231 -21.09 21.21 -5.02
CA PRO G 231 -21.93 22.38 -5.33
C PRO G 231 -21.64 23.59 -4.43
N LEU G 232 -21.44 24.78 -5.05
CA LEU G 232 -21.19 26.05 -4.30
C LEU G 232 -22.47 26.89 -4.27
N CYS G 233 -22.98 27.16 -3.06
CA CYS G 233 -24.32 27.72 -2.80
C CYS G 233 -24.34 29.24 -3.07
N LYS G 234 -24.71 29.63 -4.30
CA LYS G 234 -24.82 31.06 -4.69
C LYS G 234 -25.86 31.75 -3.79
N GLY G 235 -25.48 32.91 -3.21
CA GLY G 235 -26.38 33.71 -2.39
C GLY G 235 -26.70 32.98 -1.10
N ASP G 236 -25.83 32.07 -0.69
CA ASP G 236 -25.99 31.25 0.54
C ASP G 236 -27.31 30.47 0.49
N GLY G 237 -27.69 29.97 -0.70
CA GLY G 237 -28.90 29.15 -0.90
C GLY G 237 -28.54 27.72 -1.33
N LEU G 238 -29.13 26.71 -0.70
CA LEU G 238 -29.03 25.28 -1.13
C LEU G 238 -30.33 24.90 -1.86
N PHE G 239 -30.24 24.42 -3.10
CA PHE G 239 -31.43 24.13 -3.94
C PHE G 239 -31.67 22.61 -4.00
N LEU G 240 -32.82 22.17 -3.50
CA LEU G 240 -33.26 20.74 -3.46
C LEU G 240 -34.41 20.57 -4.44
N SER G 241 -34.40 19.49 -5.20
CA SER G 241 -35.49 19.23 -6.16
C SER G 241 -35.78 17.74 -6.17
N CYS G 242 -37.01 17.35 -6.42
CA CYS G 242 -37.32 15.92 -6.64
C CYS G 242 -38.67 15.67 -7.31
N ALA G 243 -38.87 14.42 -7.69
CA ALA G 243 -40.16 13.84 -8.04
C ALA G 243 -40.09 12.36 -7.66
N ASP G 244 -41.13 11.89 -6.98
CA ASP G 244 -41.20 10.53 -6.42
C ASP G 244 -42.57 9.93 -6.71
N ILE G 245 -42.84 9.61 -7.97
CA ILE G 245 -44.05 8.86 -8.37
C ILE G 245 -43.84 7.42 -7.93
N VAL G 246 -44.73 6.86 -7.11
CA VAL G 246 -44.57 5.43 -6.68
C VAL G 246 -45.35 4.47 -7.57
N GLY G 247 -46.43 4.93 -8.18
CA GLY G 247 -47.30 4.08 -8.98
C GLY G 247 -48.68 4.69 -9.02
N PHE G 248 -49.68 3.87 -9.33
CA PHE G 248 -51.07 4.27 -9.45
C PHE G 248 -51.94 3.55 -8.42
N PHE G 249 -52.93 4.28 -7.96
CA PHE G 249 -54.01 3.79 -7.09
C PHE G 249 -55.20 3.56 -8.01
N THR G 250 -55.77 2.36 -7.95
CA THR G 250 -56.91 1.93 -8.81
C THR G 250 -58.14 1.76 -7.91
N GLN G 251 -59.22 2.54 -8.14
CA GLN G 251 -60.53 2.39 -7.45
C GLN G 251 -61.28 1.15 -7.93
N HIS G 252 -62.32 0.70 -7.20
CA HIS G 252 -63.19 -0.41 -7.62
C HIS G 252 -63.72 -0.15 -9.05
N ASN G 253 -63.98 1.11 -9.41
CA ASN G 253 -64.58 1.48 -10.70
C ASN G 253 -63.47 1.63 -11.76
N LYS G 254 -62.20 1.31 -11.45
CA LYS G 254 -61.04 1.29 -12.39
C LYS G 254 -60.47 2.67 -12.73
N LYS G 255 -60.96 3.73 -12.10
CA LYS G 255 -60.29 5.04 -12.16
C LYS G 255 -58.92 4.90 -11.48
N MET G 256 -57.91 5.48 -12.11
CA MET G 256 -56.51 5.38 -11.67
C MET G 256 -55.96 6.79 -11.43
N SER G 257 -55.21 6.95 -10.33
CA SER G 257 -54.54 8.20 -9.94
C SER G 257 -53.06 7.93 -9.64
N PHE G 258 -52.19 8.92 -9.86
CA PHE G 258 -50.80 8.84 -9.36
C PHE G 258 -50.81 8.89 -7.83
N ARG G 259 -49.87 8.16 -7.21
CA ARG G 259 -49.55 8.29 -5.77
C ARG G 259 -48.08 8.60 -5.65
N GLY G 260 -47.76 9.62 -4.85
CA GLY G 260 -46.40 10.13 -4.59
C GLY G 260 -46.05 9.97 -3.12
N LEU G 261 -44.77 10.14 -2.84
CA LEU G 261 -44.21 10.04 -1.48
C LEU G 261 -43.24 11.18 -1.27
N PRO G 262 -43.11 11.63 -0.01
CA PRO G 262 -42.18 12.69 0.33
C PRO G 262 -40.74 12.18 0.38
N ARG G 263 -39.80 13.11 0.20
CA ARG G 263 -38.36 12.86 0.18
C ARG G 263 -37.68 13.66 1.28
N TYR G 264 -36.84 12.92 2.00
CA TYR G 264 -35.88 13.42 3.02
C TYR G 264 -34.55 13.74 2.35
N PHE G 265 -33.94 14.85 2.74
CA PHE G 265 -32.56 15.22 2.37
C PHE G 265 -31.77 15.56 3.63
N ARG G 266 -30.56 15.02 3.72
CA ARG G 266 -29.52 15.52 4.64
C ARG G 266 -28.35 15.98 3.79
N VAL G 267 -27.93 17.23 3.94
CA VAL G 267 -26.76 17.76 3.16
C VAL G 267 -25.76 18.30 4.18
N THR G 268 -24.51 17.84 4.08
CA THR G 268 -23.34 18.39 4.81
C THR G 268 -22.63 19.42 3.93
N LEU G 269 -22.32 20.59 4.52
CA LEU G 269 -21.61 21.65 3.78
C LEU G 269 -20.39 22.15 4.57
N ARG G 270 -19.35 22.57 3.84
CA ARG G 270 -18.14 23.16 4.43
C ARG G 270 -17.90 24.54 3.81
N LYS G 271 -17.09 25.35 4.51
CA LYS G 271 -16.67 26.69 4.05
C LYS G 271 -15.57 26.48 3.00
N ARG G 272 -15.71 27.13 1.86
CA ARG G 272 -14.73 27.08 0.76
C ARG G 272 -14.39 28.53 0.43
N VAL G 273 -13.11 28.84 0.25
CA VAL G 273 -12.71 30.22 -0.13
C VAL G 273 -12.86 30.30 -1.64
N VAL G 274 -13.35 31.42 -2.17
CA VAL G 274 -13.45 31.64 -3.65
C VAL G 274 -12.97 33.04 -4.03
N LYS G 275 -12.41 33.19 -5.24
CA LYS G 275 -11.80 34.45 -5.74
C LYS G 275 -12.89 35.52 -5.90
N GLY H 6 -26.50 13.36 23.02
CA GLY H 6 -25.23 14.10 23.30
C GLY H 6 -24.26 13.28 24.14
N ILE H 7 -24.09 11.99 23.81
CA ILE H 7 -23.07 11.09 24.44
C ILE H 7 -21.70 11.43 23.83
N GLU H 8 -20.79 11.96 24.64
CA GLU H 8 -19.36 12.14 24.30
C GLU H 8 -18.68 10.76 24.30
N VAL H 9 -18.35 10.25 23.12
CA VAL H 9 -17.78 8.88 22.94
C VAL H 9 -16.27 8.95 23.13
N LEU H 10 -15.66 8.05 23.93
CA LEU H 10 -14.19 7.99 24.10
C LEU H 10 -13.64 6.67 23.55
N ALA H 11 -12.62 6.07 24.15
CA ALA H 11 -11.86 4.93 23.58
C ALA H 11 -12.69 3.66 23.61
N VAL H 12 -12.43 2.80 22.62
CA VAL H 12 -12.86 1.38 22.59
C VAL H 12 -11.98 0.60 23.57
N ARG H 13 -12.61 -0.30 24.33
CA ARG H 13 -11.90 -1.30 25.15
C ARG H 13 -11.65 -2.49 24.24
N THR H 14 -10.41 -2.96 24.18
CA THR H 14 -10.07 -4.17 23.41
C THR H 14 -9.80 -5.24 24.45
N GLY H 15 -9.51 -6.45 24.05
CA GLY H 15 -9.30 -7.47 25.10
C GLY H 15 -10.24 -8.64 24.96
N PRO H 16 -9.90 -9.77 25.62
CA PRO H 16 -10.64 -11.02 25.48
C PRO H 16 -12.00 -11.01 26.18
N ASP H 17 -12.31 -9.95 26.91
CA ASP H 17 -13.59 -9.80 27.66
C ASP H 17 -14.34 -8.56 27.17
N SER H 18 -13.82 -7.84 26.18
CA SER H 18 -14.37 -6.54 25.72
C SER H 18 -15.53 -6.75 24.74
N ILE H 19 -15.76 -7.97 24.28
CA ILE H 19 -16.78 -8.30 23.25
C ILE H 19 -17.78 -9.31 23.81
N THR H 20 -19.07 -9.13 23.50
CA THR H 20 -20.14 -10.10 23.81
C THR H 20 -21.00 -10.23 22.54
N GLU H 21 -21.73 -11.33 22.41
CA GLU H 21 -22.69 -11.61 21.31
C GLU H 21 -24.01 -12.00 21.92
N ILE H 22 -25.11 -11.42 21.43
CA ILE H 22 -26.47 -11.91 21.75
C ILE H 22 -27.09 -12.43 20.47
N GLU H 23 -28.00 -13.38 20.65
CA GLU H 23 -28.86 -13.92 19.58
C GLU H 23 -30.30 -13.79 20.06
N ALA H 24 -31.18 -13.48 19.12
CA ALA H 24 -32.61 -13.32 19.42
C ALA H 24 -33.42 -13.64 18.18
N TYR H 25 -34.70 -13.93 18.40
CA TYR H 25 -35.73 -14.11 17.37
C TYR H 25 -36.86 -13.11 17.66
N LEU H 26 -37.40 -12.57 16.59
CA LEU H 26 -38.69 -11.82 16.63
C LEU H 26 -39.68 -12.58 15.77
N ASN H 27 -40.74 -13.05 16.41
CA ASN H 27 -41.88 -13.65 15.68
C ASN H 27 -42.68 -12.53 15.03
N PRO H 28 -43.29 -12.83 13.87
CA PRO H 28 -44.09 -11.84 13.14
C PRO H 28 -45.40 -11.59 13.87
N ARG H 29 -45.98 -10.41 13.62
CA ARG H 29 -47.28 -9.93 14.15
C ARG H 29 -48.16 -9.52 12.97
N MET H 30 -48.61 -10.51 12.21
CA MET H 30 -49.41 -10.32 10.96
C MET H 30 -50.88 -10.09 11.28
N GLY H 31 -51.33 -10.53 12.46
CA GLY H 31 -52.60 -10.07 13.03
C GLY H 31 -53.35 -11.14 13.80
N GLN H 32 -53.32 -12.41 13.36
CA GLN H 32 -54.05 -13.54 14.03
C GLN H 32 -53.33 -13.83 15.35
N PRO H 33 -54.05 -14.18 16.45
CA PRO H 33 -53.42 -14.38 17.74
C PRO H 33 -52.45 -15.57 17.85
N GLN H 34 -51.47 -15.43 18.76
CA GLN H 34 -50.47 -16.47 19.08
C GLN H 34 -51.19 -17.72 19.56
N ASN H 35 -50.66 -18.89 19.21
CA ASN H 35 -50.99 -20.20 19.84
C ASN H 35 -52.43 -20.60 19.48
N GLU H 36 -52.98 -19.94 18.46
CA GLU H 36 -54.23 -20.32 17.76
C GLU H 36 -53.84 -20.70 16.33
N ASP H 37 -54.78 -21.24 15.58
CA ASP H 37 -54.46 -22.09 14.39
C ASP H 37 -53.90 -21.22 13.24
N PHE H 38 -54.00 -19.90 13.29
CA PHE H 38 -53.60 -19.03 12.13
C PHE H 38 -52.44 -18.13 12.53
N TYR H 39 -51.71 -18.53 13.58
CA TYR H 39 -50.48 -17.82 14.04
C TYR H 39 -49.50 -17.75 12.84
N GLY H 40 -49.06 -16.54 12.51
CA GLY H 40 -48.14 -16.27 11.37
C GLY H 40 -48.86 -15.64 10.20
N PHE H 41 -50.20 -15.67 10.24
CA PHE H 41 -51.11 -15.10 9.23
C PHE H 41 -51.84 -13.88 9.80
N SER H 42 -52.27 -12.97 8.93
CA SER H 42 -53.42 -12.08 9.18
C SER H 42 -54.73 -12.85 9.02
N ASP H 43 -55.82 -12.27 9.50
CA ASP H 43 -57.20 -12.75 9.18
C ASP H 43 -57.49 -12.30 7.74
N ASN H 44 -58.54 -12.84 7.12
CA ASN H 44 -58.84 -12.54 5.70
C ASN H 44 -59.11 -11.04 5.56
N VAL H 45 -58.46 -10.42 4.58
CA VAL H 45 -58.50 -8.95 4.37
C VAL H 45 -59.85 -8.61 3.73
N THR H 46 -60.50 -7.60 4.28
CA THR H 46 -61.72 -6.93 3.78
C THR H 46 -61.28 -5.57 3.24
N VAL H 47 -62.00 -5.05 2.26
CA VAL H 47 -61.62 -3.81 1.52
C VAL H 47 -62.81 -2.85 1.55
N SER H 48 -62.60 -1.59 1.94
CA SER H 48 -63.62 -0.53 2.01
C SER H 48 -64.06 -0.10 0.60
N ASP H 49 -65.19 0.57 0.52
CA ASP H 49 -65.76 1.04 -0.78
C ASP H 49 -65.31 2.47 -1.07
N ASP H 50 -64.74 3.14 -0.06
CA ASP H 50 -64.35 4.57 -0.14
C ASP H 50 -63.46 4.91 1.07
N PHE H 51 -62.67 5.95 0.95
CA PHE H 51 -61.74 6.36 2.04
C PHE H 51 -62.53 6.80 3.30
N GLY H 52 -63.79 7.25 3.13
CA GLY H 52 -64.58 7.85 4.21
C GLY H 52 -65.07 6.80 5.19
N SER H 53 -65.31 5.58 4.70
CA SER H 53 -65.89 4.44 5.44
C SER H 53 -64.85 3.32 5.62
N ASP H 54 -63.60 3.70 5.76
CA ASP H 54 -62.45 2.77 5.77
C ASP H 54 -62.10 2.49 7.23
N ALA H 55 -62.29 1.28 7.68
CA ALA H 55 -62.14 0.90 9.11
C ALA H 55 -61.61 -0.53 9.17
N PRO H 56 -60.31 -0.76 8.89
CA PRO H 56 -59.79 -2.14 8.89
C PRO H 56 -59.96 -2.77 10.27
N PRO H 57 -60.62 -3.94 10.35
CA PRO H 57 -60.79 -4.64 11.63
C PRO H 57 -59.43 -5.12 12.15
N TRP H 58 -59.29 -5.18 13.47
CA TRP H 58 -58.17 -5.82 14.16
C TRP H 58 -58.03 -7.26 13.61
N LYS H 59 -56.78 -7.70 13.42
CA LYS H 59 -56.32 -9.03 12.94
C LYS H 59 -56.10 -9.00 11.42
N GLN H 60 -56.51 -7.95 10.69
CA GLN H 60 -56.51 -8.01 9.20
C GLN H 60 -55.31 -7.25 8.62
N PHE H 61 -54.40 -6.76 9.46
CA PHE H 61 -53.22 -6.00 8.98
C PHE H 61 -52.04 -6.27 9.91
N PRO H 62 -50.83 -6.25 9.33
CA PRO H 62 -49.61 -6.50 10.12
C PRO H 62 -49.16 -5.34 10.98
N CYS H 63 -48.47 -5.64 12.08
CA CYS H 63 -47.80 -4.68 12.99
C CYS H 63 -46.30 -4.99 13.11
N TYR H 64 -45.50 -3.99 13.49
CA TYR H 64 -44.05 -4.18 13.71
C TYR H 64 -43.86 -5.12 14.90
N SER H 65 -42.78 -5.90 14.81
CA SER H 65 -42.21 -6.69 15.90
C SER H 65 -41.11 -5.86 16.56
N THR H 66 -40.92 -5.96 17.86
CA THR H 66 -39.83 -5.23 18.54
C THR H 66 -39.53 -5.95 19.86
N ALA H 67 -38.28 -5.90 20.30
CA ALA H 67 -37.86 -6.43 21.62
C ALA H 67 -36.71 -5.59 22.13
N ARG H 68 -36.72 -5.35 23.44
CA ARG H 68 -35.52 -4.82 24.14
C ARG H 68 -34.78 -6.01 24.76
N ILE H 69 -33.51 -6.17 24.41
CA ILE H 69 -32.60 -7.21 24.95
C ILE H 69 -31.80 -6.55 26.09
N SER H 70 -31.91 -7.12 27.29
CA SER H 70 -31.14 -6.72 28.49
C SER H 70 -29.71 -7.25 28.34
N LEU H 71 -28.76 -6.33 28.33
CA LEU H 71 -27.31 -6.66 28.19
C LEU H 71 -26.70 -6.63 29.59
N PRO H 72 -25.54 -7.31 29.78
CA PRO H 72 -24.82 -7.27 31.06
C PRO H 72 -24.52 -5.85 31.54
N MET H 73 -24.79 -5.61 32.82
CA MET H 73 -24.54 -4.25 33.38
C MET H 73 -23.06 -4.10 33.73
N LEU H 74 -22.38 -3.16 33.09
CA LEU H 74 -20.89 -3.01 33.08
C LEU H 74 -20.36 -2.14 34.23
N ASN H 75 -21.18 -1.26 34.79
CA ASN H 75 -20.69 -0.16 35.66
C ASN H 75 -21.08 -0.43 37.11
N GLN H 76 -20.13 -0.39 38.04
CA GLN H 76 -20.40 -0.59 39.48
C GLN H 76 -20.83 0.73 40.12
N ASP H 77 -20.39 1.85 39.54
CA ASP H 77 -20.65 3.22 40.07
C ASP H 77 -21.04 4.14 38.91
N MET H 78 -22.32 4.50 38.85
CA MET H 78 -22.86 5.29 37.72
C MET H 78 -22.62 6.79 37.95
N THR H 79 -21.87 7.18 38.98
CA THR H 79 -21.46 8.58 39.28
C THR H 79 -20.05 8.88 38.74
N SER H 80 -19.34 7.88 38.20
CA SER H 80 -17.98 8.02 37.62
C SER H 80 -17.96 9.10 36.53
N ASP H 81 -16.80 9.74 36.37
CA ASP H 81 -16.46 10.75 35.31
C ASP H 81 -16.80 10.15 33.95
N THR H 82 -16.50 8.87 33.78
CA THR H 82 -16.70 8.09 32.53
C THR H 82 -17.29 6.73 32.90
N ILE H 83 -18.05 6.14 31.97
CA ILE H 83 -18.65 4.77 32.12
C ILE H 83 -18.45 3.95 30.86
N LEU H 84 -18.75 2.67 30.96
CA LEU H 84 -18.78 1.76 29.79
C LEU H 84 -20.21 1.67 29.30
N MET H 85 -20.37 1.65 27.98
CA MET H 85 -21.62 1.23 27.29
C MET H 85 -21.27 0.15 26.30
N TRP H 86 -22.23 -0.71 26.04
CA TRP H 86 -22.17 -1.68 24.93
C TRP H 86 -22.40 -0.94 23.61
N GLU H 87 -21.48 -1.13 22.69
CA GLU H 87 -21.53 -0.57 21.31
C GLU H 87 -21.74 -1.73 20.34
N ALA H 88 -22.85 -1.72 19.61
CA ALA H 88 -23.18 -2.74 18.59
C ALA H 88 -22.30 -2.48 17.36
N ILE H 89 -21.42 -3.42 17.00
CA ILE H 89 -20.43 -3.15 15.91
C ILE H 89 -20.79 -3.87 14.62
N SER H 90 -21.50 -5.00 14.71
CA SER H 90 -21.86 -5.88 13.56
C SER H 90 -23.07 -6.75 13.90
N CYS H 91 -23.74 -7.26 12.89
CA CYS H 91 -24.82 -8.23 13.11
C CYS H 91 -24.87 -9.23 11.97
N ARG H 92 -25.49 -10.34 12.27
CA ARG H 92 -26.12 -11.21 11.26
C ARG H 92 -27.62 -11.14 11.47
N THR H 93 -28.40 -11.20 10.41
CA THR H 93 -29.88 -11.32 10.51
C THR H 93 -30.31 -12.27 9.38
N GLU H 94 -31.29 -13.09 9.67
CA GLU H 94 -31.82 -14.01 8.65
C GLU H 94 -33.32 -14.12 8.81
N VAL H 95 -34.03 -14.13 7.69
CA VAL H 95 -35.45 -14.51 7.72
C VAL H 95 -35.45 -16.04 7.82
N MET H 96 -36.05 -16.58 8.87
CA MET H 96 -36.12 -18.04 9.16
C MET H 96 -37.41 -18.61 8.58
N GLY H 97 -37.38 -19.89 8.23
CA GLY H 97 -38.58 -20.60 7.79
C GLY H 97 -38.95 -20.32 6.34
N VAL H 98 -38.00 -19.83 5.55
CA VAL H 98 -38.15 -19.70 4.08
C VAL H 98 -38.54 -21.07 3.50
N ASN H 99 -37.96 -22.15 4.03
CA ASN H 99 -38.31 -23.54 3.65
C ASN H 99 -39.84 -23.73 3.54
N MET H 100 -40.64 -23.16 4.44
CA MET H 100 -42.11 -23.48 4.52
C MET H 100 -42.79 -23.08 3.21
N LEU H 101 -42.15 -22.21 2.39
CA LEU H 101 -42.83 -21.55 1.23
C LEU H 101 -42.84 -22.51 0.04
N THR H 102 -42.20 -23.70 0.17
CA THR H 102 -42.25 -24.83 -0.77
C THR H 102 -43.54 -25.66 -0.60
N ASN H 103 -44.42 -25.27 0.31
CA ASN H 103 -45.74 -25.90 0.54
C ASN H 103 -46.73 -25.33 -0.48
N VAL H 104 -47.20 -26.17 -1.42
CA VAL H 104 -48.28 -25.83 -2.40
C VAL H 104 -49.44 -26.80 -2.30
N HIS H 105 -49.70 -27.34 -1.10
CA HIS H 105 -50.80 -28.31 -0.84
C HIS H 105 -51.77 -27.83 0.24
N SER H 106 -51.45 -26.82 1.05
CA SER H 106 -52.28 -26.46 2.24
C SER H 106 -53.38 -25.45 1.89
N ALA H 107 -54.56 -25.94 1.49
CA ALA H 107 -55.83 -25.19 1.37
C ALA H 107 -55.67 -23.92 0.53
N GLN H 108 -54.86 -24.00 -0.54
CA GLN H 108 -54.50 -22.90 -1.48
C GLN H 108 -55.30 -23.00 -2.80
N LYS H 109 -55.81 -21.85 -3.28
CA LYS H 109 -56.34 -21.72 -4.65
C LYS H 109 -55.36 -22.41 -5.59
N ARG H 110 -55.87 -23.24 -6.49
CA ARG H 110 -55.05 -24.05 -7.45
CA ARG H 110 -55.02 -24.02 -7.43
C ARG H 110 -54.69 -23.17 -8.66
N VAL H 111 -53.63 -23.51 -9.36
CA VAL H 111 -53.11 -22.80 -10.57
C VAL H 111 -54.21 -22.86 -11.65
N TYR H 112 -54.87 -24.00 -11.81
CA TYR H 112 -55.99 -24.17 -12.76
C TYR H 112 -57.27 -24.51 -12.00
N GLU H 113 -57.89 -23.49 -11.42
CA GLU H 113 -59.11 -23.63 -10.58
C GLU H 113 -60.28 -24.10 -11.45
N ASN H 114 -60.39 -23.61 -12.68
CA ASN H 114 -61.48 -24.02 -13.63
C ASN H 114 -61.42 -25.53 -13.83
N ASP H 115 -60.25 -26.14 -13.65
CA ASP H 115 -60.04 -27.59 -13.94
C ASP H 115 -59.83 -28.37 -12.64
N ARG H 116 -59.91 -27.71 -11.49
CA ARG H 116 -59.58 -28.28 -10.15
C ARG H 116 -58.26 -29.06 -10.26
N GLU H 117 -57.27 -28.50 -10.97
CA GLU H 117 -55.94 -29.13 -11.14
C GLU H 117 -54.76 -28.16 -10.88
N GLY H 118 -53.58 -28.76 -10.69
CA GLY H 118 -52.30 -28.06 -10.53
C GLY H 118 -51.95 -27.90 -9.07
N THR H 119 -50.77 -27.35 -8.78
CA THR H 119 -50.36 -27.01 -7.40
C THR H 119 -51.26 -25.89 -6.87
N GLY H 120 -51.16 -25.66 -5.56
CA GLY H 120 -51.51 -24.38 -4.95
C GLY H 120 -50.70 -23.27 -5.59
N ILE H 121 -51.22 -22.05 -5.60
CA ILE H 121 -50.48 -20.90 -6.18
C ILE H 121 -49.40 -20.47 -5.16
N GLY H 122 -49.46 -20.96 -3.92
CA GLY H 122 -48.46 -20.65 -2.88
C GLY H 122 -48.62 -19.23 -2.35
N VAL H 123 -47.59 -18.75 -1.67
CA VAL H 123 -47.51 -17.35 -1.17
C VAL H 123 -47.01 -16.47 -2.32
N GLU H 124 -47.79 -15.46 -2.70
CA GLU H 124 -47.27 -14.45 -3.66
C GLU H 124 -47.85 -13.09 -3.30
N GLY H 125 -47.33 -12.05 -3.94
CA GLY H 125 -47.76 -10.67 -3.67
C GLY H 125 -46.67 -9.92 -2.94
N MET H 126 -47.04 -8.87 -2.23
CA MET H 126 -46.11 -7.83 -1.75
C MET H 126 -45.14 -8.45 -0.74
N GLY H 127 -43.88 -8.04 -0.81
CA GLY H 127 -42.86 -8.35 0.20
C GLY H 127 -42.49 -7.06 0.86
N TYR H 128 -42.52 -7.02 2.20
CA TYR H 128 -42.00 -5.87 2.96
C TYR H 128 -41.09 -6.45 4.05
N HIS H 129 -39.81 -6.17 3.94
CA HIS H 129 -38.77 -6.74 4.84
C HIS H 129 -37.98 -5.56 5.37
N MET H 130 -38.03 -5.36 6.67
CA MET H 130 -37.16 -4.35 7.28
C MET H 130 -36.67 -4.83 8.65
N PHE H 131 -35.50 -4.37 9.04
CA PHE H 131 -34.95 -4.62 10.38
C PHE H 131 -34.22 -3.37 10.84
N ALA H 132 -34.20 -3.21 12.16
CA ALA H 132 -33.52 -2.10 12.82
C ALA H 132 -32.82 -2.61 14.09
N ILE H 133 -31.65 -2.06 14.33
CA ILE H 133 -30.78 -2.38 15.50
C ILE H 133 -30.29 -1.05 16.06
N GLY H 134 -30.57 -0.81 17.34
CA GLY H 134 -30.24 0.47 17.98
C GLY H 134 -30.08 0.38 19.48
N GLY H 135 -29.62 1.49 20.03
CA GLY H 135 -29.35 1.67 21.48
C GLY H 135 -30.54 2.26 22.22
N GLU H 136 -31.68 2.33 21.53
CA GLU H 136 -32.91 2.99 22.01
C GLU H 136 -34.00 2.62 21.02
N PRO H 137 -35.29 2.87 21.36
CA PRO H 137 -36.39 2.50 20.46
C PRO H 137 -36.24 3.14 19.08
N LEU H 138 -36.73 2.43 18.07
CA LEU H 138 -36.76 2.94 16.68
C LEU H 138 -37.64 4.19 16.64
N GLU H 139 -37.14 5.28 16.07
CA GLU H 139 -37.94 6.51 15.94
C GLU H 139 -38.73 6.41 14.64
N LEU H 140 -40.00 6.76 14.73
CA LEU H 140 -41.01 6.57 13.66
C LEU H 140 -41.55 7.90 13.15
N GLN H 141 -41.97 7.86 11.89
CA GLN H 141 -42.76 8.92 11.23
C GLN H 141 -44.10 8.28 10.92
N PHE H 142 -45.17 8.90 11.40
CA PHE H 142 -46.54 8.48 11.09
C PHE H 142 -46.84 8.89 9.63
N MET H 143 -47.29 7.95 8.81
CA MET H 143 -47.72 8.23 7.41
C MET H 143 -48.60 7.10 6.95
N VAL H 144 -49.75 7.45 6.37
CA VAL H 144 -50.80 6.51 5.95
C VAL H 144 -51.22 6.82 4.51
N PHE H 145 -51.75 5.82 3.85
CA PHE H 145 -52.27 5.89 2.47
C PHE H 145 -53.54 6.76 2.46
N ASN H 146 -54.42 6.55 3.44
CA ASN H 146 -55.71 7.28 3.61
C ASN H 146 -55.88 7.74 5.07
N HIS H 147 -55.83 9.05 5.32
CA HIS H 147 -55.86 9.67 6.68
C HIS H 147 -57.22 9.38 7.37
N ARG H 148 -58.25 9.04 6.60
CA ARG H 148 -59.63 8.83 7.12
C ARG H 148 -59.81 7.37 7.56
N ALA H 149 -58.81 6.48 7.41
CA ALA H 149 -58.90 5.10 7.94
C ALA H 149 -59.12 5.19 9.46
N THR H 150 -60.07 4.45 10.00
CA THR H 150 -60.28 4.30 11.47
C THR H 150 -59.63 2.99 11.89
N TYR H 151 -58.56 3.09 12.68
CA TYR H 151 -57.75 1.95 13.15
C TYR H 151 -58.42 1.42 14.40
N PRO H 152 -58.34 0.10 14.63
CA PRO H 152 -58.99 -0.49 15.80
C PRO H 152 -58.29 -0.09 17.12
N ALA H 153 -59.02 -0.25 18.23
CA ALA H 153 -58.60 0.11 19.61
C ALA H 153 -57.24 -0.51 19.96
N GLU H 154 -57.02 -1.76 19.57
CA GLU H 154 -55.83 -2.59 19.86
C GLU H 154 -54.56 -1.98 19.29
N ALA H 155 -54.68 -1.16 18.24
CA ALA H 155 -53.56 -0.56 17.46
C ALA H 155 -53.12 0.75 18.10
N THR H 156 -51.83 1.04 18.04
CA THR H 156 -51.27 2.35 18.38
C THR H 156 -51.09 3.14 17.07
N VAL H 157 -51.86 4.23 16.95
CA VAL H 157 -51.86 5.17 15.80
C VAL H 157 -52.06 6.58 16.36
N ILE H 158 -51.79 7.59 15.54
CA ILE H 158 -52.17 9.00 15.78
C ILE H 158 -53.62 9.15 15.32
N LYS H 159 -54.52 9.49 16.23
CA LYS H 159 -55.99 9.57 15.96
C LYS H 159 -56.26 10.85 15.16
N ASN H 160 -57.22 10.82 14.23
CA ASN H 160 -57.64 11.99 13.40
C ASN H 160 -56.41 12.74 12.94
N PRO H 161 -55.47 12.04 12.25
CA PRO H 161 -54.16 12.61 11.92
C PRO H 161 -54.23 13.72 10.86
N GLY H 162 -55.33 13.80 10.11
CA GLY H 162 -55.59 14.89 9.13
C GLY H 162 -54.92 14.62 7.78
N ALA H 163 -55.34 15.36 6.74
CA ALA H 163 -54.90 15.15 5.33
C ALA H 163 -53.37 15.15 5.20
N SER H 164 -52.69 15.94 6.03
CA SER H 164 -51.21 16.12 6.02
C SER H 164 -50.47 14.79 6.23
N SER H 165 -51.07 13.84 6.95
CA SER H 165 -50.51 12.51 7.32
C SER H 165 -50.47 11.60 6.09
N GLN H 166 -50.98 12.02 4.95
CA GLN H 166 -50.88 11.19 3.71
C GLN H 166 -49.50 11.41 3.05
N VAL H 167 -48.79 12.44 3.49
CA VAL H 167 -47.41 12.75 3.05
C VAL H 167 -46.64 13.12 4.32
N PHE H 168 -45.61 13.93 4.24
CA PHE H 168 -44.78 14.23 5.43
C PHE H 168 -45.37 15.40 6.22
N ASP H 169 -45.63 15.19 7.52
CA ASP H 169 -45.99 16.27 8.49
C ASP H 169 -45.02 16.17 9.67
N PRO H 170 -44.18 17.19 9.91
CA PRO H 170 -43.14 17.10 10.95
C PRO H 170 -43.70 16.97 12.38
N ASN H 171 -45.01 17.18 12.57
CA ASN H 171 -45.66 17.00 13.90
C ASN H 171 -45.86 15.51 14.22
N LEU H 172 -45.95 14.63 13.24
CA LEU H 172 -46.52 13.28 13.45
C LEU H 172 -45.39 12.27 13.69
N LYS H 173 -44.79 12.35 14.88
CA LYS H 173 -43.66 11.50 15.33
C LYS H 173 -44.15 10.46 16.35
N GLY H 174 -43.38 9.40 16.47
CA GLY H 174 -43.59 8.32 17.45
C GLY H 174 -42.33 7.52 17.63
N THR H 175 -42.39 6.54 18.53
CA THR H 175 -41.27 5.61 18.79
C THR H 175 -41.89 4.24 18.95
N LEU H 176 -41.16 3.24 18.46
CA LEU H 176 -41.62 1.85 18.46
C LEU H 176 -41.39 1.28 19.86
N THR H 177 -42.40 1.41 20.72
CA THR H 177 -42.27 1.14 22.18
C THR H 177 -42.97 -0.15 22.59
N ALA H 178 -43.68 -0.84 21.69
CA ALA H 178 -44.50 -2.02 22.02
C ALA H 178 -44.57 -2.94 20.82
N ASP H 179 -44.52 -4.24 21.10
CA ASP H 179 -44.58 -5.30 20.09
C ASP H 179 -46.03 -5.51 19.58
N GLY H 180 -46.19 -5.75 18.28
CA GLY H 180 -47.44 -6.27 17.71
C GLY H 180 -48.60 -5.29 17.76
N VAL H 181 -48.37 -3.97 17.84
CA VAL H 181 -49.49 -2.96 17.90
C VAL H 181 -49.28 -1.74 17.00
N PHE H 182 -48.08 -1.42 16.53
CA PHE H 182 -47.88 -0.28 15.60
C PHE H 182 -48.06 -0.80 14.18
N PRO H 183 -49.14 -0.45 13.47
CA PRO H 183 -49.40 -1.07 12.17
C PRO H 183 -48.30 -0.67 11.15
N VAL H 184 -47.87 -1.64 10.36
CA VAL H 184 -46.84 -1.39 9.32
C VAL H 184 -47.35 -0.28 8.39
N GLU H 185 -48.62 -0.31 7.98
CA GLU H 185 -49.14 0.65 6.99
C GLU H 185 -49.31 2.06 7.56
N ALA H 186 -49.01 2.30 8.84
CA ALA H 186 -49.23 3.61 9.48
C ALA H 186 -47.92 4.20 9.99
N TRP H 187 -46.85 3.41 10.09
CA TRP H 187 -45.59 3.92 10.70
C TRP H 187 -44.42 3.45 9.85
N GLY H 188 -43.42 4.30 9.73
CA GLY H 188 -42.16 4.01 9.04
C GLY H 188 -40.99 4.64 9.79
N PRO H 189 -39.75 4.21 9.48
CA PRO H 189 -38.56 4.80 10.10
C PRO H 189 -38.40 6.29 9.78
N ASP H 190 -38.07 7.09 10.80
CA ASP H 190 -37.94 8.55 10.67
C ASP H 190 -36.49 8.90 10.36
N PRO H 191 -36.17 9.30 9.11
CA PRO H 191 -34.80 9.61 8.76
C PRO H 191 -34.29 10.91 9.40
N PHE H 192 -35.18 11.75 9.92
CA PHE H 192 -34.77 12.97 10.68
C PHE H 192 -34.21 12.63 12.07
N LYS H 193 -34.44 11.40 12.55
CA LYS H 193 -33.92 10.94 13.86
C LYS H 193 -33.07 9.69 13.66
N ASN H 194 -33.10 8.76 14.62
CA ASN H 194 -32.36 7.47 14.52
C ASN H 194 -30.85 7.66 14.38
N GLU H 195 -30.26 8.60 15.10
CA GLU H 195 -28.80 8.76 15.17
C GLU H 195 -28.18 7.50 15.78
N ASN H 196 -28.91 6.84 16.67
CA ASN H 196 -28.37 5.74 17.52
C ASN H 196 -28.97 4.39 17.12
N THR H 197 -29.46 4.26 15.88
CA THR H 197 -30.10 3.07 15.30
C THR H 197 -29.63 2.95 13.83
N ARG H 198 -29.39 1.73 13.36
CA ARG H 198 -29.25 1.45 11.91
C ARG H 198 -30.50 0.69 11.46
N TYR H 199 -31.14 1.17 10.39
CA TYR H 199 -32.32 0.48 9.80
C TYR H 199 -32.12 0.29 8.31
N PHE H 200 -32.78 -0.75 7.82
CA PHE H 200 -32.66 -1.28 6.45
C PHE H 200 -34.04 -1.79 6.06
N GLY H 201 -34.48 -1.49 4.85
CA GLY H 201 -35.81 -2.01 4.43
C GLY H 201 -35.93 -2.13 2.93
N GLN H 202 -36.76 -3.05 2.48
CA GLN H 202 -37.19 -3.14 1.07
C GLN H 202 -38.67 -3.48 0.95
N TYR H 203 -39.34 -2.81 0.03
CA TYR H 203 -40.72 -3.08 -0.39
C TYR H 203 -40.71 -3.48 -1.87
N THR H 204 -41.28 -4.64 -2.14
CA THR H 204 -41.62 -5.12 -3.51
C THR H 204 -43.14 -5.30 -3.52
N GLY H 205 -43.86 -4.54 -4.34
CA GLY H 205 -45.32 -4.63 -4.38
C GLY H 205 -45.87 -5.70 -5.31
N GLY H 206 -47.14 -5.57 -5.69
CA GLY H 206 -47.86 -6.57 -6.50
C GLY H 206 -48.63 -7.53 -5.61
N THR H 207 -49.57 -8.27 -6.22
CA THR H 207 -50.35 -9.33 -5.52
C THR H 207 -50.03 -10.69 -6.12
N GLN H 208 -49.38 -10.72 -7.29
CA GLN H 208 -48.87 -11.96 -7.95
C GLN H 208 -47.33 -11.96 -8.01
N THR H 209 -46.64 -10.99 -7.44
CA THR H 209 -45.15 -10.96 -7.42
C THR H 209 -44.64 -12.20 -6.68
N PRO H 210 -43.65 -12.94 -7.20
CA PRO H 210 -43.08 -14.05 -6.45
C PRO H 210 -42.20 -13.53 -5.33
N PRO H 211 -42.30 -14.07 -4.09
CA PRO H 211 -41.31 -13.75 -3.08
C PRO H 211 -39.89 -14.17 -3.50
N VAL H 212 -38.91 -13.36 -3.14
CA VAL H 212 -37.47 -13.67 -3.31
C VAL H 212 -36.81 -13.50 -1.93
N LEU H 213 -36.30 -14.59 -1.36
CA LEU H 213 -35.74 -14.62 0.02
C LEU H 213 -34.40 -15.36 -0.03
N THR H 214 -33.37 -14.84 0.61
CA THR H 214 -32.06 -15.54 0.70
C THR H 214 -31.78 -15.83 2.18
N PHE H 215 -30.92 -16.80 2.46
CA PHE H 215 -30.55 -17.17 3.85
C PHE H 215 -29.17 -17.81 3.79
N THR H 216 -28.34 -17.43 4.75
CA THR H 216 -26.96 -17.93 4.93
C THR H 216 -26.53 -17.53 6.33
N ASN H 217 -25.61 -18.30 6.92
CA ASN H 217 -24.98 -17.95 8.23
C ASN H 217 -23.60 -17.33 7.98
N THR H 218 -23.30 -16.90 6.74
CA THR H 218 -21.96 -16.37 6.37
C THR H 218 -21.95 -14.85 6.12
N GLN H 219 -23.06 -14.13 6.26
CA GLN H 219 -23.14 -12.68 5.93
C GLN H 219 -23.20 -11.84 7.21
N THR H 220 -22.34 -10.83 7.35
CA THR H 220 -22.25 -9.89 8.50
C THR H 220 -22.45 -8.48 7.99
N THR H 221 -23.32 -7.69 8.62
CA THR H 221 -23.42 -6.23 8.37
C THR H 221 -22.69 -5.46 9.47
N ILE H 222 -21.81 -4.53 9.08
CA ILE H 222 -21.10 -3.61 10.01
C ILE H 222 -22.09 -2.48 10.37
N LEU H 223 -22.17 -2.14 11.65
CA LEU H 223 -23.15 -1.17 12.21
C LEU H 223 -22.43 0.13 12.57
N LEU H 224 -21.12 0.22 12.35
CA LEU H 224 -20.34 1.45 12.63
C LEU H 224 -20.82 2.54 11.68
N ASP H 225 -20.99 3.76 12.19
CA ASP H 225 -21.29 4.98 11.39
C ASP H 225 -20.01 5.52 10.74
N GLU H 226 -20.12 6.70 10.14
CA GLU H 226 -19.02 7.40 9.41
C GLU H 226 -17.86 7.75 10.37
N ASN H 227 -18.13 7.87 11.68
CA ASN H 227 -17.09 8.21 12.69
C ASN H 227 -16.56 6.97 13.39
N GLY H 228 -16.87 5.75 12.92
CA GLY H 228 -16.39 4.51 13.55
C GLY H 228 -17.13 4.16 14.83
N VAL H 229 -18.35 4.66 15.00
CA VAL H 229 -19.20 4.39 16.21
C VAL H 229 -20.47 3.61 15.86
N GLY H 230 -20.72 2.52 16.56
CA GLY H 230 -21.94 1.70 16.41
C GLY H 230 -23.04 2.19 17.38
N PRO H 231 -24.30 1.74 17.25
CA PRO H 231 -25.33 2.02 18.26
C PRO H 231 -24.80 1.76 19.69
N LEU H 232 -25.03 2.75 20.57
CA LEU H 232 -24.67 2.69 22.01
C LEU H 232 -25.94 2.47 22.84
N CYS H 233 -25.88 1.42 23.67
CA CYS H 233 -27.04 0.77 24.28
C CYS H 233 -27.38 1.49 25.59
N LYS H 234 -28.37 2.39 25.55
CA LYS H 234 -28.77 3.24 26.71
C LYS H 234 -29.48 2.34 27.72
N GLY H 235 -29.13 2.50 29.01
CA GLY H 235 -29.67 1.65 30.10
C GLY H 235 -29.27 0.20 29.92
N ASP H 236 -28.24 -0.10 29.11
CA ASP H 236 -27.80 -1.50 28.82
C ASP H 236 -28.93 -2.30 28.14
N GLY H 237 -29.69 -1.63 27.28
CA GLY H 237 -30.74 -2.19 26.41
C GLY H 237 -30.34 -2.17 24.95
N LEU H 238 -30.53 -3.29 24.24
CA LEU H 238 -30.39 -3.38 22.77
C LEU H 238 -31.80 -3.54 22.19
N PHE H 239 -32.15 -2.69 21.25
CA PHE H 239 -33.50 -2.63 20.65
C PHE H 239 -33.44 -3.23 19.25
N LEU H 240 -34.16 -4.34 19.08
CA LEU H 240 -34.37 -5.06 17.80
C LEU H 240 -35.81 -4.82 17.33
N SER H 241 -35.96 -4.51 16.04
CA SER H 241 -37.27 -4.26 15.40
C SER H 241 -37.26 -4.83 13.98
N CYS H 242 -38.41 -5.30 13.52
CA CYS H 242 -38.55 -5.81 12.12
C CYS H 242 -40.02 -5.93 11.70
N ALA H 243 -40.21 -6.07 10.40
CA ALA H 243 -41.45 -6.57 9.80
C ALA H 243 -41.03 -7.41 8.62
N ASP H 244 -41.64 -8.58 8.45
CA ASP H 244 -41.28 -9.54 7.39
C ASP H 244 -42.54 -10.11 6.77
N ILE H 245 -43.25 -9.25 6.04
CA ILE H 245 -44.39 -9.66 5.19
C ILE H 245 -43.82 -10.39 3.98
N VAL H 246 -44.17 -11.66 3.85
CA VAL H 246 -43.62 -12.46 2.72
C VAL H 246 -44.51 -12.26 1.49
N GLY H 247 -45.80 -12.13 1.70
CA GLY H 247 -46.81 -12.13 0.64
C GLY H 247 -48.17 -12.49 1.20
N PHE H 248 -49.08 -12.95 0.34
CA PHE H 248 -50.46 -13.31 0.72
C PHE H 248 -50.69 -14.80 0.48
N PHE H 249 -51.47 -15.39 1.38
CA PHE H 249 -52.07 -16.73 1.25
C PHE H 249 -53.48 -16.57 0.66
N THR H 250 -53.78 -17.27 -0.44
CA THR H 250 -55.08 -17.23 -1.16
C THR H 250 -55.79 -18.57 -0.96
N GLN H 251 -56.96 -18.55 -0.32
CA GLN H 251 -57.87 -19.73 -0.17
C GLN H 251 -58.54 -20.06 -1.51
N HIS H 252 -59.14 -21.27 -1.57
CA HIS H 252 -59.97 -21.74 -2.71
C HIS H 252 -61.06 -20.74 -3.06
N ASN H 253 -61.67 -20.09 -2.05
CA ASN H 253 -62.79 -19.12 -2.23
C ASN H 253 -62.22 -17.70 -2.44
N LYS H 254 -60.91 -17.58 -2.58
CA LYS H 254 -60.19 -16.34 -3.05
C LYS H 254 -60.00 -15.38 -1.89
N LYS H 255 -60.34 -15.77 -0.65
CA LYS H 255 -60.00 -14.97 0.55
C LYS H 255 -58.49 -14.96 0.67
N MET H 256 -57.95 -13.83 1.08
CA MET H 256 -56.49 -13.61 1.06
C MET H 256 -56.11 -13.07 2.43
N SER H 257 -54.95 -13.51 2.90
CA SER H 257 -54.37 -13.09 4.19
C SER H 257 -52.86 -12.85 4.04
N PHE H 258 -52.32 -11.93 4.82
CA PHE H 258 -50.86 -11.73 4.98
C PHE H 258 -50.25 -13.02 5.55
N ARG H 259 -49.08 -13.41 5.05
CA ARG H 259 -48.21 -14.43 5.72
C ARG H 259 -46.90 -13.73 6.09
N GLY H 260 -46.44 -13.95 7.32
CA GLY H 260 -45.13 -13.46 7.80
C GLY H 260 -44.21 -14.57 8.25
N LEU H 261 -42.95 -14.22 8.45
CA LEU H 261 -41.91 -15.16 8.91
C LEU H 261 -41.16 -14.48 10.03
N PRO H 262 -40.64 -15.31 10.95
CA PRO H 262 -39.83 -14.81 12.06
C PRO H 262 -38.44 -14.39 11.55
N ARG H 263 -37.76 -13.52 12.30
CA ARG H 263 -36.41 -13.00 11.98
C ARG H 263 -35.42 -13.36 13.09
N TYR H 264 -34.25 -13.82 12.68
CA TYR H 264 -33.08 -14.10 13.56
C TYR H 264 -32.15 -12.91 13.59
N PHE H 265 -31.63 -12.63 14.77
CA PHE H 265 -30.63 -11.57 14.94
C PHE H 265 -29.48 -12.11 15.79
N ARG H 266 -28.27 -11.88 15.31
CA ARG H 266 -27.03 -12.01 16.11
C ARG H 266 -26.36 -10.66 16.12
N VAL H 267 -26.02 -10.14 17.30
CA VAL H 267 -25.45 -8.77 17.40
C VAL H 267 -24.19 -8.87 18.25
N THR H 268 -23.08 -8.43 17.67
CA THR H 268 -21.74 -8.40 18.28
C THR H 268 -21.59 -7.00 18.86
N LEU H 269 -21.27 -6.92 20.16
CA LEU H 269 -21.09 -5.64 20.87
C LEU H 269 -19.73 -5.63 21.56
N ARG H 270 -19.17 -4.43 21.70
CA ARG H 270 -17.89 -4.21 22.42
C ARG H 270 -18.09 -3.13 23.47
N LYS H 271 -17.19 -3.09 24.44
CA LYS H 271 -17.21 -2.07 25.51
C LYS H 271 -16.62 -0.81 24.94
N ARG H 272 -17.36 0.28 25.04
CA ARG H 272 -16.95 1.64 24.68
C ARG H 272 -16.98 2.54 25.92
N VAL H 273 -15.90 3.28 26.12
CA VAL H 273 -15.84 4.33 27.17
C VAL H 273 -16.59 5.57 26.68
N VAL H 274 -17.49 6.09 27.51
CA VAL H 274 -18.19 7.37 27.21
C VAL H 274 -18.04 8.31 28.40
N LYS H 275 -18.29 9.59 28.15
CA LYS H 275 -18.27 10.67 29.17
C LYS H 275 -19.56 10.56 29.98
N ASN H 276 -19.49 10.75 31.29
CA ASN H 276 -20.65 10.62 32.22
C ASN H 276 -20.74 11.89 33.08
N ILE I 7 -14.14 -27.47 21.15
CA ILE I 7 -12.82 -27.82 20.51
C ILE I 7 -11.90 -26.60 20.61
N GLU I 8 -10.69 -26.78 21.12
CA GLU I 8 -9.62 -25.73 21.16
C GLU I 8 -8.78 -25.89 19.90
N VAL I 9 -8.85 -24.91 18.98
CA VAL I 9 -8.21 -24.99 17.64
C VAL I 9 -6.80 -24.43 17.74
N LEU I 10 -5.79 -25.22 17.38
CA LEU I 10 -4.37 -24.79 17.31
C LEU I 10 -3.99 -24.55 15.84
N ALA I 11 -2.74 -24.80 15.48
CA ALA I 11 -2.15 -24.37 14.20
C ALA I 11 -2.57 -25.31 13.05
N VAL I 12 -2.50 -24.77 11.84
CA VAL I 12 -2.63 -25.50 10.55
C VAL I 12 -1.37 -26.35 10.39
N ARG I 13 -1.50 -27.68 10.39
CA ARG I 13 -0.36 -28.62 10.25
C ARG I 13 0.00 -28.77 8.77
N THR I 14 1.11 -28.16 8.34
CA THR I 14 1.58 -28.13 6.92
C THR I 14 2.29 -29.44 6.53
N ASP I 17 1.74 -33.78 2.73
CA ASP I 17 0.45 -34.47 2.47
C ASP I 17 -0.67 -33.83 3.32
N SER I 18 -0.65 -32.49 3.49
CA SER I 18 -1.48 -31.75 4.47
C SER I 18 -2.86 -31.42 3.88
N ILE I 19 -2.97 -31.41 2.54
CA ILE I 19 -4.22 -31.04 1.81
C ILE I 19 -4.87 -32.29 1.21
N THR I 20 -6.20 -32.36 1.24
CA THR I 20 -6.97 -33.34 0.44
C THR I 20 -8.16 -32.61 -0.22
N GLU I 21 -8.75 -33.27 -1.20
CA GLU I 21 -9.91 -32.76 -1.99
C GLU I 21 -10.85 -33.93 -2.21
N ILE I 22 -12.15 -33.72 -1.97
CA ILE I 22 -13.20 -34.70 -2.34
C ILE I 22 -14.11 -34.03 -3.37
N GLU I 23 -14.74 -34.87 -4.19
CA GLU I 23 -15.85 -34.54 -5.09
C GLU I 23 -17.00 -35.48 -4.76
N ALA I 24 -18.22 -34.99 -4.80
CA ALA I 24 -19.44 -35.79 -4.59
C ALA I 24 -20.62 -35.15 -5.35
N TYR I 25 -21.67 -35.94 -5.52
CA TYR I 25 -22.97 -35.52 -6.11
C TYR I 25 -24.01 -35.91 -5.08
N LEU I 26 -25.04 -35.10 -4.92
CA LEU I 26 -26.28 -35.53 -4.24
C LEU I 26 -27.37 -35.43 -5.28
N ASN I 27 -27.99 -36.55 -5.58
CA ASN I 27 -29.23 -36.58 -6.38
C ASN I 27 -30.39 -35.96 -5.63
N PRO I 28 -31.32 -35.31 -6.36
CA PRO I 28 -32.49 -34.74 -5.73
C PRO I 28 -33.44 -35.81 -5.19
N ARG I 29 -34.22 -35.44 -4.18
CA ARG I 29 -35.26 -36.30 -3.57
C ARG I 29 -36.61 -35.59 -3.65
N MET I 30 -37.14 -35.46 -4.87
CA MET I 30 -38.39 -34.71 -5.18
C MET I 30 -39.60 -35.57 -4.86
N GLY I 31 -39.48 -36.88 -4.75
CA GLY I 31 -40.58 -37.68 -4.16
C GLY I 31 -40.87 -38.99 -4.88
N GLN I 32 -40.77 -39.02 -6.22
CA GLN I 32 -40.88 -40.28 -7.00
C GLN I 32 -39.68 -41.16 -6.70
N PRO I 33 -39.87 -42.50 -6.60
CA PRO I 33 -38.76 -43.42 -6.33
C PRO I 33 -37.64 -43.46 -7.36
N GLN I 34 -36.44 -43.77 -6.88
CA GLN I 34 -35.20 -43.94 -7.68
C GLN I 34 -35.41 -45.08 -8.67
N ASN I 35 -34.67 -45.04 -9.77
CA ASN I 35 -34.55 -46.14 -10.76
C ASN I 35 -35.93 -46.46 -11.37
N GLU I 36 -36.90 -45.53 -11.30
CA GLU I 36 -38.22 -45.63 -11.99
C GLU I 36 -38.44 -44.40 -12.87
N ASP I 37 -39.43 -44.43 -13.76
CA ASP I 37 -39.53 -43.51 -14.93
C ASP I 37 -39.72 -42.04 -14.50
N PHE I 38 -40.02 -41.74 -13.24
CA PHE I 38 -40.27 -40.34 -12.82
C PHE I 38 -39.25 -39.89 -11.77
N TYR I 39 -38.11 -40.56 -11.72
CA TYR I 39 -36.94 -40.17 -10.91
C TYR I 39 -36.50 -38.73 -11.29
N GLY I 40 -36.48 -37.86 -10.29
CA GLY I 40 -36.17 -36.42 -10.40
C GLY I 40 -37.41 -35.58 -10.26
N PHE I 41 -38.59 -36.21 -10.32
CA PHE I 41 -39.91 -35.53 -10.20
C PHE I 41 -40.54 -35.93 -8.86
N SER I 42 -41.51 -35.14 -8.41
CA SER I 42 -42.50 -35.55 -7.39
C SER I 42 -43.65 -36.19 -8.17
N ASP I 43 -44.60 -36.76 -7.44
CA ASP I 43 -45.87 -37.22 -8.01
C ASP I 43 -46.73 -35.97 -8.14
N ASN I 44 -47.78 -36.07 -8.94
CA ASN I 44 -48.73 -34.96 -9.18
C ASN I 44 -49.28 -34.46 -7.84
N VAL I 45 -49.14 -33.15 -7.62
CA VAL I 45 -49.46 -32.49 -6.34
C VAL I 45 -50.97 -32.37 -6.19
N THR I 46 -51.50 -32.87 -5.07
CA THR I 46 -52.91 -32.73 -4.63
C THR I 46 -52.99 -31.63 -3.57
N VAL I 47 -54.15 -31.02 -3.43
CA VAL I 47 -54.35 -29.81 -2.59
C VAL I 47 -55.57 -30.04 -1.72
N SER I 48 -55.46 -29.70 -0.44
CA SER I 48 -56.48 -29.88 0.61
C SER I 48 -57.52 -28.75 0.51
N ASP I 49 -58.66 -28.91 1.16
CA ASP I 49 -59.77 -27.93 1.14
C ASP I 49 -59.68 -27.01 2.37
N ASP I 50 -58.90 -27.43 3.38
CA ASP I 50 -58.78 -26.70 4.67
C ASP I 50 -57.52 -27.21 5.38
N PHE I 51 -56.95 -26.40 6.27
CA PHE I 51 -55.74 -26.77 7.05
C PHE I 51 -56.04 -27.99 7.95
N GLY I 52 -57.29 -28.13 8.39
CA GLY I 52 -57.77 -29.17 9.31
C GLY I 52 -57.57 -30.57 8.77
N SER I 53 -57.88 -30.78 7.49
CA SER I 53 -57.83 -32.11 6.82
C SER I 53 -56.74 -32.11 5.74
N ASP I 54 -55.61 -31.47 6.04
CA ASP I 54 -54.42 -31.39 5.18
C ASP I 54 -53.52 -32.59 5.49
N ALA I 55 -53.37 -33.48 4.52
CA ALA I 55 -52.61 -34.74 4.64
C ALA I 55 -51.87 -35.00 3.34
N PRO I 56 -50.73 -34.34 3.06
CA PRO I 56 -50.07 -34.54 1.76
C PRO I 56 -49.57 -35.96 1.59
N PRO I 57 -50.01 -36.71 0.54
CA PRO I 57 -49.51 -38.06 0.33
C PRO I 57 -47.99 -38.07 0.16
N TRP I 58 -47.37 -39.17 0.60
CA TRP I 58 -45.95 -39.48 0.28
C TRP I 58 -45.70 -39.51 -1.24
N LYS I 59 -44.56 -38.97 -1.70
CA LYS I 59 -44.11 -38.78 -3.13
C LYS I 59 -44.53 -37.41 -3.70
N GLN I 60 -45.45 -36.70 -3.06
CA GLN I 60 -46.02 -35.45 -3.62
C GLN I 60 -45.27 -34.20 -3.13
N PHE I 61 -44.20 -34.38 -2.36
CA PHE I 61 -43.40 -33.25 -1.81
C PHE I 61 -41.93 -33.65 -1.73
N PRO I 62 -41.04 -32.65 -1.93
CA PRO I 62 -39.61 -32.85 -1.87
C PRO I 62 -39.08 -32.91 -0.43
N CYS I 63 -37.98 -33.62 -0.27
CA CYS I 63 -37.21 -33.80 0.99
C CYS I 63 -35.77 -33.38 0.73
N TYR I 64 -35.04 -33.04 1.80
CA TYR I 64 -33.61 -32.71 1.73
C TYR I 64 -32.78 -33.93 1.32
N SER I 65 -31.75 -33.68 0.52
CA SER I 65 -30.68 -34.65 0.18
C SER I 65 -29.56 -34.47 1.19
N THR I 66 -28.89 -35.55 1.60
CA THR I 66 -27.71 -35.45 2.52
C THR I 66 -26.83 -36.70 2.38
N ALA I 67 -25.55 -36.52 2.66
CA ALA I 67 -24.53 -37.59 2.67
C ALA I 67 -23.39 -37.23 3.62
N ARG I 68 -22.81 -38.24 4.24
CA ARG I 68 -21.52 -38.15 4.97
C ARG I 68 -20.42 -38.75 4.08
N ILE I 69 -19.36 -38.00 3.81
CA ILE I 69 -18.19 -38.44 3.00
C ILE I 69 -17.07 -38.84 3.99
N SER I 70 -16.64 -40.10 3.93
CA SER I 70 -15.49 -40.62 4.70
C SER I 70 -14.21 -39.96 4.17
N LEU I 71 -13.43 -39.34 5.04
CA LEU I 71 -12.16 -38.68 4.63
C LEU I 71 -11.01 -39.61 4.98
N PRO I 72 -9.77 -39.42 4.44
CA PRO I 72 -8.63 -40.21 4.89
C PRO I 72 -8.49 -40.29 6.41
N MET I 73 -8.27 -41.50 6.95
CA MET I 73 -8.14 -41.72 8.41
C MET I 73 -7.00 -40.86 8.94
N LEU I 74 -7.16 -40.28 10.13
CA LEU I 74 -6.18 -39.33 10.72
C LEU I 74 -5.81 -39.80 12.14
N THR I 82 -3.18 -33.78 22.06
CA THR I 82 -3.80 -32.98 20.95
C THR I 82 -3.80 -33.83 19.67
N ILE I 83 -4.85 -33.69 18.84
CA ILE I 83 -5.06 -34.53 17.61
C ILE I 83 -5.11 -33.65 16.35
N LEU I 84 -5.09 -34.31 15.18
CA LEU I 84 -5.37 -33.70 13.85
C LEU I 84 -6.87 -33.86 13.53
N MET I 85 -7.48 -32.84 12.91
CA MET I 85 -8.82 -32.94 12.28
C MET I 85 -8.75 -32.38 10.86
N TRP I 86 -9.57 -32.93 9.97
CA TRP I 86 -9.77 -32.33 8.63
C TRP I 86 -10.56 -31.03 8.82
N GLU I 87 -10.09 -29.96 8.17
CA GLU I 87 -10.73 -28.62 8.17
C GLU I 87 -11.09 -28.25 6.73
N ALA I 88 -12.39 -28.09 6.43
CA ALA I 88 -12.85 -27.69 5.08
C ALA I 88 -12.54 -26.21 4.88
N ILE I 89 -11.73 -25.85 3.88
CA ILE I 89 -11.28 -24.44 3.66
C ILE I 89 -11.98 -23.80 2.47
N SER I 90 -12.41 -24.56 1.47
CA SER I 90 -13.02 -23.98 0.26
C SER I 90 -13.92 -25.01 -0.42
N CYS I 91 -14.85 -24.53 -1.25
CA CYS I 91 -15.67 -25.47 -2.04
C CYS I 91 -15.93 -24.91 -3.45
N ARG I 92 -16.31 -25.82 -4.33
CA ARG I 92 -17.04 -25.47 -5.56
C ARG I 92 -18.36 -26.23 -5.47
N THR I 93 -19.42 -25.59 -5.93
CA THR I 93 -20.71 -26.27 -6.01
C THR I 93 -21.40 -25.79 -7.28
N GLU I 94 -22.10 -26.71 -7.93
CA GLU I 94 -22.82 -26.48 -9.20
C GLU I 94 -24.09 -27.32 -9.23
N VAL I 95 -25.21 -26.73 -9.63
CA VAL I 95 -26.43 -27.49 -10.01
C VAL I 95 -26.17 -28.08 -11.40
N MET I 96 -26.21 -29.40 -11.55
CA MET I 96 -25.89 -30.06 -12.83
C MET I 96 -27.19 -30.28 -13.60
N GLY I 97 -27.09 -30.44 -14.92
CA GLY I 97 -28.21 -30.81 -15.78
C GLY I 97 -29.10 -29.61 -16.11
N VAL I 98 -28.64 -28.38 -15.86
CA VAL I 98 -29.42 -27.16 -16.25
C VAL I 98 -29.79 -27.31 -17.73
N ASN I 99 -28.89 -27.90 -18.52
CA ASN I 99 -29.08 -28.11 -19.97
C ASN I 99 -30.45 -28.75 -20.29
N MET I 100 -30.97 -29.63 -19.42
CA MET I 100 -32.16 -30.46 -19.70
C MET I 100 -33.40 -29.54 -19.79
N LEU I 101 -33.32 -28.34 -19.20
CA LEU I 101 -34.50 -27.43 -19.14
C LEU I 101 -34.77 -26.79 -20.50
N THR I 102 -33.88 -26.98 -21.48
CA THR I 102 -34.10 -26.52 -22.87
C THR I 102 -35.09 -27.46 -23.60
N ASN I 103 -35.57 -28.51 -22.93
CA ASN I 103 -36.56 -29.48 -23.46
C ASN I 103 -37.95 -28.87 -23.34
N VAL I 104 -38.58 -28.53 -24.47
CA VAL I 104 -40.00 -28.07 -24.51
C VAL I 104 -40.84 -28.98 -25.42
N HIS I 105 -40.54 -30.28 -25.46
CA HIS I 105 -41.32 -31.24 -26.31
C HIS I 105 -41.87 -32.43 -25.51
N SER I 106 -41.43 -32.66 -24.27
CA SER I 106 -41.76 -33.92 -23.51
C SER I 106 -43.05 -33.78 -22.70
N ALA I 107 -44.19 -34.10 -23.31
CA ALA I 107 -45.51 -34.23 -22.63
C ALA I 107 -45.86 -32.99 -21.79
N GLN I 108 -45.58 -31.78 -22.28
CA GLN I 108 -45.82 -30.52 -21.53
C GLN I 108 -47.06 -29.80 -22.09
N LYS I 109 -47.87 -29.21 -21.21
CA LYS I 109 -48.93 -28.24 -21.59
C LYS I 109 -48.31 -27.25 -22.59
N ARG I 110 -49.02 -26.99 -23.70
CA ARG I 110 -48.48 -26.18 -24.82
C ARG I 110 -48.78 -24.70 -24.55
N VAL I 111 -47.99 -23.79 -25.13
CA VAL I 111 -48.15 -22.33 -24.95
C VAL I 111 -49.57 -21.93 -25.39
N TYR I 112 -50.10 -22.53 -26.46
CA TYR I 112 -51.43 -22.20 -27.04
C TYR I 112 -52.30 -23.46 -27.03
N GLU I 113 -52.68 -23.90 -25.84
CA GLU I 113 -53.37 -25.21 -25.66
C GLU I 113 -54.71 -25.20 -26.40
N ASN I 114 -55.43 -24.08 -26.40
CA ASN I 114 -56.70 -23.89 -27.15
C ASN I 114 -56.50 -24.14 -28.65
N ASP I 115 -55.28 -23.94 -29.17
CA ASP I 115 -54.98 -24.09 -30.62
C ASP I 115 -54.19 -25.37 -30.82
N ARG I 116 -53.98 -26.17 -29.78
CA ARG I 116 -53.06 -27.34 -29.81
C ARG I 116 -51.75 -26.94 -30.50
N GLU I 117 -51.17 -25.77 -30.17
CA GLU I 117 -49.95 -25.29 -30.86
C GLU I 117 -48.98 -24.62 -29.88
N GLY I 118 -47.76 -24.42 -30.36
CA GLY I 118 -46.65 -23.80 -29.61
C GLY I 118 -45.74 -24.86 -29.02
N THR I 119 -44.65 -24.44 -28.38
CA THR I 119 -43.73 -25.35 -27.65
C THR I 119 -44.46 -25.80 -26.37
N GLY I 120 -43.86 -26.70 -25.61
CA GLY I 120 -44.27 -26.89 -24.19
C GLY I 120 -43.93 -25.65 -23.39
N ILE I 121 -44.57 -25.42 -22.24
CA ILE I 121 -44.28 -24.25 -21.37
C ILE I 121 -43.00 -24.52 -20.57
N GLY I 122 -42.49 -25.76 -20.60
CA GLY I 122 -41.26 -26.14 -19.88
C GLY I 122 -41.50 -26.11 -18.37
N VAL I 123 -40.41 -26.08 -17.62
CA VAL I 123 -40.43 -26.02 -16.13
C VAL I 123 -40.59 -24.54 -15.75
N GLU I 124 -41.57 -24.26 -14.91
CA GLU I 124 -41.92 -22.90 -14.47
C GLU I 124 -42.23 -22.96 -12.99
N GLY I 125 -42.10 -21.84 -12.30
CA GLY I 125 -42.50 -21.70 -10.90
C GLY I 125 -41.30 -21.69 -9.96
N MET I 126 -41.54 -22.16 -8.74
CA MET I 126 -40.67 -21.78 -7.61
C MET I 126 -39.32 -22.48 -7.74
N GLY I 127 -38.26 -21.75 -7.43
CA GLY I 127 -36.89 -22.22 -7.28
C GLY I 127 -36.51 -22.19 -5.81
N TYR I 128 -36.12 -23.33 -5.25
CA TYR I 128 -35.58 -23.39 -3.87
C TYR I 128 -34.26 -24.12 -3.94
N HIS I 129 -33.16 -23.40 -3.70
CA HIS I 129 -31.78 -23.86 -3.94
C HIS I 129 -31.00 -23.56 -2.66
N MET I 130 -30.56 -24.61 -1.98
CA MET I 130 -29.79 -24.48 -0.71
C MET I 130 -28.79 -25.63 -0.64
N PHE I 131 -27.61 -25.33 -0.11
CA PHE I 131 -26.55 -26.33 0.15
C PHE I 131 -25.90 -25.99 1.48
N ALA I 132 -25.30 -27.02 2.07
CA ALA I 132 -24.62 -26.86 3.37
C ALA I 132 -23.43 -27.81 3.40
N ILE I 133 -22.33 -27.35 3.97
CA ILE I 133 -21.04 -28.09 4.10
C ILE I 133 -20.59 -27.90 5.55
N GLY I 134 -20.44 -29.02 6.29
CA GLY I 134 -20.09 -28.98 7.72
C GLY I 134 -19.30 -30.20 8.17
N GLY I 135 -18.86 -30.14 9.43
CA GLY I 135 -18.14 -31.24 10.11
C GLY I 135 -19.05 -32.03 11.02
N GLU I 136 -20.37 -31.77 10.96
CA GLU I 136 -21.43 -32.56 11.64
C GLU I 136 -22.73 -32.38 10.86
N PRO I 137 -23.80 -33.17 11.14
CA PRO I 137 -25.07 -33.01 10.45
C PRO I 137 -25.64 -31.58 10.58
N LEU I 138 -26.23 -31.09 9.49
CA LEU I 138 -26.91 -29.77 9.46
C LEU I 138 -27.91 -29.70 10.62
N GLU I 139 -27.91 -28.63 11.40
CA GLU I 139 -28.85 -28.48 12.52
C GLU I 139 -30.10 -27.76 11.98
N LEU I 140 -31.28 -28.31 12.27
CA LEU I 140 -32.55 -27.86 11.63
C LEU I 140 -33.47 -27.16 12.63
N GLN I 141 -34.25 -26.22 12.11
CA GLN I 141 -35.39 -25.61 12.83
C GLN I 141 -36.66 -26.15 12.17
N PHE I 142 -37.57 -26.72 12.94
CA PHE I 142 -38.87 -27.18 12.41
C PHE I 142 -39.74 -25.96 12.22
N MET I 143 -40.32 -25.81 11.03
CA MET I 143 -41.29 -24.73 10.73
C MET I 143 -42.12 -25.13 9.49
N VAL I 144 -43.43 -24.97 9.62
CA VAL I 144 -44.40 -25.40 8.59
C VAL I 144 -45.36 -24.27 8.34
N PHE I 145 -45.92 -24.28 7.15
CA PHE I 145 -46.94 -23.30 6.73
C PHE I 145 -48.21 -23.53 7.55
N ASN I 146 -48.57 -24.81 7.78
CA ASN I 146 -49.83 -25.21 8.45
C ASN I 146 -49.53 -26.29 9.50
N HIS I 147 -49.67 -26.00 10.78
CA HIS I 147 -49.27 -26.93 11.88
C HIS I 147 -50.14 -28.20 11.88
N ARG I 148 -51.37 -28.11 11.37
CA ARG I 148 -52.36 -29.22 11.43
C ARG I 148 -52.15 -30.20 10.27
N ALA I 149 -51.19 -29.94 9.37
CA ALA I 149 -50.81 -30.87 8.29
C ALA I 149 -50.44 -32.22 8.93
N THR I 150 -50.94 -33.33 8.39
CA THR I 150 -50.48 -34.69 8.75
C THR I 150 -49.50 -35.20 7.71
N TYR I 151 -48.21 -35.29 8.07
CA TYR I 151 -47.17 -35.80 7.14
C TYR I 151 -47.23 -37.32 7.19
N PRO I 152 -46.88 -38.00 6.08
CA PRO I 152 -47.04 -39.44 6.02
C PRO I 152 -45.95 -40.14 6.83
N ALA I 153 -46.21 -41.40 7.17
CA ALA I 153 -45.34 -42.31 7.96
C ALA I 153 -43.89 -42.24 7.48
N GLU I 154 -43.70 -42.17 6.17
CA GLU I 154 -42.35 -42.20 5.53
C GLU I 154 -41.52 -40.95 5.86
N ALA I 155 -42.16 -39.84 6.22
CA ALA I 155 -41.52 -38.53 6.44
C ALA I 155 -41.01 -38.47 7.88
N THR I 156 -39.82 -37.88 8.10
CA THR I 156 -39.39 -37.45 9.45
C THR I 156 -39.83 -36.01 9.72
N VAL I 157 -40.70 -35.84 10.72
CA VAL I 157 -41.27 -34.54 11.18
C VAL I 157 -41.46 -34.62 12.69
N ILE I 158 -41.71 -33.49 13.34
CA ILE I 158 -42.26 -33.43 14.73
C ILE I 158 -43.78 -33.58 14.61
N LYS I 159 -44.33 -34.70 15.11
CA LYS I 159 -45.79 -34.98 15.09
C LYS I 159 -46.48 -33.99 16.02
N ASN I 160 -47.72 -33.62 15.69
CA ASN I 160 -48.60 -32.72 16.49
C ASN I 160 -47.80 -31.51 17.00
N PRO I 161 -47.10 -30.74 16.13
CA PRO I 161 -46.13 -29.74 16.59
C PRO I 161 -46.73 -28.49 17.24
N GLY I 162 -48.05 -28.29 17.12
CA GLY I 162 -48.77 -27.15 17.71
C GLY I 162 -48.70 -25.88 16.85
N ALA I 163 -49.56 -24.92 17.16
CA ALA I 163 -49.71 -23.62 16.45
C ALA I 163 -48.38 -22.86 16.38
N SER I 164 -47.51 -22.93 17.41
CA SER I 164 -46.23 -22.18 17.50
CA SER I 164 -46.27 -22.10 17.44
C SER I 164 -45.25 -22.58 16.39
N SER I 165 -45.47 -23.74 15.77
CA SER I 165 -44.57 -24.29 14.72
C SER I 165 -44.80 -23.57 13.38
N GLN I 166 -45.80 -22.70 13.30
CA GLN I 166 -46.10 -21.85 12.10
C GLN I 166 -45.15 -20.67 12.06
N VAL I 167 -44.51 -20.36 13.21
CA VAL I 167 -43.43 -19.34 13.33
C VAL I 167 -42.28 -19.98 14.10
N PHE I 168 -41.45 -19.21 14.79
CA PHE I 168 -40.29 -19.78 15.51
C PHE I 168 -40.70 -20.26 16.91
N ASP I 169 -40.45 -21.54 17.19
CA ASP I 169 -40.61 -22.16 18.54
C ASP I 169 -39.26 -22.77 18.92
N PRO I 170 -38.54 -22.22 19.95
CA PRO I 170 -37.20 -22.68 20.29
C PRO I 170 -37.14 -24.17 20.69
N ASN I 171 -38.27 -24.78 21.01
CA ASN I 171 -38.37 -26.23 21.35
C ASN I 171 -38.24 -27.13 20.11
N LEU I 172 -38.49 -26.61 18.91
CA LEU I 172 -38.80 -27.49 17.74
C LEU I 172 -37.56 -27.60 16.86
N LYS I 173 -36.69 -28.57 17.17
CA LYS I 173 -35.31 -28.68 16.64
C LYS I 173 -35.13 -30.08 16.07
N GLY I 174 -34.21 -30.24 15.14
CA GLY I 174 -33.81 -31.55 14.58
C GLY I 174 -32.43 -31.42 14.02
N THR I 175 -31.86 -32.52 13.53
CA THR I 175 -30.61 -32.52 12.74
C THR I 175 -30.87 -33.38 11.52
N LEU I 176 -30.23 -33.06 10.39
CA LEU I 176 -30.51 -33.72 9.10
C LEU I 176 -29.67 -35.01 9.07
N THR I 177 -30.24 -36.12 9.56
CA THR I 177 -29.52 -37.42 9.79
C THR I 177 -29.86 -38.48 8.75
N ALA I 178 -30.76 -38.21 7.79
CA ALA I 178 -31.18 -39.21 6.77
C ALA I 178 -31.55 -38.49 5.46
N ASP I 179 -31.06 -39.05 4.35
CA ASP I 179 -31.34 -38.63 2.96
C ASP I 179 -32.81 -38.89 2.62
N GLY I 180 -33.48 -37.87 2.08
CA GLY I 180 -34.72 -38.04 1.29
C GLY I 180 -35.94 -38.26 2.15
N VAL I 181 -35.95 -37.86 3.42
CA VAL I 181 -37.15 -38.05 4.30
C VAL I 181 -37.49 -36.82 5.13
N PHE I 182 -36.60 -35.85 5.28
CA PHE I 182 -36.93 -34.54 5.91
C PHE I 182 -37.59 -33.64 4.86
N PRO I 183 -38.90 -33.37 5.00
CA PRO I 183 -39.61 -32.51 4.06
C PRO I 183 -38.99 -31.10 4.05
N VAL I 184 -38.71 -30.59 2.86
CA VAL I 184 -38.21 -29.19 2.68
C VAL I 184 -39.21 -28.24 3.36
N GLU I 185 -40.51 -28.47 3.18
CA GLU I 185 -41.53 -27.53 3.68
C GLU I 185 -41.71 -27.63 5.20
N ALA I 186 -40.98 -28.53 5.90
CA ALA I 186 -41.12 -28.74 7.37
C ALA I 186 -39.84 -28.36 8.13
N TRP I 187 -38.70 -28.30 7.45
CA TRP I 187 -37.35 -28.07 8.04
C TRP I 187 -36.57 -27.03 7.24
N GLY I 188 -35.91 -26.12 7.96
CA GLY I 188 -34.89 -25.22 7.40
C GLY I 188 -33.65 -25.18 8.30
N PRO I 189 -32.54 -24.60 7.82
CA PRO I 189 -31.36 -24.41 8.67
C PRO I 189 -31.64 -23.59 9.93
N ASP I 190 -31.05 -24.02 11.04
CA ASP I 190 -31.19 -23.34 12.36
C ASP I 190 -30.05 -22.35 12.51
N PRO I 191 -30.36 -21.03 12.44
CA PRO I 191 -29.32 -20.01 12.58
C PRO I 191 -28.77 -19.85 14.01
N PHE I 192 -29.48 -20.39 15.00
CA PHE I 192 -29.05 -20.42 16.44
C PHE I 192 -27.97 -21.48 16.64
N LYS I 193 -27.74 -22.35 15.66
CA LYS I 193 -26.68 -23.37 15.78
C LYS I 193 -25.82 -23.32 14.51
N ASN I 194 -25.39 -24.47 13.99
CA ASN I 194 -24.55 -24.59 12.78
C ASN I 194 -23.27 -23.77 12.91
N GLU I 195 -22.60 -23.81 14.07
CA GLU I 195 -21.30 -23.10 14.22
C GLU I 195 -20.23 -23.83 13.39
N ASN I 196 -20.42 -25.14 13.15
CA ASN I 196 -19.41 -25.97 12.44
C ASN I 196 -19.93 -26.36 11.04
N THR I 197 -20.91 -25.62 10.51
CA THR I 197 -21.52 -25.81 9.16
C THR I 197 -21.71 -24.45 8.46
N ARG I 198 -21.44 -24.34 7.15
CA ARG I 198 -21.80 -23.12 6.37
C ARG I 198 -22.97 -23.50 5.47
N TYR I 199 -24.08 -22.73 5.49
CA TYR I 199 -25.28 -22.97 4.66
C TYR I 199 -25.61 -21.69 3.89
N PHE I 200 -26.24 -21.90 2.74
CA PHE I 200 -26.55 -20.83 1.76
C PHE I 200 -27.83 -21.25 1.04
N GLY I 201 -28.82 -20.36 0.94
CA GLY I 201 -30.08 -20.68 0.26
C GLY I 201 -30.69 -19.48 -0.44
N GLN I 202 -31.48 -19.78 -1.47
CA GLN I 202 -32.23 -18.76 -2.23
C GLN I 202 -33.57 -19.37 -2.60
N TYR I 203 -34.65 -18.65 -2.32
CA TYR I 203 -36.01 -19.00 -2.72
C TYR I 203 -36.53 -17.90 -3.65
N THR I 204 -37.04 -18.30 -4.82
CA THR I 204 -37.88 -17.48 -5.72
C THR I 204 -39.22 -18.19 -5.89
N GLY I 205 -40.31 -17.57 -5.48
CA GLY I 205 -41.64 -18.21 -5.40
C GLY I 205 -42.38 -18.18 -6.72
N GLY I 206 -43.69 -18.43 -6.64
CA GLY I 206 -44.59 -18.42 -7.80
C GLY I 206 -44.79 -19.81 -8.40
N THR I 207 -45.69 -19.89 -9.37
CA THR I 207 -46.02 -21.12 -10.14
C THR I 207 -45.78 -20.89 -11.64
N GLN I 208 -45.66 -19.63 -12.08
CA GLN I 208 -45.35 -19.28 -13.51
C GLN I 208 -43.98 -18.62 -13.65
N THR I 209 -43.22 -18.45 -12.57
CA THR I 209 -41.90 -17.76 -12.58
C THR I 209 -40.92 -18.47 -13.50
N PRO I 210 -40.14 -17.75 -14.33
CA PRO I 210 -39.11 -18.38 -15.15
C PRO I 210 -37.96 -18.78 -14.24
N PRO I 211 -37.49 -20.04 -14.26
CA PRO I 211 -36.29 -20.42 -13.53
C PRO I 211 -35.06 -19.68 -14.04
N VAL I 212 -34.16 -19.36 -13.12
CA VAL I 212 -32.85 -18.74 -13.44
C VAL I 212 -31.76 -19.57 -12.77
N LEU I 213 -30.87 -20.17 -13.57
CA LEU I 213 -29.75 -21.00 -13.08
C LEU I 213 -28.47 -20.61 -13.82
N THR I 214 -27.37 -20.57 -13.09
CA THR I 214 -26.02 -20.32 -13.66
C THR I 214 -25.14 -21.54 -13.35
N PHE I 215 -24.07 -21.70 -14.10
CA PHE I 215 -23.10 -22.79 -13.87
C PHE I 215 -21.77 -22.36 -14.47
N THR I 216 -20.70 -22.66 -13.73
CA THR I 216 -19.31 -22.42 -14.13
C THR I 216 -18.44 -23.35 -13.26
N ASN I 217 -17.26 -23.67 -13.75
CA ASN I 217 -16.22 -24.38 -12.96
C ASN I 217 -15.21 -23.36 -12.39
N THR I 218 -15.47 -22.05 -12.46
CA THR I 218 -14.47 -21.02 -12.13
C THR I 218 -14.77 -20.34 -10.78
N GLN I 219 -15.79 -20.77 -10.05
CA GLN I 219 -16.21 -20.13 -8.78
C GLN I 219 -15.84 -21.03 -7.60
N THR I 220 -15.11 -20.46 -6.65
CA THR I 220 -14.68 -21.09 -5.39
C THR I 220 -15.21 -20.24 -4.23
N THR I 221 -15.79 -20.89 -3.24
CA THR I 221 -16.33 -20.23 -2.02
C THR I 221 -15.38 -20.60 -0.88
N ILE I 222 -14.82 -19.60 -0.20
CA ILE I 222 -13.98 -19.84 1.02
C ILE I 222 -14.91 -20.22 2.18
N LEU I 223 -14.57 -21.24 2.96
CA LEU I 223 -15.45 -21.73 4.06
C LEU I 223 -14.93 -21.30 5.43
N LEU I 224 -13.84 -20.53 5.48
CA LEU I 224 -13.22 -20.06 6.74
C LEU I 224 -14.14 -19.02 7.39
N ASP I 225 -14.36 -19.14 8.69
CA ASP I 225 -15.14 -18.21 9.54
C ASP I 225 -14.31 -16.95 9.84
N GLU I 226 -14.82 -16.10 10.72
CA GLU I 226 -14.21 -14.77 11.03
C GLU I 226 -12.88 -14.97 11.76
N ASN I 227 -12.62 -16.17 12.30
CA ASN I 227 -11.36 -16.50 13.02
C ASN I 227 -10.38 -17.28 12.10
N GLY I 228 -10.66 -17.35 10.81
CA GLY I 228 -9.83 -18.08 9.83
C GLY I 228 -9.94 -19.59 9.98
N VAL I 229 -11.02 -20.09 10.58
CA VAL I 229 -11.29 -21.53 10.86
C VAL I 229 -12.46 -22.03 9.98
N GLY I 230 -12.25 -23.16 9.30
CA GLY I 230 -13.28 -23.84 8.49
C GLY I 230 -14.00 -24.89 9.31
N PRO I 231 -15.12 -25.46 8.80
CA PRO I 231 -15.76 -26.62 9.42
C PRO I 231 -14.77 -27.74 9.78
N LEU I 232 -14.80 -28.19 11.03
CA LEU I 232 -13.86 -29.25 11.50
C LEU I 232 -14.63 -30.58 11.48
N CYS I 233 -14.08 -31.59 10.80
CA CYS I 233 -14.80 -32.84 10.47
C CYS I 233 -14.70 -33.84 11.61
N LYS I 234 -15.71 -33.83 12.46
CA LYS I 234 -15.80 -34.70 13.65
C LYS I 234 -15.97 -36.13 13.15
N GLY I 235 -15.18 -37.05 13.71
CA GLY I 235 -15.20 -38.47 13.32
C GLY I 235 -14.71 -38.65 11.90
N ASP I 236 -13.90 -37.71 11.41
CA ASP I 236 -13.30 -37.74 10.04
C ASP I 236 -14.43 -37.84 9.00
N GLY I 237 -15.56 -37.18 9.26
CA GLY I 237 -16.72 -37.17 8.36
C GLY I 237 -17.00 -35.77 7.85
N LEU I 238 -17.19 -35.62 6.54
CA LEU I 238 -17.67 -34.37 5.88
C LEU I 238 -19.16 -34.52 5.55
N PHE I 239 -19.99 -33.55 5.96
CA PHE I 239 -21.46 -33.60 5.86
C PHE I 239 -21.90 -32.59 4.79
N LEU I 240 -22.50 -33.10 3.72
CA LEU I 240 -23.05 -32.33 2.57
C LEU I 240 -24.57 -32.45 2.59
N SER I 241 -25.28 -31.34 2.35
CA SER I 241 -26.74 -31.25 2.38
C SER I 241 -27.22 -30.35 1.24
N CYS I 242 -28.37 -30.63 0.64
CA CYS I 242 -28.91 -29.71 -0.38
C CYS I 242 -30.38 -29.99 -0.67
N ALA I 243 -31.00 -29.00 -1.29
CA ALA I 243 -32.30 -29.12 -1.96
C ALA I 243 -32.25 -28.19 -3.18
N ASP I 244 -32.63 -28.71 -4.35
CA ASP I 244 -32.58 -27.95 -5.63
C ASP I 244 -33.88 -28.18 -6.41
N ILE I 245 -34.97 -27.56 -5.95
CA ILE I 245 -36.27 -27.53 -6.64
C ILE I 245 -36.13 -26.49 -7.76
N VAL I 246 -36.28 -26.91 -8.99
CA VAL I 246 -36.09 -26.05 -10.19
C VAL I 246 -37.41 -25.33 -10.48
N GLY I 247 -38.51 -26.04 -10.29
CA GLY I 247 -39.88 -25.54 -10.48
C GLY I 247 -40.80 -26.71 -10.73
N PHE I 248 -41.88 -26.46 -11.45
CA PHE I 248 -42.93 -27.48 -11.74
C PHE I 248 -43.01 -27.86 -13.21
N PHE I 249 -43.28 -29.15 -13.44
CA PHE I 249 -43.60 -29.77 -14.74
C PHE I 249 -45.12 -29.79 -14.85
N THR I 250 -45.70 -29.23 -15.91
CA THR I 250 -47.18 -29.19 -16.09
C THR I 250 -47.59 -30.07 -17.28
N GLN I 251 -48.44 -31.06 -17.03
CA GLN I 251 -48.95 -32.00 -18.07
C GLN I 251 -50.01 -31.30 -18.90
N HIS I 252 -50.37 -31.92 -20.03
CA HIS I 252 -51.47 -31.42 -20.90
C HIS I 252 -52.74 -31.29 -20.07
N ASN I 253 -52.97 -32.21 -19.15
CA ASN I 253 -54.20 -32.21 -18.32
C ASN I 253 -53.99 -31.34 -17.06
N LYS I 254 -52.86 -30.64 -16.98
CA LYS I 254 -52.61 -29.54 -16.00
C LYS I 254 -52.21 -30.07 -14.62
N LYS I 255 -51.95 -31.37 -14.52
CA LYS I 255 -51.32 -31.97 -13.33
C LYS I 255 -49.88 -31.46 -13.30
N MET I 256 -49.44 -31.12 -12.10
CA MET I 256 -48.17 -30.42 -11.85
C MET I 256 -47.40 -31.23 -10.82
N SER I 257 -46.12 -31.44 -11.10
CA SER I 257 -45.12 -32.06 -10.21
C SER I 257 -43.90 -31.14 -10.04
N PHE I 258 -43.26 -31.21 -8.87
CA PHE I 258 -41.89 -30.67 -8.63
C PHE I 258 -40.87 -31.30 -9.57
N ARG I 259 -39.94 -30.50 -10.09
CA ARG I 259 -38.75 -31.07 -10.79
C ARG I 259 -37.48 -30.58 -10.07
N GLY I 260 -36.53 -31.48 -9.85
CA GLY I 260 -35.27 -31.20 -9.13
C GLY I 260 -34.08 -31.57 -9.97
N LEU I 261 -32.91 -31.11 -9.55
CA LEU I 261 -31.64 -31.33 -10.27
C LEU I 261 -30.60 -31.76 -9.24
N PRO I 262 -29.63 -32.59 -9.66
CA PRO I 262 -28.52 -32.98 -8.79
C PRO I 262 -27.47 -31.89 -8.59
N ARG I 263 -26.79 -31.94 -7.44
CA ARG I 263 -25.74 -30.95 -7.06
C ARG I 263 -24.38 -31.64 -6.97
N TYR I 264 -23.39 -31.05 -7.63
CA TYR I 264 -21.95 -31.37 -7.54
C TYR I 264 -21.36 -30.63 -6.35
N PHE I 265 -20.41 -31.27 -5.66
CA PHE I 265 -19.65 -30.62 -4.56
C PHE I 265 -18.18 -30.94 -4.75
N ARG I 266 -17.32 -29.91 -4.69
CA ARG I 266 -15.87 -30.08 -4.49
C ARG I 266 -15.50 -29.41 -3.18
N VAL I 267 -14.81 -30.11 -2.28
CA VAL I 267 -14.38 -29.53 -0.98
C VAL I 267 -12.87 -29.78 -0.81
N THR I 268 -12.11 -28.73 -0.57
CA THR I 268 -10.67 -28.79 -0.20
C THR I 268 -10.58 -28.77 1.31
N LEU I 269 -9.84 -29.72 1.88
CA LEU I 269 -9.62 -29.81 3.34
C LEU I 269 -8.12 -29.82 3.63
N ARG I 270 -7.76 -29.24 4.78
CA ARG I 270 -6.38 -29.24 5.31
C ARG I 270 -6.39 -29.87 6.72
N LYS I 271 -5.21 -30.33 7.15
CA LYS I 271 -4.96 -30.86 8.51
C LYS I 271 -4.81 -29.68 9.47
N ARG I 272 -5.51 -29.78 10.59
CA ARG I 272 -5.56 -28.76 11.65
C ARG I 272 -5.33 -29.44 13.00
N VAL I 273 -4.38 -28.96 13.77
CA VAL I 273 -4.13 -29.48 15.15
C VAL I 273 -5.17 -28.86 16.08
N VAL I 274 -5.80 -29.71 16.92
CA VAL I 274 -6.83 -29.31 17.92
C VAL I 274 -6.52 -29.97 19.28
N LYS I 275 -6.95 -29.34 20.37
CA LYS I 275 -6.70 -29.77 21.78
C LYS I 275 -8.01 -30.28 22.39
N ILE J 7 0.29 -33.01 -16.52
CA ILE J 7 1.36 -32.18 -17.13
C ILE J 7 2.11 -31.43 -16.03
N GLU J 8 3.42 -31.65 -15.89
CA GLU J 8 4.32 -30.84 -15.03
C GLU J 8 4.51 -29.48 -15.72
N VAL J 9 3.96 -28.42 -15.13
CA VAL J 9 3.99 -27.05 -15.71
C VAL J 9 5.21 -26.30 -15.17
N LEU J 10 6.00 -25.68 -16.03
CA LEU J 10 7.18 -24.87 -15.60
C LEU J 10 6.97 -23.39 -15.93
N ALA J 11 8.05 -22.68 -16.30
CA ALA J 11 8.10 -21.22 -16.50
C ALA J 11 7.27 -20.80 -17.73
N VAL J 12 6.69 -19.61 -17.67
CA VAL J 12 6.10 -18.86 -18.82
C VAL J 12 7.26 -18.32 -19.68
N ARG J 13 6.99 -17.88 -20.92
CA ARG J 13 7.94 -17.11 -21.78
C ARG J 13 7.51 -15.64 -21.84
N ASP J 17 7.10 -12.52 -29.61
CA ASP J 17 7.37 -13.93 -30.04
C ASP J 17 6.45 -14.91 -29.31
N SER J 18 6.30 -14.76 -27.99
CA SER J 18 5.72 -15.78 -27.07
C SER J 18 4.23 -15.53 -26.78
N ILE J 19 3.63 -14.51 -27.41
CA ILE J 19 2.18 -14.19 -27.27
C ILE J 19 1.54 -14.36 -28.64
N THR J 20 0.36 -14.96 -28.69
CA THR J 20 -0.50 -14.92 -29.90
C THR J 20 -1.95 -14.64 -29.49
N GLU J 21 -2.74 -14.17 -30.43
CA GLU J 21 -4.20 -13.93 -30.23
C GLU J 21 -4.94 -14.64 -31.36
N ILE J 22 -6.06 -15.28 -31.05
CA ILE J 22 -6.93 -15.79 -32.14
C ILE J 22 -8.32 -15.15 -31.99
N GLU J 23 -9.02 -15.06 -33.11
CA GLU J 23 -10.44 -14.63 -33.14
C GLU J 23 -11.19 -15.70 -33.94
N ALA J 24 -12.37 -16.07 -33.49
CA ALA J 24 -13.21 -17.06 -34.18
C ALA J 24 -14.69 -16.79 -33.89
N TYR J 25 -15.55 -17.32 -34.76
CA TYR J 25 -17.03 -17.31 -34.58
C TYR J 25 -17.53 -18.75 -34.57
N LEU J 26 -18.54 -19.01 -33.77
CA LEU J 26 -19.31 -20.26 -33.83
C LEU J 26 -20.73 -19.84 -34.20
N ASN J 27 -21.19 -20.31 -35.37
CA ASN J 27 -22.60 -20.13 -35.81
C ASN J 27 -23.45 -21.08 -34.98
N PRO J 28 -24.70 -20.69 -34.68
CA PRO J 28 -25.59 -21.54 -33.88
C PRO J 28 -26.03 -22.76 -34.69
N ARG J 29 -26.54 -23.77 -33.99
CA ARG J 29 -26.98 -25.06 -34.55
C ARG J 29 -28.36 -25.36 -33.97
N MET J 30 -29.33 -24.47 -34.25
CA MET J 30 -30.70 -24.52 -33.68
C MET J 30 -31.54 -25.62 -34.33
N GLY J 31 -31.17 -26.11 -35.51
CA GLY J 31 -31.82 -27.30 -36.12
C GLY J 31 -31.97 -27.23 -37.63
N GLN J 32 -32.44 -26.10 -38.15
CA GLN J 32 -32.65 -25.91 -39.60
C GLN J 32 -31.31 -25.89 -40.30
N PRO J 33 -31.22 -26.49 -41.52
CA PRO J 33 -29.96 -26.59 -42.24
C PRO J 33 -29.34 -25.24 -42.63
N GLN J 34 -28.01 -25.23 -42.69
CA GLN J 34 -27.15 -24.13 -43.17
C GLN J 34 -27.55 -23.69 -44.58
N ASN J 35 -27.44 -22.39 -44.82
CA ASN J 35 -27.57 -21.76 -46.16
C ASN J 35 -28.87 -22.21 -46.82
N GLU J 36 -29.91 -22.41 -46.00
CA GLU J 36 -31.32 -22.52 -46.43
C GLU J 36 -32.08 -21.46 -45.63
N ASP J 37 -33.33 -21.17 -45.99
CA ASP J 37 -33.97 -19.89 -45.60
C ASP J 37 -34.23 -19.78 -44.09
N PHE J 38 -34.19 -20.89 -43.33
CA PHE J 38 -34.49 -20.91 -41.88
C PHE J 38 -33.21 -21.08 -41.07
N TYR J 39 -32.05 -20.81 -41.67
CA TYR J 39 -30.75 -20.91 -40.97
C TYR J 39 -30.75 -19.98 -39.76
N GLY J 40 -30.45 -20.50 -38.56
CA GLY J 40 -30.52 -19.74 -37.29
C GLY J 40 -31.72 -20.14 -36.46
N PHE J 41 -32.70 -20.82 -37.08
CA PHE J 41 -33.94 -21.30 -36.43
C PHE J 41 -33.90 -22.82 -36.29
N SER J 42 -34.70 -23.32 -35.34
CA SER J 42 -35.23 -24.70 -35.36
C SER J 42 -36.43 -24.75 -36.29
N ASP J 43 -36.80 -25.96 -36.72
CA ASP J 43 -38.09 -26.23 -37.35
C ASP J 43 -39.11 -26.10 -36.22
N ASN J 44 -40.38 -25.93 -36.59
CA ASN J 44 -41.53 -25.74 -35.67
C ASN J 44 -41.56 -26.91 -34.69
N VAL J 45 -41.69 -26.57 -33.42
CA VAL J 45 -41.62 -27.56 -32.31
C VAL J 45 -42.95 -28.26 -32.14
N THR J 46 -42.92 -29.60 -32.17
CA THR J 46 -44.05 -30.52 -31.87
C THR J 46 -43.86 -31.08 -30.46
N VAL J 47 -44.96 -31.40 -29.79
CA VAL J 47 -44.94 -31.76 -28.34
C VAL J 47 -45.61 -33.13 -28.21
N SER J 48 -45.00 -34.05 -27.49
CA SER J 48 -45.54 -35.42 -27.25
C SER J 48 -46.66 -35.37 -26.20
N ASP J 49 -47.53 -36.40 -26.22
CA ASP J 49 -48.68 -36.55 -25.30
C ASP J 49 -48.20 -37.17 -23.98
N ASP J 50 -47.10 -37.93 -24.01
CA ASP J 50 -46.59 -38.66 -22.82
C ASP J 50 -45.13 -39.04 -23.02
N PHE J 51 -44.44 -39.29 -21.92
CA PHE J 51 -42.99 -39.61 -21.87
C PHE J 51 -42.65 -40.89 -22.66
N GLY J 52 -43.59 -41.84 -22.73
CA GLY J 52 -43.36 -43.19 -23.30
C GLY J 52 -43.37 -43.18 -24.83
N SER J 53 -43.89 -42.10 -25.45
CA SER J 53 -44.00 -41.92 -26.92
C SER J 53 -43.56 -40.50 -27.29
N ASP J 54 -42.26 -40.24 -27.13
CA ASP J 54 -41.67 -38.87 -27.18
C ASP J 54 -40.44 -38.96 -28.08
N ALA J 55 -40.59 -38.55 -29.32
CA ALA J 55 -39.56 -38.69 -30.37
C ALA J 55 -39.38 -37.33 -31.01
N PRO J 56 -38.57 -36.38 -30.42
CA PRO J 56 -38.38 -35.08 -31.04
C PRO J 56 -37.70 -35.22 -32.39
N PRO J 57 -38.34 -34.79 -33.49
CA PRO J 57 -37.73 -34.87 -34.81
C PRO J 57 -36.46 -34.06 -34.93
N TRP J 58 -35.52 -34.59 -35.71
CA TRP J 58 -34.36 -33.82 -36.20
C TRP J 58 -34.83 -32.47 -36.75
N LYS J 59 -34.07 -31.42 -36.43
CA LYS J 59 -34.32 -30.01 -36.84
C LYS J 59 -35.18 -29.27 -35.82
N GLN J 60 -35.80 -29.98 -34.87
CA GLN J 60 -36.77 -29.34 -33.93
C GLN J 60 -36.11 -28.99 -32.58
N PHE J 61 -34.81 -29.25 -32.43
CA PHE J 61 -34.12 -28.98 -31.15
C PHE J 61 -32.70 -28.51 -31.42
N PRO J 62 -32.15 -27.62 -30.55
CA PRO J 62 -30.78 -27.15 -30.67
C PRO J 62 -29.71 -28.17 -30.26
N CYS J 63 -28.56 -28.08 -30.88
CA CYS J 63 -27.32 -28.78 -30.49
C CYS J 63 -26.19 -27.79 -30.18
N TYR J 64 -25.13 -28.28 -29.52
CA TYR J 64 -23.93 -27.49 -29.20
C TYR J 64 -23.15 -27.21 -30.49
N SER J 65 -22.61 -26.01 -30.58
CA SER J 65 -21.60 -25.60 -31.56
C SER J 65 -20.22 -25.86 -30.97
N THR J 66 -19.25 -26.27 -31.79
CA THR J 66 -17.85 -26.50 -31.35
C THR J 66 -16.90 -26.40 -32.56
N ALA J 67 -15.66 -26.02 -32.27
CA ALA J 67 -14.56 -25.99 -33.24
C ALA J 67 -13.24 -26.20 -32.51
N ARG J 68 -12.29 -26.76 -33.23
CA ARG J 68 -10.86 -26.73 -32.85
C ARG J 68 -10.17 -25.70 -33.71
N ILE J 69 -9.50 -24.72 -33.10
CA ILE J 69 -8.66 -23.73 -33.83
C ILE J 69 -7.23 -24.26 -33.84
N SER J 70 -6.61 -24.43 -35.02
CA SER J 70 -5.18 -24.83 -35.12
C SER J 70 -4.32 -23.62 -34.75
N LEU J 71 -3.43 -23.77 -33.79
CA LEU J 71 -2.50 -22.71 -33.33
C LEU J 71 -1.16 -22.87 -34.03
N PRO J 72 -0.29 -21.82 -34.11
CA PRO J 72 1.06 -22.00 -34.63
C PRO J 72 1.80 -23.19 -34.02
N MET J 73 2.28 -24.13 -34.85
CA MET J 73 3.06 -25.30 -34.35
C MET J 73 4.25 -24.79 -33.55
N LEU J 74 4.70 -25.56 -32.57
CA LEU J 74 5.75 -25.08 -31.63
C LEU J 74 7.01 -25.94 -31.78
N ASN J 75 7.07 -27.08 -31.11
CA ASN J 75 8.28 -27.94 -31.04
C ASN J 75 8.30 -28.87 -32.27
N THR J 82 11.64 -31.40 -21.77
CA THR J 82 10.51 -30.42 -21.69
C THR J 82 10.06 -30.00 -23.09
N ILE J 83 8.87 -29.41 -23.20
CA ILE J 83 8.31 -28.85 -24.46
C ILE J 83 7.52 -27.57 -24.18
N LEU J 84 7.25 -26.79 -25.23
CA LEU J 84 6.33 -25.63 -25.18
C LEU J 84 4.90 -26.12 -25.46
N MET J 85 3.92 -25.52 -24.77
CA MET J 85 2.48 -25.55 -25.15
C MET J 85 1.94 -24.11 -25.11
N TRP J 86 0.94 -23.84 -25.93
CA TRP J 86 0.12 -22.60 -25.88
C TRP J 86 -0.81 -22.68 -24.65
N GLU J 87 -0.81 -21.61 -23.87
CA GLU J 87 -1.58 -21.44 -22.62
C GLU J 87 -2.56 -20.29 -22.85
N ALA J 88 -3.87 -20.58 -22.87
CA ALA J 88 -4.93 -19.56 -22.98
C ALA J 88 -4.99 -18.79 -21.67
N ILE J 89 -4.73 -17.47 -21.69
CA ILE J 89 -4.62 -16.66 -20.43
C ILE J 89 -5.83 -15.73 -20.30
N SER J 90 -6.48 -15.37 -21.40
CA SER J 90 -7.64 -14.43 -21.35
C SER J 90 -8.51 -14.59 -22.59
N CYS J 91 -9.74 -14.09 -22.50
CA CYS J 91 -10.67 -14.12 -23.64
C CYS J 91 -11.63 -12.93 -23.62
N ARG J 92 -12.14 -12.62 -24.81
CA ARG J 92 -13.37 -11.82 -24.96
C ARG J 92 -14.34 -12.77 -25.62
N THR J 93 -15.62 -12.62 -25.30
CA THR J 93 -16.67 -13.37 -26.02
C THR J 93 -17.88 -12.45 -26.11
N GLU J 94 -18.66 -12.66 -27.15
CA GLU J 94 -19.79 -11.76 -27.44
C GLU J 94 -20.81 -12.49 -28.28
N VAL J 95 -22.06 -12.43 -27.86
CA VAL J 95 -23.19 -12.94 -28.70
C VAL J 95 -23.40 -11.84 -29.74
N MET J 96 -23.25 -12.17 -31.01
CA MET J 96 -23.33 -11.16 -32.10
C MET J 96 -24.77 -11.15 -32.62
N GLY J 97 -25.17 -10.07 -33.28
CA GLY J 97 -26.49 -10.00 -33.92
C GLY J 97 -27.66 -9.73 -33.00
N VAL J 98 -27.40 -9.29 -31.77
CA VAL J 98 -28.47 -8.87 -30.81
C VAL J 98 -29.39 -7.85 -31.47
N ASN J 99 -28.81 -6.99 -32.34
CA ASN J 99 -29.55 -5.96 -33.12
C ASN J 99 -30.78 -6.55 -33.86
N MET J 100 -30.70 -7.78 -34.37
CA MET J 100 -31.80 -8.35 -35.20
C MET J 100 -33.07 -8.53 -34.37
N LEU J 101 -32.96 -8.51 -33.03
CA LEU J 101 -34.10 -8.76 -32.13
C LEU J 101 -34.99 -7.52 -32.05
N THR J 102 -34.60 -6.42 -32.73
CA THR J 102 -35.47 -5.22 -32.87
C THR J 102 -36.45 -5.38 -34.07
N ASN J 103 -36.42 -6.53 -34.76
CA ASN J 103 -37.37 -6.80 -35.87
C ASN J 103 -38.69 -7.27 -35.25
N VAL J 104 -39.77 -6.51 -35.46
CA VAL J 104 -41.14 -6.95 -35.07
C VAL J 104 -42.12 -6.94 -36.26
N HIS J 105 -41.62 -7.14 -37.48
CA HIS J 105 -42.41 -7.10 -38.74
C HIS J 105 -42.36 -8.45 -39.50
N SER J 106 -41.44 -9.37 -39.19
CA SER J 106 -41.17 -10.53 -40.07
C SER J 106 -42.05 -11.74 -39.68
N ALA J 107 -43.30 -11.81 -40.17
CA ALA J 107 -44.15 -13.03 -40.15
C ALA J 107 -44.40 -13.48 -38.71
N GLN J 108 -44.61 -12.53 -37.78
CA GLN J 108 -44.68 -12.82 -36.34
C GLN J 108 -46.13 -12.69 -35.88
N LYS J 109 -46.60 -13.61 -35.04
CA LYS J 109 -47.89 -13.41 -34.33
C LYS J 109 -47.91 -11.96 -33.83
N ARG J 110 -49.05 -11.28 -33.99
CA ARG J 110 -49.20 -9.85 -33.59
CA ARG J 110 -49.26 -9.86 -33.61
C ARG J 110 -49.64 -9.76 -32.13
N VAL J 111 -49.34 -8.62 -31.49
CA VAL J 111 -49.68 -8.40 -30.04
C VAL J 111 -51.20 -8.49 -29.89
N TYR J 112 -51.97 -7.98 -30.84
CA TYR J 112 -53.46 -7.94 -30.81
C TYR J 112 -53.99 -8.74 -32.01
N GLU J 113 -53.79 -10.08 -31.97
CA GLU J 113 -54.13 -10.98 -33.11
C GLU J 113 -55.63 -10.90 -33.43
N ASN J 114 -56.49 -10.80 -32.42
CA ASN J 114 -57.97 -10.73 -32.56
C ASN J 114 -58.39 -9.46 -33.29
N ASP J 115 -57.46 -8.54 -33.48
CA ASP J 115 -57.72 -7.23 -34.12
C ASP J 115 -56.82 -7.11 -35.34
N ARG J 116 -56.01 -8.13 -35.65
CA ARG J 116 -55.04 -8.05 -36.76
C ARG J 116 -54.22 -6.75 -36.61
N GLU J 117 -53.83 -6.39 -35.38
CA GLU J 117 -53.16 -5.10 -35.12
C GLU J 117 -51.98 -5.28 -34.15
N GLY J 118 -51.08 -4.31 -34.17
CA GLY J 118 -49.90 -4.29 -33.28
C GLY J 118 -48.64 -4.73 -33.97
N THR J 119 -47.52 -4.63 -33.27
CA THR J 119 -46.24 -5.17 -33.74
C THR J 119 -46.33 -6.70 -33.71
N GLY J 120 -45.40 -7.37 -34.36
CA GLY J 120 -45.04 -8.75 -33.97
C GLY J 120 -44.68 -8.83 -32.48
N ILE J 121 -44.84 -9.99 -31.87
CA ILE J 121 -44.49 -10.20 -30.43
C ILE J 121 -42.98 -10.39 -30.31
N GLY J 122 -42.27 -10.55 -31.42
CA GLY J 122 -40.80 -10.68 -31.40
C GLY J 122 -40.37 -12.01 -30.84
N VAL J 123 -39.06 -12.16 -30.54
CA VAL J 123 -38.47 -13.38 -29.92
C VAL J 123 -38.72 -13.24 -28.42
N GLU J 124 -39.35 -14.24 -27.80
CA GLU J 124 -39.59 -14.24 -26.34
C GLU J 124 -39.30 -15.65 -25.84
N GLY J 125 -39.03 -15.77 -24.56
CA GLY J 125 -38.92 -17.10 -23.93
C GLY J 125 -37.50 -17.36 -23.49
N MET J 126 -37.14 -18.62 -23.46
CA MET J 126 -35.95 -19.10 -22.71
C MET J 126 -34.67 -18.60 -23.35
N GLY J 127 -33.73 -18.27 -22.49
CA GLY J 127 -32.35 -17.93 -22.88
C GLY J 127 -31.46 -19.00 -22.30
N TYR J 128 -30.63 -19.59 -23.13
CA TYR J 128 -29.59 -20.54 -22.71
C TYR J 128 -28.33 -20.14 -23.43
N HIS J 129 -27.39 -19.67 -22.63
CA HIS J 129 -26.15 -19.00 -23.08
C HIS J 129 -25.01 -19.65 -22.32
N MET J 130 -24.11 -20.29 -23.06
CA MET J 130 -22.99 -21.05 -22.48
C MET J 130 -21.82 -21.03 -23.45
N PHE J 131 -20.61 -20.95 -22.92
CA PHE J 131 -19.37 -21.05 -23.71
C PHE J 131 -18.32 -21.76 -22.87
N ALA J 132 -17.37 -22.36 -23.57
CA ALA J 132 -16.23 -23.10 -22.98
C ALA J 132 -15.01 -22.84 -23.87
N ILE J 133 -13.90 -22.60 -23.21
CA ILE J 133 -12.56 -22.47 -23.83
C ILE J 133 -11.61 -23.43 -23.09
N GLY J 134 -10.96 -24.31 -23.86
CA GLY J 134 -10.20 -25.43 -23.27
C GLY J 134 -9.10 -25.91 -24.19
N GLY J 135 -8.20 -26.71 -23.63
CA GLY J 135 -7.03 -27.22 -24.35
C GLY J 135 -7.26 -28.64 -24.82
N GLU J 136 -8.53 -29.07 -24.78
CA GLU J 136 -9.06 -30.38 -25.22
C GLU J 136 -10.58 -30.28 -25.31
N PRO J 137 -11.30 -31.26 -25.92
CA PRO J 137 -12.75 -31.19 -26.06
C PRO J 137 -13.45 -31.05 -24.70
N LEU J 138 -14.59 -30.35 -24.69
CA LEU J 138 -15.43 -30.14 -23.48
C LEU J 138 -15.91 -31.53 -23.04
N GLU J 139 -15.77 -31.82 -21.76
CA GLU J 139 -16.23 -33.10 -21.17
C GLU J 139 -17.66 -32.88 -20.67
N LEU J 140 -18.57 -33.80 -21.05
CA LEU J 140 -20.03 -33.67 -20.88
C LEU J 140 -20.54 -34.73 -19.91
N GLN J 141 -21.64 -34.40 -19.24
CA GLN J 141 -22.51 -35.30 -18.45
C GLN J 141 -23.83 -35.41 -19.20
N PHE J 142 -24.22 -36.64 -19.55
CA PHE J 142 -25.53 -36.91 -20.16
C PHE J 142 -26.60 -36.74 -19.10
N MET J 143 -27.60 -35.90 -19.37
CA MET J 143 -28.75 -35.72 -18.46
C MET J 143 -29.91 -35.14 -19.25
N VAL J 144 -31.09 -35.71 -19.06
CA VAL J 144 -32.32 -35.50 -19.89
C VAL J 144 -33.48 -35.34 -18.94
N PHE J 145 -34.46 -34.57 -19.39
CA PHE J 145 -35.73 -34.34 -18.67
C PHE J 145 -36.51 -35.65 -18.59
N ASN J 146 -36.56 -36.36 -19.72
CA ASN J 146 -37.31 -37.64 -19.90
C ASN J 146 -36.40 -38.69 -20.54
N HIS J 147 -36.00 -39.69 -19.77
CA HIS J 147 -35.06 -40.76 -20.21
C HIS J 147 -35.63 -41.57 -21.39
N ARG J 148 -36.95 -41.61 -21.55
CA ARG J 148 -37.65 -42.43 -22.57
C ARG J 148 -37.74 -41.70 -23.92
N ALA J 149 -37.32 -40.42 -24.00
CA ALA J 149 -37.19 -39.70 -25.30
C ALA J 149 -36.39 -40.54 -26.29
N THR J 150 -36.91 -40.70 -27.51
CA THR J 150 -36.15 -41.30 -28.63
C THR J 150 -35.55 -40.20 -29.50
N TYR J 151 -34.23 -40.04 -29.49
CA TYR J 151 -33.54 -38.98 -30.27
C TYR J 151 -33.32 -39.50 -31.68
N PRO J 152 -33.25 -38.61 -32.69
CA PRO J 152 -33.11 -39.05 -34.08
C PRO J 152 -31.69 -39.50 -34.44
N ALA J 153 -31.57 -40.17 -35.58
CA ALA J 153 -30.31 -40.81 -36.05
C ALA J 153 -29.21 -39.77 -36.11
N GLU J 154 -29.55 -38.51 -36.42
CA GLU J 154 -28.55 -37.45 -36.69
C GLU J 154 -27.89 -37.04 -35.38
N ALA J 155 -28.55 -37.21 -34.24
CA ALA J 155 -28.08 -36.68 -32.94
C ALA J 155 -27.06 -37.65 -32.32
N THR J 156 -26.11 -37.15 -31.54
CA THR J 156 -25.21 -38.01 -30.74
C THR J 156 -25.75 -38.02 -29.31
N VAL J 157 -26.13 -39.20 -28.82
CA VAL J 157 -26.74 -39.40 -27.48
C VAL J 157 -26.29 -40.77 -26.91
N ILE J 158 -26.58 -41.01 -25.64
CA ILE J 158 -26.54 -42.39 -25.05
C ILE J 158 -27.93 -43.00 -25.21
N LYS J 159 -28.06 -44.08 -25.99
CA LYS J 159 -29.37 -44.75 -26.24
C LYS J 159 -29.78 -45.55 -25.00
N ASN J 160 -31.08 -45.73 -24.80
CA ASN J 160 -31.74 -46.38 -23.62
C ASN J 160 -30.94 -46.03 -22.36
N PRO J 161 -30.81 -44.74 -21.98
CA PRO J 161 -29.89 -44.36 -20.89
C PRO J 161 -30.35 -44.75 -19.47
N GLY J 162 -31.64 -45.05 -19.29
CA GLY J 162 -32.19 -45.47 -17.98
C GLY J 162 -32.77 -44.31 -17.19
N ALA J 163 -33.61 -44.62 -16.21
CA ALA J 163 -34.28 -43.65 -15.33
C ALA J 163 -33.23 -42.78 -14.61
N SER J 164 -32.05 -43.34 -14.33
CA SER J 164 -30.92 -42.65 -13.62
C SER J 164 -30.43 -41.40 -14.38
N SER J 165 -30.54 -41.41 -15.72
CA SER J 165 -30.18 -40.30 -16.66
C SER J 165 -31.06 -39.05 -16.50
N GLN J 166 -32.18 -39.11 -15.79
CA GLN J 166 -33.03 -37.95 -15.45
C GLN J 166 -32.41 -37.14 -14.29
N VAL J 167 -31.43 -37.73 -13.60
CA VAL J 167 -30.60 -37.05 -12.57
C VAL J 167 -29.16 -37.43 -12.88
N PHE J 168 -28.25 -37.39 -11.89
CA PHE J 168 -26.82 -37.73 -12.10
C PHE J 168 -26.57 -39.25 -12.01
N ASP J 169 -25.94 -39.75 -13.06
CA ASP J 169 -25.37 -41.13 -13.17
C ASP J 169 -23.93 -41.01 -13.65
N PRO J 170 -22.95 -41.38 -12.80
CA PRO J 170 -21.52 -41.26 -13.14
C PRO J 170 -21.06 -42.11 -14.32
N ASN J 171 -21.86 -43.07 -14.78
CA ASN J 171 -21.53 -43.88 -15.98
C ASN J 171 -21.78 -43.07 -17.27
N LEU J 172 -22.61 -42.01 -17.23
CA LEU J 172 -23.18 -41.43 -18.47
C LEU J 172 -22.35 -40.21 -18.90
N LYS J 173 -21.20 -40.50 -19.52
CA LYS J 173 -20.16 -39.51 -19.87
C LYS J 173 -20.04 -39.37 -21.40
N GLY J 174 -19.49 -38.24 -21.85
CA GLY J 174 -19.17 -37.99 -23.26
C GLY J 174 -18.22 -36.82 -23.40
N THR J 175 -17.71 -36.60 -24.61
CA THR J 175 -16.88 -35.42 -24.93
C THR J 175 -17.44 -34.77 -26.20
N LEU J 176 -17.35 -33.43 -26.28
CA LEU J 176 -17.96 -32.64 -27.36
C LEU J 176 -17.01 -32.65 -28.53
N THR J 177 -17.15 -33.65 -29.40
CA THR J 177 -16.17 -33.99 -30.48
C THR J 177 -16.74 -33.65 -31.86
N ALA J 178 -17.94 -33.10 -31.97
CA ALA J 178 -18.57 -32.76 -33.26
C ALA J 178 -19.57 -31.62 -33.09
N ASP J 179 -19.62 -30.76 -34.11
CA ASP J 179 -20.47 -29.55 -34.21
C ASP J 179 -21.90 -29.94 -34.60
N GLY J 180 -22.89 -29.34 -33.92
CA GLY J 180 -24.30 -29.40 -34.30
C GLY J 180 -24.92 -30.80 -34.30
N VAL J 181 -24.51 -31.70 -33.40
CA VAL J 181 -25.15 -33.06 -33.29
C VAL J 181 -25.38 -33.50 -31.82
N PHE J 182 -24.72 -32.90 -30.84
CA PHE J 182 -24.98 -33.18 -29.39
C PHE J 182 -26.12 -32.30 -28.92
N PRO J 183 -27.34 -32.83 -28.64
CA PRO J 183 -28.48 -32.00 -28.29
C PRO J 183 -28.21 -31.26 -26.98
N VAL J 184 -28.52 -29.97 -26.94
CA VAL J 184 -28.36 -29.16 -25.72
C VAL J 184 -29.19 -29.84 -24.63
N GLU J 185 -30.40 -30.33 -24.93
CA GLU J 185 -31.31 -30.86 -23.87
C GLU J 185 -30.85 -32.21 -23.31
N ALA J 186 -29.73 -32.76 -23.79
CA ALA J 186 -29.27 -34.12 -23.38
C ALA J 186 -27.86 -34.08 -22.78
N TRP J 187 -27.13 -32.98 -22.99
CA TRP J 187 -25.70 -32.90 -22.57
C TRP J 187 -25.41 -31.56 -21.85
N GLY J 188 -24.67 -31.63 -20.74
CA GLY J 188 -24.18 -30.46 -19.98
C GLY J 188 -22.70 -30.64 -19.66
N PRO J 189 -22.00 -29.55 -19.29
CA PRO J 189 -20.60 -29.63 -18.89
C PRO J 189 -20.50 -30.51 -17.63
N ASP J 190 -19.46 -31.33 -17.58
CA ASP J 190 -19.19 -32.25 -16.45
C ASP J 190 -18.28 -31.54 -15.44
N PRO J 191 -18.77 -31.26 -14.22
CA PRO J 191 -17.92 -30.59 -13.24
C PRO J 191 -16.91 -31.52 -12.52
N PHE J 192 -17.08 -32.84 -12.64
CA PHE J 192 -16.09 -33.86 -12.16
C PHE J 192 -14.86 -33.90 -13.07
N LYS J 193 -14.92 -33.24 -14.22
CA LYS J 193 -13.80 -33.26 -15.19
C LYS J 193 -13.55 -31.81 -15.59
N ASN J 194 -13.08 -31.57 -16.81
CA ASN J 194 -12.81 -30.22 -17.38
C ASN J 194 -11.78 -29.46 -16.52
N GLU J 195 -10.70 -30.12 -16.05
CA GLU J 195 -9.63 -29.41 -15.30
C GLU J 195 -8.84 -28.53 -16.27
N ASN J 196 -8.92 -28.78 -17.58
CA ASN J 196 -8.15 -28.06 -18.62
C ASN J 196 -9.07 -27.23 -19.53
N THR J 197 -10.30 -26.95 -19.07
CA THR J 197 -11.33 -26.12 -19.74
C THR J 197 -12.02 -25.20 -18.72
N ARG J 198 -12.28 -23.96 -19.11
CA ARG J 198 -13.17 -23.03 -18.37
C ARG J 198 -14.53 -22.98 -19.09
N TYR J 199 -15.63 -23.15 -18.35
CA TYR J 199 -16.99 -22.99 -18.94
C TYR J 199 -17.80 -22.09 -18.02
N PHE J 200 -18.81 -21.49 -18.64
CA PHE J 200 -19.72 -20.48 -18.05
C PHE J 200 -21.09 -20.64 -18.73
N GLY J 201 -22.16 -20.70 -17.95
CA GLY J 201 -23.50 -20.76 -18.55
C GLY J 201 -24.56 -20.04 -17.74
N GLN J 202 -25.59 -19.58 -18.41
CA GLN J 202 -26.78 -19.08 -17.71
C GLN J 202 -28.01 -19.55 -18.46
N TYR J 203 -29.01 -19.94 -17.68
CA TYR J 203 -30.35 -20.32 -18.16
C TYR J 203 -31.40 -19.41 -17.52
N THR J 204 -32.30 -18.88 -18.34
CA THR J 204 -33.57 -18.25 -17.92
C THR J 204 -34.64 -18.95 -18.73
N GLY J 205 -35.62 -19.51 -18.03
CA GLY J 205 -36.68 -20.30 -18.66
C GLY J 205 -37.87 -19.49 -19.10
N GLY J 206 -38.93 -20.22 -19.40
CA GLY J 206 -40.21 -19.64 -19.86
C GLY J 206 -40.32 -19.61 -21.38
N THR J 207 -41.52 -19.25 -21.84
CA THR J 207 -41.87 -19.18 -23.29
C THR J 207 -42.27 -17.75 -23.71
N GLN J 208 -42.62 -16.90 -22.75
CA GLN J 208 -42.93 -15.46 -23.02
C GLN J 208 -42.01 -14.51 -22.26
N THR J 209 -40.93 -15.05 -21.71
CA THR J 209 -39.92 -14.27 -20.96
C THR J 209 -39.26 -13.23 -21.86
N PRO J 210 -39.11 -11.98 -21.40
CA PRO J 210 -38.26 -11.03 -22.11
C PRO J 210 -36.83 -11.53 -22.20
N PRO J 211 -36.22 -11.67 -23.41
CA PRO J 211 -34.79 -11.86 -23.51
C PRO J 211 -34.00 -10.62 -23.08
N VAL J 212 -32.88 -10.86 -22.41
CA VAL J 212 -31.96 -9.78 -21.93
C VAL J 212 -30.56 -10.12 -22.42
N LEU J 213 -30.01 -9.29 -23.28
CA LEU J 213 -28.66 -9.54 -23.86
C LEU J 213 -27.85 -8.26 -23.74
N THR J 214 -26.60 -8.35 -23.33
CA THR J 214 -25.69 -7.16 -23.33
C THR J 214 -24.58 -7.42 -24.35
N PHE J 215 -23.95 -6.37 -24.84
CA PHE J 215 -22.78 -6.48 -25.73
C PHE J 215 -21.88 -5.28 -25.51
N THR J 216 -20.56 -5.52 -25.61
CA THR J 216 -19.48 -4.52 -25.42
C THR J 216 -18.16 -5.16 -25.89
N ASN J 217 -17.22 -4.34 -26.33
CA ASN J 217 -15.85 -4.83 -26.69
C ASN J 217 -14.91 -4.45 -25.54
N THR J 218 -15.42 -4.22 -24.33
CA THR J 218 -14.60 -3.70 -23.20
C THR J 218 -14.45 -4.74 -22.10
N GLN J 219 -14.94 -5.96 -22.28
CA GLN J 219 -14.87 -6.99 -21.20
C GLN J 219 -13.85 -8.05 -21.57
N THR J 220 -12.90 -8.30 -20.68
CA THR J 220 -11.93 -9.41 -20.77
C THR J 220 -12.10 -10.33 -19.56
N THR J 221 -12.16 -11.64 -19.79
CA THR J 221 -12.21 -12.69 -18.73
C THR J 221 -10.82 -13.35 -18.64
N ILE J 222 -10.18 -13.36 -17.48
CA ILE J 222 -8.87 -14.06 -17.28
C ILE J 222 -9.21 -15.55 -17.15
N LEU J 223 -8.40 -16.43 -17.78
CA LEU J 223 -8.68 -17.89 -17.84
C LEU J 223 -7.69 -18.70 -16.96
N LEU J 224 -6.89 -18.04 -16.14
CA LEU J 224 -5.94 -18.70 -15.20
C LEU J 224 -6.72 -19.33 -14.05
N ASP J 225 -6.27 -20.49 -13.59
CA ASP J 225 -6.81 -21.16 -12.37
C ASP J 225 -6.18 -20.51 -11.13
N GLU J 226 -6.55 -21.07 -9.97
CA GLU J 226 -6.07 -20.66 -8.63
C GLU J 226 -4.53 -20.75 -8.60
N ASN J 227 -3.95 -21.63 -9.40
CA ASN J 227 -2.47 -21.86 -9.45
C ASN J 227 -1.83 -20.99 -10.53
N GLY J 228 -2.60 -20.08 -11.16
CA GLY J 228 -2.05 -19.17 -12.19
C GLY J 228 -1.80 -19.86 -13.52
N VAL J 229 -2.47 -20.98 -13.78
CA VAL J 229 -2.34 -21.78 -15.03
C VAL J 229 -3.65 -21.70 -15.84
N GLY J 230 -3.52 -21.34 -17.12
CA GLY J 230 -4.64 -21.36 -18.09
C GLY J 230 -4.76 -22.71 -18.78
N PRO J 231 -5.84 -22.94 -19.55
CA PRO J 231 -5.93 -24.12 -20.41
C PRO J 231 -4.66 -24.29 -21.27
N LEU J 232 -4.10 -25.50 -21.26
CA LEU J 232 -2.89 -25.85 -22.03
C LEU J 232 -3.34 -26.66 -23.23
N CYS J 233 -3.03 -26.20 -24.43
CA CYS J 233 -3.63 -26.68 -25.70
C CYS J 233 -2.87 -27.93 -26.21
N LYS J 234 -3.39 -29.10 -25.86
CA LYS J 234 -2.83 -30.40 -26.30
C LYS J 234 -2.90 -30.47 -27.83
N GLY J 235 -1.81 -30.89 -28.47
CA GLY J 235 -1.74 -31.06 -29.94
C GLY J 235 -1.88 -29.72 -30.63
N ASP J 236 -1.54 -28.65 -29.93
CA ASP J 236 -1.54 -27.26 -30.45
C ASP J 236 -2.95 -26.92 -30.96
N GLY J 237 -3.96 -27.37 -30.22
CA GLY J 237 -5.39 -27.16 -30.52
C GLY J 237 -6.09 -26.35 -29.45
N LEU J 238 -6.91 -25.38 -29.86
CA LEU J 238 -7.76 -24.59 -28.92
C LEU J 238 -9.21 -24.95 -29.22
N PHE J 239 -9.95 -25.40 -28.21
CA PHE J 239 -11.31 -25.96 -28.35
C PHE J 239 -12.31 -24.92 -27.84
N LEU J 240 -13.18 -24.48 -28.73
CA LEU J 240 -14.21 -23.48 -28.42
C LEU J 240 -15.57 -24.18 -28.50
N SER J 241 -16.41 -23.95 -27.49
CA SER J 241 -17.77 -24.54 -27.48
C SER J 241 -18.79 -23.49 -27.04
N CYS J 242 -20.02 -23.62 -27.50
CA CYS J 242 -21.11 -22.70 -27.05
C CYS J 242 -22.47 -23.24 -27.43
N ALA J 243 -23.48 -22.69 -26.77
CA ALA J 243 -24.88 -22.70 -27.26
C ALA J 243 -25.48 -21.34 -26.89
N ASP J 244 -26.27 -20.75 -27.79
CA ASP J 244 -26.86 -19.39 -27.58
C ASP J 244 -28.29 -19.39 -28.09
N ILE J 245 -29.19 -19.98 -27.31
CA ILE J 245 -30.66 -19.95 -27.54
C ILE J 245 -31.14 -18.60 -27.04
N VAL J 246 -31.68 -17.76 -27.93
CA VAL J 246 -32.13 -16.40 -27.48
C VAL J 246 -33.61 -16.46 -27.13
N GLY J 247 -34.36 -17.44 -27.64
CA GLY J 247 -35.81 -17.52 -27.38
C GLY J 247 -36.56 -18.23 -28.49
N PHE J 248 -37.87 -17.98 -28.57
CA PHE J 248 -38.75 -18.56 -29.61
C PHE J 248 -39.29 -17.51 -30.56
N PHE J 249 -39.37 -17.90 -31.83
CA PHE J 249 -40.09 -17.20 -32.91
C PHE J 249 -41.49 -17.81 -33.03
N THR J 250 -42.54 -16.98 -32.94
CA THR J 250 -43.95 -17.43 -32.97
C THR J 250 -44.61 -16.88 -34.25
N GLN J 251 -45.04 -17.79 -35.12
CA GLN J 251 -45.81 -17.51 -36.36
C GLN J 251 -47.25 -17.07 -36.03
N HIS J 252 -47.93 -16.46 -37.00
CA HIS J 252 -49.37 -16.10 -36.93
C HIS J 252 -50.21 -17.31 -36.52
N ASN J 253 -49.85 -18.53 -36.97
CA ASN J 253 -50.65 -19.75 -36.68
C ASN J 253 -50.15 -20.38 -35.36
N LYS J 254 -49.29 -19.67 -34.62
CA LYS J 254 -48.86 -20.03 -33.25
C LYS J 254 -47.83 -21.15 -33.23
N LYS J 255 -47.34 -21.61 -34.38
CA LYS J 255 -46.14 -22.50 -34.42
C LYS J 255 -44.90 -21.76 -33.89
N MET J 256 -44.08 -22.47 -33.11
CA MET J 256 -42.98 -21.83 -32.36
C MET J 256 -41.69 -22.57 -32.70
N SER J 257 -40.61 -21.80 -32.86
CA SER J 257 -39.27 -22.31 -33.22
C SER J 257 -38.19 -21.64 -32.37
N PHE J 258 -37.12 -22.35 -32.09
CA PHE J 258 -35.92 -21.79 -31.44
C PHE J 258 -35.27 -20.78 -32.40
N ARG J 259 -34.75 -19.67 -31.86
CA ARG J 259 -33.85 -18.75 -32.57
C ARG J 259 -32.55 -18.65 -31.78
N GLY J 260 -31.43 -18.77 -32.48
CA GLY J 260 -30.08 -18.63 -31.88
C GLY J 260 -29.27 -17.54 -32.54
N LEU J 261 -28.14 -17.22 -31.93
CA LEU J 261 -27.24 -16.18 -32.45
C LEU J 261 -25.82 -16.72 -32.41
N PRO J 262 -24.96 -16.23 -33.33
CA PRO J 262 -23.54 -16.60 -33.35
C PRO J 262 -22.74 -15.98 -32.20
N ARG J 263 -21.62 -16.60 -31.85
CA ARG J 263 -20.75 -16.15 -30.73
C ARG J 263 -19.34 -15.89 -31.24
N TYR J 264 -18.84 -14.71 -30.89
CA TYR J 264 -17.46 -14.26 -31.12
C TYR J 264 -16.59 -14.74 -29.96
N PHE J 265 -15.34 -15.11 -30.28
CA PHE J 265 -14.28 -15.46 -29.30
C PHE J 265 -12.99 -14.79 -29.72
N ARG J 266 -12.38 -14.10 -28.78
CA ARG J 266 -10.98 -13.62 -28.83
C ARG J 266 -10.26 -14.35 -27.72
N VAL J 267 -9.16 -15.00 -28.04
CA VAL J 267 -8.37 -15.73 -27.02
C VAL J 267 -6.92 -15.32 -27.18
N THR J 268 -6.30 -14.94 -26.06
CA THR J 268 -4.87 -14.59 -25.98
C THR J 268 -4.16 -15.79 -25.35
N LEU J 269 -3.03 -16.16 -25.92
CA LEU J 269 -2.26 -17.37 -25.53
C LEU J 269 -0.76 -17.03 -25.45
N ARG J 270 -0.08 -17.60 -24.46
CA ARG J 270 1.40 -17.44 -24.28
C ARG J 270 2.06 -18.82 -24.27
N LYS J 271 3.37 -18.87 -24.56
CA LYS J 271 4.18 -20.11 -24.49
C LYS J 271 4.49 -20.42 -23.03
N ARG J 272 4.13 -21.63 -22.62
CA ARG J 272 4.38 -22.22 -21.29
C ARG J 272 5.37 -23.38 -21.50
N VAL J 273 6.41 -23.47 -20.68
CA VAL J 273 7.30 -24.67 -20.65
C VAL J 273 6.60 -25.72 -19.79
N VAL J 274 6.61 -26.98 -20.23
CA VAL J 274 6.03 -28.13 -19.47
C VAL J 274 6.94 -29.37 -19.60
N LYS J 275 6.74 -30.36 -18.71
CA LYS J 275 7.50 -31.65 -18.66
C LYS J 275 7.52 -32.31 -20.04
C1 GAL K . 64.70 31.52 -5.32
C2 GAL K . 63.44 31.47 -6.19
C3 GAL K . 62.34 32.26 -5.50
C4 GAL K . 62.08 31.66 -4.13
C5 GAL K . 63.36 31.68 -3.33
C6 GAL K . 63.18 31.05 -1.95
O1 GAL K . 65.76 30.77 -5.91
O2 GAL K . 63.70 32.02 -7.48
O3 GAL K . 61.13 32.29 -6.28
O4 GAL K . 61.62 30.31 -4.28
O5 GAL K . 64.41 31.00 -4.02
O6 GAL K . 64.38 31.29 -1.19
C1 GLA K . 60.58 29.90 -3.55
C2 GLA K . 60.51 28.38 -3.45
C3 GLA K . 60.22 27.79 -4.82
C4 GLA K . 58.94 28.35 -5.42
C5 GLA K . 59.17 29.84 -5.53
C6 GLA K . 58.00 30.60 -6.17
O2 GLA K . 61.73 27.83 -2.93
O3 GLA K . 60.15 26.38 -4.73
O4 GLA K . 57.79 28.08 -4.60
O5 GLA K . 59.42 30.42 -4.23
O6 GLA K . 57.52 30.03 -7.43
C1 NGA K . 60.22 25.50 -5.71
C2 NGA K . 60.89 24.21 -5.35
C3 NGA K . 60.81 23.21 -6.50
C4 NGA K . 59.36 23.08 -7.01
C5 NGA K . 58.89 24.42 -7.47
C6 NGA K . 57.42 24.40 -7.96
C7 NGA K . 62.72 23.92 -3.75
C8 NGA K . 64.15 24.26 -3.45
N2 NGA K . 62.25 24.43 -4.92
O3 NGA K . 61.22 21.94 -6.02
O4 NGA K . 58.51 22.69 -5.90
O5 NGA K . 58.96 25.33 -6.39
O6 NGA K . 57.03 25.71 -8.36
O7 NGA K . 62.03 23.22 -3.00
O5 A2G K . 63.18 21.33 -7.01
C1 A2G K . 61.76 21.04 -6.85
C2 A2G K . 61.61 19.60 -6.47
N2 A2G K . 60.20 19.24 -6.43
C3 A2G K . 62.32 19.36 -5.13
O3 A2G K . 62.19 18.02 -4.75
C4 A2G K . 63.80 19.70 -5.29
O4 A2G K . 64.35 18.79 -6.23
C5 A2G K . 63.95 21.12 -5.79
C6 A2G K . 65.41 21.42 -6.01
O6 A2G K . 65.47 22.79 -6.41
C7 A2G K . 59.62 18.34 -7.21
O7 A2G K . 60.16 17.77 -8.14
C8 A2G K . 58.16 18.03 -6.91
C1 GAL L . 71.80 -5.37 -2.22
C2 GAL L . 70.50 -5.51 -2.97
C3 GAL L . 70.16 -4.17 -3.63
C4 GAL L . 69.97 -3.11 -2.56
C5 GAL L . 71.31 -3.10 -1.79
C6 GAL L . 71.41 -2.06 -0.69
O1 GAL L . 72.17 -6.63 -1.61
O2 GAL L . 70.61 -6.60 -3.89
O3 GAL L . 68.98 -4.26 -4.40
O4 GAL L . 68.77 -3.48 -1.82
O5 GAL L . 71.58 -4.38 -1.23
O6 GAL L . 70.58 -0.95 -1.06
C1 GLA L . 67.50 -3.05 -1.79
C2 GLA L . 66.77 -3.42 -0.48
C3 GLA L . 66.31 -4.83 -0.53
C4 GLA L . 65.46 -5.06 -1.78
C5 GLA L . 66.26 -4.66 -3.05
C6 GLA L . 65.47 -4.70 -4.34
O2 GLA L . 67.61 -3.17 0.67
O3 GLA L . 65.54 -5.12 0.63
O4 GLA L . 64.24 -4.30 -1.72
O5 GLA L . 66.69 -3.32 -2.93
O6 GLA L . 64.76 -5.93 -4.47
C1 NGA L . 65.26 -6.39 0.97
C2 NGA L . 65.19 -6.55 2.49
C3 NGA L . 64.72 -7.93 2.83
C4 NGA L . 63.40 -8.18 2.09
C5 NGA L . 63.57 -7.95 0.58
C6 NGA L . 62.29 -8.23 -0.20
C7 NGA L . 66.71 -5.36 4.04
C8 NGA L . 68.13 -5.10 4.37
N2 NGA L . 66.48 -6.25 3.06
O3 NGA L . 64.57 -8.00 4.28
O4 NGA L . 62.48 -7.24 2.66
O5 NGA L . 64.03 -6.62 0.34
O6 NGA L . 62.52 -8.22 -1.62
O7 NGA L . 65.82 -4.78 4.62
O5 A2G L . 66.09 -9.37 5.19
C1 A2G L . 64.68 -9.18 4.90
C2 A2G L . 63.95 -9.26 6.25
N2 A2G L . 62.54 -9.11 6.04
C3 A2G L . 64.45 -8.25 7.25
O3 A2G L . 63.75 -8.39 8.52
C4 A2G L . 65.95 -8.46 7.49
O4 A2G L . 66.15 -9.68 8.23
C5 A2G L . 66.65 -8.45 6.13
C6 A2G L . 68.13 -8.82 6.29
O6 A2G L . 68.78 -8.14 5.23
C7 A2G L . 61.67 -10.11 6.17
O7 A2G L . 61.98 -11.20 6.54
C8 A2G L . 60.18 -9.82 5.95
C2 BGC M . 64.16 -13.58 36.45
C3 BGC M . 63.16 -13.67 35.30
C4 BGC M . 63.05 -15.09 34.75
C5 BGC M . 63.03 -16.20 35.81
C6 BGC M . 63.40 -17.54 35.18
C1 BGC M . 63.87 -14.64 37.48
O1 BGC M . 64.89 -14.53 38.48
O2 BGC M . 64.16 -12.27 37.03
O3 BGC M . 63.70 -12.81 34.29
O4 BGC M . 61.86 -15.20 33.95
O5 BGC M . 63.98 -15.91 36.86
O6 BGC M . 62.83 -18.62 35.91
C1 GAL M . 62.07 -15.12 32.63
C2 GAL M . 61.05 -16.00 31.94
C3 GAL M . 61.28 -16.14 30.47
C4 GAL M . 61.32 -14.73 29.92
C5 GAL M . 62.57 -14.06 30.47
C6 GAL M . 62.85 -12.65 29.99
O2 GAL M . 60.96 -17.27 32.57
O3 GAL M . 60.21 -16.95 30.01
O4 GAL M . 60.09 -14.02 30.24
O5 GAL M . 62.47 -13.97 31.87
O6 GAL M . 62.73 -12.60 28.55
C1 GLA M . 59.32 -13.63 29.20
C2 GLA M . 58.43 -12.55 29.82
C3 GLA M . 57.39 -13.03 30.79
C4 GLA M . 56.57 -14.10 30.10
C5 GLA M . 57.54 -15.20 29.61
C6 GLA M . 56.91 -16.38 28.93
O2 GLA M . 59.26 -11.55 30.37
O3 GLA M . 56.60 -11.91 31.16
O4 GLA M . 55.91 -13.48 29.00
O5 GLA M . 58.50 -14.65 28.68
O6 GLA M . 55.65 -16.84 29.42
C1 NGA M . 55.87 -12.09 32.30
C2 NGA M . 55.70 -10.75 32.99
C3 NGA M . 54.59 -10.70 34.03
C4 NGA M . 53.31 -11.18 33.40
C5 NGA M . 53.61 -12.55 32.81
C6 NGA M . 52.37 -13.14 32.18
C7 NGA M . 57.52 -9.16 33.18
C8 NGA M . 58.93 -8.95 33.64
N2 NGA M . 56.98 -10.33 33.46
O3 NGA M . 54.46 -9.37 34.54
O4 NGA M . 52.77 -10.36 32.32
O5 NGA M . 54.62 -12.46 31.77
O6 NGA M . 52.68 -14.43 31.57
O7 NGA M . 56.93 -8.28 32.52
O5 A2G M . 55.28 -9.30 36.69
C1 A2G M . 54.11 -9.27 35.86
C2 A2G M . 53.34 -7.98 36.07
N2 A2G M . 52.14 -7.90 35.24
C3 A2G M . 54.25 -6.81 35.79
O3 A2G M . 53.53 -5.60 36.10
C4 A2G M . 55.52 -6.91 36.64
O4 A2G M . 55.15 -6.85 38.02
C5 A2G M . 56.19 -8.25 36.43
C6 A2G M . 57.46 -8.32 37.31
O6 A2G M . 58.06 -9.53 36.97
C7 A2G M . 50.89 -7.94 35.71
O7 A2G M . 50.63 -8.09 36.92
C8 A2G M . 49.83 -7.81 34.67
C1 GAL N . 49.60 14.19 50.29
C2 GAL N . 48.12 13.87 50.28
C3 GAL N . 47.86 12.43 49.86
C4 GAL N . 48.51 12.22 48.51
C5 GAL N . 50.02 12.51 48.66
C6 GAL N . 50.88 12.33 47.42
O1 GAL N . 49.68 15.60 50.49
O2 GAL N . 47.64 14.09 51.60
O3 GAL N . 46.48 12.16 49.79
O4 GAL N . 47.80 13.05 47.55
O5 GAL N . 50.23 13.85 49.05
O6 GAL N . 50.45 11.12 46.79
C1 GLA N . 47.33 12.44 46.45
C2 GLA N . 47.13 13.44 45.30
C3 GLA N . 45.96 14.34 45.62
C4 GLA N . 44.69 13.53 45.87
C5 GLA N . 45.01 12.61 47.05
C6 GLA N . 43.90 11.64 47.46
O2 GLA N . 48.36 14.13 45.13
O3 GLA N . 45.71 15.34 44.59
O4 GLA N . 44.23 12.77 44.74
O5 GLA N . 46.11 11.75 46.70
O6 GLA N . 42.63 12.26 47.72
C1 NGA N . 45.09 16.51 44.83
C2 NGA N . 45.58 17.56 43.85
C3 NGA N . 44.56 18.70 43.79
C4 NGA N . 43.17 18.16 43.49
C5 NGA N . 42.79 17.05 44.48
C6 NGA N . 41.44 16.43 44.16
C7 NGA N . 47.97 17.93 43.38
C8 NGA N . 49.35 18.15 43.93
N2 NGA N . 46.95 17.87 44.25
O3 NGA N . 44.96 19.69 42.82
O4 NGA N . 43.04 17.67 42.13
O5 NGA N . 43.79 16.05 44.45
O6 NGA N . 41.01 15.51 45.19
O7 NGA N . 47.76 17.80 42.18
O5 A2G N . 45.86 21.48 43.98
C1 A2G N . 44.76 20.97 43.17
C2 A2G N . 44.64 21.73 41.84
N2 A2G N . 43.62 21.17 41.02
C3 A2G N . 45.96 21.78 41.10
O3 A2G N . 45.90 22.62 39.92
C4 A2G N . 47.03 22.30 42.03
O4 A2G N . 46.73 23.65 42.25
C5 A2G N . 47.13 21.47 43.31
C6 A2G N . 48.33 21.94 44.18
O6 A2G N . 48.32 21.30 45.47
C7 A2G N . 42.51 21.82 40.66
O7 A2G N . 42.14 22.89 41.13
C8 A2G N . 41.67 21.18 39.58
C2 BGC O . 54.43 44.84 25.26
C3 BGC O . 53.28 43.91 25.57
C4 BGC O . 52.16 44.66 26.29
C5 BGC O . 51.98 46.17 25.97
C6 BGC O . 51.39 46.86 27.20
C1 BGC O . 53.88 46.08 24.58
O1 BGC O . 54.94 46.80 23.96
O2 BGC O . 55.44 44.17 24.50
O3 BGC O . 53.84 42.91 26.42
O4 BGC O . 50.88 44.06 26.01
O5 BGC O . 53.20 46.82 25.59
O6 BGC O . 50.43 47.83 26.79
C1 GAL O . 50.66 42.95 26.72
C2 GAL O . 49.14 43.09 26.87
C3 GAL O . 48.55 42.20 27.95
C4 GAL O . 49.13 40.84 27.76
C5 GAL O . 50.65 40.87 27.92
C6 GAL O . 51.21 39.45 27.82
O2 GAL O . 48.83 44.44 27.12
O3 GAL O . 47.12 42.21 27.85
O4 GAL O . 48.78 40.38 26.42
O5 GAL O . 51.24 41.65 26.89
O6 GAL O . 52.58 39.41 28.19
C1 GLA O . 48.15 39.21 26.33
C2 GLA O . 48.38 38.73 24.91
C3 GLA O . 47.74 39.59 23.87
C4 GLA O . 46.31 39.77 24.19
C5 GLA O . 46.18 40.34 25.61
C6 GLA O . 44.77 40.61 26.12
O2 GLA O . 49.76 38.51 24.55
O3 GLA O . 47.96 38.92 22.62
O4 GLA O . 45.67 38.48 24.02
O5 GLA O . 46.73 39.41 26.51
O6 GLA O . 43.91 41.18 25.13
C1 NGA O . 47.66 39.61 21.51
C2 NGA O . 48.59 39.12 20.41
C3 NGA O . 48.24 39.71 19.04
C4 NGA O . 46.76 39.43 18.75
C5 NGA O . 45.94 39.99 19.85
C6 NGA O . 44.43 39.78 19.65
C7 NGA O . 50.94 38.42 20.71
C8 NGA O . 52.33 38.82 21.20
N2 NGA O . 49.97 39.34 20.80
O3 NGA O . 48.97 39.03 18.01
O4 NGA O . 46.58 37.99 18.55
O5 NGA O . 46.29 39.45 21.15
O6 NGA O . 43.82 40.31 20.82
O7 NGA O . 50.74 37.27 20.28
O5 A2G O . 50.62 40.53 17.13
C1 A2G O . 49.41 39.75 16.92
C2 A2G O . 49.65 38.88 15.69
N2 A2G O . 48.43 38.14 15.44
C3 A2G O . 50.82 37.93 15.85
O3 A2G O . 51.13 37.09 14.71
C4 A2G O . 52.05 38.74 16.23
O4 A2G O . 52.53 39.51 15.13
C5 A2G O . 51.74 39.67 17.36
C6 A2G O . 53.05 40.42 17.67
O6 A2G O . 52.75 41.25 18.75
C7 A2G O . 47.79 38.12 14.25
O7 A2G O . 48.10 38.85 13.33
C8 A2G O . 46.70 37.11 14.11
C1 GAL P . -55.20 4.82 -45.63
C2 GAL P . -53.84 5.45 -45.53
C3 GAL P . -52.81 4.37 -45.71
C4 GAL P . -53.01 3.27 -44.67
C5 GAL P . -54.43 2.74 -44.89
C6 GAL P . -54.76 1.52 -44.06
O1 GAL P . -56.19 5.84 -45.45
O2 GAL P . -53.78 6.44 -46.54
O3 GAL P . -51.53 4.99 -45.62
O4 GAL P . -52.81 3.79 -43.31
O5 GAL P . -55.37 3.79 -44.65
O6 GAL P . -56.07 1.13 -44.44
C1 GLA P . -51.98 3.03 -42.58
C2 GLA P . -52.19 3.43 -41.12
C3 GLA P . -51.82 4.89 -40.86
C4 GLA P . -50.38 5.12 -41.23
C5 GLA P . -50.26 4.78 -42.73
C6 GLA P . -48.82 4.76 -43.24
O2 GLA P . -53.57 3.25 -40.89
O3 GLA P . -52.09 5.19 -39.48
O4 GLA P . -49.49 4.28 -40.46
O5 GLA P . -50.70 3.44 -43.02
O6 GLA P . -48.19 6.07 -43.27
C1 NGA P . -52.14 6.46 -39.07
C2 NGA P . -53.00 6.59 -37.86
C3 NGA P . -52.83 7.92 -37.20
C4 NGA P . -51.36 8.19 -36.94
C5 NGA P . -50.58 8.07 -38.24
C6 NGA P . -49.09 8.36 -38.08
C7 NGA P . -55.10 5.47 -37.67
C8 NGA P . -56.46 5.28 -38.28
N2 NGA P . -54.34 6.34 -38.31
O3 NGA P . -53.61 7.97 -35.99
O4 NGA P . -50.87 7.38 -35.86
O5 NGA P . -50.79 6.75 -38.76
O6 NGA P . -48.33 8.19 -39.32
O7 NGA P . -54.72 4.85 -36.69
O5 A2G P . -55.49 9.23 -36.23
C1 A2G P . -54.17 9.13 -35.64
C2 A2G P . -54.34 9.20 -34.12
N2 A2G P . -53.09 9.04 -33.40
C3 A2G P . -55.33 8.18 -33.57
O3 A2G P . -55.54 8.33 -32.16
C4 A2G P . -56.66 8.39 -34.27
O4 A2G P . -57.22 9.67 -33.95
C5 A2G P . -56.42 8.26 -35.76
C6 A2G P . -57.79 8.34 -36.44
O6 A2G P . -57.49 8.44 -37.82
C7 A2G P . -52.53 10.00 -32.67
O7 A2G P . -53.02 11.12 -32.55
C8 A2G P . -51.25 9.62 -31.99
C2 BGC Q . -73.19 13.30 -10.64
C3 BGC Q . -71.67 13.30 -10.53
C4 BGC Q . -71.19 14.72 -10.67
C5 BGC Q . -71.77 15.50 -9.48
C6 BGC Q . -71.30 16.95 -9.39
C1 BGC Q . -73.85 14.23 -9.66
O1 BGC Q . -75.18 14.41 -10.16
O2 BGC Q . -73.71 11.98 -10.38
O3 BGC Q . -71.17 12.47 -11.58
O4 BGC Q . -69.75 14.74 -10.66
O5 BGC Q . -73.19 15.52 -9.60
O6 BGC Q . -71.99 17.61 -8.31
C1 GAL Q . -69.17 14.72 -11.87
C2 GAL Q . -67.93 15.56 -11.87
C3 GAL Q . -67.26 15.58 -13.22
C4 GAL Q . -66.98 14.17 -13.74
C5 GAL Q . -68.35 13.54 -13.87
C6 GAL Q . -68.37 12.10 -14.35
O2 GAL Q . -68.13 16.88 -11.39
O3 GAL Q . -66.07 16.26 -13.00
O4 GAL Q . -66.07 13.49 -12.83
O5 GAL Q . -69.08 13.51 -12.64
O6 GAL Q . -67.60 11.95 -15.54
C1 GLA Q . -64.87 12.91 -13.09
C2 GLA Q . -64.55 11.81 -12.08
C3 GLA Q . -64.34 12.34 -10.68
C4 GLA Q . -63.27 13.37 -10.68
C5 GLA Q . -63.69 14.45 -11.69
C6 GLA Q . -62.69 15.52 -11.86
O2 GLA Q . -65.55 10.81 -12.08
O3 GLA Q . -63.94 11.25 -9.88
O4 GLA Q . -62.05 12.67 -11.08
O5 GLA Q . -63.84 13.88 -13.00
O6 GLA Q . -62.40 16.14 -10.63
C1 NGA Q . -64.08 11.32 -8.52
C2 NGA Q . -64.27 9.96 -7.84
C3 NGA Q . -64.05 10.04 -6.33
C4 NGA Q . -62.66 10.59 -6.11
C5 NGA Q . -62.55 11.92 -6.85
C6 NGA Q . -61.20 12.53 -6.56
C7 NGA Q . -65.85 8.38 -8.88
C8 NGA Q . -67.27 8.15 -9.33
N2 NGA Q . -65.59 9.53 -8.28
O3 NGA Q . -64.27 8.70 -5.87
O4 NGA Q . -61.70 9.60 -6.62
O5 NGA Q . -62.77 11.73 -8.27
O6 NGA Q . -60.97 13.83 -7.08
O7 NGA Q . -64.97 7.52 -9.06
O5 A2G Q . -66.24 8.40 -4.72
C1 A2G Q . -64.80 8.49 -4.62
C2 A2G Q . -64.26 7.21 -3.94
N2 A2G Q . -62.80 7.24 -3.90
C3 A2G Q . -64.78 5.99 -4.65
O3 A2G Q . -64.42 4.80 -3.94
C4 A2G Q . -66.32 6.00 -4.84
O4 A2G Q . -66.97 5.72 -3.56
C5 A2G Q . -66.76 7.32 -5.47
C6 A2G Q . -68.28 7.46 -5.69
O6 A2G Q . -68.56 8.79 -6.13
C7 A2G Q . -62.10 7.13 -2.75
O7 A2G Q . -62.63 7.11 -1.64
C8 A2G Q . -60.59 7.00 -2.88
C1 GAL R . -69.72 -15.39 9.57
C2 GAL R . -68.53 -15.02 10.47
C3 GAL R . -68.16 -13.55 10.30
C4 GAL R . -67.95 -13.20 8.82
C5 GAL R . -69.18 -13.68 8.03
C6 GAL R . -69.08 -13.58 6.52
O1 GAL R . -70.06 -16.78 9.62
O2 GAL R . -68.88 -15.22 11.83
O3 GAL R . -67.00 -13.24 11.09
O4 GAL R . -66.72 -13.81 8.39
O5 GAL R . -69.36 -15.08 8.23
O6 GAL R . -69.35 -12.26 6.10
C1 GLA R . -65.58 -13.43 7.84
C2 GLA R . -64.76 -14.36 7.00
C3 GLA R . -64.00 -15.27 7.95
C4 GLA R . -63.18 -14.45 8.96
C5 GLA R . -64.15 -13.59 9.70
C6 GLA R . -63.59 -12.73 10.82
O2 GLA R . -65.65 -15.04 6.11
O3 GLA R . -63.21 -16.19 7.22
O4 GLA R . -62.15 -13.60 8.34
O5 GLA R . -64.74 -12.72 8.73
O6 GLA R . -62.54 -13.37 11.54
C1 NGA R . -62.71 -17.29 7.78
C2 NGA R . -62.59 -18.40 6.77
C3 NGA R . -61.83 -19.54 7.39
C4 NGA R . -60.51 -19.09 7.96
C5 NGA R . -60.75 -18.01 8.98
C6 NGA R . -59.45 -17.45 9.59
C7 NGA R . -64.22 -18.84 5.03
C8 NGA R . -65.67 -18.99 4.65
N2 NGA R . -63.92 -18.71 6.33
O3 NGA R . -61.61 -20.55 6.45
O4 NGA R . -59.61 -18.65 6.90
O5 NGA R . -61.45 -16.94 8.38
O6 NGA R . -59.77 -16.36 10.46
O7 NGA R . -63.38 -18.76 4.14
O5 A2G R . -62.90 -22.39 6.47
C1 A2G R . -61.56 -21.87 6.53
C2 A2G R . -60.66 -22.66 5.61
N2 A2G R . -59.31 -22.13 5.68
C3 A2G R . -61.17 -22.65 4.17
O3 A2G R . -60.38 -23.54 3.34
C4 A2G R . -62.61 -23.17 4.18
O4 A2G R . -62.65 -24.47 4.71
C5 A2G R . -63.44 -22.36 5.15
C6 A2G R . -64.87 -22.92 5.17
O6 A2G R . -65.65 -22.08 5.98
C7 A2G R . -58.22 -22.84 6.01
O7 A2G R . -58.28 -23.97 6.48
C8 A2G R . -56.90 -22.17 5.71
C1 GAL S . -56.63 -43.60 -10.48
C2 GAL S . -55.28 -43.77 -9.80
C3 GAL S . -55.28 -43.00 -8.48
C4 GAL S . -55.65 -41.55 -8.75
C5 GAL S . -57.01 -41.51 -9.42
C6 GAL S . -57.51 -40.09 -9.64
O1 GAL S . -56.63 -44.26 -11.73
O2 GAL S . -55.00 -45.13 -9.51
O3 GAL S . -54.00 -43.20 -7.91
O4 GAL S . -54.65 -40.94 -9.61
O5 GAL S . -56.93 -42.22 -10.66
O6 GAL S . -58.95 -40.09 -9.56
C1 GLA S . -53.90 -39.88 -9.29
C2 GLA S . -53.23 -39.24 -10.52
C3 GLA S . -52.09 -40.07 -10.99
C4 GLA S . -51.09 -40.26 -9.86
C5 GLA S . -51.84 -40.90 -8.69
C6 GLA S . -50.99 -41.15 -7.46
O2 GLA S . -54.14 -39.10 -11.60
O3 GLA S . -51.53 -39.40 -12.13
O4 GLA S . -50.52 -38.99 -9.47
O5 GLA S . -52.92 -40.10 -8.29
O6 GLA S . -49.84 -41.91 -7.88
C1 NGA S . -50.47 -39.88 -12.75
C2 NGA S . -50.56 -39.44 -14.23
C3 NGA S . -49.47 -40.06 -15.04
C4 NGA S . -48.14 -39.75 -14.42
C5 NGA S . -48.17 -40.41 -13.06
C6 NGA S . -46.86 -40.38 -12.31
C7 NGA S . -52.74 -38.84 -15.26
C8 NGA S . -54.12 -39.32 -15.58
N2 NGA S . -51.88 -39.75 -14.75
O3 NGA S . -49.52 -39.45 -16.34
O4 NGA S . -48.01 -38.29 -14.38
O5 NGA S . -49.15 -39.87 -12.24
O6 NGA S . -47.16 -40.82 -10.98
O7 NGA S . -52.45 -37.67 -15.45
O5 A2G S . -50.36 -40.72 -17.98
C1 A2G S . -49.17 -40.01 -17.50
C2 A2G S . -48.57 -39.11 -18.62
N2 A2G S . -47.42 -38.34 -18.16
C3 A2G S . -49.64 -38.16 -19.15
O3 A2G S . -49.09 -37.40 -20.25
C4 A2G S . -50.87 -38.93 -19.65
O4 A2G S . -50.47 -39.59 -20.87
C5 A2G S . -51.39 -39.90 -18.57
C6 A2G S . -52.47 -40.82 -19.18
O6 A2G S . -52.90 -41.68 -18.12
C7 A2G S . -46.16 -38.41 -18.65
O7 A2G S . -45.75 -39.17 -19.53
C8 A2G S . -45.18 -37.45 -18.02
C2 BGC T . -50.20 -29.16 -47.44
C3 BGC T . -49.23 -28.99 -46.27
C4 BGC T . -48.21 -30.07 -46.55
C5 BGC T . -47.58 -29.96 -47.95
C6 BGC T . -46.97 -31.29 -48.39
C1 BGC T . -49.47 -28.58 -48.64
O1 BGC T . -50.44 -28.39 -49.67
O2 BGC T . -51.46 -28.59 -47.22
O3 BGC T . -49.89 -29.16 -45.01
O4 BGC T . -47.17 -30.02 -45.54
O5 BGC T . -48.48 -29.55 -49.00
O6 BGC T . -46.00 -31.10 -49.44
C1 GAL T . -47.16 -30.87 -44.51
C2 GAL T . -45.72 -31.08 -44.09
C3 GAL T . -45.63 -31.90 -42.83
C4 GAL T . -46.43 -31.18 -41.75
C5 GAL T . -47.89 -31.12 -42.25
C6 GAL T . -48.92 -30.54 -41.31
O2 GAL T . -44.92 -31.65 -45.13
O3 GAL T . -44.25 -32.12 -42.51
O4 GAL T . -45.86 -29.89 -41.43
O5 GAL T . -48.02 -30.40 -43.47
O6 GAL T . -48.58 -30.99 -39.99
C1 GLA T . -45.29 -29.58 -40.26
C2 GLA T . -45.22 -28.04 -40.22
C3 GLA T . -44.21 -27.40 -41.17
C4 GLA T . -42.90 -28.02 -40.79
C5 GLA T . -43.04 -29.58 -40.95
C6 GLA T . -41.84 -30.41 -40.69
O2 GLA T . -46.53 -27.61 -40.45
O3 GLA T . -44.36 -25.96 -40.95
O4 GLA T . -42.62 -27.64 -39.41
O5 GLA T . -44.01 -30.09 -40.01
O6 GLA T . -40.77 -29.86 -41.39
C1 NGA T . -43.77 -25.17 -41.88
C2 NGA T . -44.46 -23.81 -41.81
C3 NGA T . -43.66 -22.76 -42.60
C4 NGA T . -42.25 -22.72 -42.09
C5 NGA T . -41.69 -24.15 -42.20
C6 NGA T . -40.27 -24.20 -41.68
C7 NGA T . -46.86 -23.59 -41.60
C8 NGA T . -48.20 -23.91 -42.20
N2 NGA T . -45.78 -24.02 -42.29
O3 NGA T . -44.32 -21.50 -42.47
O4 NGA T . -42.28 -22.32 -40.68
O5 NGA T . -42.45 -25.03 -41.40
O6 NGA T . -39.81 -25.55 -41.68
O7 NGA T . -46.78 -22.96 -40.51
O5 A2G T . -45.35 -20.94 -44.53
C1 A2G T . -44.28 -20.71 -43.58
C2 A2G T . -44.42 -19.28 -43.06
N2 A2G T . -43.35 -18.92 -42.15
C3 A2G T . -45.79 -19.04 -42.44
O3 A2G T . -45.98 -17.65 -42.05
C4 A2G T . -46.88 -19.45 -43.45
O4 A2G T . -46.93 -18.57 -44.60
C5 A2G T . -46.63 -20.88 -43.92
C6 A2G T . -47.74 -21.28 -44.91
O6 A2G T . -47.61 -22.67 -45.15
C7 A2G T . -42.41 -18.04 -42.45
O7 A2G T . -42.31 -17.51 -43.58
C8 A2G T . -41.47 -17.74 -41.29
C1 MPD U . 55.85 36.62 1.30
C2 MPD U . 54.97 36.27 2.48
O2 MPD U . 54.71 37.49 3.19
CM MPD U . 55.65 35.31 3.45
C3 MPD U . 53.62 35.72 2.00
C4 MPD U . 52.48 35.80 2.96
O4 MPD U . 52.08 37.14 3.26
C5 MPD U . 51.31 35.02 2.43
MG MG V . 28.86 8.15 -21.44
C1 MPD W . 65.70 4.22 -7.41
C2 MPD W . 65.00 5.56 -7.21
O2 MPD W . 65.56 6.50 -8.15
CM MPD W . 65.27 6.12 -5.82
C3 MPD W . 63.50 5.38 -7.47
C4 MPD W . 62.68 6.62 -7.58
O4 MPD W . 62.89 7.24 -8.84
C5 MPD W . 61.21 6.36 -7.37
MG MG X . 29.61 -21.77 -3.13
C1 EDO Y . 29.79 -6.16 9.90
O1 EDO Y . 29.24 -6.36 11.19
C2 EDO Y . 29.20 -7.05 8.87
O2 EDO Y . 29.17 -6.48 7.57
C1 PEG Z . 59.57 -20.11 20.36
O1 PEG Z . 59.76 -18.98 19.47
C2 PEG Z . 58.98 -21.28 19.68
O2 PEG Z . 58.03 -21.95 20.52
C3 PEG Z . 57.04 -22.68 19.78
C4 PEG Z . 57.64 -23.49 18.68
O4 PEG Z . 57.23 -24.86 18.66
MG MG AA . 16.94 -15.10 29.07
C1 MPD BA . 48.30 2.06 46.32
C2 MPD BA . 48.34 1.89 44.81
O2 MPD BA . 48.91 0.57 44.65
CM MPD BA . 49.26 2.93 44.17
C3 MPD BA . 46.95 1.95 44.19
C4 MPD BA . 46.69 0.98 43.06
O4 MPD BA . 46.61 -0.35 43.57
C5 MPD BA . 45.45 1.26 42.26
C1 EDO CA . 23.46 1.20 21.40
O1 EDO CA . 23.17 0.33 20.31
C2 EDO CA . 23.95 2.54 20.98
O2 EDO CA . 23.74 3.56 21.94
C1 EDO DA . 7.75 -9.62 31.53
O1 EDO DA . 8.92 -9.98 32.24
C2 EDO DA . 7.84 -9.84 30.06
O2 EDO DA . 6.70 -9.31 29.37
MG MG EA . 8.86 19.05 30.14
C1 EDO FA . 22.36 17.16 15.28
O1 EDO FA . 23.50 16.57 14.69
C2 EDO FA . 21.87 16.48 16.50
O2 EDO FA . 20.97 15.40 16.28
C1 PEG GA . 27.44 16.42 1.56
O1 PEG GA . 27.88 15.90 0.33
C2 PEG GA . 26.21 17.27 1.41
O2 PEG GA . 25.55 17.41 2.66
C3 PEG GA . 24.62 16.36 2.95
C4 PEG GA . 24.03 16.55 4.32
O4 PEG GA . 22.65 16.88 4.30
MG MG HA . 16.33 33.28 -0.83
C1 PGE IA . -22.19 -3.30 -21.05
O1 PGE IA . -22.10 -4.45 -20.23
C2 PGE IA . -23.60 -2.84 -21.23
O2 PGE IA . -23.78 -1.57 -20.61
C3 PGE IA . -25.08 -1.00 -20.81
C4 PGE IA . -24.99 0.09 -21.84
O4 PGE IA . -26.23 3.93 -21.63
C6 PGE IA . -26.97 2.72 -21.88
C5 PGE IA . -26.32 1.79 -22.84
O3 PGE IA . -26.29 0.48 -22.28
C1 MPD JA . -47.10 -5.13 -47.03
C2 MPD JA . -46.92 -6.02 -45.81
O2 MPD JA . -46.38 -7.24 -46.35
CM MPD JA . -48.26 -6.34 -45.17
C3 MPD JA . -45.95 -5.40 -44.79
C4 MPD JA . -44.78 -6.23 -44.37
O4 MPD JA . -44.08 -6.73 -45.51
C5 MPD JA . -43.82 -5.56 -43.44
C1 MPD KA . -27.75 17.52 -36.19
C2 MPD KA . -26.60 18.20 -35.44
O2 MPD KA . -27.16 18.89 -34.32
CM MPD KA . -25.96 19.31 -36.26
C3 MPD KA . -25.59 17.15 -34.95
C4 MPD KA . -25.10 17.27 -33.53
O4 MPD KA . -26.17 17.25 -32.58
C5 MPD KA . -24.11 16.20 -33.19
MG MG LA . -21.77 21.95 -20.06
C1 PEG MA . -44.93 -8.01 -17.69
O1 PEG MA . -45.46 -9.32 -17.49
C2 PEG MA . -45.95 -6.92 -17.43
O2 PEG MA . -47.27 -7.40 -17.71
C3 PEG MA . -48.28 -6.86 -16.86
C4 PEG MA . -48.95 -7.98 -16.12
O4 PEG MA . -49.99 -7.54 -15.25
C1 PGE NA . -32.74 8.22 -5.10
O1 PGE NA . -33.22 7.78 -3.85
C2 PGE NA . -33.57 7.75 -6.26
O2 PGE NA . -33.05 8.32 -7.46
C3 PGE NA . -32.42 7.35 -8.32
C4 PGE NA . -31.15 6.83 -7.71
O4 PGE NA . -28.05 6.57 -11.20
C6 PGE NA . -29.24 6.94 -10.54
C5 PGE NA . -29.21 6.63 -9.07
O3 PGE NA . -30.44 6.05 -8.67
MG MG OA . -31.02 14.27 12.37
C1 MPD PA . -39.33 -13.11 25.39
C2 MPD PA . -39.32 -13.47 23.90
O2 MPD PA . -40.69 -13.62 23.48
CM MPD PA . -38.69 -14.83 23.67
C3 MPD PA . -38.75 -12.32 23.04
C4 MPD PA . -37.45 -12.60 22.33
O4 MPD PA . -37.66 -13.58 21.29
C5 MPD PA . -36.82 -11.35 21.78
C1 MPD QA . -66.60 -2.51 7.27
C2 MPD QA . -65.79 -2.55 5.99
O2 MPD QA . -65.89 -1.24 5.43
CM MPD QA . -66.38 -3.53 4.98
C3 MPD QA . -64.30 -2.86 6.26
C4 MPD QA . -63.33 -1.93 5.57
O4 MPD QA . -63.47 -0.64 6.11
C5 MPD QA . -61.88 -2.30 5.61
C1 PEG RA . -31.95 -5.47 2.05
O1 PEG RA . -31.51 -5.40 0.70
C2 PEG RA . -32.36 -4.13 2.57
O2 PEG RA . -31.25 -3.24 2.49
C3 PEG RA . -31.60 -1.92 2.09
C4 PEG RA . -30.35 -1.11 1.86
O4 PEG RA . -30.17 -0.74 0.51
C1 EDO SA . -27.65 -4.53 4.16
O1 EDO SA . -28.73 -5.46 4.23
C2 EDO SA . -27.81 -3.49 3.09
O2 EDO SA . -28.55 -3.89 1.94
MG MG TA . -25.07 -19.80 18.40
C1 MPD UA . -54.96 -35.93 -0.42
C2 MPD UA . -55.93 -34.75 -0.39
O2 MPD UA . -56.64 -34.78 0.86
CM MPD UA . -56.93 -34.84 -1.54
C3 MPD UA . -55.18 -33.42 -0.46
C4 MPD UA . -54.38 -32.85 0.72
O4 MPD UA . -54.69 -33.37 2.01
C5 MPD UA . -52.92 -32.77 0.49
C1 PEG VA . -44.40 -14.88 -15.49
O1 PEG VA . -44.16 -13.68 -14.77
C2 PEG VA . -45.69 -14.83 -16.24
O2 PEG VA . -45.46 -15.25 -17.59
C3 PEG VA . -46.64 -15.23 -18.40
C4 PEG VA . -46.34 -14.53 -19.69
O4 PEG VA . -47.17 -13.40 -19.90
C1 PGE WA . -27.07 -16.70 -0.14
O1 PGE WA . -26.65 -15.43 0.29
C2 PGE WA . -27.24 -16.75 -1.63
O2 PGE WA . -26.57 -17.90 -2.15
C3 PGE WA . -27.37 -19.08 -2.12
C4 PGE WA . -26.93 -20.03 -3.18
O4 PGE WA . -25.50 -22.82 -5.39
C6 PGE WA . -26.69 -22.05 -5.19
C5 PGE WA . -27.32 -22.27 -3.83
O3 PGE WA . -27.89 -21.08 -3.34
MG MG XA . -12.17 -33.67 -10.84
C1 MPD YA . -44.68 -38.10 -32.44
C2 MPD YA . -45.26 -36.97 -31.61
O2 MPD YA . -45.48 -37.51 -30.28
CM MPD YA . -46.63 -36.54 -32.13
C3 MPD YA . -44.28 -35.80 -31.49
C4 MPD YA . -43.37 -35.89 -30.29
O4 MPD YA . -42.96 -37.28 -30.04
C5 MPD YA . -42.16 -35.01 -30.38
C1 EDO ZA . -21.92 -17.78 -15.51
O1 EDO ZA . -21.48 -17.80 -14.16
C2 EDO ZA . -21.67 -16.46 -16.18
O2 EDO ZA . -22.21 -16.35 -17.48
MG MG AB . -9.58 -7.83 -34.21
#